data_4AAY
#
_entry.id   4AAY
#
_cell.length_a   149.130
_cell.length_b   232.960
_cell.length_c   141.870
_cell.angle_alpha   90.00
_cell.angle_beta   90.00
_cell.angle_gamma   90.00
#
_symmetry.space_group_name_H-M   'P 21 21 2'
#
loop_
_entity.id
_entity.type
_entity.pdbx_description
1 polymer AROA
2 polymer AROB
3 non-polymer '2-AMINO-5,6-DIMERCAPTO-7-METHYL-3,7,8A,9-TETRAHYDRO-8-OXA-1,3,9,10-TETRAAZA-ANTHRACEN-4-ONE GUANOSINE DINUCLEOTIDE'
4 non-polymer 'OXYGEN ATOM'
5 non-polymer 'MOLYBDENUM(IV) ION'
6 non-polymer 'FE3-S4 CLUSTER'
7 non-polymer 'FE2/S2 (INORGANIC) CLUSTER'
8 water water
#
loop_
_entity_poly.entity_id
_entity_poly.type
_entity_poly.pdbx_seq_one_letter_code
_entity_poly.pdbx_strand_id
1 'polypeptide(L)'
;MAFKRHIDRLPIIPADAKKHNVTCHFCIVGCGYHAYTWPINKQGGTDPQNNIFGVDLSEQQQAESDAWYSPSMYNVVKQD
GRDVHVVIKPDHECVVNSGLGSVRGARMAETSFSEARNTQQQRLTDPLVWRYGQMQPTSWDDALDLVARVTAKIVKEKGE
DALIVSAFDHGGAGGGYENTWGTGKLYFEAMKVKNIRIHNRPAYNSEVHGTRDMGVGELNNCYEDAELADTIVAVGTNAL
ETQTNYFLNHWIPNLRGESLGKKKELMPEEPHEAGRIIIVDPRRTVTVNACEQTAGADNVLHLAINSGTDLALFNALFTY
IADKGWVDRDFIDKSTLREGTARPPLYPARGVSEANPGHLSSFEDAVEGCRMSIEEAAEITGLDAAQIIKAAEWIGMPKE
GGKRRRVMFGYEKGLIWGNDNYRTNGALVNLALATGNIGRPGGGVVRLGGHQEGYVRPSDAHVGRPAAYVDQLLIGGQGG
VHHIWGCDHYKTTLNAHEFKRVYKKRTDMVKDAMSAAPYGDREAMVNAIVDAINQGGLFAVNVDIIPTKIGEACHVILPA
ATSGEMNLTSMNGERRMRLTERYMDPPGQSMPDCLIAARLANTMERVLTEMGDVGYAAQFKGFDWQTEEDAFMDGYNKNA
HGGEFVTYERLSAMGTNGFQEPATGFTDGKIEGTQRLYTDGVFSTDDGKARFMDAPWRGLQAPGKQQQKDSHKYLINNGR
ANVVWQSAYLDQENDFVMDRFPYPFIEMNPEDMAEAGLKEGDLVEIYNDAGATQAMAYPTPTARRGETFMLFGFPTGVQG
NVTSAGTNELIIPNYKQTWGNIRKISDAPRNVAHLSFKSKEYQSA
;
A,C,E,G
2 'polypeptide(L)'
;MSRCQNMVDIGRRQFLRGGALAAAGATAAVFGVGAPQARAATAAAGVEYPANRLANISELTLNEPLDVAYPDEDAAGVLL
KLGTRVEGGVGPDGDIVGFSTICPHKGFPLSYSADNKTFNCPGHFSVFDPEKGGQQVWGQATQNLPQYVLRVADNGDIFA
EGVDELIYGRLSNVL
;
B,D,F,H
#
# COMPACT_ATOMS: atom_id res chain seq x y z
N ALA A 2 21.52 -47.11 -45.81
CA ALA A 2 21.59 -46.02 -44.80
C ALA A 2 23.04 -45.58 -44.59
N PHE A 3 23.27 -44.28 -44.55
CA PHE A 3 24.60 -43.75 -44.38
C PHE A 3 25.10 -43.97 -42.95
N LYS A 4 26.31 -44.50 -42.83
CA LYS A 4 26.93 -44.79 -41.55
C LYS A 4 28.39 -44.39 -41.61
N ARG A 5 28.84 -43.58 -40.66
CA ARG A 5 30.18 -43.03 -40.70
C ARG A 5 31.27 -44.05 -40.41
N HIS A 6 30.92 -45.11 -39.69
CA HIS A 6 31.89 -46.14 -39.24
C HIS A 6 32.99 -45.58 -38.37
N ILE A 7 32.67 -44.58 -37.56
CA ILE A 7 33.62 -44.02 -36.59
C ILE A 7 33.35 -44.67 -35.23
N ASP A 8 34.18 -45.63 -34.88
CA ASP A 8 34.01 -46.42 -33.64
C ASP A 8 34.29 -45.65 -32.35
N ARG A 9 35.13 -44.62 -32.45
CA ARG A 9 35.53 -43.86 -31.27
C ARG A 9 36.05 -42.49 -31.66
N LEU A 10 35.99 -41.58 -30.70
CA LEU A 10 36.37 -40.20 -30.92
C LEU A 10 37.42 -39.81 -29.92
N PRO A 11 38.33 -38.92 -30.30
CA PRO A 11 39.28 -38.41 -29.32
C PRO A 11 38.54 -37.74 -28.16
N ILE A 12 39.03 -37.98 -26.95
CA ILE A 12 38.47 -37.40 -25.74
C ILE A 12 38.99 -35.97 -25.52
N ILE A 13 38.09 -35.02 -25.28
CA ILE A 13 38.48 -33.63 -24.95
C ILE A 13 39.23 -33.63 -23.63
N PRO A 14 40.48 -33.13 -23.62
CA PRO A 14 41.29 -33.10 -22.40
C PRO A 14 40.90 -31.98 -21.43
N ALA A 15 41.37 -32.08 -20.20
CA ALA A 15 41.09 -31.07 -19.15
C ALA A 15 41.51 -29.64 -19.53
N ASP A 16 42.59 -29.53 -20.31
CA ASP A 16 43.14 -28.21 -20.67
C ASP A 16 42.77 -27.73 -22.09
N ALA A 17 41.70 -28.26 -22.65
CA ALA A 17 41.22 -27.77 -23.94
C ALA A 17 40.88 -26.29 -23.85
N LYS A 18 41.08 -25.56 -24.94
CA LYS A 18 40.68 -24.18 -25.00
C LYS A 18 39.18 -24.10 -25.28
N LYS A 19 38.46 -23.32 -24.48
CA LYS A 19 37.00 -23.19 -24.59
C LYS A 19 36.63 -21.93 -25.32
N HIS A 20 35.67 -22.05 -26.24
CA HIS A 20 35.13 -20.88 -26.99
C HIS A 20 33.64 -20.85 -26.90
N ASN A 21 33.06 -19.69 -26.64
CA ASN A 21 31.61 -19.56 -26.69
C ASN A 21 31.19 -19.53 -28.16
N VAL A 22 30.20 -20.34 -28.54
CA VAL A 22 29.73 -20.40 -29.92
C VAL A 22 28.20 -20.43 -29.97
N THR A 23 27.63 -19.50 -30.73
CA THR A 23 26.20 -19.54 -31.03
C THR A 23 26.03 -20.36 -32.29
N CYS A 24 24.97 -21.18 -32.34
CA CYS A 24 24.67 -21.94 -33.54
C CYS A 24 24.72 -21.06 -34.76
N HIS A 25 25.31 -21.58 -35.82
CA HIS A 25 25.44 -20.86 -37.07
C HIS A 25 24.14 -20.52 -37.74
N PHE A 26 23.10 -21.28 -37.42
CA PHE A 26 21.99 -21.40 -38.32
C PHE A 26 20.75 -20.68 -37.85
N CYS A 27 19.77 -21.39 -37.31
CA CYS A 27 18.40 -20.82 -37.21
C CYS A 27 18.24 -19.79 -36.11
N ILE A 28 17.11 -19.09 -36.15
CA ILE A 28 16.74 -18.00 -35.23
C ILE A 28 16.91 -18.29 -33.73
N VAL A 29 16.79 -19.54 -33.33
CA VAL A 29 16.75 -19.89 -31.92
C VAL A 29 18.06 -19.53 -31.24
N GLY A 30 19.14 -19.64 -31.97
CA GLY A 30 20.45 -19.27 -31.46
C GLY A 30 20.92 -20.06 -30.24
N CYS A 31 20.80 -21.38 -30.32
CA CYS A 31 21.23 -22.28 -29.23
C CYS A 31 22.72 -22.06 -28.87
N GLY A 32 23.02 -22.20 -27.60
CA GLY A 32 24.38 -22.04 -27.09
C GLY A 32 25.23 -23.29 -27.24
N TYR A 33 26.46 -23.11 -27.70
CA TYR A 33 27.43 -24.19 -27.82
C TYR A 33 28.77 -23.72 -27.28
N HIS A 34 29.68 -24.67 -27.08
CA HIS A 34 31.08 -24.39 -26.83
C HIS A 34 31.89 -25.16 -27.81
N ALA A 35 32.94 -24.53 -28.32
CA ALA A 35 33.92 -25.20 -29.16
C ALA A 35 35.17 -25.40 -28.32
N TYR A 36 35.56 -26.66 -28.14
CA TYR A 36 36.80 -27.00 -27.44
C TYR A 36 37.84 -27.43 -28.47
N THR A 37 39.05 -26.89 -28.34
CA THR A 37 40.13 -27.23 -29.25
C THR A 37 41.41 -27.58 -28.47
N TRP A 38 42.21 -28.46 -29.03
CA TRP A 38 43.48 -28.81 -28.44
C TRP A 38 44.42 -29.35 -29.48
N PRO A 39 45.74 -29.33 -29.19
CA PRO A 39 46.68 -29.74 -30.22
C PRO A 39 46.44 -31.13 -30.80
N ILE A 40 46.57 -31.24 -32.11
CA ILE A 40 46.54 -32.52 -32.81
C ILE A 40 47.60 -33.35 -32.13
N ASN A 41 47.37 -34.65 -31.97
CA ASN A 41 48.39 -35.51 -31.27
C ASN A 41 48.68 -35.17 -29.77
N LYS A 42 47.80 -34.43 -29.12
CA LYS A 42 47.57 -34.54 -27.68
C LYS A 42 46.14 -35.03 -27.54
N GLN A 43 45.81 -35.61 -26.39
CA GLN A 43 44.44 -36.08 -26.17
C GLN A 43 44.08 -36.25 -24.72
N GLY A 44 42.79 -36.28 -24.46
CA GLY A 44 42.26 -36.55 -23.14
C GLY A 44 42.23 -38.04 -22.86
N GLY A 45 42.01 -38.38 -21.60
CA GLY A 45 41.89 -39.77 -21.16
C GLY A 45 40.56 -40.05 -20.50
N THR A 46 40.42 -41.29 -20.06
CA THR A 46 39.15 -41.81 -19.58
C THR A 46 38.89 -41.43 -18.12
N ASP A 47 39.95 -41.27 -17.34
CA ASP A 47 39.81 -40.88 -15.92
C ASP A 47 39.42 -39.41 -15.77
N PRO A 48 38.67 -39.07 -14.72
CA PRO A 48 38.10 -37.73 -14.52
C PRO A 48 39.08 -36.57 -14.62
N GLN A 49 40.25 -36.77 -14.04
CA GLN A 49 41.35 -35.78 -14.06
C GLN A 49 41.90 -35.47 -15.47
N ASN A 50 41.70 -36.39 -16.42
CA ASN A 50 42.25 -36.27 -17.79
C ASN A 50 41.25 -35.88 -18.87
N ASN A 51 40.08 -35.38 -18.47
CA ASN A 51 39.12 -34.87 -19.45
C ASN A 51 38.32 -33.67 -18.94
N ILE A 52 37.73 -32.95 -19.89
CA ILE A 52 37.04 -31.68 -19.63
C ILE A 52 35.81 -31.82 -18.73
N PHE A 53 35.23 -33.02 -18.68
CA PHE A 53 33.97 -33.24 -17.95
C PHE A 53 34.16 -33.58 -16.46
N GLY A 54 35.34 -34.07 -16.10
CA GLY A 54 35.60 -34.50 -14.73
C GLY A 54 34.82 -35.75 -14.39
N VAL A 55 34.70 -36.64 -15.38
CA VAL A 55 33.85 -37.83 -15.29
C VAL A 55 34.64 -39.06 -15.73
N ASP A 56 34.31 -40.20 -15.15
CA ASP A 56 34.87 -41.47 -15.60
C ASP A 56 34.23 -41.89 -16.94
N LEU A 57 34.95 -41.70 -18.03
CA LEU A 57 34.43 -42.00 -19.37
C LEU A 57 34.51 -43.47 -19.78
N SER A 58 35.00 -44.33 -18.90
CA SER A 58 35.02 -45.77 -19.15
C SER A 58 33.68 -46.43 -18.81
N GLU A 59 32.71 -45.63 -18.34
CA GLU A 59 31.36 -46.09 -18.02
C GLU A 59 30.36 -45.49 -19.01
N GLN A 60 29.39 -46.32 -19.41
CA GLN A 60 28.23 -45.86 -20.18
C GLN A 60 27.59 -44.65 -19.51
N GLN A 61 27.34 -43.60 -20.27
CA GLN A 61 26.65 -42.42 -19.72
C GLN A 61 25.14 -42.60 -19.76
N GLN A 62 24.45 -42.01 -18.79
CA GLN A 62 22.99 -42.06 -18.73
C GLN A 62 22.39 -41.08 -19.74
N ALA A 63 21.07 -41.14 -19.89
CA ALA A 63 20.35 -40.26 -20.80
C ALA A 63 20.63 -38.78 -20.48
N GLU A 64 20.68 -37.97 -21.53
CA GLU A 64 20.81 -36.50 -21.40
C GLU A 64 22.16 -36.06 -20.83
N SER A 65 23.16 -36.92 -20.90
CA SER A 65 24.48 -36.62 -20.32
C SER A 65 25.17 -35.47 -21.04
N ASP A 66 25.83 -34.60 -20.27
CA ASP A 66 26.72 -33.59 -20.83
C ASP A 66 28.04 -34.24 -21.32
N ALA A 67 28.38 -35.40 -20.78
CA ALA A 67 29.67 -36.04 -21.04
C ALA A 67 29.65 -36.95 -22.27
N TRP A 68 29.16 -36.43 -23.39
CA TRP A 68 29.16 -37.18 -24.65
C TRP A 68 28.99 -36.25 -25.81
N TYR A 69 29.50 -36.66 -26.96
CA TYR A 69 29.29 -35.94 -28.21
C TYR A 69 29.27 -36.88 -29.39
N SER A 70 28.53 -36.52 -30.43
CA SER A 70 28.41 -37.40 -31.59
C SER A 70 29.53 -37.07 -32.55
N PRO A 71 29.84 -38.00 -33.47
CA PRO A 71 30.84 -37.77 -34.51
C PRO A 71 30.71 -36.44 -35.26
N SER A 72 29.49 -36.04 -35.57
CA SER A 72 29.30 -34.78 -36.31
C SER A 72 29.67 -33.53 -35.50
N MET A 73 29.90 -33.71 -34.21
CA MET A 73 30.35 -32.62 -33.35
C MET A 73 31.88 -32.58 -33.23
N TYR A 74 32.56 -33.52 -33.90
CA TYR A 74 34.02 -33.61 -33.90
C TYR A 74 34.62 -33.37 -35.29
N ASN A 75 35.75 -32.68 -35.34
CA ASN A 75 36.53 -32.51 -36.57
C ASN A 75 37.97 -32.10 -36.22
N VAL A 76 38.82 -31.97 -37.24
CA VAL A 76 40.15 -31.38 -37.08
C VAL A 76 40.23 -30.17 -37.99
N VAL A 77 40.63 -29.03 -37.42
CA VAL A 77 40.62 -27.77 -38.16
C VAL A 77 41.91 -26.99 -37.91
N LYS A 78 42.22 -26.07 -38.82
CA LYS A 78 43.37 -25.18 -38.64
C LYS A 78 43.03 -24.06 -37.63
N GLN A 79 43.97 -23.79 -36.74
CA GLN A 79 43.85 -22.71 -35.76
C GLN A 79 45.21 -22.06 -35.61
N ASP A 80 45.28 -20.78 -35.96
CA ASP A 80 46.56 -20.05 -36.01
C ASP A 80 47.65 -20.84 -36.72
N GLY A 81 47.32 -21.42 -37.87
CA GLY A 81 48.29 -22.15 -38.71
C GLY A 81 48.52 -23.63 -38.37
N ARG A 82 47.97 -24.10 -37.26
CA ARG A 82 48.19 -25.47 -36.79
C ARG A 82 46.89 -26.27 -36.80
N ASP A 83 46.99 -27.55 -37.14
CA ASP A 83 45.83 -28.43 -37.05
C ASP A 83 45.56 -28.69 -35.56
N VAL A 84 44.30 -28.62 -35.19
CA VAL A 84 43.85 -28.88 -33.83
C VAL A 84 42.56 -29.70 -33.89
N HIS A 85 42.32 -30.53 -32.88
CA HIS A 85 41.03 -31.17 -32.72
C HIS A 85 40.06 -30.12 -32.29
N VAL A 86 38.81 -30.25 -32.72
CA VAL A 86 37.72 -29.39 -32.23
C VAL A 86 36.49 -30.23 -31.93
N VAL A 87 35.80 -29.90 -30.84
CA VAL A 87 34.47 -30.43 -30.60
C VAL A 87 33.53 -29.27 -30.36
N ILE A 88 32.45 -29.21 -31.13
CA ILE A 88 31.46 -28.16 -30.97
C ILE A 88 30.21 -28.83 -30.41
N LYS A 89 29.92 -28.51 -29.17
CA LYS A 89 29.04 -29.27 -28.28
C LYS A 89 28.00 -28.31 -27.71
N PRO A 90 26.71 -28.68 -27.70
CA PRO A 90 25.77 -27.75 -27.10
C PRO A 90 26.00 -27.55 -25.61
N ASP A 91 25.70 -26.33 -25.16
CA ASP A 91 25.92 -25.87 -23.80
C ASP A 91 24.71 -26.22 -22.93
N HIS A 92 24.93 -27.04 -21.91
CA HIS A 92 23.89 -27.42 -20.95
C HIS A 92 23.38 -26.22 -20.17
N GLU A 93 24.25 -25.26 -19.89
CA GLU A 93 23.91 -24.09 -19.06
C GLU A 93 23.17 -22.96 -19.78
N CYS A 94 23.13 -23.01 -21.12
CA CYS A 94 22.48 -21.97 -21.91
C CYS A 94 20.97 -22.06 -21.75
N VAL A 95 20.34 -20.95 -21.37
CA VAL A 95 18.89 -20.96 -21.08
C VAL A 95 18.04 -21.10 -22.35
N VAL A 96 18.62 -20.87 -23.52
CA VAL A 96 17.89 -21.07 -24.76
C VAL A 96 17.59 -22.53 -24.99
N ASN A 97 18.64 -23.33 -25.07
CA ASN A 97 18.54 -24.74 -25.46
C ASN A 97 18.68 -25.78 -24.34
N SER A 98 19.25 -25.36 -23.22
CA SER A 98 19.50 -26.26 -22.07
C SER A 98 20.17 -27.57 -22.47
N GLY A 99 21.14 -27.51 -23.39
CA GLY A 99 21.89 -28.70 -23.80
C GLY A 99 21.42 -29.37 -25.08
N LEU A 100 20.21 -29.01 -25.54
CA LEU A 100 19.72 -29.55 -26.80
C LEU A 100 20.52 -28.99 -27.99
N GLY A 101 20.70 -29.81 -29.00
CA GLY A 101 21.25 -29.42 -30.28
C GLY A 101 20.44 -30.07 -31.38
N SER A 102 20.05 -29.31 -32.39
CA SER A 102 19.26 -29.87 -33.47
C SER A 102 20.15 -30.67 -34.40
N VAL A 103 19.51 -31.46 -35.26
CA VAL A 103 20.22 -32.15 -36.31
C VAL A 103 21.09 -31.21 -37.14
N ARG A 104 20.74 -29.92 -37.15
CA ARG A 104 21.53 -28.91 -37.86
C ARG A 104 22.71 -28.42 -37.04
N GLY A 105 22.42 -27.93 -35.85
CA GLY A 105 23.46 -27.40 -34.99
C GLY A 105 24.49 -28.43 -34.60
N ALA A 106 24.02 -29.64 -34.37
CA ALA A 106 24.89 -30.74 -33.95
C ALA A 106 25.88 -31.19 -35.01
N ARG A 107 25.81 -30.63 -36.22
CA ARG A 107 26.81 -30.95 -37.26
C ARG A 107 27.64 -29.75 -37.74
N MET A 108 27.69 -28.68 -36.95
CA MET A 108 28.62 -27.56 -37.23
C MET A 108 30.07 -28.05 -37.42
N ALA A 109 30.55 -28.95 -36.57
CA ALA A 109 31.95 -29.43 -36.66
C ALA A 109 32.23 -30.15 -37.98
N GLU A 110 31.36 -31.10 -38.27
CA GLU A 110 31.40 -31.92 -39.49
C GLU A 110 31.16 -31.12 -40.77
N THR A 111 30.49 -29.97 -40.66
CA THR A 111 30.33 -29.10 -41.83
C THR A 111 31.35 -27.96 -41.86
N SER A 112 32.34 -28.00 -40.98
CA SER A 112 33.45 -27.07 -41.02
C SER A 112 34.49 -27.57 -42.03
N PHE A 113 35.37 -26.67 -42.46
CA PHE A 113 36.43 -26.99 -43.38
C PHE A 113 37.58 -27.72 -42.68
N SER A 114 37.94 -28.90 -43.20
CA SER A 114 39.09 -29.68 -42.72
C SER A 114 39.87 -30.31 -43.88
N GLU A 115 41.10 -29.86 -44.09
CA GLU A 115 42.03 -30.57 -44.99
C GLU A 115 42.40 -31.93 -44.42
N ALA A 116 42.48 -32.05 -43.10
CA ALA A 116 42.91 -33.28 -42.45
C ALA A 116 41.89 -34.41 -42.65
N ARG A 117 40.61 -34.11 -42.42
CA ARG A 117 39.56 -35.14 -42.50
C ARG A 117 38.67 -34.98 -43.74
N ASN A 118 39.08 -34.10 -44.65
CA ASN A 118 38.43 -33.91 -45.94
C ASN A 118 36.94 -33.52 -45.89
N THR A 119 36.58 -32.66 -44.95
CA THR A 119 35.22 -32.15 -44.88
C THR A 119 35.10 -30.80 -45.60
N GLN A 120 34.05 -30.67 -46.39
CA GLN A 120 33.73 -29.42 -47.09
C GLN A 120 34.85 -28.88 -47.96
N GLN A 121 35.43 -29.75 -48.78
CA GLN A 121 36.49 -29.34 -49.71
C GLN A 121 35.93 -28.46 -50.80
N GLN A 122 34.61 -28.40 -50.92
CA GLN A 122 33.94 -27.47 -51.84
C GLN A 122 34.25 -26.02 -51.46
N ARG A 123 34.64 -25.76 -50.23
CA ARG A 123 34.83 -24.37 -49.81
C ARG A 123 35.83 -23.57 -50.63
N LEU A 124 35.44 -22.33 -50.97
CA LEU A 124 36.28 -21.41 -51.74
C LEU A 124 37.54 -21.02 -50.96
N THR A 125 38.67 -20.98 -51.64
CA THR A 125 39.94 -20.67 -51.02
C THR A 125 40.64 -19.46 -51.64
N ASP A 126 40.32 -19.18 -52.90
CA ASP A 126 40.96 -18.11 -53.66
C ASP A 126 39.94 -17.32 -54.47
N PRO A 127 40.22 -16.03 -54.70
CA PRO A 127 39.43 -15.30 -55.70
C PRO A 127 39.54 -15.97 -57.09
N LEU A 128 38.43 -16.00 -57.79
CA LEU A 128 38.39 -16.56 -59.13
C LEU A 128 37.91 -15.48 -60.10
N VAL A 129 38.45 -15.49 -61.31
CA VAL A 129 38.02 -14.56 -62.35
C VAL A 129 37.80 -15.36 -63.62
N TRP A 130 36.78 -14.99 -64.38
CA TRP A 130 36.55 -15.60 -65.68
C TRP A 130 37.53 -15.07 -66.67
N ARG A 131 38.45 -15.92 -67.12
CA ARG A 131 39.38 -15.53 -68.19
C ARG A 131 40.01 -16.72 -68.86
N TYR A 132 40.43 -16.53 -70.10
CA TYR A 132 41.07 -17.57 -70.86
C TYR A 132 40.15 -18.76 -71.11
N GLY A 133 38.85 -18.52 -71.09
CA GLY A 133 37.86 -19.54 -71.44
C GLY A 133 37.15 -20.21 -70.29
N GLN A 134 37.62 -19.97 -69.06
CA GLN A 134 37.07 -20.63 -67.89
C GLN A 134 37.33 -19.79 -66.66
N MET A 135 36.85 -20.25 -65.52
CA MET A 135 37.16 -19.62 -64.25
C MET A 135 38.59 -19.98 -63.88
N GLN A 136 39.34 -18.98 -63.40
CA GLN A 136 40.74 -19.14 -63.02
C GLN A 136 41.04 -18.48 -61.68
N PRO A 137 41.84 -19.15 -60.84
CA PRO A 137 42.20 -18.50 -59.58
C PRO A 137 43.16 -17.33 -59.78
N THR A 138 43.14 -16.39 -58.86
CA THR A 138 44.02 -15.25 -58.91
C THR A 138 44.22 -14.67 -57.51
N SER A 139 44.96 -13.56 -57.43
CA SER A 139 45.15 -12.82 -56.18
C SER A 139 43.99 -11.90 -55.90
N TRP A 140 43.89 -11.49 -54.63
CA TRP A 140 42.94 -10.47 -54.19
C TRP A 140 43.15 -9.15 -54.89
N ASP A 141 44.39 -8.70 -55.00
CA ASP A 141 44.67 -7.39 -55.63
C ASP A 141 44.13 -7.38 -57.04
N ASP A 142 44.39 -8.45 -57.78
CA ASP A 142 43.90 -8.59 -59.14
C ASP A 142 42.38 -8.59 -59.17
N ALA A 143 41.76 -9.44 -58.36
CA ALA A 143 40.30 -9.61 -58.43
C ALA A 143 39.58 -8.35 -58.00
N LEU A 144 40.04 -7.72 -56.92
CA LEU A 144 39.44 -6.49 -56.44
C LEU A 144 39.63 -5.34 -57.43
N ASP A 145 40.80 -5.27 -58.06
CA ASP A 145 41.06 -4.24 -59.05
C ASP A 145 40.05 -4.36 -60.19
N LEU A 146 39.78 -5.57 -60.64
CA LEU A 146 38.85 -5.77 -61.76
C LEU A 146 37.43 -5.35 -61.35
N VAL A 147 36.98 -5.84 -60.20
CA VAL A 147 35.64 -5.48 -59.70
C VAL A 147 35.49 -3.98 -59.56
N ALA A 148 36.49 -3.31 -58.97
CA ALA A 148 36.44 -1.87 -58.74
C ALA A 148 36.41 -1.07 -60.03
N ARG A 149 37.27 -1.45 -60.97
CA ARG A 149 37.34 -0.76 -62.25
C ARG A 149 36.06 -0.83 -63.05
N VAL A 150 35.48 -2.03 -63.14
CA VAL A 150 34.24 -2.19 -63.88
C VAL A 150 33.11 -1.43 -63.17
N THR A 151 33.02 -1.60 -61.86
CA THR A 151 31.97 -0.93 -61.09
C THR A 151 32.08 0.59 -61.22
N ALA A 152 33.30 1.09 -61.11
CA ALA A 152 33.53 2.55 -61.09
C ALA A 152 33.19 3.17 -62.45
N LYS A 153 33.60 2.49 -63.50
CA LYS A 153 33.29 2.95 -64.85
C LYS A 153 31.78 3.02 -65.10
N ILE A 154 31.08 1.96 -64.72
CA ILE A 154 29.64 1.88 -64.95
C ILE A 154 28.89 2.95 -64.15
N VAL A 155 29.29 3.13 -62.90
CA VAL A 155 28.65 4.08 -62.02
C VAL A 155 28.92 5.50 -62.48
N LYS A 156 30.12 5.78 -62.99
CA LYS A 156 30.42 7.10 -63.56
C LYS A 156 29.63 7.35 -64.82
N GLU A 157 29.52 6.34 -65.67
CA GLU A 157 28.92 6.51 -67.00
C GLU A 157 27.40 6.50 -66.95
N LYS A 158 26.83 5.70 -66.07
CA LYS A 158 25.37 5.46 -66.06
C LYS A 158 24.67 5.79 -64.76
N GLY A 159 25.46 6.16 -63.75
CA GLY A 159 24.92 6.48 -62.42
C GLY A 159 24.93 5.25 -61.54
N GLU A 160 24.73 5.46 -60.25
CA GLU A 160 24.67 4.37 -59.29
C GLU A 160 23.52 3.41 -59.53
N ASP A 161 22.45 3.84 -60.21
CA ASP A 161 21.31 2.96 -60.50
C ASP A 161 21.72 1.75 -61.35
N ALA A 162 22.85 1.85 -62.05
CA ALA A 162 23.37 0.74 -62.85
C ALA A 162 23.95 -0.36 -61.98
N LEU A 163 24.23 -0.07 -60.71
CA LEU A 163 24.77 -1.05 -59.79
C LEU A 163 23.65 -1.74 -59.06
N ILE A 164 23.54 -3.05 -59.22
CA ILE A 164 22.51 -3.84 -58.59
C ILE A 164 23.19 -4.62 -57.47
N VAL A 165 22.56 -4.72 -56.31
CA VAL A 165 23.15 -5.47 -55.21
C VAL A 165 22.13 -6.46 -54.65
N SER A 166 22.59 -7.67 -54.38
CA SER A 166 21.79 -8.65 -53.64
C SER A 166 22.61 -8.98 -52.41
N ALA A 167 22.04 -8.82 -51.22
CA ALA A 167 22.79 -9.10 -50.00
C ALA A 167 21.95 -9.67 -48.88
N PHE A 168 22.59 -10.47 -48.06
CA PHE A 168 22.05 -10.87 -46.77
C PHE A 168 21.71 -9.62 -46.01
N ASP A 169 20.66 -9.66 -45.20
CA ASP A 169 20.44 -8.64 -44.18
C ASP A 169 20.31 -9.28 -42.80
N HIS A 170 20.63 -10.56 -42.69
CA HIS A 170 20.32 -11.33 -41.50
C HIS A 170 21.51 -11.52 -40.60
N GLY A 171 21.26 -12.20 -39.48
CA GLY A 171 22.30 -12.53 -38.52
C GLY A 171 22.89 -13.90 -38.77
N GLY A 172 23.75 -14.32 -37.83
CA GLY A 172 24.38 -15.64 -37.86
C GLY A 172 25.37 -15.82 -38.99
N ALA A 173 25.78 -17.06 -39.20
CA ALA A 173 26.68 -17.37 -40.29
C ALA A 173 26.12 -16.76 -41.58
N GLY A 174 26.96 -16.04 -42.31
CA GLY A 174 26.54 -15.37 -43.53
C GLY A 174 25.82 -14.05 -43.27
N GLY A 175 25.97 -13.55 -42.07
CA GLY A 175 25.40 -12.26 -41.70
C GLY A 175 26.01 -11.78 -40.39
N GLY A 176 25.22 -11.10 -39.59
CA GLY A 176 25.67 -10.59 -38.30
C GLY A 176 25.95 -9.12 -38.40
N TYR A 177 26.20 -8.51 -37.25
CA TYR A 177 26.33 -7.05 -37.16
C TYR A 177 27.58 -6.54 -37.85
N GLU A 178 28.68 -7.25 -37.72
CA GLU A 178 29.92 -6.87 -38.38
C GLU A 178 29.70 -6.83 -39.89
N ASN A 179 29.15 -7.91 -40.44
CA ASN A 179 28.95 -8.04 -41.88
C ASN A 179 27.83 -7.21 -42.50
N THR A 180 26.74 -6.98 -41.77
CA THR A 180 25.65 -6.14 -42.33
C THR A 180 26.08 -4.68 -42.31
N TRP A 181 26.91 -4.31 -41.35
CA TRP A 181 27.46 -2.97 -41.29
C TRP A 181 28.40 -2.70 -42.42
N GLY A 182 29.30 -3.64 -42.68
CA GLY A 182 30.30 -3.47 -43.75
C GLY A 182 29.66 -3.28 -45.12
N THR A 183 28.79 -4.21 -45.50
CA THR A 183 28.07 -4.10 -46.74
C THR A 183 27.12 -2.87 -46.73
N GLY A 184 26.45 -2.64 -45.61
CA GLY A 184 25.59 -1.46 -45.47
C GLY A 184 26.33 -0.15 -45.70
N LYS A 185 27.51 -0.03 -45.08
CA LYS A 185 28.29 1.18 -45.18
C LYS A 185 28.78 1.41 -46.62
N LEU A 186 29.13 0.33 -47.30
CA LEU A 186 29.61 0.42 -48.67
C LEU A 186 28.51 0.93 -49.57
N TYR A 187 27.32 0.37 -49.46
CA TYR A 187 26.26 0.66 -50.43
C TYR A 187 25.28 1.79 -50.05
N PHE A 188 25.21 2.13 -48.76
CA PHE A 188 24.33 3.20 -48.24
C PHE A 188 25.04 4.43 -47.69
N GLU A 189 26.29 4.30 -47.24
CA GLU A 189 27.06 5.47 -46.81
C GLU A 189 27.95 6.00 -47.92
N ALA A 190 28.87 5.16 -48.40
CA ALA A 190 29.77 5.53 -49.51
C ALA A 190 28.97 5.78 -50.79
N MET A 191 27.96 4.93 -51.02
CA MET A 191 27.08 5.06 -52.19
C MET A 191 25.65 5.29 -51.72
N LYS A 192 24.76 5.47 -52.68
CA LYS A 192 23.31 5.54 -52.40
C LYS A 192 22.55 4.60 -53.32
N VAL A 193 22.85 3.30 -53.20
CA VAL A 193 22.28 2.26 -54.06
C VAL A 193 20.80 2.06 -53.77
N LYS A 194 19.96 2.43 -54.73
CA LYS A 194 18.51 2.15 -54.70
C LYS A 194 18.22 0.70 -55.07
N ASN A 195 18.85 0.20 -56.13
CA ASN A 195 18.48 -1.09 -56.71
C ASN A 195 19.16 -2.22 -56.00
N ILE A 196 18.73 -2.41 -54.74
CA ILE A 196 19.31 -3.39 -53.86
C ILE A 196 18.20 -4.27 -53.32
N ARG A 197 18.45 -5.57 -53.25
CA ARG A 197 17.49 -6.51 -52.68
C ARG A 197 18.12 -7.33 -51.60
N ILE A 198 17.28 -8.03 -50.86
CA ILE A 198 17.72 -8.79 -49.71
C ILE A 198 17.77 -10.26 -50.11
N HIS A 199 18.29 -11.10 -49.24
CA HIS A 199 18.51 -12.50 -49.60
C HIS A 199 17.25 -13.28 -49.83
N ASN A 200 16.16 -12.92 -49.18
CA ASN A 200 14.91 -13.69 -49.28
C ASN A 200 13.73 -12.98 -49.95
N ARG A 201 13.97 -11.79 -50.48
CA ARG A 201 12.93 -11.02 -51.12
C ARG A 201 13.51 -10.00 -52.07
N PRO A 202 12.80 -9.71 -53.17
CA PRO A 202 13.38 -8.99 -54.29
C PRO A 202 13.33 -7.46 -54.24
N ALA A 203 13.25 -6.89 -53.05
CA ALA A 203 13.36 -5.44 -52.89
C ALA A 203 13.91 -5.17 -51.50
N TYR A 204 14.30 -3.91 -51.25
CA TYR A 204 14.75 -3.51 -49.92
C TYR A 204 13.55 -3.03 -49.10
N ASN A 205 12.80 -4.02 -48.61
CA ASN A 205 11.64 -3.80 -47.75
C ASN A 205 11.78 -4.57 -46.42
N SER A 206 10.82 -4.37 -45.53
CA SER A 206 10.65 -5.20 -44.38
C SER A 206 9.71 -6.36 -44.71
N GLU A 207 9.89 -7.49 -44.04
CA GLU A 207 8.96 -8.62 -44.11
C GLU A 207 7.65 -8.29 -43.42
N VAL A 208 7.70 -7.31 -42.50
CA VAL A 208 6.60 -7.11 -41.54
C VAL A 208 6.25 -5.61 -41.34
N HIS A 209 6.15 -4.87 -42.44
CA HIS A 209 5.73 -3.48 -42.45
C HIS A 209 4.45 -3.26 -41.66
N GLY A 210 3.54 -4.21 -41.74
CA GLY A 210 2.27 -4.10 -41.03
C GLY A 210 2.45 -3.90 -39.54
N THR A 211 3.11 -4.84 -38.90
CA THR A 211 3.28 -4.77 -37.45
C THR A 211 4.08 -3.52 -37.08
N ARG A 212 5.07 -3.19 -37.90
CA ARG A 212 5.94 -2.04 -37.61
C ARG A 212 5.21 -0.71 -37.72
N ASP A 213 4.37 -0.58 -38.73
CA ASP A 213 3.56 0.60 -38.92
C ASP A 213 2.58 0.79 -37.77
N MET A 214 2.15 -0.33 -37.18
CA MET A 214 1.20 -0.28 -36.06
C MET A 214 1.87 0.11 -34.75
N GLY A 215 3.20 0.16 -34.76
CA GLY A 215 3.99 0.51 -33.58
C GLY A 215 4.56 -0.69 -32.83
N VAL A 216 4.38 -1.89 -33.38
CA VAL A 216 4.75 -3.12 -32.66
C VAL A 216 5.86 -3.87 -33.37
N GLY A 217 7.09 -3.66 -32.88
CA GLY A 217 8.26 -4.38 -33.36
C GLY A 217 8.03 -5.86 -33.24
N GLU A 218 8.51 -6.61 -34.23
CA GLU A 218 8.12 -8.00 -34.40
C GLU A 218 8.77 -8.99 -33.42
N LEU A 219 9.79 -8.55 -32.68
CA LEU A 219 10.39 -9.38 -31.65
C LEU A 219 10.25 -8.74 -30.27
N ASN A 220 9.05 -8.82 -29.70
CA ASN A 220 8.70 -8.03 -28.51
C ASN A 220 8.65 -8.79 -27.18
N ASN A 221 8.69 -10.10 -27.25
CA ASN A 221 8.56 -10.93 -26.06
C ASN A 221 9.85 -11.67 -25.70
N CYS A 222 9.75 -12.63 -24.80
CA CYS A 222 10.86 -13.53 -24.57
C CYS A 222 10.39 -14.98 -24.67
N TYR A 223 11.35 -15.89 -24.71
CA TYR A 223 11.09 -17.31 -24.90
C TYR A 223 10.38 -17.92 -23.67
N GLU A 224 10.56 -17.28 -22.52
CA GLU A 224 9.89 -17.72 -21.31
C GLU A 224 8.38 -17.56 -21.46
N ASP A 225 7.98 -16.61 -22.29
CA ASP A 225 6.55 -16.38 -22.51
C ASP A 225 5.84 -17.57 -23.15
N ALA A 226 6.55 -18.36 -23.95
CA ALA A 226 5.99 -19.61 -24.48
C ALA A 226 5.74 -20.64 -23.38
N GLU A 227 6.50 -20.55 -22.28
CA GLU A 227 6.30 -21.42 -21.13
C GLU A 227 5.13 -20.98 -20.27
N LEU A 228 4.79 -19.70 -20.33
CA LEU A 228 3.84 -19.08 -19.38
C LEU A 228 2.43 -18.83 -19.94
N ALA A 229 2.30 -18.75 -21.26
CA ALA A 229 1.01 -18.55 -21.91
C ALA A 229 -0.02 -19.62 -21.54
N ASP A 230 -1.27 -19.20 -21.47
CA ASP A 230 -2.39 -20.15 -21.39
C ASP A 230 -2.59 -20.83 -22.75
N THR A 231 -2.54 -20.05 -23.82
CA THR A 231 -2.71 -20.56 -25.18
C THR A 231 -1.60 -20.02 -26.07
N ILE A 232 -0.98 -20.90 -26.83
CA ILE A 232 -0.06 -20.50 -27.89
C ILE A 232 -0.81 -20.54 -29.21
N VAL A 233 -0.76 -19.46 -29.97
CA VAL A 233 -1.33 -19.45 -31.31
C VAL A 233 -0.18 -19.42 -32.28
N ALA A 234 0.07 -20.55 -32.92
CA ALA A 234 1.17 -20.69 -33.86
C ALA A 234 0.62 -20.60 -35.28
N VAL A 235 0.99 -19.55 -36.01
CA VAL A 235 0.45 -19.33 -37.34
C VAL A 235 1.55 -19.43 -38.39
N GLY A 236 1.33 -20.27 -39.39
CA GLY A 236 2.26 -20.38 -40.48
C GLY A 236 3.65 -20.71 -40.03
N THR A 237 3.73 -21.60 -39.04
CA THR A 237 5.00 -22.07 -38.49
C THR A 237 4.97 -23.58 -38.30
N ASN A 238 6.09 -24.21 -38.60
CA ASN A 238 6.29 -25.66 -38.41
C ASN A 238 7.43 -25.81 -37.38
N ALA A 239 7.18 -25.23 -36.20
CA ALA A 239 8.22 -24.99 -35.18
C ALA A 239 9.10 -26.20 -34.81
N LEU A 240 8.53 -27.40 -34.78
CA LEU A 240 9.34 -28.56 -34.42
C LEU A 240 10.48 -28.74 -35.41
N GLU A 241 10.19 -28.48 -36.70
CA GLU A 241 11.20 -28.59 -37.78
C GLU A 241 12.01 -27.31 -37.98
N THR A 242 11.44 -26.15 -37.66
CA THR A 242 12.04 -24.88 -38.07
C THR A 242 12.44 -23.91 -36.95
N GLN A 243 11.89 -24.08 -35.77
CA GLN A 243 12.41 -23.43 -34.56
C GLN A 243 12.55 -24.50 -33.49
N THR A 244 13.23 -25.58 -33.87
CA THR A 244 13.21 -26.83 -33.11
C THR A 244 13.36 -26.71 -31.61
N ASN A 245 14.45 -26.10 -31.15
CA ASN A 245 14.76 -26.08 -29.71
C ASN A 245 13.99 -25.05 -28.92
N TYR A 246 13.51 -24.00 -29.58
CA TYR A 246 12.54 -23.10 -28.94
C TYR A 246 11.31 -23.95 -28.60
N PHE A 247 10.85 -24.72 -29.58
CA PHE A 247 9.69 -25.56 -29.42
C PHE A 247 9.94 -26.62 -28.35
N LEU A 248 11.05 -27.34 -28.46
CA LEU A 248 11.31 -28.45 -27.54
C LEU A 248 11.63 -27.98 -26.12
N ASN A 249 12.37 -26.88 -25.99
CA ASN A 249 12.81 -26.40 -24.67
C ASN A 249 11.88 -25.37 -24.03
N HIS A 250 10.91 -24.85 -24.75
CA HIS A 250 9.98 -23.85 -24.17
C HIS A 250 8.52 -24.12 -24.40
N TRP A 251 8.11 -24.51 -25.61
CA TRP A 251 6.68 -24.79 -25.84
C TRP A 251 6.24 -26.07 -25.20
N ILE A 252 7.02 -27.13 -25.37
CA ILE A 252 6.68 -28.45 -24.83
C ILE A 252 6.44 -28.45 -23.32
N PRO A 253 7.33 -27.83 -22.54
CA PRO A 253 7.11 -27.80 -21.09
C PRO A 253 5.76 -27.20 -20.71
N ASN A 254 5.32 -26.22 -21.50
CA ASN A 254 4.01 -25.62 -21.30
C ASN A 254 2.90 -26.63 -21.58
N LEU A 255 3.00 -27.28 -22.72
CA LEU A 255 1.99 -28.25 -23.14
C LEU A 255 1.95 -29.48 -22.24
N ARG A 256 3.12 -29.88 -21.73
CA ARG A 256 3.24 -31.05 -20.85
C ARG A 256 2.78 -30.77 -19.42
N GLY A 257 2.66 -29.49 -19.09
CA GLY A 257 2.33 -29.07 -17.73
C GLY A 257 3.52 -28.91 -16.80
N GLU A 258 4.74 -29.02 -17.34
CA GLU A 258 5.97 -28.86 -16.55
C GLU A 258 6.15 -27.41 -16.07
N SER A 259 5.48 -26.47 -16.73
CA SER A 259 5.57 -25.03 -16.41
C SER A 259 4.67 -24.58 -15.28
N LEU A 260 3.73 -25.41 -14.85
CA LEU A 260 2.70 -24.98 -13.92
C LEU A 260 3.30 -24.38 -12.64
N GLY A 261 4.31 -25.05 -12.09
CA GLY A 261 5.02 -24.55 -10.92
C GLY A 261 5.48 -23.13 -11.13
N LYS A 262 6.12 -22.88 -12.26
CA LYS A 262 6.61 -21.57 -12.62
C LYS A 262 5.47 -20.55 -12.81
N LYS A 263 4.43 -20.97 -13.52
CA LYS A 263 3.27 -20.11 -13.76
C LYS A 263 2.68 -19.61 -12.46
N LYS A 264 2.57 -20.51 -11.49
CA LYS A 264 1.98 -20.20 -10.20
C LYS A 264 2.86 -19.28 -9.35
N GLU A 265 4.17 -19.42 -9.47
CA GLU A 265 5.09 -18.53 -8.73
C GLU A 265 5.04 -17.11 -9.28
N LEU A 266 5.06 -16.96 -10.60
CA LEU A 266 5.11 -15.63 -11.23
C LEU A 266 3.75 -14.95 -11.37
N MET A 267 2.69 -15.75 -11.44
CA MET A 267 1.33 -15.22 -11.58
C MET A 267 0.37 -15.90 -10.60
N PRO A 268 0.58 -15.68 -9.29
CA PRO A 268 -0.34 -16.25 -8.31
C PRO A 268 -1.65 -15.50 -8.35
N GLU A 269 -2.67 -16.05 -7.74
CA GLU A 269 -3.99 -15.43 -7.79
C GLU A 269 -4.43 -15.20 -9.23
N GLU A 270 -4.29 -16.28 -9.98
CA GLU A 270 -4.72 -16.38 -11.34
C GLU A 270 -4.69 -17.88 -11.61
N PRO A 271 -5.74 -18.43 -12.22
CA PRO A 271 -5.69 -19.86 -12.47
C PRO A 271 -4.81 -20.24 -13.67
N HIS A 272 -4.34 -21.48 -13.66
CA HIS A 272 -3.45 -22.01 -14.69
C HIS A 272 -3.71 -23.46 -14.92
N GLU A 273 -4.12 -23.81 -16.13
CA GLU A 273 -4.15 -25.20 -16.56
C GLU A 273 -2.94 -25.40 -17.48
N ALA A 274 -2.73 -26.62 -17.97
CA ALA A 274 -1.65 -26.86 -18.95
C ALA A 274 -1.97 -26.12 -20.23
N GLY A 275 -0.92 -25.71 -20.94
CA GLY A 275 -1.06 -24.93 -22.15
C GLY A 275 -1.84 -25.65 -23.24
N ARG A 276 -2.59 -24.88 -24.00
CA ARG A 276 -3.25 -25.36 -25.20
C ARG A 276 -2.61 -24.66 -26.37
N ILE A 277 -2.75 -25.23 -27.56
CA ILE A 277 -2.12 -24.65 -28.74
C ILE A 277 -3.06 -24.66 -29.94
N ILE A 278 -3.15 -23.52 -30.60
CA ILE A 278 -3.86 -23.39 -31.88
C ILE A 278 -2.79 -23.28 -32.95
N ILE A 279 -2.85 -24.16 -33.94
CA ILE A 279 -1.89 -24.15 -35.05
C ILE A 279 -2.67 -23.85 -36.31
N VAL A 280 -2.35 -22.73 -36.93
CA VAL A 280 -3.02 -22.34 -38.17
C VAL A 280 -2.10 -22.65 -39.35
N ASP A 281 -2.42 -23.74 -40.05
CA ASP A 281 -1.54 -24.27 -41.11
C ASP A 281 -2.37 -25.22 -41.99
N PRO A 282 -2.37 -25.00 -43.31
CA PRO A 282 -3.15 -25.88 -44.18
C PRO A 282 -2.73 -27.36 -44.08
N ARG A 283 -1.46 -27.57 -43.80
CA ARG A 283 -0.87 -28.89 -43.74
C ARG A 283 -0.71 -29.38 -42.30
N ARG A 284 -0.92 -30.68 -42.11
CA ARG A 284 -0.65 -31.34 -40.84
C ARG A 284 0.81 -31.70 -40.83
N THR A 285 1.54 -31.09 -39.92
CA THR A 285 2.97 -31.25 -39.85
C THR A 285 3.37 -32.08 -38.63
N VAL A 286 4.64 -32.46 -38.55
CA VAL A 286 5.14 -33.19 -37.39
C VAL A 286 5.02 -32.34 -36.12
N THR A 287 4.97 -31.02 -36.28
CA THR A 287 4.67 -30.12 -35.15
C THR A 287 3.26 -30.40 -34.55
N VAL A 288 2.25 -30.49 -35.42
CA VAL A 288 0.90 -30.83 -34.96
C VAL A 288 0.89 -32.17 -34.25
N ASN A 289 1.54 -33.15 -34.86
CA ASN A 289 1.61 -34.48 -34.27
C ASN A 289 2.25 -34.49 -32.90
N ALA A 290 3.33 -33.74 -32.73
CA ALA A 290 4.07 -33.70 -31.47
C ALA A 290 3.29 -32.99 -30.38
N CYS A 291 2.59 -31.93 -30.74
CA CYS A 291 1.72 -31.23 -29.79
C CYS A 291 0.65 -32.17 -29.27
N GLU A 292 -0.01 -32.85 -30.20
CA GLU A 292 -1.06 -33.83 -29.83
C GLU A 292 -0.52 -34.89 -28.89
N GLN A 293 0.72 -35.29 -29.14
CA GLN A 293 1.35 -36.37 -28.42
C GLN A 293 1.79 -35.99 -27.01
N THR A 294 2.10 -34.72 -26.83
CA THR A 294 2.53 -34.18 -25.56
C THR A 294 1.36 -33.64 -24.73
N ALA A 295 0.53 -32.83 -25.37
CA ALA A 295 -0.56 -32.10 -24.69
C ALA A 295 -1.88 -32.89 -24.61
N GLY A 296 -2.04 -33.84 -25.53
CA GLY A 296 -3.32 -34.52 -25.76
C GLY A 296 -4.07 -33.85 -26.91
N ALA A 297 -4.80 -34.64 -27.69
CA ALA A 297 -5.62 -34.11 -28.82
C ALA A 297 -6.64 -33.04 -28.39
N ASP A 298 -7.23 -33.22 -27.20
CA ASP A 298 -8.18 -32.25 -26.64
C ASP A 298 -7.61 -30.83 -26.45
N ASN A 299 -6.28 -30.73 -26.34
CA ASN A 299 -5.61 -29.43 -26.10
C ASN A 299 -4.90 -28.84 -27.31
N VAL A 300 -5.04 -29.50 -28.46
CA VAL A 300 -4.47 -29.01 -29.69
C VAL A 300 -5.61 -28.73 -30.66
N LEU A 301 -5.61 -27.54 -31.23
CA LEU A 301 -6.63 -27.16 -32.20
C LEU A 301 -5.95 -26.85 -33.51
N HIS A 302 -5.89 -27.84 -34.38
CA HIS A 302 -5.33 -27.65 -35.70
C HIS A 302 -6.34 -27.12 -36.67
N LEU A 303 -6.19 -25.84 -37.02
CA LEU A 303 -7.03 -25.21 -38.02
C LEU A 303 -6.38 -25.38 -39.41
N ALA A 304 -6.83 -26.40 -40.14
CA ALA A 304 -6.31 -26.67 -41.49
C ALA A 304 -7.03 -25.80 -42.52
N ILE A 305 -6.69 -24.53 -42.52
CA ILE A 305 -7.34 -23.56 -43.39
C ILE A 305 -6.97 -23.81 -44.85
N ASN A 306 -7.84 -23.37 -45.75
CA ASN A 306 -7.49 -23.28 -47.14
C ASN A 306 -6.29 -22.32 -47.28
N SER A 307 -5.39 -22.69 -48.18
CA SER A 307 -4.20 -21.91 -48.41
C SER A 307 -4.53 -20.46 -48.65
N GLY A 308 -3.88 -19.58 -47.89
CA GLY A 308 -3.99 -18.13 -48.12
C GLY A 308 -5.25 -17.44 -47.57
N THR A 309 -5.93 -18.11 -46.64
CA THR A 309 -7.20 -17.61 -46.10
C THR A 309 -7.09 -17.16 -44.63
N ASP A 310 -5.87 -17.13 -44.11
CA ASP A 310 -5.61 -16.65 -42.74
C ASP A 310 -6.32 -15.37 -42.34
N LEU A 311 -6.33 -14.40 -43.24
CA LEU A 311 -6.88 -13.08 -42.95
C LEU A 311 -8.39 -13.17 -42.67
N ALA A 312 -9.08 -14.02 -43.43
CA ALA A 312 -10.49 -14.28 -43.19
C ALA A 312 -10.67 -14.84 -41.77
N LEU A 313 -9.85 -15.83 -41.42
CA LEU A 313 -9.87 -16.42 -40.09
C LEU A 313 -9.70 -15.36 -39.02
N PHE A 314 -8.64 -14.56 -39.11
CA PHE A 314 -8.32 -13.58 -38.06
C PHE A 314 -9.36 -12.49 -37.92
N ASN A 315 -9.86 -12.01 -39.05
CA ASN A 315 -10.95 -11.06 -39.04
C ASN A 315 -12.17 -11.61 -38.32
N ALA A 316 -12.51 -12.87 -38.59
CA ALA A 316 -13.66 -13.49 -37.94
C ALA A 316 -13.38 -13.59 -36.42
N LEU A 317 -12.18 -13.99 -36.06
CA LEU A 317 -11.82 -14.11 -34.65
C LEU A 317 -11.87 -12.76 -33.97
N PHE A 318 -11.37 -11.73 -34.64
CA PHE A 318 -11.37 -10.38 -34.14
C PHE A 318 -12.79 -9.88 -33.88
N THR A 319 -13.67 -10.12 -34.84
CA THR A 319 -15.06 -9.70 -34.72
C THR A 319 -15.76 -10.37 -33.54
N TYR A 320 -15.63 -11.68 -33.46
CA TYR A 320 -16.27 -12.47 -32.42
C TYR A 320 -15.81 -12.03 -31.03
N ILE A 321 -14.49 -11.90 -30.85
CA ILE A 321 -13.89 -11.48 -29.58
C ILE A 321 -14.30 -10.06 -29.22
N ALA A 322 -14.34 -9.17 -30.20
CA ALA A 322 -14.75 -7.79 -29.95
C ALA A 322 -16.20 -7.70 -29.52
N ASP A 323 -17.07 -8.47 -30.16
CA ASP A 323 -18.50 -8.47 -29.86
C ASP A 323 -18.83 -9.07 -28.50
N LYS A 324 -18.11 -10.13 -28.12
CA LYS A 324 -18.28 -10.77 -26.83
C LYS A 324 -17.70 -9.89 -25.70
N GLY A 325 -16.82 -8.98 -26.07
CA GLY A 325 -16.20 -8.06 -25.12
C GLY A 325 -14.96 -8.63 -24.41
N TRP A 326 -14.43 -9.73 -24.96
CA TRP A 326 -13.26 -10.38 -24.37
C TRP A 326 -11.98 -9.64 -24.71
N VAL A 327 -11.92 -8.38 -24.34
CA VAL A 327 -10.83 -7.50 -24.71
C VAL A 327 -10.30 -6.78 -23.47
N ASP A 328 -9.04 -6.39 -23.51
CA ASP A 328 -8.43 -5.60 -22.45
C ASP A 328 -8.81 -4.15 -22.66
N ARG A 329 -9.87 -3.76 -21.98
CA ARG A 329 -10.48 -2.45 -22.20
C ARG A 329 -9.53 -1.31 -21.80
N ASP A 330 -8.84 -1.47 -20.68
CA ASP A 330 -7.92 -0.43 -20.18
C ASP A 330 -6.69 -0.31 -21.03
N PHE A 331 -6.21 -1.43 -21.54
CA PHE A 331 -5.09 -1.42 -22.48
C PHE A 331 -5.44 -0.67 -23.77
N ILE A 332 -6.64 -0.92 -24.30
CA ILE A 332 -7.10 -0.25 -25.50
C ILE A 332 -7.18 1.26 -25.27
N ASP A 333 -7.83 1.67 -24.17
CA ASP A 333 -8.03 3.10 -23.86
C ASP A 333 -6.70 3.83 -23.63
N LYS A 334 -5.76 3.16 -22.98
CA LYS A 334 -4.54 3.83 -22.49
C LYS A 334 -3.41 3.80 -23.52
N SER A 335 -3.33 2.74 -24.32
CA SER A 335 -2.16 2.50 -25.18
C SER A 335 -2.40 2.45 -26.70
N THR A 336 -3.64 2.64 -27.13
CA THR A 336 -3.95 2.56 -28.58
C THR A 336 -4.62 3.83 -29.09
N LEU A 337 -4.51 4.06 -30.39
CA LEU A 337 -5.06 5.25 -31.02
C LEU A 337 -6.55 5.31 -30.84
N ARG A 338 -7.02 6.45 -30.36
CA ARG A 338 -8.42 6.70 -30.10
C ARG A 338 -9.05 7.60 -31.12
N GLU A 339 -8.20 8.26 -31.91
CA GLU A 339 -8.64 9.19 -32.96
C GLU A 339 -9.41 8.46 -34.05
N GLY A 340 -10.62 8.91 -34.32
CA GLY A 340 -11.31 8.51 -35.55
C GLY A 340 -10.50 8.91 -36.78
N THR A 341 -10.66 8.19 -37.87
CA THR A 341 -9.98 8.54 -39.12
C THR A 341 -10.63 7.86 -40.32
N ALA A 342 -10.74 8.59 -41.42
CA ALA A 342 -11.50 8.13 -42.60
C ALA A 342 -10.77 7.08 -43.42
N ARG A 343 -11.52 6.13 -43.94
CA ARG A 343 -11.01 5.19 -44.95
C ARG A 343 -10.59 5.92 -46.22
N PRO A 344 -9.51 5.44 -46.86
CA PRO A 344 -9.09 6.03 -48.13
C PRO A 344 -10.08 5.73 -49.25
N PRO A 345 -10.10 6.57 -50.30
CA PRO A 345 -11.16 6.50 -51.30
C PRO A 345 -11.31 5.16 -52.03
N LEU A 346 -10.22 4.44 -52.22
CA LEU A 346 -10.23 3.16 -52.94
C LEU A 346 -10.39 1.95 -52.04
N TYR A 347 -10.67 2.19 -50.76
CA TYR A 347 -10.94 1.09 -49.82
C TYR A 347 -12.30 0.49 -50.13
N PRO A 348 -12.44 -0.84 -49.94
CA PRO A 348 -11.47 -1.77 -49.36
C PRO A 348 -10.59 -2.53 -50.32
N ALA A 349 -10.81 -2.41 -51.62
CA ALA A 349 -10.00 -3.12 -52.60
C ALA A 349 -8.51 -2.74 -52.50
N ARG A 350 -8.25 -1.45 -52.34
CA ARG A 350 -6.88 -0.91 -52.34
C ARG A 350 -6.73 0.17 -51.28
N GLY A 351 -5.51 0.33 -50.79
CA GLY A 351 -5.19 1.34 -49.79
C GLY A 351 -4.96 2.70 -50.40
N VAL A 352 -4.51 3.64 -49.57
CA VAL A 352 -4.30 5.03 -50.02
C VAL A 352 -3.28 5.12 -51.13
N SER A 353 -2.31 4.20 -51.11
CA SER A 353 -1.33 4.03 -52.18
C SER A 353 -0.65 2.67 -52.04
N GLU A 354 0.28 2.38 -52.95
CA GLU A 354 1.04 1.12 -52.89
C GLU A 354 1.92 1.08 -51.62
N ALA A 355 2.33 2.24 -51.13
CA ALA A 355 3.11 2.32 -49.89
C ALA A 355 2.32 1.83 -48.65
N ASN A 356 0.99 1.95 -48.69
CA ASN A 356 0.13 1.69 -47.52
C ASN A 356 -1.08 0.79 -47.84
N PRO A 357 -0.90 -0.53 -47.86
CA PRO A 357 -1.98 -1.40 -48.33
C PRO A 357 -3.18 -1.50 -47.39
N GLY A 358 -2.97 -1.12 -46.13
CA GLY A 358 -3.99 -1.19 -45.11
C GLY A 358 -4.24 0.17 -44.49
N HIS A 359 -5.33 0.28 -43.77
CA HIS A 359 -5.71 1.50 -43.10
C HIS A 359 -5.52 1.38 -41.61
N LEU A 360 -4.61 2.17 -41.05
CA LEU A 360 -4.37 2.17 -39.63
C LEU A 360 -5.44 2.99 -38.93
N SER A 361 -5.92 2.51 -37.79
CA SER A 361 -7.02 3.16 -37.10
C SER A 361 -7.21 2.73 -35.64
N SER A 362 -8.31 3.20 -35.08
CA SER A 362 -8.72 2.84 -33.75
C SER A 362 -9.30 1.44 -33.72
N PHE A 363 -9.36 0.90 -32.51
CA PHE A 363 -9.98 -0.40 -32.25
C PHE A 363 -11.36 -0.49 -32.90
N GLU A 364 -12.24 0.45 -32.59
CA GLU A 364 -13.63 0.43 -33.04
C GLU A 364 -13.76 0.44 -34.56
N ASP A 365 -13.02 1.33 -35.21
CA ASP A 365 -13.00 1.38 -36.67
C ASP A 365 -12.41 0.10 -37.28
N ALA A 366 -11.39 -0.45 -36.65
CA ALA A 366 -10.81 -1.71 -37.14
C ALA A 366 -11.84 -2.83 -37.09
N VAL A 367 -12.53 -2.95 -35.96
CA VAL A 367 -13.58 -3.94 -35.79
C VAL A 367 -14.64 -3.77 -36.87
N GLU A 368 -15.09 -2.56 -37.12
CA GLU A 368 -16.14 -2.30 -38.13
C GLU A 368 -15.63 -2.64 -39.53
N GLY A 369 -14.41 -2.25 -39.83
CA GLY A 369 -13.81 -2.52 -41.13
C GLY A 369 -13.46 -3.98 -41.39
N CYS A 370 -12.92 -4.66 -40.39
CA CYS A 370 -12.56 -6.08 -40.52
C CYS A 370 -13.75 -7.00 -40.43
N ARG A 371 -14.90 -6.47 -40.04
CA ARG A 371 -16.06 -7.29 -39.69
C ARG A 371 -16.29 -8.43 -40.66
N MET A 372 -16.27 -9.63 -40.12
CA MET A 372 -16.66 -10.83 -40.85
C MET A 372 -17.32 -11.84 -39.90
N SER A 373 -18.43 -12.40 -40.35
CA SER A 373 -19.15 -13.38 -39.57
C SER A 373 -18.42 -14.72 -39.53
N ILE A 374 -18.77 -15.54 -38.55
CA ILE A 374 -18.27 -16.92 -38.48
C ILE A 374 -18.63 -17.72 -39.73
N GLU A 375 -19.80 -17.45 -40.30
CA GLU A 375 -20.29 -18.19 -41.45
C GLU A 375 -19.51 -17.86 -42.72
N GLU A 376 -19.27 -16.57 -42.97
CA GLU A 376 -18.48 -16.18 -44.14
C GLU A 376 -17.04 -16.72 -44.07
N ALA A 377 -16.44 -16.65 -42.88
CA ALA A 377 -15.08 -17.14 -42.69
C ALA A 377 -14.98 -18.66 -42.89
N ALA A 378 -16.02 -19.38 -42.45
CA ALA A 378 -16.11 -20.81 -42.68
C ALA A 378 -16.15 -21.17 -44.20
N GLU A 379 -16.87 -20.38 -44.99
CA GLU A 379 -16.87 -20.55 -46.45
C GLU A 379 -15.47 -20.34 -47.03
N ILE A 380 -14.80 -19.28 -46.59
CA ILE A 380 -13.53 -18.89 -47.18
C ILE A 380 -12.42 -19.84 -46.73
N THR A 381 -12.34 -20.07 -45.43
CA THR A 381 -11.28 -20.89 -44.85
C THR A 381 -11.47 -22.41 -45.05
N GLY A 382 -12.72 -22.84 -45.26
CA GLY A 382 -13.05 -24.27 -45.32
C GLY A 382 -13.20 -24.93 -43.94
N LEU A 383 -13.02 -24.17 -42.87
CA LEU A 383 -13.18 -24.68 -41.51
C LEU A 383 -14.65 -24.81 -41.13
N ASP A 384 -14.93 -25.55 -40.06
CA ASP A 384 -16.26 -25.61 -39.50
C ASP A 384 -16.47 -24.40 -38.59
N ALA A 385 -17.69 -23.86 -38.58
CA ALA A 385 -18.07 -22.82 -37.63
C ALA A 385 -17.62 -23.16 -36.19
N ALA A 386 -17.87 -24.39 -35.75
CA ALA A 386 -17.50 -24.83 -34.40
C ALA A 386 -16.00 -24.64 -34.11
N GLN A 387 -15.18 -24.88 -35.12
CA GLN A 387 -13.73 -24.72 -35.00
C GLN A 387 -13.32 -23.26 -34.79
N ILE A 388 -13.96 -22.36 -35.54
CA ILE A 388 -13.59 -20.95 -35.47
C ILE A 388 -14.03 -20.34 -34.14
N ILE A 389 -15.21 -20.74 -33.68
CA ILE A 389 -15.74 -20.30 -32.38
C ILE A 389 -14.84 -20.81 -31.25
N LYS A 390 -14.44 -22.07 -31.35
CA LYS A 390 -13.55 -22.66 -30.35
C LYS A 390 -12.25 -21.86 -30.26
N ALA A 391 -11.68 -21.50 -31.40
CA ALA A 391 -10.44 -20.71 -31.42
C ALA A 391 -10.62 -19.39 -30.68
N ALA A 392 -11.75 -18.73 -30.90
CA ALA A 392 -12.01 -17.44 -30.25
C ALA A 392 -12.08 -17.65 -28.73
N GLU A 393 -12.74 -18.73 -28.32
CA GLU A 393 -12.82 -19.08 -26.91
C GLU A 393 -11.43 -19.31 -26.32
N TRP A 394 -10.59 -20.04 -27.05
CA TRP A 394 -9.25 -20.36 -26.57
C TRP A 394 -8.33 -19.19 -26.56
N ILE A 395 -8.65 -18.15 -27.33
CA ILE A 395 -7.86 -16.92 -27.37
C ILE A 395 -8.38 -15.87 -26.38
N GLY A 396 -9.70 -15.68 -26.33
CA GLY A 396 -10.28 -14.53 -25.63
C GLY A 396 -11.06 -14.76 -24.35
N MET A 397 -11.65 -15.94 -24.19
CA MET A 397 -12.54 -16.17 -23.06
C MET A 397 -11.80 -16.05 -21.75
N PRO A 398 -12.27 -15.16 -20.86
CA PRO A 398 -11.62 -15.04 -19.54
C PRO A 398 -11.56 -16.34 -18.77
N LYS A 399 -10.58 -16.42 -17.87
CA LYS A 399 -10.45 -17.59 -16.97
C LYS A 399 -11.42 -17.44 -15.78
N GLU A 400 -11.55 -18.51 -15.00
CA GLU A 400 -12.56 -18.61 -13.90
C GLU A 400 -12.94 -17.34 -13.14
N GLY A 401 -11.96 -16.60 -12.64
CA GLY A 401 -12.26 -15.42 -11.81
C GLY A 401 -12.41 -14.11 -12.55
N GLY A 402 -12.60 -14.16 -13.87
CA GLY A 402 -12.65 -12.97 -14.74
C GLY A 402 -11.30 -12.49 -15.23
N LYS A 403 -10.28 -13.32 -15.08
CA LYS A 403 -8.90 -12.93 -15.41
C LYS A 403 -8.61 -13.13 -16.90
N ARG A 404 -7.88 -12.20 -17.49
CA ARG A 404 -7.55 -12.21 -18.90
C ARG A 404 -6.75 -13.44 -19.28
N ARG A 405 -7.11 -14.09 -20.39
CA ARG A 405 -6.37 -15.22 -20.89
C ARG A 405 -5.09 -14.72 -21.54
N ARG A 406 -3.98 -15.32 -21.16
CA ARG A 406 -2.68 -14.97 -21.70
C ARG A 406 -2.37 -15.84 -22.90
N VAL A 407 -2.20 -15.17 -24.03
CA VAL A 407 -1.97 -15.84 -25.29
C VAL A 407 -0.69 -15.30 -25.91
N MET A 408 0.20 -16.19 -26.32
CA MET A 408 1.35 -15.82 -27.14
C MET A 408 1.02 -16.12 -28.61
N PHE A 409 1.05 -15.09 -29.44
CA PHE A 409 0.80 -15.23 -30.86
C PHE A 409 2.14 -15.26 -31.58
N GLY A 410 2.39 -16.35 -32.30
CA GLY A 410 3.62 -16.51 -33.05
C GLY A 410 3.33 -16.84 -34.50
N TYR A 411 4.07 -16.21 -35.40
CA TYR A 411 3.88 -16.45 -36.82
C TYR A 411 5.18 -16.45 -37.54
N GLU A 412 5.27 -17.24 -38.60
CA GLU A 412 6.42 -17.17 -39.48
C GLU A 412 5.95 -17.17 -40.95
N LYS A 413 6.56 -17.99 -41.80
CA LYS A 413 6.49 -17.74 -43.24
C LYS A 413 5.20 -18.20 -43.90
N GLY A 414 4.42 -19.01 -43.22
CA GLY A 414 3.09 -19.35 -43.71
C GLY A 414 2.27 -18.07 -43.81
N LEU A 415 2.49 -17.17 -42.88
CA LEU A 415 1.85 -15.87 -42.93
C LEU A 415 2.67 -14.92 -43.79
N ILE A 416 3.97 -14.78 -43.50
CA ILE A 416 4.77 -13.72 -44.10
C ILE A 416 4.89 -13.89 -45.63
N TRP A 417 5.01 -15.12 -46.11
CA TRP A 417 5.00 -15.39 -47.56
C TRP A 417 3.64 -15.85 -48.04
N GLY A 418 2.62 -15.69 -47.19
CA GLY A 418 1.26 -16.04 -47.55
C GLY A 418 0.53 -14.86 -48.19
N ASN A 419 -0.75 -15.05 -48.44
CA ASN A 419 -1.61 -14.09 -49.07
C ASN A 419 -1.65 -12.79 -48.27
N ASP A 420 -1.62 -11.66 -48.99
CA ASP A 420 -1.89 -10.32 -48.43
C ASP A 420 -1.11 -10.07 -47.16
N ASN A 421 0.20 -10.20 -47.26
CA ASN A 421 1.13 -10.01 -46.13
C ASN A 421 0.79 -8.81 -45.22
N TYR A 422 0.62 -7.63 -45.80
CA TYR A 422 0.41 -6.43 -45.01
C TYR A 422 -0.82 -6.57 -44.13
N ARG A 423 -1.94 -6.97 -44.76
CA ARG A 423 -3.20 -7.05 -44.04
C ARG A 423 -3.31 -8.25 -43.12
N THR A 424 -2.75 -9.39 -43.51
CA THR A 424 -2.80 -10.58 -42.65
C THR A 424 -2.01 -10.39 -41.37
N ASN A 425 -0.81 -9.82 -41.50
CA ASN A 425 0.06 -9.43 -40.37
C ASN A 425 -0.70 -8.52 -39.40
N GLY A 426 -1.39 -7.53 -39.95
CA GLY A 426 -2.16 -6.59 -39.15
C GLY A 426 -3.34 -7.25 -38.46
N ALA A 427 -4.02 -8.12 -39.17
CA ALA A 427 -5.15 -8.86 -38.63
C ALA A 427 -4.73 -9.68 -37.41
N LEU A 428 -3.57 -10.32 -37.48
CA LEU A 428 -3.04 -11.07 -36.36
C LEU A 428 -2.66 -10.14 -35.24
N VAL A 429 -2.03 -9.02 -35.57
CA VAL A 429 -1.61 -8.10 -34.51
C VAL A 429 -2.83 -7.52 -33.78
N ASN A 430 -3.91 -7.27 -34.52
CA ASN A 430 -5.18 -6.83 -33.95
C ASN A 430 -5.61 -7.71 -32.78
N LEU A 431 -5.49 -9.01 -32.92
CA LEU A 431 -5.88 -9.94 -31.87
C LEU A 431 -5.02 -9.79 -30.62
N ALA A 432 -3.72 -9.64 -30.83
CA ALA A 432 -2.78 -9.43 -29.73
C ALA A 432 -3.08 -8.13 -29.00
N LEU A 433 -3.28 -7.06 -29.76
CA LEU A 433 -3.58 -5.73 -29.17
C LEU A 433 -4.90 -5.72 -28.38
N ALA A 434 -5.92 -6.31 -28.95
CA ALA A 434 -7.25 -6.30 -28.35
C ALA A 434 -7.27 -7.10 -27.06
N THR A 435 -6.50 -8.17 -27.02
CA THR A 435 -6.44 -9.03 -25.83
C THR A 435 -5.33 -8.63 -24.83
N GLY A 436 -4.69 -7.49 -25.10
CA GLY A 436 -3.65 -6.98 -24.20
C GLY A 436 -2.46 -7.92 -24.03
N ASN A 437 -2.17 -8.71 -25.04
CA ASN A 437 -1.09 -9.68 -24.97
C ASN A 437 0.20 -9.17 -25.63
N ILE A 438 0.56 -7.91 -25.37
CA ILE A 438 1.84 -7.36 -25.80
C ILE A 438 2.51 -6.68 -24.61
N GLY A 439 3.77 -7.01 -24.37
CA GLY A 439 4.52 -6.45 -23.26
C GLY A 439 4.21 -7.04 -21.90
N ARG A 440 3.58 -8.21 -21.89
CA ARG A 440 3.21 -8.86 -20.63
C ARG A 440 3.62 -10.32 -20.59
N PRO A 441 3.84 -10.85 -19.38
CA PRO A 441 4.18 -12.25 -19.29
C PRO A 441 3.15 -13.15 -19.95
N GLY A 442 3.65 -14.16 -20.65
CA GLY A 442 2.80 -15.12 -21.33
C GLY A 442 2.17 -14.60 -22.60
N GLY A 443 2.65 -13.48 -23.10
CA GLY A 443 2.08 -12.84 -24.27
C GLY A 443 3.08 -12.68 -25.39
N GLY A 444 2.75 -11.79 -26.30
CA GLY A 444 3.60 -11.44 -27.41
C GLY A 444 2.87 -11.69 -28.71
N VAL A 445 3.15 -10.87 -29.70
CA VAL A 445 2.80 -11.17 -31.08
C VAL A 445 4.11 -11.02 -31.88
N VAL A 446 4.69 -12.14 -32.28
CA VAL A 446 6.08 -12.14 -32.70
C VAL A 446 6.35 -13.05 -33.90
N ARG A 447 7.32 -12.65 -34.71
CA ARG A 447 7.93 -13.59 -35.64
C ARG A 447 8.58 -14.65 -34.83
N LEU A 448 8.43 -15.89 -35.26
CA LEU A 448 9.22 -16.98 -34.70
C LEU A 448 10.52 -17.08 -35.45
N GLY A 449 10.59 -16.30 -36.53
CA GLY A 449 11.85 -15.93 -37.15
C GLY A 449 12.40 -17.02 -38.00
N GLY A 450 13.51 -16.72 -38.66
CA GLY A 450 14.17 -17.64 -39.56
C GLY A 450 15.64 -17.75 -39.25
N HIS A 451 16.42 -16.83 -39.81
CA HIS A 451 17.82 -16.69 -39.43
C HIS A 451 17.83 -15.94 -38.12
N GLN A 452 18.97 -15.95 -37.43
CA GLN A 452 19.20 -14.99 -36.36
C GLN A 452 19.26 -13.57 -36.92
N GLU A 453 19.17 -12.59 -36.04
CA GLU A 453 19.16 -11.17 -36.43
C GLU A 453 20.52 -10.54 -36.15
N GLY A 454 20.98 -9.70 -37.05
CA GLY A 454 22.25 -9.00 -36.86
C GLY A 454 22.38 -7.79 -37.77
N TYR A 455 21.37 -6.94 -37.75
CA TYR A 455 21.26 -5.83 -38.69
C TYR A 455 21.67 -4.52 -38.05
N VAL A 456 22.64 -3.86 -38.67
CA VAL A 456 22.87 -2.45 -38.39
C VAL A 456 23.45 -1.86 -39.66
N ARG A 457 22.85 -0.77 -40.12
CA ARG A 457 23.21 -0.16 -41.38
C ARG A 457 22.86 1.30 -41.37
N PRO A 458 23.50 2.07 -42.24
CA PRO A 458 23.06 3.44 -42.42
C PRO A 458 21.62 3.52 -42.93
N SER A 459 21.06 4.72 -42.82
CA SER A 459 19.73 5.04 -43.34
C SER A 459 19.52 4.46 -44.74
N ASP A 460 18.34 3.90 -44.93
CA ASP A 460 17.93 3.38 -46.22
C ASP A 460 16.83 4.22 -46.83
N ALA A 461 16.65 5.44 -46.35
CA ALA A 461 15.59 6.32 -46.85
C ALA A 461 15.58 6.38 -48.38
N HIS A 462 16.74 6.51 -49.01
CA HIS A 462 16.85 6.68 -50.48
C HIS A 462 16.26 5.57 -51.31
N VAL A 463 16.07 4.42 -50.68
CA VAL A 463 15.55 3.22 -51.35
C VAL A 463 14.08 3.32 -51.74
N GLY A 464 13.31 4.08 -50.97
CA GLY A 464 11.90 4.31 -51.28
C GLY A 464 11.02 3.22 -50.73
N ARG A 465 9.73 3.54 -50.65
CA ARG A 465 8.72 2.59 -50.25
C ARG A 465 7.48 2.82 -51.12
N PRO A 466 7.12 1.85 -51.97
CA PRO A 466 7.76 0.56 -52.26
C PRO A 466 9.12 0.71 -52.93
N ALA A 467 10.04 -0.17 -52.56
CA ALA A 467 11.37 -0.18 -53.14
C ALA A 467 11.37 -0.88 -54.52
N ALA A 468 12.44 -0.71 -55.31
CA ALA A 468 12.52 -1.33 -56.63
C ALA A 468 12.48 -2.88 -56.58
N TYR A 469 11.73 -3.46 -57.49
CA TYR A 469 11.62 -4.90 -57.67
C TYR A 469 12.81 -5.36 -58.48
N VAL A 470 13.90 -5.67 -57.80
CA VAL A 470 15.18 -5.91 -58.47
C VAL A 470 15.13 -7.04 -59.50
N ASP A 471 14.56 -8.17 -59.15
CA ASP A 471 14.45 -9.29 -60.11
C ASP A 471 13.79 -8.87 -61.41
N GLN A 472 12.78 -8.02 -61.34
CA GLN A 472 12.13 -7.57 -62.57
C GLN A 472 13.02 -6.66 -63.38
N LEU A 473 13.83 -5.84 -62.71
CA LEU A 473 14.82 -5.01 -63.43
C LEU A 473 15.80 -5.91 -64.19
N LEU A 474 16.32 -6.93 -63.52
CA LEU A 474 17.30 -7.82 -64.13
C LEU A 474 16.68 -8.59 -65.30
N ILE A 475 15.50 -9.16 -65.08
CA ILE A 475 14.78 -9.91 -66.11
C ILE A 475 14.44 -9.01 -67.30
N GLY A 476 14.25 -7.72 -67.04
CA GLY A 476 13.93 -6.75 -68.10
C GLY A 476 15.12 -6.15 -68.85
N GLY A 477 16.33 -6.60 -68.53
CA GLY A 477 17.54 -6.13 -69.20
C GLY A 477 18.15 -4.85 -68.68
N GLN A 478 17.68 -4.38 -67.53
CA GLN A 478 18.26 -3.17 -66.91
C GLN A 478 19.38 -3.56 -65.91
N GLY A 479 20.17 -2.57 -65.53
CA GLY A 479 21.31 -2.83 -64.64
C GLY A 479 22.54 -3.24 -65.41
N GLY A 480 23.70 -2.89 -64.89
CA GLY A 480 24.96 -3.17 -65.53
C GLY A 480 25.87 -4.09 -64.73
N VAL A 481 25.97 -3.83 -63.43
CA VAL A 481 26.87 -4.61 -62.57
C VAL A 481 26.08 -5.11 -61.39
N HIS A 482 26.34 -6.35 -60.98
CA HIS A 482 25.59 -7.01 -59.93
C HIS A 482 26.53 -7.56 -58.90
N HIS A 483 26.37 -7.13 -57.65
CA HIS A 483 27.17 -7.67 -56.54
C HIS A 483 26.29 -8.55 -55.72
N ILE A 484 26.65 -9.82 -55.61
CA ILE A 484 25.83 -10.79 -54.92
C ILE A 484 26.58 -11.25 -53.68
N TRP A 485 26.03 -10.91 -52.51
CA TRP A 485 26.63 -11.30 -51.24
C TRP A 485 25.77 -12.30 -50.50
N GLY A 486 26.26 -13.52 -50.33
CA GLY A 486 25.65 -14.49 -49.42
C GLY A 486 24.19 -14.84 -49.65
N CYS A 487 23.78 -14.96 -50.91
CA CYS A 487 22.49 -15.55 -51.24
C CYS A 487 22.57 -16.15 -52.64
N ASP A 488 21.65 -17.05 -52.96
CA ASP A 488 21.68 -17.78 -54.24
C ASP A 488 20.30 -17.84 -54.90
N HIS A 489 20.00 -16.80 -55.67
CA HIS A 489 18.69 -16.65 -56.30
C HIS A 489 18.36 -17.82 -57.17
N TYR A 490 19.37 -18.48 -57.72
CA TYR A 490 19.12 -19.59 -58.62
C TYR A 490 18.33 -20.68 -57.92
N LYS A 491 18.62 -20.89 -56.64
CA LYS A 491 17.85 -21.88 -55.85
C LYS A 491 16.68 -21.28 -55.10
N THR A 492 16.71 -19.99 -54.75
CA THR A 492 15.79 -19.45 -53.73
C THR A 492 14.94 -18.22 -54.09
N THR A 493 15.02 -17.68 -55.30
CA THR A 493 14.14 -16.54 -55.63
C THR A 493 12.80 -17.00 -56.18
N LEU A 494 11.87 -16.08 -56.33
CA LEU A 494 10.59 -16.38 -56.94
C LEU A 494 10.76 -16.31 -58.45
N ASN A 495 9.86 -16.93 -59.20
CA ASN A 495 9.90 -16.85 -60.65
C ASN A 495 11.32 -17.21 -61.12
N ALA A 496 11.88 -18.26 -60.51
CA ALA A 496 13.28 -18.61 -60.65
C ALA A 496 13.66 -19.16 -62.03
N HIS A 497 12.76 -19.86 -62.69
CA HIS A 497 13.06 -20.44 -63.99
C HIS A 497 13.30 -19.32 -65.00
N GLU A 498 12.42 -18.32 -65.05
CA GLU A 498 12.62 -17.17 -65.95
C GLU A 498 13.86 -16.40 -65.56
N PHE A 499 14.04 -16.19 -64.27
CA PHE A 499 15.23 -15.50 -63.75
C PHE A 499 16.51 -16.14 -64.26
N LYS A 500 16.59 -17.46 -64.17
CA LYS A 500 17.79 -18.16 -64.62
C LYS A 500 18.02 -18.07 -66.13
N ARG A 501 16.95 -18.10 -66.91
CA ARG A 501 17.10 -18.06 -68.35
C ARG A 501 17.70 -16.73 -68.75
N VAL A 502 17.19 -15.64 -68.18
CA VAL A 502 17.66 -14.30 -68.58
C VAL A 502 19.04 -14.02 -67.97
N TYR A 503 19.23 -14.37 -66.70
CA TYR A 503 20.54 -14.16 -66.05
C TYR A 503 21.69 -14.85 -66.79
N LYS A 504 21.48 -16.09 -67.20
CA LYS A 504 22.49 -16.82 -67.99
C LYS A 504 22.80 -16.08 -69.29
N LYS A 505 21.73 -15.67 -69.96
CA LYS A 505 21.85 -15.05 -71.28
C LYS A 505 22.57 -13.72 -71.19
N ARG A 506 22.29 -12.94 -70.15
CA ARG A 506 22.92 -11.64 -69.96
C ARG A 506 24.37 -11.74 -69.47
N THR A 507 24.66 -12.67 -68.56
CA THR A 507 26.04 -12.85 -68.10
C THR A 507 26.92 -13.50 -69.16
N ASP A 508 26.32 -14.36 -69.99
CA ASP A 508 27.03 -14.97 -71.14
C ASP A 508 27.60 -13.92 -72.09
N MET A 509 26.86 -12.82 -72.26
CA MET A 509 27.32 -11.76 -73.14
C MET A 509 28.65 -11.23 -72.66
N VAL A 510 28.76 -11.02 -71.36
CA VAL A 510 29.98 -10.52 -70.77
C VAL A 510 31.07 -11.61 -70.77
N LYS A 511 30.69 -12.87 -70.61
CA LYS A 511 31.64 -13.96 -70.68
C LYS A 511 32.29 -14.05 -72.06
N ASP A 512 31.47 -14.00 -73.11
CA ASP A 512 32.00 -14.02 -74.48
C ASP A 512 32.93 -12.86 -74.71
N ALA A 513 32.54 -11.69 -74.24
CA ALA A 513 33.42 -10.52 -74.36
C ALA A 513 34.76 -10.74 -73.65
N MET A 514 34.71 -11.23 -72.42
CA MET A 514 35.93 -11.45 -71.65
C MET A 514 36.84 -12.52 -72.23
N SER A 515 36.25 -13.61 -72.73
CA SER A 515 37.03 -14.66 -73.37
C SER A 515 37.80 -14.18 -74.61
N ALA A 516 37.25 -13.22 -75.33
CA ALA A 516 37.82 -12.76 -76.60
C ALA A 516 38.77 -11.58 -76.45
N ALA A 517 38.91 -11.10 -75.21
CA ALA A 517 39.69 -9.91 -74.92
C ALA A 517 40.98 -10.29 -74.21
N PRO A 518 42.02 -9.46 -74.35
CA PRO A 518 43.27 -9.73 -73.66
C PRO A 518 43.19 -9.27 -72.20
N TYR A 519 43.44 -10.18 -71.25
CA TYR A 519 43.35 -9.85 -69.84
C TYR A 519 44.57 -9.06 -69.36
N GLY A 520 45.76 -9.46 -69.80
CA GLY A 520 46.99 -8.82 -69.39
C GLY A 520 47.07 -7.34 -69.71
N ASP A 521 46.27 -6.90 -70.69
CA ASP A 521 45.98 -5.48 -70.93
C ASP A 521 44.64 -5.17 -70.29
N ARG A 522 44.66 -4.76 -69.02
CA ARG A 522 43.43 -4.69 -68.22
C ARG A 522 42.48 -3.59 -68.68
N GLU A 523 43.00 -2.50 -69.25
CA GLU A 523 42.12 -1.44 -69.75
C GLU A 523 41.26 -1.94 -70.93
N ALA A 524 41.84 -2.77 -71.78
CA ALA A 524 41.10 -3.34 -72.91
C ALA A 524 40.04 -4.33 -72.42
N MET A 525 40.39 -5.10 -71.39
CA MET A 525 39.45 -6.04 -70.78
C MET A 525 38.23 -5.34 -70.18
N VAL A 526 38.46 -4.22 -69.49
CA VAL A 526 37.40 -3.49 -68.83
C VAL A 526 36.51 -2.79 -69.86
N ASN A 527 37.12 -2.24 -70.90
CA ASN A 527 36.37 -1.64 -71.99
C ASN A 527 35.51 -2.68 -72.69
N ALA A 528 36.02 -3.90 -72.82
CA ALA A 528 35.23 -4.98 -73.45
C ALA A 528 34.06 -5.38 -72.55
N ILE A 529 34.29 -5.43 -71.24
CA ILE A 529 33.19 -5.72 -70.30
C ILE A 529 32.13 -4.63 -70.41
N VAL A 530 32.55 -3.37 -70.42
CA VAL A 530 31.59 -2.27 -70.44
C VAL A 530 30.81 -2.20 -71.75
N ASP A 531 31.46 -2.53 -72.87
CA ASP A 531 30.76 -2.61 -74.17
C ASP A 531 29.67 -3.68 -74.15
N ALA A 532 29.99 -4.85 -73.58
CA ALA A 532 29.02 -5.91 -73.44
C ALA A 532 27.84 -5.48 -72.55
N ILE A 533 28.14 -4.76 -71.46
CA ILE A 533 27.08 -4.23 -70.58
C ILE A 533 26.20 -3.23 -71.33
N ASN A 534 26.81 -2.31 -72.07
CA ASN A 534 26.05 -1.33 -72.87
C ASN A 534 25.08 -2.01 -73.82
N GLN A 535 25.44 -3.19 -74.31
CA GLN A 535 24.57 -3.97 -75.23
C GLN A 535 23.50 -4.79 -74.53
N GLY A 536 23.52 -4.81 -73.20
CA GLY A 536 22.48 -5.49 -72.45
C GLY A 536 22.97 -6.59 -71.56
N GLY A 537 24.30 -6.79 -71.52
CA GLY A 537 24.89 -7.79 -70.65
C GLY A 537 24.87 -7.38 -69.19
N LEU A 538 25.35 -8.26 -68.32
CA LEU A 538 25.48 -8.00 -66.89
C LEU A 538 26.81 -8.58 -66.42
N PHE A 539 27.57 -7.78 -65.67
CA PHE A 539 28.81 -8.23 -65.03
C PHE A 539 28.48 -8.53 -63.58
N ALA A 540 28.74 -9.75 -63.15
CA ALA A 540 28.26 -10.25 -61.86
C ALA A 540 29.41 -10.68 -60.98
N VAL A 541 29.39 -10.24 -59.71
CA VAL A 541 30.43 -10.56 -58.75
C VAL A 541 29.80 -11.27 -57.56
N ASN A 542 30.31 -12.45 -57.23
CA ASN A 542 29.70 -13.29 -56.17
C ASN A 542 30.62 -13.35 -54.97
N VAL A 543 30.11 -13.01 -53.79
CA VAL A 543 30.89 -13.16 -52.55
C VAL A 543 30.23 -14.27 -51.75
N ASP A 544 30.94 -15.37 -51.52
CA ASP A 544 30.32 -16.55 -50.95
C ASP A 544 31.39 -17.46 -50.34
N ILE A 545 30.95 -18.58 -49.78
CA ILE A 545 31.83 -19.56 -49.14
C ILE A 545 31.98 -20.85 -49.96
N ILE A 546 31.03 -21.12 -50.86
CA ILE A 546 31.11 -22.28 -51.77
C ILE A 546 30.94 -21.85 -53.22
N PRO A 547 31.23 -22.73 -54.18
CA PRO A 547 30.78 -22.48 -55.54
C PRO A 547 29.26 -22.61 -55.60
N THR A 548 28.57 -21.48 -55.74
CA THR A 548 27.11 -21.45 -55.75
C THR A 548 26.54 -21.76 -57.14
N LYS A 549 25.22 -21.89 -57.21
CA LYS A 549 24.52 -22.03 -58.49
C LYS A 549 24.54 -20.75 -59.34
N ILE A 550 24.10 -19.65 -58.75
CA ILE A 550 24.18 -18.34 -59.45
C ILE A 550 25.64 -18.00 -59.77
N GLY A 551 26.57 -18.51 -58.97
CA GLY A 551 28.00 -18.34 -59.22
C GLY A 551 28.48 -18.93 -60.53
N GLU A 552 27.78 -19.92 -61.05
CA GLU A 552 28.14 -20.43 -62.36
C GLU A 552 27.89 -19.40 -63.46
N ALA A 553 27.21 -18.30 -63.13
CA ALA A 553 26.99 -17.24 -64.10
C ALA A 553 27.87 -16.02 -63.83
N CYS A 554 28.53 -15.98 -62.67
CA CYS A 554 29.31 -14.80 -62.29
C CYS A 554 30.71 -14.77 -62.92
N HIS A 555 31.29 -13.57 -62.99
CA HIS A 555 32.60 -13.36 -63.62
C HIS A 555 33.72 -13.18 -62.62
N VAL A 556 33.38 -12.90 -61.37
CA VAL A 556 34.37 -12.86 -60.32
C VAL A 556 33.76 -13.48 -59.09
N ILE A 557 34.52 -14.32 -58.43
CA ILE A 557 34.08 -14.92 -57.20
C ILE A 557 35.10 -14.57 -56.12
N LEU A 558 34.61 -14.06 -54.99
CA LEU A 558 35.44 -13.64 -53.87
C LEU A 558 35.11 -14.52 -52.66
N PRO A 559 36.12 -15.15 -52.06
CA PRO A 559 35.84 -16.13 -51.01
C PRO A 559 35.67 -15.51 -49.63
N ALA A 560 34.56 -15.83 -48.96
CA ALA A 560 34.26 -15.31 -47.60
C ALA A 560 34.67 -16.28 -46.50
N ALA A 561 34.93 -15.75 -45.31
CA ALA A 561 35.08 -16.55 -44.09
C ALA A 561 33.76 -16.47 -43.39
N THR A 562 33.39 -17.51 -42.67
CA THR A 562 32.09 -17.61 -42.04
C THR A 562 32.25 -17.78 -40.54
N SER A 563 31.13 -17.75 -39.83
CA SER A 563 31.16 -17.72 -38.36
C SER A 563 31.98 -18.88 -37.82
N GLY A 564 32.82 -18.58 -36.83
CA GLY A 564 33.77 -19.56 -36.28
C GLY A 564 35.18 -19.33 -36.78
N GLU A 565 35.27 -18.92 -38.04
CA GLU A 565 36.52 -18.54 -38.67
C GLU A 565 36.73 -17.06 -38.44
N MET A 566 35.69 -16.43 -37.93
CA MET A 566 35.73 -15.04 -37.53
C MET A 566 34.91 -14.89 -36.25
N ASN A 567 35.14 -13.81 -35.53
CA ASN A 567 34.26 -13.42 -34.47
C ASN A 567 32.99 -12.91 -35.11
N LEU A 568 31.86 -13.16 -34.47
CA LEU A 568 30.58 -12.73 -35.04
C LEU A 568 29.54 -12.49 -33.97
N THR A 569 28.73 -11.45 -34.16
CA THR A 569 27.71 -11.11 -33.18
C THR A 569 26.33 -11.10 -33.81
N SER A 570 25.36 -11.61 -33.08
CA SER A 570 23.96 -11.63 -33.52
C SER A 570 23.02 -11.83 -32.35
N MET A 571 21.74 -11.61 -32.60
CA MET A 571 20.72 -11.87 -31.59
C MET A 571 19.74 -12.92 -32.11
N ASN A 572 19.17 -13.67 -31.17
CA ASN A 572 18.14 -14.67 -31.48
C ASN A 572 16.73 -14.06 -31.41
N GLY A 573 15.73 -14.92 -31.41
CA GLY A 573 14.33 -14.48 -31.59
C GLY A 573 13.74 -13.87 -30.33
N GLU A 574 14.61 -13.70 -29.35
CA GLU A 574 14.32 -13.18 -28.03
C GLU A 574 15.09 -11.89 -27.79
N ARG A 575 15.73 -11.40 -28.85
CA ARG A 575 16.72 -10.32 -28.81
C ARG A 575 17.98 -10.65 -28.01
N ARG A 576 18.28 -11.93 -27.83
CA ARG A 576 19.42 -12.31 -26.99
C ARG A 576 20.69 -12.25 -27.82
N MET A 577 21.52 -11.26 -27.51
CA MET A 577 22.74 -10.99 -28.28
C MET A 577 23.94 -11.75 -27.72
N ARG A 578 24.74 -12.31 -28.62
CA ARG A 578 25.95 -13.02 -28.23
C ARG A 578 27.10 -12.89 -29.19
N LEU A 579 28.30 -13.10 -28.66
CA LEU A 579 29.52 -13.17 -29.45
C LEU A 579 29.84 -14.62 -29.70
N THR A 580 30.11 -14.95 -30.96
CA THR A 580 30.67 -16.25 -31.28
C THR A 580 32.14 -16.01 -31.45
N GLU A 581 32.93 -16.60 -30.56
CA GLU A 581 34.38 -16.39 -30.53
C GLU A 581 35.06 -17.28 -31.57
N ARG A 582 35.90 -16.68 -32.39
CA ARG A 582 36.67 -17.41 -33.40
C ARG A 582 37.43 -18.58 -32.80
N TYR A 583 37.30 -19.75 -33.41
CA TYR A 583 38.04 -20.95 -32.98
C TYR A 583 38.86 -21.65 -34.08
N MET A 584 38.74 -21.18 -35.31
CA MET A 584 39.51 -21.72 -36.41
C MET A 584 39.86 -20.65 -37.43
N ASP A 585 40.67 -21.02 -38.41
CA ASP A 585 41.10 -20.08 -39.47
C ASP A 585 40.18 -20.19 -40.68
N PRO A 586 40.05 -19.09 -41.45
CA PRO A 586 39.38 -19.18 -42.73
C PRO A 586 40.15 -20.09 -43.66
N PRO A 587 39.44 -20.87 -44.49
CA PRO A 587 40.14 -21.67 -45.48
C PRO A 587 40.89 -20.81 -46.48
N GLY A 588 42.06 -21.27 -46.88
CA GLY A 588 42.85 -20.58 -47.90
C GLY A 588 43.00 -19.10 -47.61
N GLN A 589 42.63 -18.28 -48.57
CA GLN A 589 42.78 -16.83 -48.48
C GLN A 589 41.46 -16.10 -48.27
N SER A 590 40.45 -16.85 -47.84
CA SER A 590 39.12 -16.30 -47.68
C SER A 590 39.13 -15.28 -46.55
N MET A 591 38.24 -14.30 -46.65
CA MET A 591 38.18 -13.28 -45.62
C MET A 591 36.74 -12.90 -45.26
N PRO A 592 36.51 -12.46 -44.02
CA PRO A 592 35.18 -12.06 -43.58
C PRO A 592 34.54 -11.02 -44.51
N ASP A 593 33.23 -11.08 -44.65
CA ASP A 593 32.50 -10.19 -45.57
C ASP A 593 32.68 -8.71 -45.24
N CYS A 594 32.66 -8.37 -43.97
CA CYS A 594 32.91 -6.99 -43.60
C CYS A 594 34.29 -6.52 -44.09
N LEU A 595 35.28 -7.37 -44.03
CA LEU A 595 36.61 -6.96 -44.49
C LEU A 595 36.68 -6.93 -46.00
N ILE A 596 35.97 -7.87 -46.66
CA ILE A 596 35.88 -7.84 -48.12
C ILE A 596 35.31 -6.47 -48.56
N ALA A 597 34.23 -6.06 -47.92
CA ALA A 597 33.62 -4.75 -48.15
C ALA A 597 34.62 -3.63 -47.94
N ALA A 598 35.33 -3.67 -46.82
CA ALA A 598 36.35 -2.66 -46.55
C ALA A 598 37.39 -2.63 -47.67
N ARG A 599 37.89 -3.79 -48.07
CA ARG A 599 38.92 -3.85 -49.09
C ARG A 599 38.38 -3.37 -50.44
N LEU A 600 37.09 -3.63 -50.68
CA LEU A 600 36.48 -3.22 -51.93
C LEU A 600 36.33 -1.70 -51.92
N ALA A 601 35.85 -1.17 -50.81
CA ALA A 601 35.82 0.28 -50.58
C ALA A 601 37.19 0.92 -50.83
N ASN A 602 38.23 0.33 -50.28
CA ASN A 602 39.58 0.87 -50.45
C ASN A 602 40.01 0.88 -51.91
N THR A 603 39.65 -0.17 -52.66
CA THR A 603 39.99 -0.28 -54.08
C THR A 603 39.17 0.73 -54.88
N MET A 604 37.91 0.94 -54.49
CA MET A 604 37.11 1.99 -55.12
C MET A 604 37.76 3.36 -54.91
N GLU A 605 38.23 3.63 -53.71
CA GLU A 605 38.92 4.87 -53.43
C GLU A 605 40.14 5.04 -54.34
N ARG A 606 40.93 3.98 -54.46
CA ARG A 606 42.16 4.03 -55.27
C ARG A 606 41.83 4.21 -56.74
N VAL A 607 40.88 3.45 -57.24
CA VAL A 607 40.54 3.47 -58.67
C VAL A 607 39.88 4.79 -59.09
N LEU A 608 38.94 5.27 -58.28
CA LEU A 608 38.31 6.56 -58.56
C LEU A 608 39.33 7.68 -58.48
N THR A 609 40.27 7.60 -57.54
CA THR A 609 41.32 8.61 -57.47
C THR A 609 42.09 8.64 -58.78
N GLU A 610 42.48 7.48 -59.30
CA GLU A 610 43.21 7.36 -60.58
C GLU A 610 42.42 7.92 -61.77
N MET A 611 41.11 7.67 -61.79
CA MET A 611 40.22 8.19 -62.84
C MET A 611 40.04 9.70 -62.75
N GLY A 612 40.36 10.26 -61.59
CA GLY A 612 40.35 11.70 -61.40
C GLY A 612 39.10 12.22 -60.73
N ASP A 613 38.23 11.33 -60.26
CA ASP A 613 37.07 11.78 -59.51
C ASP A 613 37.34 11.71 -58.02
N VAL A 614 38.16 12.65 -57.55
CA VAL A 614 38.62 12.69 -56.16
C VAL A 614 37.49 12.94 -55.17
N GLY A 615 36.51 13.73 -55.59
CA GLY A 615 35.32 14.00 -54.79
C GLY A 615 34.55 12.73 -54.47
N TYR A 616 34.31 11.93 -55.50
CA TYR A 616 33.59 10.68 -55.32
C TYR A 616 34.47 9.65 -54.60
N ALA A 617 35.77 9.65 -54.88
CA ALA A 617 36.71 8.79 -54.15
C ALA A 617 36.60 8.97 -52.64
N ALA A 618 36.51 10.24 -52.21
CA ALA A 618 36.47 10.59 -50.77
C ALA A 618 35.27 9.97 -50.04
N GLN A 619 34.19 9.69 -50.76
CA GLN A 619 33.02 9.03 -50.16
C GLN A 619 33.32 7.61 -49.66
N PHE A 620 34.37 6.99 -50.16
CA PHE A 620 34.74 5.61 -49.79
C PHE A 620 35.78 5.49 -48.67
N LYS A 621 36.00 6.58 -47.95
CA LYS A 621 36.83 6.51 -46.74
C LYS A 621 36.00 5.95 -45.59
N GLY A 622 36.66 5.68 -44.47
CA GLY A 622 36.03 5.11 -43.28
C GLY A 622 36.03 3.59 -43.28
N PHE A 623 36.99 3.00 -43.99
CA PHE A 623 37.10 1.54 -44.09
C PHE A 623 38.52 1.07 -43.84
N ASP A 624 39.12 1.54 -42.77
CA ASP A 624 40.49 1.17 -42.46
C ASP A 624 40.57 -0.05 -41.54
N TRP A 625 39.60 -0.95 -41.67
CA TRP A 625 39.44 -2.09 -40.75
C TRP A 625 40.40 -3.21 -41.02
N GLN A 626 41.05 -3.70 -39.98
CA GLN A 626 41.95 -4.87 -40.14
C GLN A 626 41.37 -6.17 -39.56
N THR A 627 40.37 -6.04 -38.69
CA THR A 627 39.74 -7.20 -38.08
C THR A 627 38.24 -6.94 -37.93
N GLU A 628 37.47 -8.00 -37.79
CA GLU A 628 36.00 -7.87 -37.74
C GLU A 628 35.53 -7.01 -36.57
N GLU A 629 36.26 -7.05 -35.47
CA GLU A 629 35.92 -6.21 -34.32
C GLU A 629 35.88 -4.73 -34.68
N ASP A 630 36.70 -4.33 -35.64
CA ASP A 630 36.72 -2.96 -36.09
C ASP A 630 35.39 -2.59 -36.74
N ALA A 631 34.81 -3.51 -37.48
CA ALA A 631 33.45 -3.31 -38.06
C ALA A 631 32.35 -3.25 -36.98
N PHE A 632 32.50 -4.05 -35.94
CA PHE A 632 31.57 -4.04 -34.82
C PHE A 632 31.53 -2.70 -34.12
N MET A 633 32.72 -2.16 -33.87
CA MET A 633 32.84 -0.91 -33.15
C MET A 633 32.36 0.28 -33.97
N ASP A 634 32.65 0.29 -35.27
CA ASP A 634 32.18 1.37 -36.15
C ASP A 634 30.67 1.31 -36.40
N GLY A 635 30.09 0.13 -36.27
CA GLY A 635 28.68 -0.09 -36.55
C GLY A 635 27.83 -0.19 -35.30
N TYR A 636 27.73 -1.41 -34.76
CA TYR A 636 26.86 -1.68 -33.62
C TYR A 636 27.13 -0.73 -32.46
N ASN A 637 28.38 -0.65 -32.04
CA ASN A 637 28.76 0.09 -30.85
C ASN A 637 28.35 1.55 -30.94
N LYS A 638 28.58 2.16 -32.10
CA LYS A 638 28.25 3.56 -32.32
C LYS A 638 26.81 3.82 -32.77
N ASN A 639 26.10 2.79 -33.26
CA ASN A 639 24.80 3.04 -33.96
C ASN A 639 23.58 2.31 -33.43
N ALA A 640 23.77 1.19 -32.74
CA ALA A 640 22.63 0.45 -32.19
C ALA A 640 22.14 1.15 -30.92
N HIS A 641 20.86 0.98 -30.59
CA HIS A 641 20.32 1.48 -29.32
C HIS A 641 21.02 0.79 -28.20
N GLY A 642 21.69 1.56 -27.35
CA GLY A 642 22.46 1.00 -26.24
C GLY A 642 23.77 0.34 -26.62
N GLY A 643 24.23 0.54 -27.86
CA GLY A 643 25.49 -0.02 -28.34
C GLY A 643 26.74 0.38 -27.55
N GLU A 644 26.72 1.60 -27.02
CA GLU A 644 27.80 2.13 -26.18
C GLU A 644 28.16 1.20 -25.03
N PHE A 645 27.21 0.37 -24.61
CA PHE A 645 27.42 -0.56 -23.50
C PHE A 645 28.07 -1.89 -23.88
N VAL A 646 28.16 -2.17 -25.18
CA VAL A 646 28.57 -3.50 -25.66
C VAL A 646 29.93 -3.51 -26.34
N THR A 647 30.77 -4.44 -25.90
CA THR A 647 32.06 -4.72 -26.52
C THR A 647 32.29 -6.22 -26.53
N TYR A 648 33.23 -6.65 -27.38
CA TYR A 648 33.60 -8.08 -27.48
C TYR A 648 33.98 -8.62 -26.11
N GLU A 649 34.84 -7.90 -25.43
CA GLU A 649 35.31 -8.27 -24.10
C GLU A 649 34.15 -8.48 -23.12
N ARG A 650 33.22 -7.53 -23.12
CA ARG A 650 32.05 -7.62 -22.24
C ARG A 650 31.07 -8.75 -22.63
N LEU A 651 30.77 -8.89 -23.92
CA LEU A 651 29.93 -10.00 -24.38
C LEU A 651 30.52 -11.38 -24.05
N SER A 652 31.82 -11.52 -24.26
CA SER A 652 32.55 -12.73 -23.92
C SER A 652 32.37 -13.17 -22.47
N ALA A 653 32.44 -12.23 -21.54
CA ALA A 653 32.26 -12.54 -20.11
C ALA A 653 30.84 -13.05 -19.79
N MET A 654 29.88 -12.67 -20.61
CA MET A 654 28.50 -13.07 -20.42
C MET A 654 28.12 -14.44 -20.99
N GLY A 655 29.01 -15.01 -21.81
CA GLY A 655 28.86 -16.39 -22.25
C GLY A 655 27.75 -16.56 -23.25
N THR A 656 27.30 -17.80 -23.40
CA THR A 656 26.25 -18.13 -24.37
C THR A 656 24.87 -17.58 -23.97
N ASN A 657 24.70 -17.16 -22.72
CA ASN A 657 23.46 -16.52 -22.28
C ASN A 657 23.36 -15.05 -22.71
N GLY A 658 24.51 -14.42 -22.97
CA GLY A 658 24.57 -13.01 -23.34
C GLY A 658 23.64 -12.11 -22.57
N PHE A 659 22.91 -11.28 -23.30
CA PHE A 659 21.93 -10.37 -22.73
C PHE A 659 20.91 -10.05 -23.82
N GLN A 660 19.74 -9.57 -23.42
CA GLN A 660 18.68 -9.24 -24.35
C GLN A 660 18.70 -7.78 -24.72
N GLU A 661 18.75 -7.50 -26.03
CA GLU A 661 18.82 -6.13 -26.52
C GLU A 661 17.49 -5.43 -26.32
N PRO A 662 17.50 -4.10 -26.20
CA PRO A 662 18.68 -3.25 -26.14
C PRO A 662 19.32 -3.23 -24.76
N ALA A 663 20.64 -3.03 -24.73
CA ALA A 663 21.36 -2.82 -23.49
C ALA A 663 20.89 -1.50 -22.89
N THR A 664 20.72 -1.47 -21.57
CA THR A 664 20.33 -0.23 -20.90
C THR A 664 21.43 0.26 -19.95
N GLY A 665 22.51 -0.51 -19.84
CA GLY A 665 23.56 -0.20 -18.88
C GLY A 665 24.60 -1.29 -18.70
N PHE A 666 25.62 -0.99 -17.90
CA PHE A 666 26.68 -1.93 -17.57
C PHE A 666 27.15 -1.77 -16.12
N THR A 667 26.89 -2.78 -15.28
CA THR A 667 27.29 -2.78 -13.88
C THR A 667 27.97 -4.09 -13.49
N ASP A 668 29.10 -3.98 -12.80
CA ASP A 668 29.84 -5.11 -12.23
C ASP A 668 29.95 -6.30 -13.18
N GLY A 669 30.56 -6.05 -14.33
CA GLY A 669 30.79 -7.08 -15.36
C GLY A 669 29.56 -7.67 -16.02
N LYS A 670 28.46 -6.93 -16.04
CA LYS A 670 27.22 -7.42 -16.65
C LYS A 670 26.50 -6.37 -17.50
N ILE A 671 26.29 -6.71 -18.77
CA ILE A 671 25.46 -5.90 -19.65
C ILE A 671 24.01 -6.09 -19.25
N GLU A 672 23.39 -4.97 -18.94
CA GLU A 672 22.04 -4.92 -18.42
C GLU A 672 21.09 -4.81 -19.59
N GLY A 673 20.09 -5.67 -19.63
CA GLY A 673 19.23 -5.82 -20.82
C GLY A 673 17.74 -5.63 -20.60
N THR A 674 16.97 -5.99 -21.62
CA THR A 674 15.53 -5.77 -21.67
C THR A 674 14.82 -7.11 -21.99
N GLN A 675 14.15 -7.66 -20.99
CA GLN A 675 13.48 -8.96 -21.13
C GLN A 675 12.33 -8.93 -22.16
N ARG A 676 11.46 -7.93 -22.03
CA ARG A 676 10.33 -7.76 -22.94
C ARG A 676 10.23 -6.33 -23.40
N LEU A 677 9.80 -6.12 -24.63
CA LEU A 677 9.47 -4.77 -25.12
C LEU A 677 8.05 -4.34 -24.72
N TYR A 678 7.84 -3.03 -24.62
CA TYR A 678 6.50 -2.44 -24.43
C TYR A 678 5.83 -2.78 -23.09
N THR A 679 6.65 -3.05 -22.06
CA THR A 679 6.11 -3.35 -20.74
C THR A 679 5.39 -2.13 -20.14
N ASP A 680 5.77 -0.94 -20.60
CA ASP A 680 5.13 0.33 -20.17
C ASP A 680 3.92 0.75 -21.04
N GLY A 681 3.64 0.01 -22.10
CA GLY A 681 2.50 0.34 -22.98
C GLY A 681 2.75 1.52 -23.91
N VAL A 682 4.02 1.84 -24.14
CA VAL A 682 4.43 2.91 -25.02
C VAL A 682 5.07 2.29 -26.25
N PHE A 683 4.43 2.49 -27.39
CA PHE A 683 4.79 1.79 -28.62
C PHE A 683 5.68 2.61 -29.54
N SER A 684 6.13 2.00 -30.64
CA SER A 684 7.11 2.60 -31.55
C SER A 684 6.46 3.49 -32.60
N THR A 685 5.78 4.51 -32.14
CA THR A 685 5.18 5.50 -33.03
C THR A 685 5.49 6.91 -32.50
N ASP A 686 5.29 7.91 -33.34
CA ASP A 686 5.55 9.30 -32.94
C ASP A 686 4.83 9.62 -31.61
N ASP A 687 3.54 9.33 -31.50
CA ASP A 687 2.78 9.61 -30.27
C ASP A 687 2.80 8.48 -29.22
N GLY A 688 3.49 7.38 -29.49
CA GLY A 688 3.56 6.26 -28.54
C GLY A 688 2.34 5.37 -28.37
N LYS A 689 1.36 5.51 -29.26
CA LYS A 689 0.16 4.65 -29.22
C LYS A 689 0.23 3.61 -30.33
N ALA A 690 -0.17 2.39 -30.02
CA ALA A 690 -0.28 1.35 -31.06
C ALA A 690 -1.49 1.68 -31.91
N ARG A 691 -1.46 1.24 -33.16
CA ARG A 691 -2.60 1.35 -34.05
C ARG A 691 -3.15 -0.03 -34.33
N PHE A 692 -4.46 -0.12 -34.45
CA PHE A 692 -5.11 -1.29 -35.02
C PHE A 692 -5.14 -1.14 -36.54
N MET A 693 -5.50 -2.22 -37.23
CA MET A 693 -5.58 -2.20 -38.68
C MET A 693 -6.94 -2.64 -39.21
N ASP A 694 -7.54 -1.73 -39.97
CA ASP A 694 -8.75 -1.97 -40.72
C ASP A 694 -8.30 -2.71 -41.99
N ALA A 695 -8.49 -4.01 -42.01
CA ALA A 695 -7.83 -4.90 -42.95
C ALA A 695 -8.78 -5.92 -43.56
N PRO A 696 -9.70 -5.46 -44.42
CA PRO A 696 -10.74 -6.38 -44.87
C PRO A 696 -10.20 -7.37 -45.89
N TRP A 697 -10.76 -8.56 -45.88
CA TRP A 697 -10.46 -9.62 -46.82
C TRP A 697 -10.79 -9.17 -48.22
N ARG A 698 -9.87 -9.43 -49.16
CA ARG A 698 -10.07 -9.07 -50.58
C ARG A 698 -9.56 -10.19 -51.51
N GLY A 699 -9.72 -11.44 -51.09
CA GLY A 699 -9.27 -12.58 -51.86
C GLY A 699 -7.77 -12.75 -51.91
N LEU A 700 -7.29 -13.49 -52.92
CA LEU A 700 -5.88 -13.59 -53.19
C LEU A 700 -5.49 -12.28 -53.84
N GLN A 701 -4.59 -11.52 -53.24
CA GLN A 701 -4.32 -10.17 -53.78
C GLN A 701 -3.18 -10.03 -54.76
N ALA A 702 -2.23 -10.95 -54.75
CA ALA A 702 -1.08 -10.84 -55.66
C ALA A 702 -1.53 -11.16 -57.09
N PRO A 703 -1.06 -10.38 -58.07
CA PRO A 703 -1.52 -10.63 -59.46
C PRO A 703 -1.24 -12.04 -59.92
N GLY A 704 -2.19 -12.61 -60.64
CA GLY A 704 -2.01 -13.94 -61.25
C GLY A 704 -2.44 -15.13 -60.39
N LYS A 705 -2.56 -14.91 -59.09
CA LYS A 705 -2.71 -16.01 -58.17
C LYS A 705 -4.01 -16.78 -58.30
N GLN A 706 -5.14 -16.07 -58.33
CA GLN A 706 -6.44 -16.73 -58.48
C GLN A 706 -6.45 -17.52 -59.80
N GLN A 707 -5.94 -16.89 -60.86
CA GLN A 707 -5.84 -17.52 -62.17
C GLN A 707 -4.98 -18.79 -62.11
N GLN A 708 -3.85 -18.74 -61.40
CA GLN A 708 -2.97 -19.89 -61.34
C GLN A 708 -3.66 -21.04 -60.60
N LYS A 709 -4.33 -20.70 -59.49
CA LYS A 709 -5.13 -21.67 -58.73
C LYS A 709 -6.22 -22.31 -59.57
N ASP A 710 -6.95 -21.50 -60.33
CA ASP A 710 -8.10 -21.97 -61.10
C ASP A 710 -7.71 -22.86 -62.29
N SER A 711 -6.50 -22.71 -62.79
CA SER A 711 -6.12 -23.41 -64.02
C SER A 711 -5.10 -24.52 -63.83
N HIS A 712 -4.84 -24.89 -62.58
CA HIS A 712 -3.92 -26.00 -62.28
C HIS A 712 -4.47 -26.91 -61.23
N LYS A 713 -3.97 -28.15 -61.19
CA LYS A 713 -4.58 -29.20 -60.40
C LYS A 713 -4.24 -29.21 -58.91
N TYR A 714 -2.98 -28.98 -58.57
CA TYR A 714 -2.49 -29.12 -57.18
C TYR A 714 -1.97 -27.83 -56.54
N LEU A 715 -2.16 -27.72 -55.23
CA LEU A 715 -1.44 -26.74 -54.43
C LEU A 715 -0.02 -27.23 -54.31
N ILE A 716 0.94 -26.38 -54.62
CA ILE A 716 2.36 -26.73 -54.42
C ILE A 716 2.84 -25.90 -53.25
N ASN A 717 2.36 -26.26 -52.07
CA ASN A 717 2.84 -25.68 -50.82
C ASN A 717 4.34 -25.98 -50.81
N ASN A 718 5.10 -25.27 -49.99
CA ASN A 718 6.56 -25.36 -50.02
C ASN A 718 7.15 -24.77 -48.77
N GLY A 719 8.39 -25.17 -48.48
CA GLY A 719 8.99 -24.87 -47.19
C GLY A 719 10.13 -25.79 -46.79
N ARG A 720 10.37 -25.85 -45.48
CA ARG A 720 11.52 -26.51 -44.88
C ARG A 720 11.34 -27.98 -44.58
N ALA A 721 12.46 -28.66 -44.48
CA ALA A 721 12.58 -29.99 -43.88
C ALA A 721 13.52 -29.87 -42.69
N ASN A 722 13.26 -30.66 -41.66
CA ASN A 722 14.11 -30.66 -40.47
C ASN A 722 15.60 -30.89 -40.78
N VAL A 723 15.95 -31.89 -41.59
CA VAL A 723 17.37 -32.19 -41.84
C VAL A 723 18.11 -31.17 -42.69
N VAL A 724 17.40 -30.48 -43.57
CA VAL A 724 18.06 -29.64 -44.58
C VAL A 724 18.14 -28.21 -44.09
N TRP A 725 19.34 -27.66 -44.06
CA TRP A 725 19.54 -26.25 -43.78
C TRP A 725 19.53 -25.46 -45.04
N GLN A 726 18.46 -24.68 -45.23
CA GLN A 726 18.37 -23.67 -46.31
C GLN A 726 18.52 -24.30 -47.69
N SER A 727 19.33 -23.72 -48.57
CA SER A 727 19.49 -24.25 -49.93
C SER A 727 20.56 -25.36 -50.02
N ALA A 728 20.85 -26.01 -48.89
CA ALA A 728 21.74 -27.15 -48.86
C ALA A 728 23.15 -26.80 -49.34
N TYR A 729 23.56 -25.56 -49.11
CA TYR A 729 24.86 -25.13 -49.54
C TYR A 729 25.97 -25.90 -48.86
N LEU A 730 25.83 -26.15 -47.56
CA LEU A 730 26.76 -27.02 -46.85
C LEU A 730 26.35 -28.49 -46.97
N ASP A 731 25.04 -28.71 -46.92
CA ASP A 731 24.50 -30.06 -46.91
C ASP A 731 24.81 -30.89 -48.15
N GLN A 732 24.98 -30.24 -49.29
CA GLN A 732 25.25 -30.98 -50.53
C GLN A 732 26.56 -31.73 -50.47
N GLU A 733 27.47 -31.30 -49.60
CA GLU A 733 28.74 -32.03 -49.36
C GLU A 733 28.71 -32.79 -48.02
N ASN A 734 27.51 -33.09 -47.54
CA ASN A 734 27.30 -33.82 -46.29
C ASN A 734 26.52 -35.10 -46.56
N ASP A 735 27.17 -36.23 -46.41
CA ASP A 735 26.58 -37.50 -46.82
C ASP A 735 25.31 -37.85 -46.03
N PHE A 736 25.27 -37.48 -44.75
CA PHE A 736 24.13 -37.78 -43.90
C PHE A 736 22.84 -37.15 -44.43
N VAL A 737 22.93 -35.87 -44.82
CA VAL A 737 21.78 -35.18 -45.43
C VAL A 737 21.46 -35.70 -46.85
N MET A 738 22.45 -35.82 -47.72
CA MET A 738 22.20 -36.24 -49.12
C MET A 738 21.81 -37.72 -49.26
N ASP A 739 22.21 -38.55 -48.30
CA ASP A 739 21.80 -39.96 -48.29
C ASP A 739 20.32 -40.09 -48.00
N ARG A 740 19.78 -39.14 -47.24
CA ARG A 740 18.36 -39.16 -46.88
C ARG A 740 17.46 -38.57 -47.98
N PHE A 741 17.88 -37.46 -48.59
CA PHE A 741 17.12 -36.81 -49.66
C PHE A 741 18.03 -36.38 -50.81
N PRO A 742 18.37 -37.30 -51.72
CA PRO A 742 19.18 -36.88 -52.86
C PRO A 742 18.41 -35.94 -53.80
N TYR A 743 17.11 -36.19 -53.92
CA TYR A 743 16.20 -35.24 -54.59
C TYR A 743 15.36 -34.55 -53.52
N PRO A 744 14.82 -33.36 -53.82
CA PRO A 744 13.85 -32.81 -52.89
C PRO A 744 12.58 -33.60 -52.94
N PHE A 745 11.96 -33.83 -51.79
CA PHE A 745 10.70 -34.56 -51.75
C PHE A 745 9.57 -33.65 -52.18
N ILE A 746 8.50 -34.26 -52.70
CA ILE A 746 7.21 -33.59 -52.78
C ILE A 746 6.22 -34.52 -52.06
N GLU A 747 5.69 -34.05 -50.93
CA GLU A 747 4.76 -34.81 -50.10
C GLU A 747 3.46 -34.87 -50.87
N MET A 748 2.97 -36.07 -51.12
CA MET A 748 1.72 -36.26 -51.86
C MET A 748 0.83 -37.25 -51.16
N ASN A 749 -0.46 -36.96 -51.17
CA ASN A 749 -1.45 -37.89 -50.67
C ASN A 749 -1.39 -39.17 -51.50
N PRO A 750 -1.45 -40.35 -50.85
CA PRO A 750 -1.30 -41.61 -51.59
C PRO A 750 -2.35 -41.87 -52.65
N GLU A 751 -3.57 -41.38 -52.44
CA GLU A 751 -4.64 -41.56 -53.41
C GLU A 751 -4.47 -40.57 -54.58
N ASP A 752 -3.93 -39.40 -54.30
CA ASP A 752 -3.51 -38.47 -55.37
C ASP A 752 -2.46 -39.12 -56.26
N MET A 753 -1.56 -39.86 -55.63
CA MET A 753 -0.49 -40.58 -56.32
C MET A 753 -1.06 -41.72 -57.14
N ALA A 754 -1.95 -42.50 -56.54
CA ALA A 754 -2.63 -43.57 -57.28
C ALA A 754 -3.30 -43.00 -58.53
N GLU A 755 -3.99 -41.88 -58.35
CA GLU A 755 -4.73 -41.25 -59.45
C GLU A 755 -3.82 -40.76 -60.58
N ALA A 756 -2.63 -40.30 -60.22
CA ALA A 756 -1.66 -39.78 -61.16
C ALA A 756 -0.70 -40.85 -61.66
N GLY A 757 -0.88 -42.10 -61.25
CA GLY A 757 -0.02 -43.22 -61.69
C GLY A 757 1.39 -43.20 -61.12
N LEU A 758 1.55 -42.59 -59.96
CA LEU A 758 2.87 -42.40 -59.36
C LEU A 758 3.11 -43.37 -58.19
N LYS A 759 4.36 -43.79 -58.08
CA LYS A 759 4.82 -44.65 -57.00
C LYS A 759 5.83 -43.89 -56.14
N GLU A 760 6.01 -44.33 -54.90
CA GLU A 760 7.02 -43.75 -54.03
C GLU A 760 8.38 -43.72 -54.75
N GLY A 761 9.00 -42.55 -54.73
CA GLY A 761 10.30 -42.35 -55.32
C GLY A 761 10.30 -41.88 -56.76
N ASP A 762 9.15 -41.99 -57.43
CA ASP A 762 9.08 -41.50 -58.81
C ASP A 762 9.52 -40.05 -58.88
N LEU A 763 10.20 -39.74 -59.96
CA LEU A 763 10.71 -38.41 -60.21
C LEU A 763 9.64 -37.71 -61.08
N VAL A 764 9.10 -36.61 -60.58
CA VAL A 764 7.98 -35.95 -61.24
C VAL A 764 8.34 -34.51 -61.61
N GLU A 765 7.79 -34.06 -62.73
CA GLU A 765 7.87 -32.67 -63.13
C GLU A 765 6.69 -31.93 -62.53
N ILE A 766 6.96 -30.83 -61.84
CA ILE A 766 5.92 -29.91 -61.39
C ILE A 766 5.98 -28.77 -62.40
N TYR A 767 4.83 -28.36 -62.94
CA TYR A 767 4.84 -27.31 -63.98
C TYR A 767 3.61 -26.44 -63.96
N ASN A 768 3.81 -25.21 -64.38
CA ASN A 768 2.73 -24.25 -64.58
C ASN A 768 3.20 -23.17 -65.54
N ASP A 769 2.56 -22.02 -65.58
CA ASP A 769 2.93 -20.98 -66.54
C ASP A 769 4.17 -20.18 -66.10
N ALA A 770 4.60 -20.34 -64.85
CA ALA A 770 5.81 -19.67 -64.40
C ALA A 770 7.06 -20.44 -64.88
N GLY A 771 7.01 -21.77 -64.82
CA GLY A 771 8.12 -22.59 -65.18
C GLY A 771 7.89 -24.04 -64.81
N ALA A 772 8.99 -24.77 -64.62
CA ALA A 772 8.94 -26.19 -64.34
C ALA A 772 10.14 -26.62 -63.49
N THR A 773 9.99 -27.79 -62.86
CA THR A 773 11.01 -28.29 -61.95
C THR A 773 10.72 -29.76 -61.61
N GLN A 774 11.58 -30.36 -60.78
CA GLN A 774 11.50 -31.77 -60.49
C GLN A 774 11.53 -32.02 -59.02
N ALA A 775 10.94 -33.12 -58.61
CA ALA A 775 10.96 -33.49 -57.22
C ALA A 775 10.65 -35.00 -57.10
N MET A 776 10.87 -35.56 -55.92
CA MET A 776 10.69 -36.99 -55.69
C MET A 776 9.42 -37.20 -54.91
N ALA A 777 8.51 -37.96 -55.48
CA ALA A 777 7.22 -38.21 -54.85
C ALA A 777 7.42 -38.96 -53.53
N TYR A 778 6.95 -38.35 -52.45
CA TYR A 778 7.02 -38.95 -51.12
C TYR A 778 5.59 -39.10 -50.62
N PRO A 779 5.11 -40.34 -50.48
CA PRO A 779 3.72 -40.55 -50.12
C PRO A 779 3.48 -40.17 -48.68
N THR A 780 2.45 -39.37 -48.46
CA THR A 780 2.22 -38.73 -47.18
C THR A 780 0.73 -38.80 -46.79
N PRO A 781 0.35 -39.83 -46.01
CA PRO A 781 -1.05 -40.06 -45.67
C PRO A 781 -1.77 -38.88 -45.05
N THR A 782 -1.05 -38.06 -44.28
CA THR A 782 -1.64 -36.89 -43.62
C THR A 782 -1.93 -35.72 -44.55
N ALA A 783 -1.36 -35.75 -45.76
CA ALA A 783 -1.58 -34.70 -46.75
C ALA A 783 -3.02 -34.73 -47.24
N ARG A 784 -3.62 -33.55 -47.40
CA ARG A 784 -4.96 -33.45 -47.95
C ARG A 784 -4.97 -33.64 -49.45
N ARG A 785 -6.08 -34.14 -49.95
CA ARG A 785 -6.25 -34.41 -51.37
C ARG A 785 -6.10 -33.10 -52.16
N GLY A 786 -5.20 -33.11 -53.15
CA GLY A 786 -4.96 -31.94 -53.99
C GLY A 786 -3.93 -30.97 -53.44
N GLU A 787 -3.32 -31.32 -52.32
CA GLU A 787 -2.37 -30.46 -51.65
C GLU A 787 -1.04 -31.16 -51.46
N THR A 788 -0.04 -30.66 -52.16
CA THR A 788 1.30 -31.21 -52.10
C THR A 788 2.20 -30.23 -51.34
N PHE A 789 3.30 -30.74 -50.80
CA PHE A 789 4.28 -29.88 -50.17
C PHE A 789 5.68 -30.23 -50.67
N MET A 790 6.36 -29.28 -51.30
CA MET A 790 7.69 -29.54 -51.85
C MET A 790 8.77 -28.80 -51.09
N LEU A 791 9.86 -29.51 -50.78
CA LEU A 791 11.00 -28.91 -50.10
C LEU A 791 11.48 -27.78 -50.99
N PHE A 792 11.70 -26.60 -50.42
CA PHE A 792 12.18 -25.43 -51.19
C PHE A 792 13.71 -25.38 -51.26
N GLY A 793 14.23 -24.48 -52.10
CA GLY A 793 15.66 -24.15 -52.14
C GLY A 793 16.69 -25.20 -52.56
N PHE A 794 16.24 -26.34 -53.06
CA PHE A 794 17.09 -27.53 -53.09
C PHE A 794 17.80 -27.66 -54.42
N PRO A 795 19.13 -27.86 -54.38
CA PRO A 795 19.91 -27.86 -55.63
C PRO A 795 19.46 -28.87 -56.68
N THR A 796 18.88 -29.99 -56.26
CA THR A 796 18.53 -31.04 -57.23
C THR A 796 17.07 -30.98 -57.67
N GLY A 797 16.43 -29.86 -57.38
CA GLY A 797 15.02 -29.63 -57.77
C GLY A 797 14.55 -28.38 -57.07
N VAL A 798 14.51 -27.26 -57.79
CA VAL A 798 14.27 -25.97 -57.19
C VAL A 798 12.79 -25.65 -57.35
N GLN A 799 12.05 -25.56 -56.24
CA GLN A 799 10.61 -25.28 -56.37
C GLN A 799 10.29 -23.84 -56.72
N GLY A 800 11.25 -22.96 -56.53
CA GLY A 800 11.08 -21.54 -56.90
C GLY A 800 10.80 -21.35 -58.37
N ASN A 801 11.21 -22.34 -59.16
CA ASN A 801 10.90 -22.36 -60.59
C ASN A 801 9.40 -22.25 -60.89
N VAL A 802 8.55 -22.75 -60.00
CA VAL A 802 7.09 -22.72 -60.26
C VAL A 802 6.33 -21.67 -59.48
N THR A 803 7.04 -20.82 -58.77
CA THR A 803 6.43 -19.66 -58.13
C THR A 803 6.38 -18.50 -59.11
N SER A 804 5.28 -17.76 -59.15
CA SER A 804 5.13 -16.69 -60.11
C SER A 804 5.85 -15.45 -59.63
N ALA A 805 5.88 -14.43 -60.49
CA ALA A 805 6.50 -13.14 -60.18
C ALA A 805 5.69 -12.35 -59.17
N GLY A 806 4.52 -12.87 -58.81
CA GLY A 806 3.55 -12.14 -58.00
C GLY A 806 3.98 -11.73 -56.60
N THR A 807 3.86 -10.44 -56.33
CA THR A 807 4.13 -9.91 -55.01
C THR A 807 2.97 -9.04 -54.56
N ASN A 808 2.97 -8.67 -53.27
CA ASN A 808 2.05 -7.63 -52.82
C ASN A 808 2.59 -6.22 -53.19
N GLU A 809 1.92 -5.19 -52.70
CA GLU A 809 2.19 -3.84 -53.17
C GLU A 809 3.58 -3.40 -52.74
N LEU A 810 4.07 -3.96 -51.63
CA LEU A 810 5.39 -3.62 -51.10
C LEU A 810 6.48 -4.60 -51.55
N ILE A 811 6.13 -5.44 -52.50
CA ILE A 811 7.08 -6.34 -53.18
C ILE A 811 7.48 -7.50 -52.26
N ILE A 812 6.53 -7.99 -51.48
CA ILE A 812 6.73 -9.17 -50.65
C ILE A 812 6.35 -10.39 -51.50
N PRO A 813 7.27 -11.36 -51.66
CA PRO A 813 7.04 -12.50 -52.52
C PRO A 813 6.07 -13.50 -51.89
N ASN A 814 5.06 -13.90 -52.66
CA ASN A 814 3.96 -14.71 -52.17
C ASN A 814 4.20 -16.15 -52.55
N TYR A 815 5.30 -16.71 -52.03
CA TYR A 815 5.75 -18.05 -52.39
C TYR A 815 4.74 -19.14 -52.07
N LYS A 816 4.10 -19.04 -50.91
CA LYS A 816 3.32 -20.17 -50.41
C LYS A 816 2.08 -20.46 -51.26
N GLN A 817 1.46 -19.44 -51.79
CA GLN A 817 0.34 -19.64 -52.72
C GLN A 817 0.84 -19.94 -54.13
N THR A 818 1.02 -21.22 -54.42
CA THR A 818 1.49 -21.68 -55.71
C THR A 818 0.73 -22.92 -56.11
N TRP A 819 0.28 -22.95 -57.34
CA TRP A 819 -0.41 -24.12 -57.85
C TRP A 819 0.24 -24.53 -59.11
N GLY A 820 0.15 -25.82 -59.41
CA GLY A 820 0.74 -26.36 -60.61
C GLY A 820 0.22 -27.75 -60.95
N ASN A 821 0.64 -28.24 -62.12
CA ASN A 821 0.37 -29.58 -62.53
C ASN A 821 1.54 -30.48 -62.22
N ILE A 822 1.27 -31.78 -62.13
CA ILE A 822 2.31 -32.75 -61.89
C ILE A 822 2.22 -33.86 -62.92
N ARG A 823 3.38 -34.24 -63.46
CA ARG A 823 3.46 -35.43 -64.31
C ARG A 823 4.80 -36.12 -64.16
N LYS A 824 4.83 -37.41 -64.47
CA LYS A 824 5.99 -38.26 -64.24
C LYS A 824 7.08 -38.03 -65.25
N ILE A 825 8.30 -37.84 -64.75
CA ILE A 825 9.49 -37.76 -65.61
C ILE A 825 10.15 -39.12 -65.73
N SER A 826 10.28 -39.82 -64.60
CA SER A 826 10.97 -41.10 -64.58
C SER A 826 10.44 -41.99 -63.47
N ASP A 827 10.47 -43.28 -63.71
CA ASP A 827 10.34 -44.26 -62.62
C ASP A 827 11.39 -43.95 -61.56
N ALA A 828 11.09 -44.27 -60.32
CA ALA A 828 12.02 -44.06 -59.22
C ALA A 828 13.46 -44.47 -59.60
N PRO A 829 14.42 -43.54 -59.57
CA PRO A 829 15.82 -43.88 -59.88
C PRO A 829 16.45 -44.82 -58.86
N ARG A 830 17.47 -45.57 -59.30
CA ARG A 830 18.23 -46.48 -58.45
C ARG A 830 18.76 -45.80 -57.19
N ASN A 831 19.21 -44.56 -57.31
CA ASN A 831 19.83 -43.85 -56.17
C ASN A 831 18.84 -43.46 -55.08
N VAL A 832 17.60 -43.88 -55.26
CA VAL A 832 16.52 -43.63 -54.32
C VAL A 832 15.97 -44.94 -53.71
N ALA A 833 16.48 -46.08 -54.13
CA ALA A 833 15.96 -47.38 -53.64
C ALA A 833 16.18 -47.61 -52.13
N HIS A 834 17.26 -47.03 -51.59
CA HIS A 834 17.63 -47.21 -50.18
C HIS A 834 16.83 -46.34 -49.21
N LEU A 835 16.08 -45.37 -49.72
CA LEU A 835 15.36 -44.44 -48.84
C LEU A 835 14.20 -45.08 -48.12
N SER A 836 13.95 -44.64 -46.88
CA SER A 836 12.70 -44.95 -46.23
C SER A 836 11.67 -43.95 -46.70
N PHE A 837 10.48 -44.46 -47.01
CA PHE A 837 9.32 -43.63 -47.38
C PHE A 837 8.21 -43.71 -46.31
N LYS A 838 8.58 -44.09 -45.09
CA LYS A 838 7.61 -44.22 -44.02
C LYS A 838 7.22 -42.86 -43.45
N SER A 839 6.18 -42.84 -42.64
CA SER A 839 5.66 -41.59 -42.08
C SER A 839 6.69 -40.93 -41.17
N LYS A 840 6.79 -39.61 -41.28
CA LYS A 840 7.68 -38.82 -40.42
C LYS A 840 7.08 -38.59 -39.04
N GLU A 841 5.82 -38.93 -38.84
CA GLU A 841 5.17 -38.71 -37.53
C GLU A 841 5.53 -39.79 -36.51
N TYR A 842 6.13 -39.35 -35.40
CA TYR A 842 6.33 -40.18 -34.21
C TYR A 842 5.07 -40.92 -33.80
N GLN A 843 5.21 -42.22 -33.57
CA GLN A 843 4.12 -43.07 -33.10
C GLN A 843 4.45 -43.50 -31.67
N SER A 844 3.45 -43.40 -30.81
CA SER A 844 3.58 -43.76 -29.41
C SER A 844 3.47 -45.29 -29.29
N ALA B 44 47.22 -49.93 -31.40
CA ALA B 44 46.09 -50.62 -32.12
C ALA B 44 45.17 -49.62 -32.86
N ALA B 45 45.17 -49.68 -34.20
CA ALA B 45 44.58 -48.63 -35.05
C ALA B 45 43.07 -48.53 -34.98
N GLY B 46 42.41 -49.69 -35.01
CA GLY B 46 40.97 -49.80 -34.83
C GLY B 46 40.50 -50.30 -33.48
N VAL B 47 39.22 -50.06 -33.24
CA VAL B 47 38.53 -50.61 -32.10
C VAL B 47 38.42 -52.13 -32.26
N GLU B 48 38.74 -52.86 -31.18
CA GLU B 48 38.69 -54.32 -31.19
C GLU B 48 37.35 -54.82 -30.66
N TYR B 49 36.48 -55.22 -31.57
CA TYR B 49 35.16 -55.76 -31.19
C TYR B 49 35.23 -57.23 -30.78
N PRO B 50 34.51 -57.60 -29.71
CA PRO B 50 34.41 -59.00 -29.35
C PRO B 50 33.36 -59.68 -30.20
N ALA B 51 33.52 -60.97 -30.42
CA ALA B 51 32.53 -61.78 -31.10
C ALA B 51 31.64 -62.44 -30.06
N ASN B 52 30.49 -61.82 -29.78
CA ASN B 52 29.59 -62.29 -28.73
C ASN B 52 28.35 -62.99 -29.28
N ARG B 53 28.03 -64.14 -28.68
CA ARG B 53 26.78 -64.83 -28.95
C ARG B 53 25.67 -64.01 -28.31
N LEU B 54 24.63 -63.72 -29.08
CA LEU B 54 23.49 -62.95 -28.57
C LEU B 54 22.25 -63.82 -28.38
N ALA B 55 21.96 -64.65 -29.38
CA ALA B 55 20.82 -65.56 -29.32
C ALA B 55 20.92 -66.59 -30.42
N ASN B 56 19.95 -67.50 -30.45
CA ASN B 56 19.82 -68.46 -31.53
C ASN B 56 18.63 -68.06 -32.39
N ILE B 57 18.73 -68.35 -33.69
CA ILE B 57 17.70 -67.98 -34.66
C ILE B 57 16.30 -68.47 -34.27
N SER B 58 16.24 -69.60 -33.58
CA SER B 58 14.97 -70.21 -33.16
C SER B 58 14.23 -69.43 -32.06
N GLU B 59 14.93 -68.49 -31.43
CA GLU B 59 14.34 -67.68 -30.36
C GLU B 59 13.45 -66.54 -30.88
N LEU B 60 13.67 -66.15 -32.13
CA LEU B 60 13.02 -64.96 -32.69
C LEU B 60 11.68 -65.29 -33.32
N THR B 61 10.69 -64.45 -33.05
CA THR B 61 9.40 -64.54 -33.71
C THR B 61 9.28 -63.35 -34.66
N LEU B 62 8.61 -63.56 -35.78
CA LEU B 62 8.42 -62.51 -36.79
C LEU B 62 7.90 -61.25 -36.13
N ASN B 63 8.66 -60.16 -36.26
CA ASN B 63 8.25 -58.80 -35.87
C ASN B 63 8.15 -58.57 -34.35
N GLU B 64 8.83 -59.40 -33.58
CA GLU B 64 8.85 -59.26 -32.12
C GLU B 64 10.28 -59.14 -31.66
N PRO B 65 10.71 -57.92 -31.32
CA PRO B 65 12.11 -57.68 -30.97
C PRO B 65 12.55 -58.42 -29.72
N LEU B 66 13.76 -58.97 -29.77
CA LEU B 66 14.35 -59.68 -28.64
C LEU B 66 15.43 -58.82 -27.98
N ASP B 67 15.22 -58.47 -26.71
CA ASP B 67 16.15 -57.61 -26.00
C ASP B 67 17.52 -58.28 -25.87
N VAL B 68 18.56 -57.49 -26.11
CA VAL B 68 19.93 -57.98 -26.18
C VAL B 68 20.88 -56.81 -25.83
N ALA B 69 22.15 -57.10 -25.68
CA ALA B 69 23.13 -56.08 -25.35
C ALA B 69 24.48 -56.33 -26.01
N TYR B 70 25.00 -55.31 -26.68
CA TYR B 70 26.25 -55.43 -27.42
C TYR B 70 26.87 -54.05 -27.64
N PRO B 71 28.21 -53.93 -27.49
CA PRO B 71 29.23 -54.96 -27.20
C PRO B 71 29.47 -55.28 -25.73
N ASP B 72 28.61 -54.79 -24.85
CA ASP B 72 28.67 -55.19 -23.45
C ASP B 72 27.32 -55.06 -22.73
N GLU B 73 27.30 -55.55 -21.50
CA GLU B 73 26.16 -55.48 -20.58
C GLU B 73 25.37 -54.16 -20.63
N ASP B 74 26.08 -53.04 -20.78
CA ASP B 74 25.50 -51.69 -20.65
C ASP B 74 24.99 -51.05 -21.94
N ALA B 75 25.07 -51.77 -23.05
CA ALA B 75 24.70 -51.22 -24.37
C ALA B 75 23.43 -51.87 -24.92
N ALA B 76 22.27 -51.39 -24.50
CA ALA B 76 21.00 -52.02 -24.84
C ALA B 76 20.72 -52.00 -26.35
N GLY B 77 20.25 -53.14 -26.85
CA GLY B 77 19.81 -53.27 -28.24
C GLY B 77 18.78 -54.36 -28.41
N VAL B 78 18.38 -54.59 -29.66
CA VAL B 78 17.42 -55.66 -29.98
C VAL B 78 17.85 -56.45 -31.20
N LEU B 79 17.43 -57.71 -31.26
CA LEU B 79 17.40 -58.47 -32.50
C LEU B 79 15.96 -58.45 -33.00
N LEU B 80 15.77 -58.41 -34.31
CA LEU B 80 14.44 -58.29 -34.89
C LEU B 80 14.39 -59.03 -36.22
N LYS B 81 13.43 -59.95 -36.34
CA LYS B 81 13.16 -60.66 -37.58
C LYS B 81 12.05 -59.92 -38.32
N LEU B 82 12.36 -59.43 -39.52
CA LEU B 82 11.47 -58.52 -40.24
C LEU B 82 10.57 -59.16 -41.31
N GLY B 83 10.92 -60.36 -41.77
CA GLY B 83 10.08 -61.11 -42.71
C GLY B 83 10.33 -60.83 -44.17
N THR B 84 11.28 -59.92 -44.43
CA THR B 84 11.65 -59.54 -45.78
C THR B 84 13.15 -59.24 -45.82
N ARG B 85 13.78 -59.46 -46.98
CA ARG B 85 15.24 -59.26 -47.10
C ARG B 85 15.61 -57.77 -47.02
N VAL B 86 16.54 -57.43 -46.13
CA VAL B 86 16.87 -56.02 -45.84
C VAL B 86 18.35 -55.82 -45.55
N GLU B 87 18.82 -54.57 -45.64
CA GLU B 87 20.26 -54.31 -45.54
C GLU B 87 20.81 -54.60 -44.13
N GLY B 88 21.89 -55.38 -44.10
CA GLY B 88 22.50 -55.84 -42.85
C GLY B 88 21.83 -57.08 -42.27
N GLY B 89 20.81 -57.58 -42.95
CA GLY B 89 20.02 -58.69 -42.43
C GLY B 89 20.69 -60.02 -42.71
N VAL B 90 20.51 -60.96 -41.78
CA VAL B 90 21.14 -62.26 -41.86
C VAL B 90 20.12 -63.39 -41.70
N GLY B 91 20.60 -64.62 -41.78
CA GLY B 91 19.73 -65.79 -41.71
C GLY B 91 19.36 -66.20 -43.12
N PRO B 92 18.63 -67.33 -43.27
CA PRO B 92 18.31 -67.80 -44.63
C PRO B 92 17.43 -66.83 -45.41
N ASP B 93 16.54 -66.13 -44.72
CA ASP B 93 15.63 -65.17 -45.37
C ASP B 93 16.24 -63.76 -45.43
N GLY B 94 17.39 -63.60 -44.78
CA GLY B 94 18.15 -62.34 -44.81
C GLY B 94 17.44 -61.19 -44.12
N ASP B 95 16.66 -61.52 -43.09
CA ASP B 95 15.77 -60.55 -42.45
C ASP B 95 16.00 -60.34 -40.95
N ILE B 96 17.04 -60.94 -40.41
CA ILE B 96 17.37 -60.77 -39.00
C ILE B 96 18.35 -59.62 -38.87
N VAL B 97 17.90 -58.55 -38.23
CA VAL B 97 18.74 -57.37 -38.03
C VAL B 97 18.95 -57.16 -36.54
N GLY B 98 19.96 -56.35 -36.22
CA GLY B 98 20.24 -55.97 -34.84
C GLY B 98 20.62 -54.50 -34.73
N PHE B 99 20.01 -53.81 -33.77
CA PHE B 99 20.27 -52.39 -33.57
C PHE B 99 20.46 -52.03 -32.11
N SER B 100 21.16 -50.92 -31.91
CA SER B 100 21.12 -50.20 -30.64
C SER B 100 19.71 -49.66 -30.46
N THR B 101 19.24 -49.72 -29.23
CA THR B 101 17.86 -49.38 -28.88
C THR B 101 17.81 -48.07 -28.12
N ILE B 102 18.97 -47.42 -28.03
CA ILE B 102 19.13 -46.17 -27.30
C ILE B 102 19.32 -45.04 -28.29
N CYS B 103 18.42 -44.06 -28.23
CA CYS B 103 18.42 -42.96 -29.18
C CYS B 103 19.78 -42.28 -29.25
N PRO B 104 20.33 -42.11 -30.45
CA PRO B 104 21.63 -41.45 -30.58
C PRO B 104 21.63 -39.91 -30.43
N HIS B 105 20.46 -39.31 -30.25
CA HIS B 105 20.35 -37.86 -30.02
C HIS B 105 20.64 -37.56 -28.57
N LYS B 106 19.73 -37.93 -27.68
CA LYS B 106 19.92 -37.69 -26.22
C LYS B 106 19.78 -38.93 -25.31
N GLY B 107 19.66 -40.12 -25.90
CA GLY B 107 19.81 -41.38 -25.14
C GLY B 107 18.57 -41.96 -24.47
N PHE B 108 17.40 -41.50 -24.89
CA PHE B 108 16.12 -42.08 -24.42
C PHE B 108 15.99 -43.49 -25.02
N PRO B 109 15.35 -44.42 -24.30
CA PRO B 109 15.11 -45.74 -24.90
C PRO B 109 14.05 -45.68 -25.98
N LEU B 110 14.33 -46.31 -27.11
CA LEU B 110 13.39 -46.33 -28.24
C LEU B 110 12.29 -47.35 -28.03
N SER B 111 11.09 -47.01 -28.47
CA SER B 111 9.97 -47.94 -28.49
C SER B 111 9.77 -48.41 -29.92
N TYR B 112 9.29 -49.64 -30.06
CA TYR B 112 9.07 -50.24 -31.36
C TYR B 112 7.59 -50.25 -31.70
N SER B 113 7.26 -49.78 -32.89
CA SER B 113 5.91 -49.90 -33.42
C SER B 113 5.84 -51.08 -34.37
N ALA B 114 4.98 -52.04 -34.06
CA ALA B 114 4.89 -53.28 -34.82
C ALA B 114 4.16 -53.08 -36.15
N ASP B 115 3.15 -52.21 -36.15
CA ASP B 115 2.34 -51.95 -37.36
C ASP B 115 3.12 -51.20 -38.44
N ASN B 116 4.08 -50.39 -38.00
CA ASN B 116 4.85 -49.49 -38.83
C ASN B 116 6.22 -50.06 -39.15
N LYS B 117 6.69 -50.93 -38.26
CA LYS B 117 8.07 -51.43 -38.24
C LYS B 117 9.04 -50.25 -38.16
N THR B 118 8.92 -49.48 -37.10
CA THR B 118 9.78 -48.34 -36.86
C THR B 118 10.17 -48.29 -35.40
N PHE B 119 11.31 -47.70 -35.13
CA PHE B 119 11.69 -47.34 -33.76
C PHE B 119 11.36 -45.86 -33.56
N ASN B 120 10.76 -45.56 -32.41
CA ASN B 120 10.23 -44.24 -32.15
C ASN B 120 10.77 -43.68 -30.84
N CYS B 121 11.15 -42.40 -30.85
CA CYS B 121 11.73 -41.78 -29.66
C CYS B 121 10.81 -40.80 -28.93
N PRO B 122 10.51 -41.09 -27.64
CA PRO B 122 9.61 -40.22 -26.88
C PRO B 122 10.24 -38.92 -26.40
N GLY B 123 11.54 -38.77 -26.60
CA GLY B 123 12.24 -37.57 -26.15
C GLY B 123 11.93 -36.38 -27.04
N HIS B 124 12.31 -36.51 -28.30
CA HIS B 124 12.12 -35.45 -29.27
C HIS B 124 11.65 -35.95 -30.62
N PHE B 125 10.89 -37.04 -30.59
CA PHE B 125 10.00 -37.47 -31.68
C PHE B 125 10.68 -38.03 -32.91
N SER B 126 11.88 -38.54 -32.74
CA SER B 126 12.63 -39.16 -33.82
C SER B 126 12.02 -40.51 -34.22
N VAL B 127 12.23 -40.88 -35.47
CA VAL B 127 11.71 -42.12 -36.05
C VAL B 127 12.80 -42.76 -36.91
N PHE B 128 13.05 -44.05 -36.66
CA PHE B 128 14.09 -44.81 -37.36
C PHE B 128 13.49 -46.05 -38.03
N ASP B 129 14.01 -46.38 -39.22
CA ASP B 129 13.49 -47.49 -40.03
C ASP B 129 14.46 -48.68 -40.08
N PRO B 130 14.16 -49.75 -39.35
CA PRO B 130 15.06 -50.89 -39.36
C PRO B 130 14.99 -51.73 -40.63
N GLU B 131 14.03 -51.45 -41.50
CA GLU B 131 13.98 -52.10 -42.82
C GLU B 131 14.89 -51.41 -43.83
N LYS B 132 15.45 -50.26 -43.43
CA LYS B 132 16.36 -49.50 -44.29
C LYS B 132 17.62 -49.08 -43.53
N GLY B 133 18.29 -50.05 -42.94
CA GLY B 133 19.59 -49.83 -42.26
C GLY B 133 19.56 -48.88 -41.08
N GLY B 134 18.38 -48.74 -40.48
CA GLY B 134 18.14 -47.81 -39.38
C GLY B 134 18.08 -46.35 -39.78
N GLN B 135 17.69 -46.07 -41.01
CA GLN B 135 17.65 -44.67 -41.49
C GLN B 135 16.68 -43.83 -40.66
N GLN B 136 17.15 -42.67 -40.20
CA GLN B 136 16.28 -41.74 -39.50
C GLN B 136 15.26 -41.20 -40.50
N VAL B 137 14.01 -41.62 -40.33
CA VAL B 137 12.93 -41.18 -41.20
C VAL B 137 12.70 -39.69 -40.95
N TRP B 138 12.79 -39.32 -39.68
CA TRP B 138 12.71 -37.94 -39.23
C TRP B 138 13.26 -37.92 -37.84
N GLY B 139 14.05 -36.92 -37.50
CA GLY B 139 14.54 -36.82 -36.12
C GLY B 139 15.64 -35.82 -35.88
N GLN B 140 16.16 -35.81 -34.66
CA GLN B 140 17.15 -34.81 -34.27
C GLN B 140 18.55 -35.37 -34.17
N ALA B 141 18.69 -36.67 -34.32
CA ALA B 141 19.99 -37.32 -34.30
C ALA B 141 20.75 -36.97 -35.59
N THR B 142 22.06 -36.79 -35.47
CA THR B 142 22.92 -36.64 -36.65
C THR B 142 23.45 -38.00 -37.13
N GLN B 143 22.85 -39.07 -36.62
CA GLN B 143 23.22 -40.43 -36.98
C GLN B 143 21.99 -41.23 -37.29
N ASN B 144 22.15 -42.18 -38.20
CA ASN B 144 21.17 -43.25 -38.37
C ASN B 144 21.41 -44.28 -37.27
N LEU B 145 20.44 -45.16 -37.05
CA LEU B 145 20.47 -46.04 -35.88
C LEU B 145 21.66 -47.01 -35.98
N PRO B 146 22.52 -47.05 -34.95
CA PRO B 146 23.66 -47.96 -35.01
C PRO B 146 23.24 -49.42 -35.13
N GLN B 147 23.79 -50.10 -36.12
CA GLN B 147 23.36 -51.43 -36.51
C GLN B 147 24.49 -52.42 -36.27
N TYR B 148 24.13 -53.62 -35.81
CA TYR B 148 25.12 -54.65 -35.54
C TYR B 148 25.52 -55.42 -36.80
N VAL B 149 26.80 -55.74 -36.91
CA VAL B 149 27.28 -56.65 -37.93
C VAL B 149 27.09 -58.06 -37.38
N LEU B 150 26.13 -58.78 -37.97
CA LEU B 150 25.73 -60.08 -37.46
C LEU B 150 26.26 -61.22 -38.32
N ARG B 151 26.38 -62.39 -37.70
CA ARG B 151 26.85 -63.60 -38.36
C ARG B 151 26.03 -64.76 -37.81
N VAL B 152 25.53 -65.63 -38.69
CA VAL B 152 24.78 -66.80 -38.25
C VAL B 152 25.63 -68.05 -38.42
N ALA B 153 25.90 -68.72 -37.29
CA ALA B 153 26.78 -69.91 -37.29
C ALA B 153 26.05 -71.15 -37.80
N ASP B 154 26.83 -72.14 -38.15
CA ASP B 154 26.32 -73.39 -38.69
C ASP B 154 25.20 -73.99 -37.80
N ASN B 155 25.36 -73.89 -36.49
CA ASN B 155 24.37 -74.42 -35.53
C ASN B 155 23.11 -73.57 -35.36
N GLY B 156 23.19 -72.29 -35.70
CA GLY B 156 22.04 -71.40 -35.71
C GLY B 156 22.21 -70.20 -34.79
N ASP B 157 23.35 -70.15 -34.09
CA ASP B 157 23.63 -69.07 -33.16
C ASP B 157 23.92 -67.80 -33.92
N ILE B 158 23.45 -66.68 -33.38
CA ILE B 158 23.67 -65.35 -33.97
C ILE B 158 24.75 -64.61 -33.19
N PHE B 159 25.81 -64.20 -33.89
CA PHE B 159 26.92 -63.48 -33.29
C PHE B 159 26.92 -62.03 -33.77
N ALA B 160 27.29 -61.12 -32.88
CA ALA B 160 27.52 -59.72 -33.24
C ALA B 160 29.02 -59.46 -33.22
N GLU B 161 29.56 -58.90 -34.30
CA GLU B 161 31.00 -58.68 -34.45
C GLU B 161 31.39 -57.24 -34.74
N GLY B 162 30.45 -56.31 -34.58
CA GLY B 162 30.72 -54.90 -34.84
C GLY B 162 29.50 -54.01 -34.85
N VAL B 163 29.73 -52.71 -34.91
CA VAL B 163 28.68 -51.71 -34.93
C VAL B 163 29.08 -50.55 -35.83
N ASP B 164 28.18 -50.13 -36.71
CA ASP B 164 28.53 -49.21 -37.80
C ASP B 164 28.46 -47.72 -37.48
N GLU B 165 28.13 -47.36 -36.24
CA GLU B 165 28.00 -45.95 -35.82
C GLU B 165 28.31 -45.85 -34.33
N LEU B 166 28.64 -44.66 -33.83
CA LEU B 166 28.93 -44.49 -32.40
C LEU B 166 27.66 -44.59 -31.53
N ILE B 167 27.67 -45.52 -30.59
CA ILE B 167 26.57 -45.75 -29.66
C ILE B 167 26.46 -44.59 -28.69
N TYR B 168 25.24 -44.18 -28.35
CA TYR B 168 25.06 -43.08 -27.41
C TYR B 168 25.72 -43.36 -26.06
N GLY B 169 26.32 -42.31 -25.50
CA GLY B 169 26.79 -42.32 -24.12
C GLY B 169 28.17 -42.92 -23.94
N ARG B 170 28.83 -43.22 -25.04
CA ARG B 170 30.22 -43.69 -24.98
C ARG B 170 31.01 -43.10 -26.12
N LEU B 171 32.25 -42.70 -25.83
CA LEU B 171 33.13 -42.10 -26.83
C LEU B 171 33.97 -43.17 -27.53
N SER B 172 33.75 -44.42 -27.15
CA SER B 172 34.33 -45.56 -27.82
C SER B 172 33.34 -46.70 -27.70
N ASN B 173 33.03 -47.37 -28.80
CA ASN B 173 32.02 -48.42 -28.79
C ASN B 173 32.42 -49.56 -27.86
N VAL B 174 33.72 -49.81 -27.76
CA VAL B 174 34.26 -50.76 -26.77
C VAL B 174 34.92 -49.96 -25.66
N LEU B 175 34.45 -50.19 -24.43
CA LEU B 175 34.99 -49.53 -23.26
C LEU B 175 35.90 -50.49 -22.50
N ALA C 2 8.35 -1.18 48.16
CA ALA C 2 9.49 -0.85 47.29
C ALA C 2 9.89 -2.08 46.48
N PHE C 3 10.22 -1.88 45.21
CA PHE C 3 10.61 -2.98 44.36
C PHE C 3 11.99 -3.49 44.72
N LYS C 4 12.12 -4.81 44.87
CA LYS C 4 13.39 -5.42 45.24
C LYS C 4 13.59 -6.69 44.43
N ARG C 5 14.73 -6.78 43.76
CA ARG C 5 14.97 -7.87 42.81
C ARG C 5 15.21 -9.20 43.48
N HIS C 6 15.65 -9.17 44.73
CA HIS C 6 16.01 -10.38 45.49
C HIS C 6 17.10 -11.20 44.83
N ILE C 7 18.03 -10.52 44.19
CA ILE C 7 19.19 -11.18 43.61
C ILE C 7 20.37 -11.07 44.60
N ASP C 8 20.62 -12.17 45.31
CA ASP C 8 21.65 -12.24 46.34
C ASP C 8 23.10 -12.19 45.84
N ARG C 9 23.30 -12.65 44.61
CA ARG C 9 24.64 -12.70 44.03
C ARG C 9 24.61 -12.78 42.53
N LEU C 10 25.69 -12.36 41.90
CA LEU C 10 25.77 -12.28 40.45
C LEU C 10 26.97 -13.10 39.98
N PRO C 11 26.87 -13.67 38.77
CA PRO C 11 28.04 -14.36 38.21
C PRO C 11 29.20 -13.39 38.06
N ILE C 12 30.40 -13.86 38.40
CA ILE C 12 31.62 -13.07 38.32
C ILE C 12 32.17 -13.11 36.90
N ILE C 13 32.45 -11.93 36.34
CA ILE C 13 33.08 -11.84 35.01
C ILE C 13 34.46 -12.47 35.07
N PRO C 14 34.71 -13.49 34.23
CA PRO C 14 36.00 -14.18 34.23
C PRO C 14 37.10 -13.40 33.52
N ALA C 15 38.34 -13.82 33.73
CA ALA C 15 39.52 -13.18 33.14
C ALA C 15 39.48 -13.14 31.62
N ASP C 16 38.88 -14.16 31.01
CA ASP C 16 38.85 -14.28 29.54
C ASP C 16 37.51 -13.85 28.90
N ALA C 17 36.74 -13.03 29.59
CA ALA C 17 35.53 -12.49 29.01
C ALA C 17 35.86 -11.69 27.74
N LYS C 18 34.95 -11.70 26.76
CA LYS C 18 35.11 -10.88 25.57
C LYS C 18 34.68 -9.43 25.90
N LYS C 19 35.52 -8.47 25.57
CA LYS C 19 35.28 -7.05 25.86
C LYS C 19 34.78 -6.30 24.64
N HIS C 20 33.75 -5.49 24.84
CA HIS C 20 33.19 -4.63 23.79
C HIS C 20 33.12 -3.21 24.24
N ASN C 21 33.54 -2.28 23.39
CA ASN C 21 33.34 -0.85 23.69
C ASN C 21 31.86 -0.50 23.46
N VAL C 22 31.23 0.14 24.45
CA VAL C 22 29.82 0.50 24.36
C VAL C 22 29.59 1.90 24.84
N THR C 23 28.94 2.70 24.00
CA THR C 23 28.47 4.01 24.42
C THR C 23 27.06 3.83 24.96
N CYS C 24 26.74 4.57 26.02
CA CYS C 24 25.37 4.56 26.53
C CYS C 24 24.34 4.75 25.42
N HIS C 25 23.27 3.97 25.51
CA HIS C 25 22.19 4.02 24.52
C HIS C 25 21.43 5.30 24.47
N PHE C 26 21.50 6.07 25.55
CA PHE C 26 20.47 7.05 25.81
C PHE C 26 20.94 8.49 25.61
N CYS C 27 21.24 9.20 26.69
CA CYS C 27 21.32 10.66 26.61
C CYS C 27 22.59 11.20 25.93
N ILE C 28 22.53 12.48 25.60
CA ILE C 28 23.60 13.24 24.91
C ILE C 28 25.03 13.07 25.47
N VAL C 29 25.15 12.81 26.76
CA VAL C 29 26.47 12.80 27.40
C VAL C 29 27.36 11.69 26.83
N GLY C 30 26.74 10.61 26.42
CA GLY C 30 27.45 9.51 25.80
C GLY C 30 28.54 8.87 26.66
N CYS C 31 28.19 8.55 27.89
CA CYS C 31 29.13 7.91 28.83
C CYS C 31 29.69 6.59 28.28
N GLY C 32 30.94 6.32 28.60
CA GLY C 32 31.62 5.12 28.14
C GLY C 32 31.33 3.92 29.01
N TYR C 33 31.06 2.78 28.37
CA TYR C 33 30.86 1.51 29.03
C TYR C 33 31.65 0.42 28.31
N HIS C 34 31.74 -0.73 28.95
CA HIS C 34 32.21 -1.96 28.31
C HIS C 34 31.19 -3.02 28.56
N ALA C 35 30.94 -3.83 27.53
CA ALA C 35 30.09 -5.00 27.65
C ALA C 35 31.00 -6.22 27.64
N TYR C 36 30.98 -6.98 28.73
CA TYR C 36 31.73 -8.22 28.83
C TYR C 36 30.78 -9.40 28.69
N THR C 37 31.15 -10.36 27.84
CA THR C 37 30.32 -11.54 27.62
C THR C 37 31.13 -12.82 27.71
N TRP C 38 30.51 -13.89 28.16
CA TRP C 38 31.18 -15.18 28.26
C TRP C 38 30.18 -16.31 28.27
N PRO C 39 30.61 -17.53 27.93
CA PRO C 39 29.66 -18.60 27.76
C PRO C 39 28.80 -18.85 29.00
N ILE C 40 27.52 -19.06 28.77
CA ILE C 40 26.61 -19.50 29.81
C ILE C 40 27.26 -20.75 30.41
N ASN C 41 27.16 -20.95 31.70
CA ASN C 41 27.82 -22.16 32.26
C ASN C 41 29.37 -22.23 32.25
N LYS C 42 30.00 -21.11 31.99
CA LYS C 42 31.35 -20.86 32.48
C LYS C 42 31.21 -19.65 33.42
N GLN C 43 32.18 -19.46 34.30
CA GLN C 43 32.14 -18.32 35.21
C GLN C 43 33.49 -17.95 35.79
N GLY C 44 33.57 -16.73 36.27
CA GLY C 44 34.74 -16.25 36.97
C GLY C 44 34.71 -16.68 38.42
N GLY C 45 35.84 -16.53 39.08
CA GLY C 45 35.99 -16.87 40.47
C GLY C 45 36.41 -15.67 41.31
N THR C 46 36.56 -15.91 42.59
CA THR C 46 36.78 -14.85 43.56
C THR C 46 38.27 -14.42 43.63
N ASP C 47 39.19 -15.34 43.32
CA ASP C 47 40.61 -15.02 43.32
C ASP C 47 41.01 -14.17 42.10
N PRO C 48 42.02 -13.30 42.27
CA PRO C 48 42.40 -12.31 41.24
C PRO C 48 42.65 -12.87 39.83
N GLN C 49 43.31 -14.02 39.79
CA GLN C 49 43.62 -14.74 38.55
C GLN C 49 42.38 -15.23 37.78
N ASN C 50 41.25 -15.37 38.49
CA ASN C 50 40.00 -15.90 37.90
C ASN C 50 38.90 -14.87 37.59
N ASN C 51 39.25 -13.59 37.55
CA ASN C 51 38.28 -12.56 37.17
C ASN C 51 38.91 -11.40 36.42
N ILE C 52 38.06 -10.65 35.73
CA ILE C 52 38.47 -9.59 34.83
C ILE C 52 39.17 -8.42 35.54
N PHE C 53 38.95 -8.27 36.85
CA PHE C 53 39.46 -7.12 37.60
C PHE C 53 40.85 -7.33 38.17
N GLY C 54 41.25 -8.59 38.35
CA GLY C 54 42.53 -8.90 38.98
C GLY C 54 42.51 -8.55 40.44
N VAL C 55 41.38 -8.78 41.08
CA VAL C 55 41.15 -8.37 42.46
C VAL C 55 40.57 -9.53 43.25
N ASP C 56 40.87 -9.57 44.55
CA ASP C 56 40.25 -10.55 45.45
C ASP C 56 38.81 -10.13 45.76
N LEU C 57 37.86 -10.79 45.12
CA LEU C 57 36.43 -10.44 45.24
C LEU C 57 35.76 -11.02 46.48
N SER C 58 36.50 -11.74 47.31
CA SER C 58 35.98 -12.22 48.59
C SER C 58 36.04 -11.15 49.70
N GLU C 59 36.55 -9.97 49.36
CA GLU C 59 36.63 -8.83 50.29
C GLU C 59 35.69 -7.74 49.83
N GLN C 60 35.02 -7.11 50.78
CA GLN C 60 34.21 -5.91 50.53
C GLN C 60 35.02 -4.85 49.77
N GLN C 61 34.45 -4.32 48.70
CA GLN C 61 35.14 -3.28 47.94
C GLN C 61 34.83 -1.92 48.56
N GLN C 62 35.79 -1.02 48.44
CA GLN C 62 35.63 0.36 48.93
C GLN C 62 34.76 1.18 47.97
N ALA C 63 34.43 2.38 48.39
CA ALA C 63 33.65 3.31 47.59
C ALA C 63 34.30 3.58 46.22
N GLU C 64 33.48 3.74 45.19
CA GLU C 64 33.93 4.07 43.83
C GLU C 64 34.78 2.98 43.17
N SER C 65 34.65 1.74 43.64
CA SER C 65 35.43 0.62 43.10
C SER C 65 35.03 0.29 41.67
N ASP C 66 36.02 -0.03 40.84
CA ASP C 66 35.78 -0.55 39.49
C ASP C 66 35.34 -2.01 39.56
N ALA C 67 35.67 -2.68 40.65
CA ALA C 67 35.45 -4.12 40.79
C ALA C 67 34.07 -4.46 41.38
N TRP C 68 33.02 -3.90 40.79
CA TRP C 68 31.65 -4.20 41.20
C TRP C 68 30.67 -3.78 40.15
N TYR C 69 29.53 -4.45 40.13
CA TYR C 69 28.42 -4.07 39.26
C TYR C 69 27.09 -4.43 39.88
N SER C 70 26.06 -3.66 39.54
CA SER C 70 24.74 -3.89 40.15
C SER C 70 23.99 -4.88 39.30
N PRO C 71 22.94 -5.48 39.87
CA PRO C 71 22.10 -6.42 39.12
C PRO C 71 21.61 -5.91 37.77
N SER C 72 21.25 -4.64 37.69
CA SER C 72 20.72 -4.08 36.42
C SER C 72 21.80 -3.99 35.34
N MET C 73 23.05 -4.21 35.72
CA MET C 73 24.16 -4.25 34.76
C MET C 73 24.43 -5.66 34.27
N TYR C 74 23.67 -6.64 34.79
CA TYR C 74 23.85 -8.06 34.42
C TYR C 74 22.62 -8.62 33.72
N ASN C 75 22.85 -9.46 32.71
CA ASN C 75 21.76 -10.20 32.07
C ASN C 75 22.32 -11.40 31.33
N VAL C 76 21.44 -12.19 30.72
CA VAL C 76 21.85 -13.27 29.81
C VAL C 76 21.24 -13.00 28.45
N VAL C 77 22.06 -12.98 27.41
CA VAL C 77 21.59 -12.61 26.08
C VAL C 77 22.14 -13.53 25.00
N LYS C 78 21.47 -13.58 23.86
CA LYS C 78 21.95 -14.37 22.73
C LYS C 78 23.11 -13.66 22.02
N GLN C 79 24.14 -14.42 21.68
CA GLN C 79 25.30 -13.93 20.92
C GLN C 79 25.72 -15.01 19.93
N ASP C 80 25.65 -14.68 18.65
CA ASP C 80 25.88 -15.65 17.58
C ASP C 80 25.14 -16.98 17.82
N GLY C 81 23.88 -16.89 18.20
CA GLY C 81 23.03 -18.08 18.41
C GLY C 81 23.11 -18.76 19.77
N ARG C 82 24.05 -18.34 20.61
CA ARG C 82 24.26 -18.96 21.92
C ARG C 82 23.94 -18.00 23.07
N ASP C 83 23.36 -18.52 24.13
CA ASP C 83 23.15 -17.72 25.32
C ASP C 83 24.52 -17.47 25.97
N VAL C 84 24.75 -16.22 26.37
CA VAL C 84 25.97 -15.83 27.05
C VAL C 84 25.59 -14.89 28.19
N HIS C 85 26.39 -14.88 29.24
CA HIS C 85 26.28 -13.84 30.27
C HIS C 85 26.76 -12.55 29.66
N VAL C 86 26.18 -11.42 30.07
CA VAL C 86 26.69 -10.10 29.72
C VAL C 86 26.70 -9.21 30.97
N VAL C 87 27.74 -8.40 31.10
CA VAL C 87 27.73 -7.30 32.05
C VAL C 87 28.08 -6.01 31.30
N ILE C 88 27.22 -5.00 31.43
CA ILE C 88 27.48 -3.71 30.79
C ILE C 88 27.75 -2.72 31.90
N LYS C 89 28.98 -2.27 31.96
CA LYS C 89 29.59 -1.68 33.13
C LYS C 89 30.22 -0.37 32.69
N PRO C 90 30.03 0.72 33.44
CA PRO C 90 30.69 1.93 33.01
C PRO C 90 32.21 1.85 33.05
N ASP C 91 32.84 2.55 32.12
CA ASP C 91 34.29 2.57 31.92
C ASP C 91 34.94 3.64 32.79
N HIS C 92 35.80 3.21 33.70
CA HIS C 92 36.55 4.12 34.57
C HIS C 92 37.46 5.04 33.80
N GLU C 93 38.00 4.54 32.69
CA GLU C 93 39.01 5.28 31.89
C GLU C 93 38.44 6.31 30.93
N CYS C 94 37.13 6.26 30.70
CA CYS C 94 36.48 7.19 29.77
C CYS C 94 36.47 8.59 30.38
N VAL C 95 36.97 9.57 29.63
CA VAL C 95 37.07 10.95 30.13
C VAL C 95 35.72 11.64 30.25
N VAL C 96 34.69 11.12 29.60
CA VAL C 96 33.34 11.68 29.74
C VAL C 96 32.80 11.47 31.15
N ASN C 97 32.69 10.21 31.55
CA ASN C 97 32.02 9.82 32.80
C ASN C 97 32.93 9.38 33.93
N SER C 98 34.19 9.03 33.62
CA SER C 98 35.17 8.58 34.63
C SER C 98 34.61 7.49 35.57
N GLY C 99 33.83 6.56 35.00
CA GLY C 99 33.30 5.44 35.76
C GLY C 99 31.87 5.60 36.26
N LEU C 100 31.34 6.82 36.18
CA LEU C 100 29.95 7.06 36.56
C LEU C 100 28.99 6.42 35.56
N GLY C 101 27.87 5.94 36.07
CA GLY C 101 26.74 5.49 35.24
C GLY C 101 25.45 6.00 35.85
N SER C 102 24.57 6.58 35.03
CA SER C 102 23.32 7.10 35.55
C SER C 102 22.35 5.97 35.82
N VAL C 103 21.28 6.29 36.55
CA VAL C 103 20.20 5.34 36.76
C VAL C 103 19.67 4.79 35.44
N ARG C 104 19.88 5.52 34.37
CA ARG C 104 19.47 5.07 33.03
C ARG C 104 20.51 4.13 32.38
N GLY C 105 21.73 4.63 32.26
CA GLY C 105 22.79 3.86 31.63
C GLY C 105 23.10 2.58 32.36
N ALA C 106 23.04 2.63 33.69
CA ALA C 106 23.34 1.47 34.53
C ALA C 106 22.31 0.35 34.40
N ARG C 107 21.24 0.55 33.65
CA ARG C 107 20.28 -0.54 33.42
C ARG C 107 20.15 -0.97 31.95
N MET C 108 21.12 -0.66 31.12
CA MET C 108 21.16 -1.18 29.75
C MET C 108 21.05 -2.71 29.71
N ALA C 109 21.76 -3.41 30.57
CA ALA C 109 21.74 -4.88 30.57
C ALA C 109 20.35 -5.44 30.87
N GLU C 110 19.79 -4.95 31.95
CA GLU C 110 18.44 -5.31 32.41
C GLU C 110 17.32 -4.88 31.45
N THR C 111 17.57 -3.87 30.62
CA THR C 111 16.57 -3.48 29.62
C THR C 111 16.90 -4.07 28.23
N SER C 112 17.86 -4.98 28.17
CA SER C 112 18.12 -5.74 26.95
C SER C 112 17.17 -6.92 26.88
N PHE C 113 17.04 -7.50 25.70
CA PHE C 113 16.18 -8.65 25.48
C PHE C 113 16.85 -9.93 25.96
N SER C 114 16.17 -10.66 26.83
CA SER C 114 16.61 -11.97 27.31
C SER C 114 15.48 -12.98 27.39
N GLU C 115 15.52 -14.02 26.56
CA GLU C 115 14.61 -15.18 26.73
C GLU C 115 14.91 -15.93 28.01
N ALA C 116 16.19 -15.99 28.39
CA ALA C 116 16.59 -16.77 29.55
C ALA C 116 16.04 -16.16 30.84
N ARG C 117 16.20 -14.86 31.02
CA ARG C 117 15.80 -14.21 32.27
C ARG C 117 14.54 -13.37 32.13
N ASN C 118 13.87 -13.50 30.99
CA ASN C 118 12.57 -12.88 30.72
C ASN C 118 12.53 -11.35 30.85
N THR C 119 13.57 -10.68 30.37
CA THR C 119 13.57 -9.22 30.31
C THR C 119 13.11 -8.72 28.92
N GLN C 120 12.24 -7.72 28.94
CA GLN C 120 11.76 -7.05 27.74
C GLN C 120 11.14 -7.99 26.71
N GLN C 121 10.25 -8.87 27.16
CA GLN C 121 9.51 -9.78 26.26
CA GLN C 121 9.56 -9.76 26.25
C GLN C 121 8.61 -8.99 25.32
N GLN C 122 8.35 -7.73 25.66
CA GLN C 122 7.55 -6.86 24.80
C GLN C 122 8.22 -6.66 23.45
N ARG C 123 9.53 -6.89 23.36
CA ARG C 123 10.23 -6.57 22.11
C ARG C 123 9.72 -7.31 20.88
N LEU C 124 9.56 -6.56 19.80
CA LEU C 124 9.08 -7.08 18.52
C LEU C 124 10.07 -8.11 17.96
N THR C 125 9.54 -9.19 17.43
CA THR C 125 10.36 -10.27 16.90
C THR C 125 10.07 -10.57 15.45
N ASP C 126 8.85 -10.22 14.99
CA ASP C 126 8.39 -10.53 13.63
C ASP C 126 7.65 -9.36 13.03
N PRO C 127 7.66 -9.24 11.70
CA PRO C 127 6.77 -8.30 11.04
C PRO C 127 5.33 -8.65 11.32
N LEU C 128 4.51 -7.62 11.53
CA LEU C 128 3.08 -7.81 11.78
C LEU C 128 2.29 -7.06 10.70
N VAL C 129 1.17 -7.65 10.29
CA VAL C 129 0.28 -7.03 9.34
C VAL C 129 -1.16 -7.16 9.83
N TRP C 130 -1.96 -6.11 9.63
CA TRP C 130 -3.36 -6.12 10.02
C TRP C 130 -4.15 -6.91 9.04
N ARG C 131 -4.60 -8.09 9.44
CA ARG C 131 -5.45 -8.89 8.58
C ARG C 131 -6.24 -9.91 9.35
N TYR C 132 -7.34 -10.36 8.77
CA TYR C 132 -8.22 -11.34 9.40
C TYR C 132 -8.78 -10.86 10.74
N GLY C 133 -8.89 -9.53 10.88
CA GLY C 133 -9.54 -8.94 12.04
C GLY C 133 -8.61 -8.43 13.11
N GLN C 134 -7.33 -8.73 12.99
CA GLN C 134 -6.33 -8.40 14.02
C GLN C 134 -4.98 -8.20 13.43
N MET C 135 -4.01 -7.84 14.26
CA MET C 135 -2.61 -7.88 13.89
C MET C 135 -2.14 -9.32 13.88
N GLN C 136 -1.39 -9.68 12.84
CA GLN C 136 -0.91 -11.05 12.64
C GLN C 136 0.55 -11.08 12.22
N PRO C 137 1.33 -12.04 12.75
CA PRO C 137 2.71 -12.11 12.34
C PRO C 137 2.85 -12.68 10.93
N THR C 138 3.94 -12.33 10.27
CA THR C 138 4.20 -12.79 8.92
C THR C 138 5.68 -12.71 8.63
N SER C 139 6.06 -13.06 7.41
CA SER C 139 7.44 -12.95 6.93
C SER C 139 7.77 -11.54 6.47
N TRP C 140 9.06 -11.25 6.38
CA TRP C 140 9.57 -10.01 5.83
C TRP C 140 9.17 -9.79 4.39
N ASP C 141 9.28 -10.85 3.58
CA ASP C 141 8.96 -10.74 2.15
C ASP C 141 7.52 -10.31 1.98
N ASP C 142 6.64 -10.91 2.75
CA ASP C 142 5.23 -10.54 2.73
C ASP C 142 5.03 -9.09 3.17
N ALA C 143 5.61 -8.73 4.30
CA ALA C 143 5.34 -7.44 4.90
C ALA C 143 5.90 -6.32 4.06
N LEU C 144 7.13 -6.50 3.57
CA LEU C 144 7.75 -5.51 2.71
C LEU C 144 7.02 -5.36 1.36
N ASP C 145 6.54 -6.48 0.81
CA ASP C 145 5.79 -6.44 -0.43
C ASP C 145 4.55 -5.57 -0.26
N LEU C 146 3.85 -5.72 0.86
CA LEU C 146 2.62 -4.97 1.07
C LEU C 146 2.94 -3.47 1.19
N VAL C 147 3.92 -3.14 2.03
CA VAL C 147 4.31 -1.75 2.20
C VAL C 147 4.71 -1.12 0.88
N ALA C 148 5.52 -1.83 0.10
CA ALA C 148 6.04 -1.32 -1.17
C ALA C 148 4.91 -1.10 -2.19
N ARG C 149 4.03 -2.07 -2.31
CA ARG C 149 2.93 -1.96 -3.25
C ARG C 149 2.00 -0.80 -2.96
N VAL C 150 1.61 -0.65 -1.70
CA VAL C 150 0.70 0.45 -1.33
C VAL C 150 1.42 1.78 -1.54
N THR C 151 2.65 1.89 -1.04
CA THR C 151 3.41 3.14 -1.17
C THR C 151 3.62 3.53 -2.66
N ALA C 152 3.95 2.54 -3.49
CA ALA C 152 4.25 2.79 -4.89
C ALA C 152 3.01 3.24 -5.63
N LYS C 153 1.90 2.59 -5.36
CA LYS C 153 0.65 2.94 -6.00
C LYS C 153 0.26 4.39 -5.68
N ILE C 154 0.33 4.73 -4.39
CA ILE C 154 -0.07 6.06 -3.93
C ILE C 154 0.84 7.14 -4.52
N VAL C 155 2.14 6.85 -4.54
CA VAL C 155 3.10 7.80 -5.05
C VAL C 155 2.96 7.99 -6.55
N LYS C 156 2.67 6.92 -7.27
CA LYS C 156 2.40 7.02 -8.72
C LYS C 156 1.11 7.78 -9.01
N GLU C 157 0.08 7.54 -8.22
CA GLU C 157 -1.24 8.10 -8.51
C GLU C 157 -1.36 9.56 -8.04
N LYS C 158 -0.72 9.88 -6.92
CA LYS C 158 -0.94 11.18 -6.25
C LYS C 158 0.32 12.02 -6.07
N GLY C 159 1.47 11.46 -6.42
CA GLY C 159 2.74 12.12 -6.23
C GLY C 159 3.35 11.79 -4.88
N GLU C 160 4.64 12.09 -4.73
CA GLU C 160 5.36 11.82 -3.49
C GLU C 160 4.82 12.61 -2.29
N ASP C 161 4.12 13.71 -2.53
CA ASP C 161 3.55 14.50 -1.44
C ASP C 161 2.52 13.69 -0.63
N ALA C 162 1.97 12.64 -1.24
CA ALA C 162 1.02 11.77 -0.53
C ALA C 162 1.72 10.89 0.51
N LEU C 163 3.05 10.79 0.43
CA LEU C 163 3.81 10.01 1.39
C LEU C 163 4.26 10.91 2.55
N ILE C 164 3.83 10.57 3.76
CA ILE C 164 4.19 11.31 4.96
C ILE C 164 5.20 10.47 5.72
N VAL C 165 6.23 11.09 6.26
CA VAL C 165 7.24 10.34 7.02
C VAL C 165 7.48 10.99 8.36
N SER C 166 7.56 10.18 9.40
CA SER C 166 8.01 10.63 10.71
C SER C 166 9.21 9.81 11.03
N ALA C 167 10.34 10.46 11.32
CA ALA C 167 11.57 9.72 11.60
C ALA C 167 12.47 10.38 12.64
N PHE C 168 13.19 9.55 13.36
CA PHE C 168 14.31 10.00 14.19
C PHE C 168 15.29 10.73 13.30
N ASP C 169 15.95 11.75 13.84
CA ASP C 169 17.11 12.34 13.17
C ASP C 169 18.34 12.32 14.09
N HIS C 170 18.23 11.60 15.19
CA HIS C 170 19.20 11.73 16.28
C HIS C 170 20.18 10.60 16.28
N GLY C 171 21.09 10.66 17.24
CA GLY C 171 22.09 9.61 17.45
C GLY C 171 21.64 8.58 18.48
N GLY C 172 22.55 7.68 18.82
CA GLY C 172 22.32 6.67 19.85
C GLY C 172 21.28 5.63 19.48
N ALA C 173 20.88 4.84 20.45
CA ALA C 173 19.86 3.82 20.20
C ALA C 173 18.68 4.48 19.52
N GLY C 174 18.23 3.89 18.42
CA GLY C 174 17.12 4.43 17.66
C GLY C 174 17.55 5.55 16.73
N GLY C 175 18.84 5.63 16.49
CA GLY C 175 19.39 6.62 15.56
C GLY C 175 20.81 6.25 15.23
N GLY C 176 21.63 7.27 15.02
CA GLY C 176 23.02 7.06 14.68
C GLY C 176 23.24 7.28 13.19
N TYR C 177 24.50 7.30 12.80
CA TYR C 177 24.87 7.65 11.44
C TYR C 177 24.42 6.59 10.43
N GLU C 178 24.56 5.33 10.79
CA GLU C 178 24.15 4.25 9.91
C GLU C 178 22.66 4.41 9.61
N ASN C 179 21.86 4.54 10.65
CA ASN C 179 20.40 4.61 10.52
C ASN C 179 19.83 5.91 9.96
N THR C 180 20.46 7.05 10.23
CA THR C 180 19.95 8.31 9.66
C THR C 180 20.29 8.38 8.18
N TRP C 181 21.41 7.79 7.81
CA TRP C 181 21.77 7.70 6.41
C TRP C 181 20.81 6.82 5.64
N GLY C 182 20.50 5.65 6.16
CA GLY C 182 19.62 4.71 5.46
C GLY C 182 18.26 5.32 5.18
N THR C 183 17.62 5.83 6.23
CA THR C 183 16.32 6.49 6.06
C THR C 183 16.45 7.75 5.21
N GLY C 184 17.50 8.51 5.46
CA GLY C 184 17.77 9.70 4.65
C GLY C 184 17.89 9.40 3.15
N LYS C 185 18.64 8.36 2.83
CA LYS C 185 18.89 8.02 1.44
C LYS C 185 17.61 7.54 0.77
N LEU C 186 16.79 6.83 1.52
CA LEU C 186 15.52 6.35 0.98
C LEU C 186 14.62 7.54 0.61
N TYR C 187 14.48 8.48 1.54
CA TYR C 187 13.45 9.51 1.39
C TYR C 187 13.92 10.81 0.73
N PHE C 188 15.23 11.05 0.71
CA PHE C 188 15.82 12.26 0.10
C PHE C 188 16.65 11.99 -1.17
N GLU C 189 17.22 10.80 -1.33
CA GLU C 189 17.99 10.48 -2.54
C GLU C 189 17.12 9.73 -3.54
N ALA C 190 16.61 8.57 -3.15
CA ALA C 190 15.69 7.81 -3.99
C ALA C 190 14.41 8.59 -4.28
N MET C 191 13.90 9.25 -3.25
CA MET C 191 12.67 10.06 -3.35
C MET C 191 13.00 11.52 -3.00
N LYS C 192 12.00 12.38 -3.11
CA LYS C 192 12.12 13.77 -2.66
C LYS C 192 10.95 14.15 -1.76
N VAL C 193 10.87 13.45 -0.63
CA VAL C 193 9.76 13.65 0.33
C VAL C 193 9.85 15.00 1.01
N LYS C 194 8.89 15.87 0.71
CA LYS C 194 8.70 17.14 1.42
C LYS C 194 8.02 16.94 2.78
N ASN C 195 6.98 16.12 2.81
CA ASN C 195 6.13 16.06 4.01
C ASN C 195 6.68 15.11 5.01
N ILE C 196 7.79 15.52 5.60
CA ILE C 196 8.56 14.70 6.55
C ILE C 196 8.79 15.50 7.82
N ARG C 197 8.64 14.84 8.97
CA ARG C 197 8.90 15.47 10.26
C ARG C 197 9.87 14.65 11.06
N ILE C 198 10.33 15.24 12.15
CA ILE C 198 11.38 14.65 12.96
C ILE C 198 10.70 14.11 14.22
N HIS C 199 11.45 13.38 15.01
CA HIS C 199 10.84 12.71 16.16
C HIS C 199 10.31 13.63 17.22
N ASN C 200 10.89 14.81 17.37
CA ASN C 200 10.53 15.72 18.46
C ASN C 200 9.89 17.02 18.02
N ARG C 201 9.63 17.15 16.72
CA ARG C 201 9.02 18.37 16.19
C ARG C 201 8.36 18.11 14.85
N PRO C 202 7.29 18.87 14.53
CA PRO C 202 6.38 18.47 13.47
C PRO C 202 6.71 19.00 12.09
N ALA C 203 7.97 19.33 11.86
CA ALA C 203 8.42 19.73 10.53
C ALA C 203 9.91 19.36 10.39
N TYR C 204 10.45 19.42 9.18
CA TYR C 204 11.87 19.16 8.93
C TYR C 204 12.64 20.47 9.05
N ASN C 205 12.83 20.87 10.29
CA ASN C 205 13.57 22.08 10.64
C ASN C 205 14.72 21.76 11.60
N SER C 206 15.51 22.79 11.90
CA SER C 206 16.47 22.73 13.00
C SER C 206 15.82 23.22 14.29
N GLU C 207 16.29 22.72 15.43
CA GLU C 207 15.88 23.21 16.74
C GLU C 207 16.47 24.59 17.00
N VAL C 208 17.56 24.91 16.28
CA VAL C 208 18.40 26.05 16.64
C VAL C 208 18.85 26.87 15.41
N HIS C 209 17.91 27.15 14.53
CA HIS C 209 18.14 28.01 13.38
C HIS C 209 18.79 29.32 13.73
N GLY C 210 18.43 29.88 14.88
CA GLY C 210 18.98 31.17 15.31
C GLY C 210 20.48 31.15 15.42
N THR C 211 21.01 30.26 16.23
CA THR C 211 22.45 30.19 16.41
C THR C 211 23.15 29.84 15.06
N ARG C 212 22.55 28.97 14.28
CA ARG C 212 23.14 28.54 13.01
C ARG C 212 23.20 29.67 12.00
N ASP C 213 22.14 30.45 11.93
CA ASP C 213 22.08 31.60 11.01
C ASP C 213 23.09 32.66 11.40
N MET C 214 23.40 32.72 12.68
CA MET C 214 24.41 33.67 13.17
C MET C 214 25.84 33.22 12.89
N GLY C 215 25.98 31.98 12.45
CA GLY C 215 27.29 31.41 12.14
C GLY C 215 27.86 30.53 13.24
N VAL C 216 27.08 30.29 14.29
CA VAL C 216 27.57 29.55 15.45
C VAL C 216 26.86 28.22 15.61
N GLY C 217 27.51 27.16 15.15
CA GLY C 217 27.06 25.80 15.36
C GLY C 217 26.86 25.53 16.84
N GLU C 218 25.82 24.80 17.17
CA GLU C 218 25.33 24.71 18.53
C GLU C 218 26.18 23.82 19.44
N LEU C 219 27.08 23.02 18.89
CA LEU C 219 27.97 22.20 19.70
C LEU C 219 29.43 22.61 19.46
N ASN C 220 29.83 23.76 20.01
CA ASN C 220 31.10 24.40 19.64
C ASN C 220 32.26 24.24 20.65
N ASN C 221 31.96 23.79 21.85
CA ASN C 221 32.94 23.68 22.91
C ASN C 221 33.30 22.23 23.27
N CYS C 222 34.00 22.05 24.38
CA CYS C 222 34.19 20.73 24.94
C CYS C 222 33.77 20.69 26.40
N TYR C 223 33.67 19.49 26.95
CA TYR C 223 33.18 19.27 28.31
C TYR C 223 34.18 19.77 29.35
N GLU C 224 35.44 19.86 28.95
CA GLU C 224 36.47 20.45 29.81
C GLU C 224 36.16 21.92 30.11
N ASP C 225 35.48 22.58 29.18
CA ASP C 225 35.16 24.00 29.34
C ASP C 225 34.21 24.26 30.52
N ALA C 226 33.36 23.29 30.85
CA ALA C 226 32.54 23.39 32.08
C ALA C 226 33.40 23.33 33.36
N GLU C 227 34.57 22.70 33.28
CA GLU C 227 35.51 22.65 34.40
C GLU C 227 36.31 23.95 34.55
N LEU C 228 36.45 24.67 33.45
CA LEU C 228 37.38 25.83 33.38
C LEU C 228 36.73 27.20 33.46
N ALA C 229 35.45 27.29 33.15
CA ALA C 229 34.72 28.55 33.20
C ALA C 229 34.76 29.19 34.57
N ASP C 230 34.77 30.52 34.59
CA ASP C 230 34.55 31.28 35.81
C ASP C 230 33.08 31.21 36.24
N THR C 231 32.19 31.36 35.26
CA THR C 231 30.75 31.27 35.49
C THR C 231 30.13 30.36 34.46
N ILE C 232 29.28 29.44 34.93
CA ILE C 232 28.43 28.67 34.04
C ILE C 232 27.03 29.31 34.03
N VAL C 233 26.50 29.59 32.85
CA VAL C 233 25.13 30.07 32.71
C VAL C 233 24.33 28.94 32.11
N ALA C 234 23.50 28.31 32.95
CA ALA C 234 22.68 27.17 32.54
C ALA C 234 21.23 27.61 32.34
N VAL C 235 20.76 27.60 31.10
CA VAL C 235 19.43 28.12 30.76
C VAL C 235 18.53 27.00 30.27
N GLY C 236 17.36 26.90 30.89
CA GLY C 236 16.36 25.93 30.47
C GLY C 236 16.88 24.51 30.47
N THR C 237 17.67 24.17 31.50
CA THR C 237 18.29 22.86 31.64
C THR C 237 18.24 22.40 33.09
N ASN C 238 17.94 21.12 33.26
CA ASN C 238 17.85 20.46 34.56
C ASN C 238 18.93 19.39 34.58
N ALA C 239 20.16 19.86 34.40
CA ALA C 239 21.32 19.01 34.08
C ALA C 239 21.54 17.81 34.99
N LEU C 240 21.27 17.96 36.30
CA LEU C 240 21.49 16.84 37.20
C LEU C 240 20.60 15.66 36.80
N GLU C 241 19.38 15.95 36.37
CA GLU C 241 18.43 14.92 35.92
C GLU C 241 18.57 14.56 34.43
N THR C 242 19.04 15.50 33.61
CA THR C 242 18.97 15.35 32.13
C THR C 242 20.30 15.31 31.37
N GLN C 243 21.37 15.78 31.99
CA GLN C 243 22.73 15.58 31.48
C GLN C 243 23.56 15.18 32.66
N THR C 244 23.06 14.19 33.37
CA THR C 244 23.54 13.82 34.70
C THR C 244 25.06 13.80 34.85
N ASN C 245 25.74 12.99 34.06
CA ASN C 245 27.18 12.76 34.27
C ASN C 245 28.08 13.87 33.72
N TYR C 246 27.59 14.62 32.75
CA TYR C 246 28.28 15.86 32.35
C TYR C 246 28.30 16.79 33.58
N PHE C 247 27.13 16.92 34.21
CA PHE C 247 27.00 17.74 35.40
C PHE C 247 27.87 17.19 36.52
N LEU C 248 27.75 15.91 36.82
CA LEU C 248 28.46 15.34 37.98
C LEU C 248 29.98 15.27 37.79
N ASN C 249 30.40 14.92 36.58
CA ASN C 249 31.82 14.73 36.29
C ASN C 249 32.56 15.96 35.75
N HIS C 250 31.84 17.03 35.39
CA HIS C 250 32.50 18.24 34.88
C HIS C 250 32.05 19.53 35.54
N TRP C 251 30.76 19.73 35.74
CA TRP C 251 30.31 20.98 36.39
C TRP C 251 30.65 21.00 37.86
N ILE C 252 30.37 19.92 38.56
CA ILE C 252 30.58 19.87 40.00
C ILE C 252 32.01 20.16 40.42
N PRO C 253 33.00 19.54 39.74
CA PRO C 253 34.40 19.83 40.10
C PRO C 253 34.72 21.31 40.03
N ASN C 254 34.11 22.01 39.08
CA ASN C 254 34.27 23.44 38.98
C ASN C 254 33.67 24.16 40.18
N LEU C 255 32.43 23.82 40.50
CA LEU C 255 31.72 24.44 41.61
C LEU C 255 32.35 24.12 42.97
N ARG C 256 32.92 22.93 43.10
CA ARG C 256 33.56 22.49 44.34
C ARG C 256 34.96 23.07 44.53
N GLY C 257 35.52 23.61 43.45
CA GLY C 257 36.88 24.12 43.46
C GLY C 257 37.95 23.07 43.16
N GLU C 258 37.54 21.87 42.75
CA GLU C 258 38.48 20.81 42.42
C GLU C 258 39.24 21.11 41.14
N SER C 259 38.70 22.00 40.33
CA SER C 259 39.31 22.40 39.04
C SER C 259 40.41 23.44 39.14
N LEU C 260 40.57 24.08 40.29
CA LEU C 260 41.46 25.24 40.40
C LEU C 260 42.87 24.92 39.96
N GLY C 261 43.39 23.78 40.39
CA GLY C 261 44.70 23.32 39.99
C GLY C 261 44.83 23.32 38.48
N LYS C 262 43.85 22.73 37.81
CA LYS C 262 43.83 22.68 36.35
C LYS C 262 43.71 24.08 35.73
N LYS C 263 42.83 24.89 36.26
CA LYS C 263 42.63 26.25 35.77
C LYS C 263 43.93 27.04 35.77
N LYS C 264 44.69 26.89 36.86
CA LYS C 264 45.95 27.62 37.03
C LYS C 264 47.08 27.11 36.13
N GLU C 265 47.09 25.82 35.85
CA GLU C 265 48.08 25.25 34.91
C GLU C 265 47.83 25.73 33.48
N LEU C 266 46.57 25.69 33.04
CA LEU C 266 46.24 26.02 31.64
C LEU C 266 46.09 27.53 31.39
N MET C 267 45.74 28.29 32.42
CA MET C 267 45.53 29.73 32.29
C MET C 267 46.24 30.47 33.42
N PRO C 268 47.59 30.40 33.46
CA PRO C 268 48.33 31.17 34.46
C PRO C 268 48.30 32.64 34.08
N GLU C 269 48.72 33.50 34.98
CA GLU C 269 48.65 34.94 34.72
C GLU C 269 47.20 35.34 34.39
N GLU C 270 46.29 34.82 35.21
CA GLU C 270 44.88 35.13 35.16
C GLU C 270 44.32 34.62 36.49
N PRO C 271 43.49 35.41 37.18
CA PRO C 271 42.97 34.90 38.44
C PRO C 271 41.82 33.88 38.27
N HIS C 272 41.64 33.05 39.29
CA HIS C 272 40.62 31.99 39.30
C HIS C 272 40.09 31.78 40.68
N GLU C 273 38.80 31.99 40.88
CA GLU C 273 38.12 31.55 42.10
C GLU C 273 37.33 30.29 41.73
N ALA C 274 36.64 29.68 42.70
CA ALA C 274 35.74 28.55 42.41
C ALA C 274 34.57 29.01 41.52
N GLY C 275 34.08 28.11 40.67
CA GLY C 275 33.04 28.45 39.71
C GLY C 275 31.77 28.91 40.39
N ARG C 276 31.08 29.83 39.72
CA ARG C 276 29.75 30.24 40.11
C ARG C 276 28.80 29.81 39.01
N ILE C 277 27.53 29.70 39.33
CA ILE C 277 26.55 29.23 38.35
C ILE C 277 25.26 30.05 38.38
N ILE C 278 24.82 30.46 37.20
CA ILE C 278 23.52 31.12 37.04
C ILE C 278 22.61 30.09 36.38
N ILE C 279 21.48 29.81 37.00
CA ILE C 279 20.51 28.88 36.45
C ILE C 279 19.24 29.62 36.13
N VAL C 280 18.88 29.65 34.85
CA VAL C 280 17.69 30.36 34.42
C VAL C 280 16.57 29.35 34.17
N ASP C 281 15.64 29.26 35.12
CA ASP C 281 14.62 28.21 35.12
C ASP C 281 13.47 28.63 36.04
N PRO C 282 12.23 28.63 35.55
CA PRO C 282 11.12 29.07 36.42
C PRO C 282 10.95 28.21 37.66
N ARG C 283 11.34 26.94 37.52
CA ARG C 283 11.20 25.96 38.58
C ARG C 283 12.52 25.72 39.31
N ARG C 284 12.43 25.52 40.61
CA ARG C 284 13.56 25.09 41.42
C ARG C 284 13.68 23.59 41.30
N THR C 285 14.77 23.15 40.72
CA THR C 285 14.95 21.74 40.43
C THR C 285 16.02 21.15 41.36
N VAL C 286 16.15 19.81 41.34
CA VAL C 286 17.22 19.16 42.10
C VAL C 286 18.60 19.67 41.64
N THR C 287 18.71 20.16 40.40
CA THR C 287 19.95 20.75 39.88
C THR C 287 20.33 22.00 40.70
N VAL C 288 19.37 22.87 40.90
CA VAL C 288 19.60 24.05 41.74
C VAL C 288 20.04 23.64 43.14
N ASN C 289 19.34 22.67 43.71
CA ASN C 289 19.63 22.20 45.07
C ASN C 289 21.05 21.67 45.20
N ALA C 290 21.49 20.91 44.18
CA ALA C 290 22.84 20.30 44.20
C ALA C 290 23.93 21.35 44.05
N CYS C 291 23.68 22.35 43.19
CA CYS C 291 24.64 23.44 43.01
C CYS C 291 24.83 24.20 44.32
N GLU C 292 23.72 24.54 44.97
CA GLU C 292 23.76 25.23 46.27
C GLU C 292 24.52 24.42 47.30
N GLN C 293 24.35 23.11 47.23
CA GLN C 293 24.93 22.20 48.19
C GLN C 293 26.44 21.99 47.99
N THR C 294 26.91 22.08 46.76
CA THR C 294 28.32 21.91 46.45
C THR C 294 29.07 23.23 46.46
N ALA C 295 28.51 24.26 45.82
CA ALA C 295 29.18 25.56 45.64
C ALA C 295 28.95 26.53 46.80
N GLY C 296 27.85 26.33 47.51
CA GLY C 296 27.37 27.31 48.50
C GLY C 296 26.33 28.22 47.87
N ALA C 297 25.33 28.63 48.66
CA ALA C 297 24.25 29.49 48.17
C ALA C 297 24.76 30.82 47.59
N ASP C 298 25.83 31.36 48.19
CA ASP C 298 26.46 32.60 47.70
C ASP C 298 26.97 32.52 46.26
N ASN C 299 27.27 31.31 45.79
CA ASN C 299 27.82 31.10 44.43
C ASN C 299 26.83 30.57 43.40
N VAL C 300 25.57 30.43 43.80
CA VAL C 300 24.52 30.01 42.90
C VAL C 300 23.51 31.13 42.78
N LEU C 301 23.18 31.50 41.55
CA LEU C 301 22.17 32.54 41.29
C LEU C 301 21.02 31.95 40.51
N HIS C 302 19.97 31.54 41.22
CA HIS C 302 18.78 30.97 40.59
C HIS C 302 17.80 32.03 40.19
N LEU C 303 17.74 32.29 38.90
CA LEU C 303 16.80 33.24 38.34
C LEU C 303 15.49 32.52 38.00
N ALA C 304 14.53 32.58 38.92
CA ALA C 304 13.23 31.91 38.74
C ALA C 304 12.31 32.82 37.92
N ILE C 305 12.61 32.91 36.63
CA ILE C 305 11.87 33.81 35.73
C ILE C 305 10.45 33.33 35.53
N ASN C 306 9.57 34.26 35.20
CA ASN C 306 8.27 33.90 34.70
C ASN C 306 8.45 33.07 33.41
N SER C 307 7.59 32.07 33.27
CA SER C 307 7.65 31.18 32.13
C SER C 307 7.65 31.96 30.82
N GLY C 308 8.64 31.67 29.98
CA GLY C 308 8.72 32.23 28.63
C GLY C 308 9.25 33.66 28.50
N THR C 309 9.94 34.12 29.53
CA THR C 309 10.41 35.52 29.58
C THR C 309 11.94 35.64 29.46
N ASP C 310 12.61 34.53 29.18
CA ASP C 310 14.06 34.51 28.97
C ASP C 310 14.63 35.61 28.08
N LEU C 311 13.93 35.90 26.99
CA LEU C 311 14.40 36.84 26.00
C LEU C 311 14.50 38.24 26.61
N ALA C 312 13.52 38.58 27.44
CA ALA C 312 13.57 39.85 28.17
C ALA C 312 14.82 39.89 29.03
N LEU C 313 15.06 38.80 29.77
CA LEU C 313 16.23 38.70 30.62
C LEU C 313 17.51 38.93 29.83
N PHE C 314 17.69 38.18 28.75
CA PHE C 314 18.94 38.26 27.97
C PHE C 314 19.15 39.62 27.32
N ASN C 315 18.08 40.19 26.79
CA ASN C 315 18.15 41.54 26.22
C ASN C 315 18.59 42.56 27.26
N ALA C 316 18.07 42.46 28.47
CA ALA C 316 18.50 43.35 29.55
C ALA C 316 19.98 43.14 29.85
N LEU C 317 20.39 41.88 29.94
CA LEU C 317 21.79 41.56 30.25
C LEU C 317 22.72 42.08 29.16
N PHE C 318 22.29 41.90 27.92
CA PHE C 318 23.04 42.38 26.77
C PHE C 318 23.23 43.89 26.81
N THR C 319 22.15 44.60 27.10
CA THR C 319 22.18 46.05 27.16
C THR C 319 23.15 46.54 28.26
N TYR C 320 23.00 45.99 29.45
CA TYR C 320 23.80 46.39 30.59
C TYR C 320 25.29 46.17 30.35
N ILE C 321 25.62 44.98 29.87
CA ILE C 321 26.99 44.60 29.56
C ILE C 321 27.59 45.45 28.43
N ALA C 322 26.78 45.76 27.42
CA ALA C 322 27.23 46.61 26.31
C ALA C 322 27.53 48.02 26.79
N ASP C 323 26.66 48.56 27.63
CA ASP C 323 26.79 49.92 28.14
C ASP C 323 27.98 50.09 29.08
N LYS C 324 28.22 49.08 29.91
CA LYS C 324 29.37 49.09 30.82
C LYS C 324 30.68 48.89 30.07
N GLY C 325 30.60 48.35 28.87
CA GLY C 325 31.78 48.11 28.03
C GLY C 325 32.49 46.80 28.35
N TRP C 326 31.81 45.92 29.07
CA TRP C 326 32.36 44.61 29.44
C TRP C 326 32.30 43.61 28.30
N VAL C 327 32.94 43.98 27.19
CA VAL C 327 32.87 43.21 25.96
C VAL C 327 34.28 43.00 25.40
N ASP C 328 34.45 41.90 24.67
CA ASP C 328 35.70 41.62 23.96
C ASP C 328 35.71 42.44 22.66
N ARG C 329 36.31 43.62 22.76
CA ARG C 329 36.29 44.59 21.68
C ARG C 329 37.03 44.08 20.43
N ASP C 330 38.17 43.43 20.62
CA ASP C 330 38.95 42.90 19.49
C ASP C 330 38.26 41.72 18.82
N PHE C 331 37.60 40.89 19.60
CA PHE C 331 36.81 39.79 19.05
C PHE C 331 35.66 40.30 18.19
N ILE C 332 34.98 41.34 18.67
CA ILE C 332 33.88 41.95 17.92
C ILE C 332 34.38 42.53 16.60
N ASP C 333 35.46 43.30 16.65
CA ASP C 333 36.03 43.97 15.45
C ASP C 333 36.56 42.96 14.41
N LYS C 334 37.16 41.88 14.89
CA LYS C 334 37.88 40.94 14.01
C LYS C 334 36.98 39.82 13.46
N SER C 335 36.00 39.38 14.25
CA SER C 335 35.24 38.16 13.92
C SER C 335 33.71 38.32 13.73
N THR C 336 33.20 39.55 13.82
CA THR C 336 31.74 39.76 13.69
C THR C 336 31.43 40.77 12.60
N LEU C 337 30.21 40.70 12.09
CA LEU C 337 29.77 41.58 11.01
C LEU C 337 29.81 43.02 11.45
N ARG C 338 30.47 43.85 10.65
CA ARG C 338 30.61 45.28 10.93
C ARG C 338 29.71 46.13 10.05
N GLU C 339 29.18 45.53 8.98
CA GLU C 339 28.29 46.22 8.05
C GLU C 339 26.97 46.60 8.73
N GLY C 340 26.61 47.88 8.67
CA GLY C 340 25.24 48.29 8.97
C GLY C 340 24.23 47.57 8.07
N THR C 341 23.02 47.35 8.56
CA THR C 341 21.98 46.75 7.73
C THR C 341 20.59 47.05 8.29
N ALA C 342 19.67 47.40 7.41
CA ALA C 342 18.39 47.99 7.82
C ALA C 342 17.39 46.94 8.33
N ARG C 343 16.62 47.34 9.33
CA ARG C 343 15.51 46.52 9.83
C ARG C 343 14.46 46.29 8.74
N PRO C 344 13.88 45.08 8.70
CA PRO C 344 12.81 44.80 7.76
C PRO C 344 11.53 45.59 8.10
N PRO C 345 10.67 45.83 7.10
CA PRO C 345 9.57 46.77 7.26
C PRO C 345 8.59 46.46 8.39
N LEU C 346 8.38 45.18 8.67
CA LEU C 346 7.42 44.76 9.70
C LEU C 346 8.04 44.59 11.10
N TYR C 347 9.31 44.99 11.25
CA TYR C 347 9.98 44.92 12.55
C TYR C 347 9.44 46.00 13.45
N PRO C 348 9.36 45.74 14.77
CA PRO C 348 9.84 44.54 15.46
C PRO C 348 8.84 43.41 15.70
N ALA C 349 7.57 43.61 15.37
CA ALA C 349 6.57 42.55 15.59
C ALA C 349 6.91 41.27 14.80
N ARG C 350 7.35 41.45 13.55
CA ARG C 350 7.59 40.33 12.63
C ARG C 350 8.86 40.56 11.82
N GLY C 351 9.50 39.47 11.41
CA GLY C 351 10.70 39.55 10.59
C GLY C 351 10.41 39.76 9.12
N VAL C 352 11.45 39.68 8.29
CA VAL C 352 11.32 39.89 6.85
C VAL C 352 10.33 38.90 6.21
N SER C 353 10.30 37.69 6.76
CA SER C 353 9.33 36.66 6.39
C SER C 353 9.27 35.59 7.47
N GLU C 354 8.44 34.57 7.26
CA GLU C 354 8.33 33.47 8.22
C GLU C 354 9.64 32.67 8.27
N ALA C 355 10.39 32.67 7.18
CA ALA C 355 11.68 32.01 7.15
C ALA C 355 12.70 32.63 8.11
N ASN C 356 12.55 33.92 8.40
CA ASN C 356 13.55 34.69 9.17
C ASN C 356 12.92 35.55 10.28
N PRO C 357 12.64 34.96 11.44
CA PRO C 357 11.93 35.69 12.51
C PRO C 357 12.71 36.83 13.15
N GLY C 358 14.03 36.80 13.01
CA GLY C 358 14.90 37.82 13.60
C GLY C 358 15.72 38.52 12.53
N HIS C 359 16.32 39.63 12.93
CA HIS C 359 17.16 40.43 12.05
C HIS C 359 18.62 40.29 12.45
N LEU C 360 19.41 39.69 11.56
CA LEU C 360 20.83 39.53 11.78
C LEU C 360 21.55 40.84 11.49
N SER C 361 22.53 41.18 12.33
CA SER C 361 23.20 42.47 12.21
C SER C 361 24.51 42.57 12.96
N SER C 362 25.04 43.79 12.98
CA SER C 362 26.22 44.15 13.75
C SER C 362 25.91 44.24 15.23
N PHE C 363 26.98 44.18 16.02
CA PHE C 363 26.92 44.35 17.47
C PHE C 363 26.11 45.59 17.83
N GLU C 364 26.49 46.74 17.27
CA GLU C 364 25.89 48.05 17.61
C GLU C 364 24.40 48.11 17.32
N ASP C 365 24.01 47.63 16.15
CA ASP C 365 22.59 47.57 15.79
C ASP C 365 21.82 46.58 16.65
N ALA C 366 22.45 45.46 16.99
CA ALA C 366 21.82 44.47 17.89
C ALA C 366 21.55 45.09 19.27
N VAL C 367 22.55 45.75 19.82
CA VAL C 367 22.41 46.46 21.09
C VAL C 367 21.26 47.46 21.04
N GLU C 368 21.20 48.27 19.99
CA GLU C 368 20.16 49.29 19.90
C GLU C 368 18.77 48.64 19.75
N GLY C 369 18.70 47.59 18.95
CA GLY C 369 17.44 46.87 18.71
C GLY C 369 16.93 46.06 19.89
N CYS C 370 17.83 45.38 20.59
CA CYS C 370 17.47 44.56 21.76
C CYS C 370 17.25 45.40 23.00
N ARG C 371 17.62 46.68 22.95
CA ARG C 371 17.68 47.53 24.14
C ARG C 371 16.48 47.34 25.06
N MET C 372 16.77 46.95 26.29
CA MET C 372 15.79 46.91 27.36
C MET C 372 16.46 47.24 28.69
N SER C 373 15.80 48.10 29.45
CA SER C 373 16.29 48.51 30.77
C SER C 373 16.15 47.38 31.78
N ILE C 374 16.92 47.47 32.86
CA ILE C 374 16.79 46.52 33.97
C ILE C 374 15.36 46.54 34.54
N GLU C 375 14.73 47.70 34.54
CA GLU C 375 13.39 47.87 35.13
C GLU C 375 12.30 47.20 34.26
N GLU C 376 12.35 47.39 32.94
CA GLU C 376 11.41 46.73 31.98
C GLU C 376 11.51 45.20 32.09
N ALA C 377 12.74 44.70 32.15
CA ALA C 377 12.96 43.25 32.23
C ALA C 377 12.49 42.67 33.56
N ALA C 378 12.65 43.44 34.63
CA ALA C 378 12.15 43.05 35.95
C ALA C 378 10.63 42.93 35.97
N GLU C 379 9.92 43.83 35.29
CA GLU C 379 8.47 43.71 35.12
C GLU C 379 8.09 42.41 34.40
N ILE C 380 8.77 42.13 33.29
CA ILE C 380 8.41 41.01 32.42
C ILE C 380 8.80 39.68 33.06
N THR C 381 10.03 39.60 33.54
CA THR C 381 10.56 38.37 34.13
C THR C 381 10.07 38.07 35.55
N GLY C 382 9.66 39.11 36.28
CA GLY C 382 9.29 38.97 37.69
C GLY C 382 10.47 38.97 38.66
N LEU C 383 11.67 39.06 38.12
CA LEU C 383 12.90 39.11 38.93
C LEU C 383 13.06 40.48 39.58
N ASP C 384 13.93 40.55 40.59
CA ASP C 384 14.33 41.83 41.18
C ASP C 384 15.42 42.46 40.30
N ALA C 385 15.39 43.78 40.18
CA ALA C 385 16.49 44.52 39.54
C ALA C 385 17.87 44.06 40.03
N ALA C 386 18.04 43.93 41.35
CA ALA C 386 19.31 43.53 41.93
C ALA C 386 19.80 42.18 41.39
N GLN C 387 18.88 41.26 41.13
CA GLN C 387 19.19 39.94 40.58
C GLN C 387 19.72 40.02 39.15
N ILE C 388 19.11 40.88 38.34
CA ILE C 388 19.50 40.98 36.92
C ILE C 388 20.87 41.65 36.81
N ILE C 389 21.11 42.65 37.64
CA ILE C 389 22.39 43.34 37.68
C ILE C 389 23.49 42.38 38.14
N LYS C 390 23.20 41.59 39.16
CA LYS C 390 24.15 40.62 39.67
C LYS C 390 24.54 39.65 38.55
N ALA C 391 23.57 39.18 37.80
CA ALA C 391 23.84 38.24 36.70
C ALA C 391 24.79 38.89 35.68
N ALA C 392 24.57 40.16 35.37
CA ALA C 392 25.43 40.85 34.41
C ALA C 392 26.86 40.91 34.93
N GLU C 393 26.99 41.20 36.22
CA GLU C 393 28.30 41.23 36.88
C GLU C 393 28.98 39.87 36.80
N TRP C 394 28.22 38.82 37.05
CA TRP C 394 28.76 37.45 37.01
C TRP C 394 29.10 36.97 35.64
N ILE C 395 28.52 37.59 34.62
CA ILE C 395 28.78 37.25 33.22
C ILE C 395 29.88 38.12 32.61
N GLY C 396 29.82 39.42 32.85
CA GLY C 396 30.65 40.39 32.11
C GLY C 396 31.78 41.11 32.84
N MET C 397 31.64 41.28 34.14
CA MET C 397 32.61 42.09 34.87
C MET C 397 34.00 41.48 34.80
N PRO C 398 34.98 42.25 34.32
CA PRO C 398 36.36 41.74 34.27
C PRO C 398 36.89 41.31 35.63
N LYS C 399 37.86 40.39 35.60
CA LYS C 399 38.52 39.93 36.80
C LYS C 399 39.60 40.94 37.21
N GLU C 400 40.14 40.78 38.40
CA GLU C 400 41.08 41.74 39.02
C GLU C 400 42.02 42.54 38.11
N GLY C 401 42.76 41.86 37.24
CA GLY C 401 43.77 42.56 36.42
C GLY C 401 43.28 43.10 35.08
N GLY C 402 41.97 43.22 34.92
CA GLY C 402 41.35 43.60 33.63
C GLY C 402 41.10 42.44 32.67
N LYS C 403 41.21 41.22 33.16
CA LYS C 403 41.08 40.02 32.31
C LYS C 403 39.60 39.65 32.08
N ARG C 404 39.25 39.25 30.85
CA ARG C 404 37.85 38.89 30.56
C ARG C 404 37.38 37.62 31.30
N ARG C 405 36.16 37.70 31.78
CA ARG C 405 35.54 36.63 32.54
C ARG C 405 35.13 35.55 31.55
N ARG C 406 35.54 34.32 31.85
CA ARG C 406 35.22 33.17 31.02
C ARG C 406 33.91 32.55 31.47
N VAL C 407 32.95 32.55 30.57
CA VAL C 407 31.61 32.09 30.84
C VAL C 407 31.25 31.03 29.80
N MET C 408 30.79 29.87 30.28
CA MET C 408 30.17 28.88 29.40
C MET C 408 28.66 29.03 29.50
N PHE C 409 28.05 29.31 28.36
CA PHE C 409 26.60 29.46 28.25
C PHE C 409 26.05 28.13 27.71
N GLY C 410 25.18 27.51 28.49
CA GLY C 410 24.53 26.27 28.09
C GLY C 410 23.02 26.38 28.16
N TYR C 411 22.34 25.85 27.15
CA TYR C 411 20.88 25.88 27.13
C TYR C 411 20.31 24.59 26.55
N GLU C 412 19.15 24.18 27.04
CA GLU C 412 18.44 23.08 26.43
C GLU C 412 16.96 23.46 26.27
N LYS C 413 16.04 22.58 26.65
CA LYS C 413 14.68 22.66 26.13
C LYS C 413 13.79 23.69 26.80
N GLY C 414 14.19 24.19 27.96
CA GLY C 414 13.50 25.33 28.55
C GLY C 414 13.54 26.50 27.58
N LEU C 415 14.66 26.63 26.88
CA LEU C 415 14.81 27.67 25.87
C LEU C 415 14.26 27.17 24.55
N ILE C 416 14.73 26.00 24.10
CA ILE C 416 14.42 25.55 22.72
C ILE C 416 12.91 25.31 22.49
N TRP C 417 12.22 24.76 23.50
CA TRP C 417 10.76 24.63 23.45
C TRP C 417 10.05 25.73 24.21
N GLY C 418 10.79 26.77 24.56
CA GLY C 418 10.23 27.94 25.21
C GLY C 418 9.77 28.99 24.21
N ASN C 419 9.39 30.14 24.72
CA ASN C 419 8.85 31.24 23.95
C ASN C 419 9.86 31.76 22.95
N ASP C 420 9.37 32.05 21.75
CA ASP C 420 10.13 32.75 20.72
C ASP C 420 11.53 32.15 20.53
N ASN C 421 11.54 30.86 20.22
CA ASN C 421 12.77 30.08 20.00
C ASN C 421 13.85 30.82 19.20
N TYR C 422 13.49 31.34 18.03
CA TYR C 422 14.48 31.96 17.16
C TYR C 422 15.17 33.15 17.85
N ARG C 423 14.36 34.04 18.41
CA ARG C 423 14.90 35.25 19.02
C ARG C 423 15.56 34.98 20.37
N THR C 424 15.03 34.06 21.16
CA THR C 424 15.61 33.80 22.48
C THR C 424 17.01 33.20 22.32
N ASN C 425 17.11 32.21 21.43
CA ASN C 425 18.39 31.59 21.07
C ASN C 425 19.42 32.64 20.66
N GLY C 426 19.00 33.59 19.83
CA GLY C 426 19.88 34.66 19.37
C GLY C 426 20.30 35.59 20.49
N ALA C 427 19.35 35.92 21.35
CA ALA C 427 19.60 36.78 22.50
C ALA C 427 20.69 36.20 23.39
N LEU C 428 20.64 34.90 23.61
CA LEU C 428 21.66 34.21 24.38
C LEU C 428 22.98 34.20 23.63
N VAL C 429 22.94 33.95 22.34
CA VAL C 429 24.19 33.87 21.58
C VAL C 429 24.87 35.23 21.55
N ASN C 430 24.07 36.30 21.48
CA ASN C 430 24.57 37.68 21.59
C ASN C 430 25.51 37.85 22.78
N LEU C 431 25.14 37.30 23.92
CA LEU C 431 25.93 37.43 25.14
C LEU C 431 27.28 36.73 25.02
N ALA C 432 27.26 35.53 24.44
CA ALA C 432 28.48 34.77 24.20
C ALA C 432 29.40 35.53 23.24
N LEU C 433 28.85 36.01 22.13
CA LEU C 433 29.64 36.74 21.14
C LEU C 433 30.25 38.02 21.70
N ALA C 434 29.47 38.79 22.43
CA ALA C 434 29.93 40.06 22.97
C ALA C 434 31.05 39.88 24.00
N THR C 435 30.97 38.81 24.78
CA THR C 435 31.96 38.53 25.82
C THR C 435 33.12 37.63 25.29
N GLY C 436 33.14 37.39 23.99
CA GLY C 436 34.21 36.58 23.38
C GLY C 436 34.32 35.16 23.90
N ASN C 437 33.20 34.60 24.32
CA ASN C 437 33.18 33.26 24.90
C ASN C 437 32.76 32.19 23.90
N ILE C 438 33.29 32.27 22.68
CA ILE C 438 33.11 31.21 21.70
C ILE C 438 34.47 30.84 21.12
N GLY C 439 34.77 29.54 21.08
CA GLY C 439 36.05 29.04 20.57
C GLY C 439 37.23 29.21 21.51
N ARG C 440 36.96 29.44 22.78
CA ARG C 440 38.04 29.64 23.78
C ARG C 440 37.85 28.82 25.03
N PRO C 441 38.96 28.49 25.70
CA PRO C 441 38.83 27.70 26.91
C PRO C 441 37.88 28.35 27.91
N GLY C 442 37.05 27.53 28.54
CA GLY C 442 36.13 27.99 29.57
C GLY C 442 34.92 28.70 29.03
N GLY C 443 34.71 28.59 27.72
CA GLY C 443 33.62 29.28 27.05
C GLY C 443 32.66 28.32 26.35
N GLY C 444 31.91 28.88 25.42
CA GLY C 444 30.99 28.14 24.59
C GLY C 444 29.59 28.69 24.80
N VAL C 445 28.79 28.64 23.73
CA VAL C 445 27.35 28.83 23.81
C VAL C 445 26.77 27.63 23.08
N VAL C 446 26.21 26.71 23.85
CA VAL C 446 25.94 25.39 23.35
C VAL C 446 24.63 24.80 23.84
N ARG C 447 24.03 23.97 23.00
CA ARG C 447 23.04 23.02 23.48
C ARG C 447 23.71 22.09 24.46
N LEU C 448 23.05 21.82 25.57
CA LEU C 448 23.48 20.72 26.45
C LEU C 448 22.89 19.42 25.95
N GLY C 449 21.99 19.54 25.00
CA GLY C 449 21.57 18.45 24.13
C GLY C 449 20.59 17.55 24.79
N GLY C 450 20.12 16.57 24.01
CA GLY C 450 19.14 15.60 24.45
C GLY C 450 19.58 14.17 24.18
N HIS C 451 19.29 13.70 22.97
CA HIS C 451 19.87 12.46 22.47
C HIS C 451 21.29 12.74 22.06
N GLN C 452 22.09 11.71 21.88
CA GLN C 452 23.37 11.84 21.14
C GLN C 452 23.09 12.21 19.69
N GLU C 453 24.12 12.65 18.99
CA GLU C 453 23.99 13.11 17.60
C GLU C 453 24.55 12.05 16.66
N GLY C 454 23.90 11.85 15.53
CA GLY C 454 24.35 10.89 14.53
C GLY C 454 23.70 11.12 13.18
N TYR C 455 23.77 12.34 12.69
CA TYR C 455 23.05 12.76 11.50
C TYR C 455 23.97 12.83 10.30
N VAL C 456 23.62 12.09 9.27
CA VAL C 456 24.17 12.33 7.95
C VAL C 456 23.10 11.89 6.95
N ARG C 457 22.80 12.80 6.02
CA ARG C 457 21.72 12.58 5.07
C ARG C 457 21.98 13.37 3.83
N PRO C 458 21.35 12.98 2.73
CA PRO C 458 21.41 13.83 1.54
C PRO C 458 20.78 15.20 1.79
N SER C 459 21.05 16.11 0.88
CA SER C 459 20.44 17.43 0.85
C SER C 459 18.95 17.39 1.15
N ASP C 460 18.53 18.33 1.98
CA ASP C 460 17.12 18.48 2.31
C ASP C 460 16.56 19.77 1.73
N ALA C 461 17.24 20.34 0.73
CA ALA C 461 16.81 21.63 0.13
C ALA C 461 15.32 21.61 -0.24
N HIS C 462 14.86 20.51 -0.85
CA HIS C 462 13.48 20.38 -1.35
C HIS C 462 12.40 20.53 -0.30
N VAL C 463 12.77 20.38 0.96
CA VAL C 463 11.83 20.45 2.07
C VAL C 463 11.30 21.86 2.37
N GLY C 464 12.11 22.87 2.09
CA GLY C 464 11.68 24.26 2.27
C GLY C 464 11.92 24.78 3.68
N ARG C 465 11.88 26.10 3.78
CA ARG C 465 12.00 26.78 5.05
C ARG C 465 11.07 28.00 5.05
N PRO C 466 10.02 28.01 5.89
CA PRO C 466 9.56 26.96 6.80
C PRO C 466 9.09 25.70 6.10
N ALA C 467 9.39 24.56 6.71
CA ALA C 467 8.95 23.25 6.21
C ALA C 467 7.47 22.99 6.54
N ALA C 468 6.88 21.98 5.90
CA ALA C 468 5.47 21.61 6.15
C ALA C 468 5.19 21.13 7.59
N TYR C 469 4.10 21.64 8.15
CA TYR C 469 3.65 21.29 9.49
C TYR C 469 2.89 19.96 9.37
N VAL C 470 3.62 18.86 9.48
CA VAL C 470 3.08 17.54 9.15
C VAL C 470 1.85 17.19 10.00
N ASP C 471 1.93 17.37 11.31
CA ASP C 471 0.77 17.08 12.17
C ASP C 471 -0.50 17.77 11.69
N GLN C 472 -0.38 19.01 11.21
CA GLN C 472 -1.58 19.72 10.73
C GLN C 472 -2.09 19.12 9.43
N LEU C 473 -1.18 18.64 8.58
CA LEU C 473 -1.61 17.94 7.37
C LEU C 473 -2.43 16.70 7.75
N LEU C 474 -1.90 15.90 8.67
CA LEU C 474 -2.53 14.65 9.06
C LEU C 474 -3.90 14.92 9.72
N ILE C 475 -3.91 15.86 10.66
CA ILE C 475 -5.15 16.24 11.34
C ILE C 475 -6.19 16.79 10.35
N GLY C 476 -5.72 17.41 9.27
CA GLY C 476 -6.61 17.98 8.23
C GLY C 476 -7.09 17.02 7.15
N GLY C 477 -6.74 15.75 7.28
CA GLY C 477 -7.16 14.74 6.32
C GLY C 477 -6.31 14.60 5.06
N GLN C 478 -5.15 15.25 5.02
CA GLN C 478 -4.26 15.12 3.85
C GLN C 478 -3.23 14.01 4.08
N GLY C 479 -2.58 13.60 3.01
CA GLY C 479 -1.63 12.48 3.07
C GLY C 479 -2.33 11.14 2.89
N GLY C 480 -1.64 10.19 2.28
CA GLY C 480 -2.18 8.87 2.04
C GLY C 480 -1.44 7.74 2.78
N VAL C 481 -0.12 7.79 2.80
CA VAL C 481 0.68 6.73 3.43
C VAL C 481 1.63 7.38 4.39
N HIS C 482 1.80 6.75 5.56
CA HIS C 482 2.63 7.29 6.64
C HIS C 482 3.64 6.28 7.08
N HIS C 483 4.92 6.62 6.99
CA HIS C 483 5.99 5.76 7.53
C HIS C 483 6.51 6.36 8.78
N ILE C 484 6.41 5.62 9.86
CA ILE C 484 6.83 6.09 11.17
C ILE C 484 8.03 5.28 11.60
N TRP C 485 9.18 5.95 11.72
CA TRP C 485 10.42 5.32 12.20
C TRP C 485 10.83 5.86 13.54
N GLY C 486 10.82 5.00 14.54
CA GLY C 486 11.43 5.33 15.84
C GLY C 486 10.97 6.59 16.56
N CYS C 487 9.68 6.88 16.53
CA CYS C 487 9.09 7.89 17.39
C CYS C 487 7.63 7.58 17.61
N ASP C 488 7.04 8.13 18.67
CA ASP C 488 5.68 7.80 19.05
C ASP C 488 4.85 9.05 19.38
N HIS C 489 4.27 9.62 18.34
CA HIS C 489 3.52 10.87 18.46
C HIS C 489 2.37 10.78 19.45
N TYR C 490 1.84 9.58 19.62
CA TYR C 490 0.74 9.41 20.54
C TYR C 490 1.13 9.86 21.97
N LYS C 491 2.36 9.56 22.37
CA LYS C 491 2.85 10.00 23.67
C LYS C 491 3.57 11.35 23.65
N THR C 492 4.15 11.75 22.51
CA THR C 492 5.15 12.81 22.53
C THR C 492 4.95 14.01 21.59
N THR C 493 3.90 14.06 20.80
CA THR C 493 3.71 15.24 19.93
C THR C 493 2.93 16.34 20.67
N LEU C 494 2.87 17.53 20.07
CA LEU C 494 2.03 18.60 20.58
C LEU C 494 0.60 18.40 20.10
N ASN C 495 -0.35 19.02 20.80
CA ASN C 495 -1.75 18.91 20.41
C ASN C 495 -2.10 17.44 20.21
N ALA C 496 -1.65 16.61 21.15
CA ALA C 496 -1.71 15.18 21.01
C ALA C 496 -3.12 14.56 21.11
N HIS C 497 -4.00 15.18 21.89
CA HIS C 497 -5.35 14.62 22.05
C HIS C 497 -6.09 14.69 20.75
N GLU C 498 -6.04 15.83 20.07
CA GLU C 498 -6.67 15.97 18.74
C GLU C 498 -5.98 15.05 17.74
N PHE C 499 -4.65 15.01 17.77
CA PHE C 499 -3.90 14.15 16.89
C PHE C 499 -4.38 12.70 16.98
N LYS C 500 -4.51 12.19 18.19
CA LYS C 500 -4.97 10.80 18.37
C LYS C 500 -6.39 10.55 17.89
N ARG C 501 -7.28 11.51 18.08
CA ARG C 501 -8.67 11.32 17.68
C ARG C 501 -8.73 11.18 16.18
N VAL C 502 -8.02 12.03 15.46
CA VAL C 502 -8.13 11.98 14.00
C VAL C 502 -7.33 10.81 13.45
N TYR C 503 -6.12 10.57 13.97
CA TYR C 503 -5.28 9.46 13.50
C TYR C 503 -6.02 8.11 13.61
N LYS C 504 -6.68 7.90 14.74
CA LYS C 504 -7.46 6.66 14.95
C LYS C 504 -8.56 6.56 13.88
N LYS C 505 -9.28 7.64 13.70
CA LYS C 505 -10.40 7.66 12.80
C LYS C 505 -9.95 7.37 11.36
N ARG C 506 -8.81 7.94 10.97
CA ARG C 506 -8.34 7.81 9.59
C ARG C 506 -7.74 6.43 9.34
N THR C 507 -6.98 5.91 10.30
CA THR C 507 -6.40 4.58 10.15
C THR C 507 -7.44 3.48 10.27
N ASP C 508 -8.46 3.73 11.08
CA ASP C 508 -9.63 2.82 11.16
C ASP C 508 -10.29 2.59 9.80
N MET C 509 -10.33 3.62 8.96
CA MET C 509 -10.97 3.49 7.65
C MET C 509 -10.24 2.40 6.86
N VAL C 510 -8.93 2.41 6.94
CA VAL C 510 -8.11 1.45 6.20
C VAL C 510 -8.19 0.07 6.87
N LYS C 511 -8.33 0.05 8.19
CA LYS C 511 -8.50 -1.20 8.89
C LYS C 511 -9.80 -1.92 8.50
N ASP C 512 -10.89 -1.19 8.49
CA ASP C 512 -12.16 -1.75 8.09
C ASP C 512 -12.09 -2.25 6.63
N ALA C 513 -11.43 -1.49 5.75
CA ALA C 513 -11.22 -1.96 4.37
C ALA C 513 -10.41 -3.26 4.33
N MET C 514 -9.32 -3.31 5.06
CA MET C 514 -8.46 -4.49 5.04
C MET C 514 -9.15 -5.72 5.62
N SER C 515 -9.89 -5.56 6.71
CA SER C 515 -10.61 -6.67 7.32
C SER C 515 -11.62 -7.30 6.38
N ALA C 516 -12.20 -6.51 5.49
CA ALA C 516 -13.29 -6.96 4.62
C ALA C 516 -12.81 -7.46 3.26
N ALA C 517 -11.52 -7.36 3.03
CA ALA C 517 -10.93 -7.75 1.74
C ALA C 517 -10.17 -9.07 1.89
N PRO C 518 -10.02 -9.81 0.79
CA PRO C 518 -9.23 -11.04 0.81
C PRO C 518 -7.75 -10.70 0.74
N TYR C 519 -6.97 -11.18 1.71
CA TYR C 519 -5.52 -10.90 1.75
C TYR C 519 -4.74 -11.77 0.74
N GLY C 520 -5.11 -13.05 0.65
CA GLY C 520 -4.43 -13.98 -0.23
C GLY C 520 -4.45 -13.59 -1.70
N ASP C 521 -5.42 -12.76 -2.08
CA ASP C 521 -5.44 -12.05 -3.36
C ASP C 521 -4.93 -10.64 -3.09
N ARG C 522 -3.61 -10.46 -3.22
CA ARG C 522 -2.99 -9.23 -2.76
C ARG C 522 -3.34 -8.00 -3.57
N GLU C 523 -3.60 -8.17 -4.86
CA GLU C 523 -3.97 -7.03 -5.70
C GLU C 523 -5.32 -6.45 -5.23
N ALA C 524 -6.25 -7.30 -4.83
CA ALA C 524 -7.54 -6.83 -4.33
C ALA C 524 -7.37 -6.12 -2.97
N MET C 525 -6.48 -6.64 -2.14
CA MET C 525 -6.17 -6.03 -0.84
C MET C 525 -5.59 -4.62 -1.00
N VAL C 526 -4.70 -4.45 -1.95
CA VAL C 526 -4.04 -3.16 -2.16
C VAL C 526 -4.99 -2.16 -2.75
N ASN C 527 -5.82 -2.60 -3.70
CA ASN C 527 -6.87 -1.75 -4.25
C ASN C 527 -7.85 -1.31 -3.15
N ALA C 528 -8.14 -2.20 -2.20
CA ALA C 528 -9.03 -1.86 -1.10
C ALA C 528 -8.38 -0.84 -0.17
N ILE C 529 -7.09 -1.00 0.09
CA ILE C 529 -6.37 -0.01 0.89
C ILE C 529 -6.39 1.34 0.20
N VAL C 530 -6.11 1.35 -1.10
CA VAL C 530 -6.02 2.60 -1.84
C VAL C 530 -7.38 3.31 -1.97
N ASP C 531 -8.47 2.55 -2.08
CA ASP C 531 -9.83 3.11 -2.05
C ASP C 531 -10.11 3.81 -0.73
N ALA C 532 -9.72 3.17 0.38
CA ALA C 532 -9.92 3.80 1.70
C ALA C 532 -9.10 5.10 1.80
N ILE C 533 -7.87 5.09 1.28
CA ILE C 533 -7.01 6.28 1.28
C ILE C 533 -7.64 7.39 0.44
N ASN C 534 -8.13 7.05 -0.75
CA ASN C 534 -8.83 8.02 -1.61
C ASN C 534 -10.01 8.69 -0.89
N GLN C 535 -10.66 7.98 0.03
CA GLN C 535 -11.79 8.53 0.79
C GLN C 535 -11.38 9.31 2.02
N GLY C 536 -10.08 9.35 2.30
CA GLY C 536 -9.56 10.16 3.42
C GLY C 536 -8.89 9.37 4.50
N GLY C 537 -8.76 8.06 4.29
CA GLY C 537 -8.06 7.21 5.25
C GLY C 537 -6.56 7.45 5.22
N LEU C 538 -5.83 6.73 6.06
CA LEU C 538 -4.37 6.75 6.08
C LEU C 538 -3.88 5.33 6.29
N PHE C 539 -2.89 4.92 5.49
CA PHE C 539 -2.21 3.62 5.66
C PHE C 539 -0.89 3.92 6.34
N ALA C 540 -0.68 3.33 7.51
CA ALA C 540 0.44 3.68 8.38
C ALA C 540 1.34 2.46 8.62
N VAL C 541 2.66 2.67 8.50
CA VAL C 541 3.65 1.64 8.71
C VAL C 541 4.57 2.07 9.83
N ASN C 542 4.75 1.22 10.84
CA ASN C 542 5.57 1.57 12.02
C ASN C 542 6.83 0.71 12.08
N VAL C 543 8.00 1.35 12.18
CA VAL C 543 9.27 0.64 12.34
C VAL C 543 9.75 0.95 13.73
N ASP C 544 9.85 -0.07 14.59
CA ASP C 544 10.12 0.15 16.01
C ASP C 544 10.66 -1.10 16.66
N ILE C 545 10.96 -1.02 17.95
CA ILE C 545 11.47 -2.16 18.72
C ILE C 545 10.42 -2.74 19.67
N ILE C 546 9.39 -1.97 20.01
CA ILE C 546 8.28 -2.47 20.87
C ILE C 546 6.94 -2.19 20.23
N PRO C 547 5.86 -2.77 20.78
CA PRO C 547 4.55 -2.35 20.36
C PRO C 547 4.31 -0.96 20.92
N THR C 548 4.29 0.02 20.05
CA THR C 548 4.14 1.41 20.46
C THR C 548 2.67 1.79 20.59
N LYS C 549 2.42 2.99 21.10
CA LYS C 549 1.07 3.50 21.18
C LYS C 549 0.50 3.84 19.81
N ILE C 550 1.21 4.67 19.06
CA ILE C 550 0.78 4.99 17.70
C ILE C 550 0.69 3.71 16.86
N GLY C 551 1.51 2.71 17.20
CA GLY C 551 1.46 1.40 16.55
C GLY C 551 0.13 0.68 16.68
N GLU C 552 -0.66 0.98 17.70
CA GLU C 552 -2.00 0.42 17.77
C GLU C 552 -2.91 0.95 16.66
N ALA C 553 -2.47 1.99 15.92
CA ALA C 553 -3.20 2.51 14.79
C ALA C 553 -2.58 2.08 13.44
N CYS C 554 -1.39 1.51 13.45
CA CYS C 554 -0.72 1.16 12.21
C CYS C 554 -1.15 -0.18 11.62
N HIS C 555 -0.93 -0.36 10.33
CA HIS C 555 -1.35 -1.55 9.60
C HIS C 555 -0.22 -2.51 9.30
N VAL C 556 1.01 -2.04 9.40
CA VAL C 556 2.16 -2.91 9.28
C VAL C 556 3.17 -2.46 10.31
N ILE C 557 3.72 -3.41 11.02
CA ILE C 557 4.78 -3.13 11.98
C ILE C 557 6.02 -3.95 11.58
N LEU C 558 7.16 -3.26 11.51
CA LEU C 558 8.42 -3.89 11.11
C LEU C 558 9.39 -3.80 12.30
N PRO C 559 9.96 -4.93 12.73
CA PRO C 559 10.76 -4.95 13.96
C PRO C 559 12.21 -4.56 13.76
N ALA C 560 12.67 -3.59 14.53
CA ALA C 560 14.05 -3.06 14.41
C ALA C 560 15.00 -3.71 15.39
N ALA C 561 16.28 -3.71 15.05
CA ALA C 561 17.34 -4.05 16.01
C ALA C 561 17.89 -2.73 16.50
N THR C 562 18.33 -2.68 17.74
CA THR C 562 18.76 -1.45 18.36
C THR C 562 20.22 -1.59 18.82
N SER C 563 20.78 -0.50 19.31
CA SER C 563 22.21 -0.43 19.57
C SER C 563 22.62 -1.57 20.50
N GLY C 564 23.74 -2.20 20.20
CA GLY C 564 24.21 -3.37 20.94
C GLY C 564 23.93 -4.66 20.18
N GLU C 565 22.79 -4.67 19.51
CA GLU C 565 22.39 -5.77 18.64
C GLU C 565 22.94 -5.48 17.25
N MET C 566 23.44 -4.27 17.10
CA MET C 566 24.11 -3.83 15.89
C MET C 566 25.27 -2.95 16.30
N ASN C 567 26.23 -2.81 15.40
CA ASN C 567 27.22 -1.77 15.53
C ASN C 567 26.53 -0.44 15.30
N LEU C 568 26.97 0.58 16.02
CA LEU C 568 26.36 1.89 15.88
C LEU C 568 27.35 3.00 16.19
N THR C 569 27.28 4.09 15.45
CA THR C 569 28.18 5.21 15.66
C THR C 569 27.39 6.48 15.93
N SER C 570 27.90 7.27 16.87
CA SER C 570 27.31 8.56 17.20
C SER C 570 28.31 9.43 17.92
N MET C 571 27.97 10.72 18.05
CA MET C 571 28.78 11.64 18.84
C MET C 571 27.97 12.20 19.99
N ASN C 572 28.67 12.54 21.07
CA ASN C 572 28.08 13.18 22.23
C ASN C 572 28.09 14.72 22.12
N GLY C 573 27.81 15.40 23.23
CA GLY C 573 27.56 16.84 23.21
C GLY C 573 28.82 17.66 23.10
N GLU C 574 29.92 16.93 22.91
CA GLU C 574 31.27 17.43 22.80
C GLU C 574 31.83 17.12 21.41
N ARG C 575 30.95 16.63 20.54
CA ARG C 575 31.31 16.06 19.23
C ARG C 575 32.20 14.80 19.32
N ARG C 576 32.17 14.12 20.45
CA ARG C 576 33.02 12.95 20.66
C ARG C 576 32.38 11.71 20.03
N MET C 577 32.96 11.27 18.91
CA MET C 577 32.41 10.18 18.11
C MET C 577 32.94 8.83 18.55
N ARG C 578 32.04 7.84 18.64
CA ARG C 578 32.42 6.49 19.04
C ARG C 578 31.64 5.41 18.35
N LEU C 579 32.25 4.22 18.28
CA LEU C 579 31.62 3.02 17.81
C LEU C 579 31.12 2.25 19.03
N THR C 580 29.87 1.82 18.98
CA THR C 580 29.35 0.86 19.96
C THR C 580 29.37 -0.48 19.26
N GLU C 581 30.22 -1.37 19.77
CA GLU C 581 30.46 -2.65 19.12
C GLU C 581 29.36 -3.61 19.49
N ARG C 582 28.77 -4.26 18.50
CA ARG C 582 27.75 -5.28 18.72
C ARG C 582 28.20 -6.37 19.70
N TYR C 583 27.36 -6.65 20.69
CA TYR C 583 27.65 -7.69 21.68
C TYR C 583 26.55 -8.75 21.82
N MET C 584 25.42 -8.54 21.15
CA MET C 584 24.32 -9.51 21.18
C MET C 584 23.58 -9.54 19.84
N ASP C 585 22.66 -10.49 19.71
CA ASP C 585 21.87 -10.65 18.51
C ASP C 585 20.55 -9.86 18.62
N PRO C 586 20.03 -9.37 17.48
CA PRO C 586 18.67 -8.87 17.48
C PRO C 586 17.66 -9.95 17.89
N PRO C 587 16.60 -9.56 18.62
CA PRO C 587 15.58 -10.52 18.97
C PRO C 587 14.84 -11.01 17.75
N GLY C 588 14.50 -12.29 17.73
CA GLY C 588 13.74 -12.86 16.63
C GLY C 588 14.33 -12.50 15.29
N GLN C 589 13.50 -11.93 14.41
CA GLN C 589 13.88 -11.63 13.04
C GLN C 589 14.05 -10.12 12.82
N SER C 590 14.21 -9.39 13.90
CA SER C 590 14.34 -7.96 13.82
C SER C 590 15.65 -7.58 13.11
N MET C 591 15.65 -6.43 12.44
CA MET C 591 16.83 -5.99 11.75
C MET C 591 17.08 -4.49 11.92
N PRO C 592 18.34 -4.07 11.86
CA PRO C 592 18.70 -2.65 11.99
C PRO C 592 17.94 -1.75 11.02
N ASP C 593 17.65 -0.53 11.44
CA ASP C 593 16.83 0.39 10.65
C ASP C 593 17.46 0.71 9.29
N CYS C 594 18.76 0.88 9.25
CA CYS C 594 19.41 1.11 7.97
C CYS C 594 19.19 -0.05 7.01
N LEU C 595 19.20 -1.27 7.51
CA LEU C 595 18.98 -2.41 6.62
C LEU C 595 17.50 -2.53 6.24
N ILE C 596 16.60 -2.19 7.18
CA ILE C 596 15.16 -2.17 6.87
C ILE C 596 14.92 -1.24 5.68
N ALA C 597 15.50 -0.04 5.76
CA ALA C 597 15.46 0.94 4.68
C ALA C 597 15.99 0.37 3.37
N ALA C 598 17.15 -0.29 3.46
CA ALA C 598 17.72 -0.91 2.27
C ALA C 598 16.76 -1.92 1.68
N ARG C 599 16.24 -2.80 2.53
CA ARG C 599 15.33 -3.85 2.05
C ARG C 599 14.04 -3.26 1.47
N LEU C 600 13.60 -2.15 2.03
CA LEU C 600 12.40 -1.48 1.55
C LEU C 600 12.67 -0.87 0.19
N ALA C 601 13.82 -0.20 0.06
CA ALA C 601 14.29 0.29 -1.25
C ALA C 601 14.31 -0.83 -2.27
N ASN C 602 14.85 -1.97 -1.91
CA ASN C 602 14.95 -3.10 -2.84
C ASN C 602 13.59 -3.59 -3.30
N THR C 603 12.64 -3.63 -2.37
CA THR C 603 11.27 -4.03 -2.68
C THR C 603 10.59 -2.97 -3.56
N MET C 604 10.86 -1.70 -3.29
CA MET C 604 10.35 -0.62 -4.16
C MET C 604 10.89 -0.79 -5.59
N GLU C 605 12.17 -1.08 -5.71
CA GLU C 605 12.74 -1.36 -7.02
C GLU C 605 12.01 -2.50 -7.72
N ARG C 606 11.79 -3.59 -7.01
CA ARG C 606 11.16 -4.77 -7.60
C ARG C 606 9.72 -4.46 -8.02
N VAL C 607 8.97 -3.85 -7.12
CA VAL C 607 7.55 -3.60 -7.36
C VAL C 607 7.34 -2.59 -8.49
N LEU C 608 8.08 -1.51 -8.48
CA LEU C 608 7.99 -0.52 -9.54
C LEU C 608 8.41 -1.13 -10.89
N THR C 609 9.41 -2.00 -10.88
CA THR C 609 9.79 -2.69 -12.12
C THR C 609 8.59 -3.50 -12.66
N GLU C 610 7.92 -4.24 -11.79
CA GLU C 610 6.74 -5.02 -12.17
C GLU C 610 5.57 -4.18 -12.69
N MET C 611 5.34 -3.02 -12.07
CA MET C 611 4.33 -2.06 -12.54
C MET C 611 4.69 -1.42 -13.89
N GLY C 612 5.97 -1.50 -14.25
CA GLY C 612 6.44 -1.02 -15.54
C GLY C 612 7.07 0.36 -15.51
N ASP C 613 7.25 0.94 -14.31
CA ASP C 613 7.96 2.23 -14.20
C ASP C 613 9.43 2.00 -13.88
N VAL C 614 10.18 1.54 -14.89
CA VAL C 614 11.60 1.20 -14.74
C VAL C 614 12.46 2.41 -14.40
N GLY C 615 12.08 3.56 -14.93
CA GLY C 615 12.78 4.82 -14.65
C GLY C 615 12.74 5.14 -13.18
N TYR C 616 11.56 5.08 -12.60
CA TYR C 616 11.39 5.38 -11.18
C TYR C 616 12.00 4.26 -10.32
N ALA C 617 11.89 3.02 -10.77
CA ALA C 617 12.57 1.89 -10.10
C ALA C 617 14.06 2.16 -9.92
N ALA C 618 14.71 2.68 -10.95
CA ALA C 618 16.15 2.95 -10.95
C ALA C 618 16.61 3.87 -9.83
N GLN C 619 15.73 4.77 -9.40
CA GLN C 619 16.05 5.71 -8.34
C GLN C 619 16.32 5.00 -7.00
N PHE C 620 15.82 3.77 -6.85
CA PHE C 620 15.94 3.02 -5.61
C PHE C 620 17.13 2.06 -5.57
N LYS C 621 18.07 2.22 -6.49
CA LYS C 621 19.33 1.48 -6.42
C LYS C 621 20.27 2.15 -5.42
N GLY C 622 21.39 1.52 -5.14
CA GLY C 622 22.36 2.02 -4.17
C GLY C 622 22.07 1.54 -2.74
N PHE C 623 21.37 0.42 -2.63
CA PHE C 623 21.02 -0.16 -1.33
C PHE C 623 21.34 -1.63 -1.27
N ASP C 624 22.55 -2.00 -1.67
CA ASP C 624 22.94 -3.40 -1.68
C ASP C 624 23.61 -3.82 -0.37
N TRP C 625 23.20 -3.19 0.73
CA TRP C 625 23.86 -3.34 2.02
C TRP C 625 23.51 -4.60 2.71
N GLN C 626 24.50 -5.34 3.20
CA GLN C 626 24.23 -6.55 3.96
C GLN C 626 24.44 -6.36 5.47
N THR C 627 25.20 -5.36 5.85
CA THR C 627 25.50 -5.11 7.26
C THR C 627 25.51 -3.62 7.53
N GLU C 628 25.35 -3.22 8.78
CA GLU C 628 25.27 -1.79 9.13
C GLU C 628 26.54 -1.01 8.74
N GLU C 629 27.69 -1.66 8.77
CA GLU C 629 28.92 -1.01 8.36
C GLU C 629 28.85 -0.50 6.91
N ASP C 630 28.09 -1.21 6.08
CA ASP C 630 27.94 -0.81 4.69
C ASP C 630 27.23 0.53 4.63
N ALA C 631 26.25 0.75 5.51
CA ALA C 631 25.58 2.06 5.60
C ALA C 631 26.52 3.16 6.12
N PHE C 632 27.38 2.82 7.06
CA PHE C 632 28.36 3.77 7.59
C PHE C 632 29.30 4.25 6.50
N MET C 633 29.78 3.32 5.68
CA MET C 633 30.74 3.63 4.63
C MET C 633 30.13 4.42 3.50
N ASP C 634 28.89 4.11 3.13
CA ASP C 634 28.18 4.86 2.07
C ASP C 634 27.78 6.26 2.53
N GLY C 635 27.60 6.42 3.85
CA GLY C 635 27.12 7.69 4.41
C GLY C 635 28.20 8.54 5.03
N TYR C 636 28.48 8.27 6.32
CA TYR C 636 29.44 9.05 7.06
C TYR C 636 30.80 9.13 6.37
N ASN C 637 31.35 7.98 6.02
CA ASN C 637 32.70 7.91 5.48
C ASN C 637 32.84 8.77 4.21
N LYS C 638 31.84 8.71 3.34
CA LYS C 638 31.86 9.43 2.08
C LYS C 638 31.29 10.84 2.16
N ASN C 639 30.56 11.17 3.22
CA ASN C 639 29.83 12.47 3.24
C ASN C 639 30.11 13.42 4.38
N ALA C 640 30.58 12.93 5.52
CA ALA C 640 30.86 13.82 6.64
C ALA C 640 32.17 14.54 6.37
N HIS C 641 32.32 15.71 6.99
CA HIS C 641 33.61 16.42 6.97
C HIS C 641 34.64 15.60 7.66
N GLY C 642 35.68 15.23 6.91
CA GLY C 642 36.75 14.38 7.42
C GLY C 642 36.39 12.90 7.56
N GLY C 643 35.27 12.48 6.97
CA GLY C 643 34.81 11.08 7.06
C GLY C 643 35.80 10.06 6.50
N GLU C 644 36.56 10.46 5.49
CA GLU C 644 37.60 9.61 4.89
C GLU C 644 38.58 9.03 5.92
N PHE C 645 38.74 9.73 7.04
CA PHE C 645 39.66 9.34 8.09
C PHE C 645 39.08 8.32 9.08
N VAL C 646 37.77 8.09 9.03
CA VAL C 646 37.06 7.28 10.03
C VAL C 646 36.52 5.95 9.50
N THR C 647 36.86 4.87 10.21
CA THR C 647 36.38 3.54 9.92
C THR C 647 36.08 2.84 11.23
N TYR C 648 35.29 1.78 11.16
CA TYR C 648 34.96 0.95 12.33
C TYR C 648 36.25 0.48 13.02
N GLU C 649 37.16 -0.05 12.23
CA GLU C 649 38.42 -0.56 12.74
C GLU C 649 39.19 0.51 13.51
N ARG C 650 39.27 1.71 12.94
CA ARG C 650 39.99 2.81 13.57
C ARG C 650 39.29 3.33 14.81
N LEU C 651 37.98 3.50 14.75
CA LEU C 651 37.21 3.92 15.92
C LEU C 651 37.33 2.93 17.09
N SER C 652 37.28 1.65 16.77
CA SER C 652 37.45 0.59 17.76
C SER C 652 38.77 0.68 18.53
N ALA C 653 39.86 0.95 17.82
CA ALA C 653 41.18 1.11 18.44
C ALA C 653 41.24 2.32 19.41
N MET C 654 40.39 3.31 19.18
CA MET C 654 40.35 4.51 20.03
C MET C 654 39.50 4.38 21.29
N GLY C 655 38.72 3.30 21.38
CA GLY C 655 38.00 2.99 22.60
C GLY C 655 36.83 3.92 22.86
N THR C 656 36.38 3.93 24.12
CA THR C 656 35.26 4.78 24.53
C THR C 656 35.59 6.28 24.52
N ASN C 657 36.87 6.63 24.47
CA ASN C 657 37.26 8.05 24.35
C ASN C 657 37.12 8.59 22.93
N GLY C 658 37.11 7.69 21.95
CA GLY C 658 37.03 8.08 20.53
C GLY C 658 37.85 9.30 20.14
N PHE C 659 37.21 10.22 19.44
CA PHE C 659 37.83 11.46 19.01
C PHE C 659 36.71 12.45 18.76
N GLN C 660 37.05 13.74 18.75
CA GLN C 660 36.09 14.81 18.58
C GLN C 660 36.00 15.25 17.13
N GLU C 661 34.79 15.21 16.59
CA GLU C 661 34.55 15.57 15.19
C GLU C 661 34.70 17.06 14.98
N PRO C 662 35.02 17.47 13.75
CA PRO C 662 35.43 16.64 12.61
C PRO C 662 36.87 16.12 12.69
N ALA C 663 37.10 14.95 12.10
CA ALA C 663 38.43 14.41 11.92
C ALA C 663 39.19 15.32 10.97
N THR C 664 40.45 15.58 11.27
CA THR C 664 41.29 16.35 10.35
C THR C 664 42.49 15.53 9.84
N GLY C 665 42.60 14.28 10.28
CA GLY C 665 43.75 13.45 9.92
C GLY C 665 43.85 12.14 10.69
N PHE C 666 44.83 11.32 10.33
CA PHE C 666 45.07 10.02 10.97
C PHE C 666 46.58 9.71 11.01
N THR C 667 47.14 9.67 12.21
CA THR C 667 48.54 9.29 12.43
C THR C 667 48.68 8.25 13.53
N ASP C 668 49.49 7.24 13.26
CA ASP C 668 49.88 6.22 14.26
C ASP C 668 48.75 5.72 15.15
N GLY C 669 47.76 5.14 14.48
CA GLY C 669 46.59 4.58 15.12
C GLY C 669 45.69 5.57 15.85
N LYS C 670 45.72 6.84 15.45
CA LYS C 670 44.89 7.86 16.11
C LYS C 670 44.20 8.82 15.12
N ILE C 671 42.88 8.84 15.19
CA ILE C 671 42.12 9.83 14.47
C ILE C 671 42.29 11.17 15.16
N GLU C 672 42.75 12.15 14.37
CA GLU C 672 43.08 13.48 14.82
C GLU C 672 41.80 14.31 14.74
N GLY C 673 41.44 14.95 15.85
CA GLY C 673 40.17 15.62 15.96
C GLY C 673 40.24 17.09 16.24
N THR C 674 39.10 17.65 16.62
CA THR C 674 38.93 19.07 16.87
C THR C 674 38.30 19.26 18.26
N GLN C 675 39.10 19.73 19.21
CA GLN C 675 38.66 19.91 20.58
C GLN C 675 37.54 20.94 20.69
N ARG C 676 37.74 22.09 20.08
CA ARG C 676 36.76 23.18 20.08
C ARG C 676 36.57 23.70 18.68
N LEU C 677 35.35 24.14 18.37
CA LEU C 677 35.10 24.83 17.11
C LEU C 677 35.43 26.32 17.22
N TYR C 678 35.71 26.94 16.07
CA TYR C 678 35.86 28.40 15.98
C TYR C 678 37.05 28.97 16.77
N THR C 679 38.07 28.14 16.99
CA THR C 679 39.26 28.58 17.72
C THR C 679 40.02 29.66 16.90
N ASP C 680 39.83 29.65 15.58
CA ASP C 680 40.42 30.65 14.67
C ASP C 680 39.56 31.92 14.46
N GLY C 681 38.36 31.94 15.03
CA GLY C 681 37.46 33.10 14.91
C GLY C 681 36.82 33.23 13.54
N VAL C 682 36.76 32.11 12.82
CA VAL C 682 36.13 32.04 11.50
C VAL C 682 34.85 31.21 11.63
N PHE C 683 33.71 31.85 11.43
CA PHE C 683 32.42 31.25 11.71
C PHE C 683 31.73 30.65 10.49
N SER C 684 30.60 29.98 10.71
CA SER C 684 29.91 29.22 9.65
C SER C 684 28.94 30.09 8.86
N THR C 685 29.48 31.12 8.23
CA THR C 685 28.71 31.98 7.33
C THR C 685 29.50 32.11 6.03
N ASP C 686 28.83 32.61 4.99
CA ASP C 686 29.49 32.79 3.69
C ASP C 686 30.79 33.57 3.85
N ASP C 687 30.76 34.73 4.51
CA ASP C 687 31.98 35.55 4.72
C ASP C 687 32.81 35.23 5.97
N GLY C 688 32.40 34.24 6.74
CA GLY C 688 33.17 33.82 7.95
C GLY C 688 33.08 34.72 9.19
N LYS C 689 32.15 35.67 9.18
CA LYS C 689 31.93 36.52 10.35
C LYS C 689 30.66 36.09 11.07
N ALA C 690 30.71 36.07 12.39
CA ALA C 690 29.51 35.81 13.17
C ALA C 690 28.58 37.02 13.02
N ARG C 691 27.28 36.79 13.16
CA ARG C 691 26.30 37.86 13.21
C ARG C 691 25.69 37.93 14.58
N PHE C 692 25.43 39.15 15.03
CA PHE C 692 24.58 39.36 16.20
C PHE C 692 23.13 39.36 15.75
N MET C 693 22.21 39.30 16.72
CA MET C 693 20.80 39.32 16.41
C MET C 693 20.07 40.45 17.12
N ASP C 694 19.42 41.27 16.30
CA ASP C 694 18.49 42.29 16.73
C ASP C 694 17.18 41.56 16.99
N ALA C 695 16.91 41.32 18.27
CA ALA C 695 15.89 40.36 18.69
C ALA C 695 15.01 40.92 19.80
N PRO C 696 14.18 41.94 19.47
CA PRO C 696 13.39 42.58 20.53
C PRO C 696 12.27 41.70 21.05
N TRP C 697 12.00 41.83 22.33
CA TRP C 697 10.90 41.16 23.00
C TRP C 697 9.57 41.55 22.37
N ARG C 698 8.72 40.57 22.13
CA ARG C 698 7.38 40.81 21.56
C ARG C 698 6.32 39.91 22.23
N GLY C 699 6.47 39.68 23.54
CA GLY C 699 5.54 38.85 24.29
C GLY C 699 5.63 37.36 24.01
N LEU C 700 4.55 36.64 24.32
CA LEU C 700 4.39 35.24 23.92
C LEU C 700 4.05 35.26 22.45
N GLN C 701 4.90 34.68 21.58
CA GLN C 701 4.68 34.87 20.14
C GLN C 701 3.89 33.81 19.44
N ALA C 702 3.82 32.61 20.01
CA ALA C 702 3.10 31.51 19.38
C ALA C 702 1.59 31.79 19.48
N PRO C 703 0.85 31.51 18.40
CA PRO C 703 -0.60 31.81 18.45
C PRO C 703 -1.32 31.05 19.56
N GLY C 704 -2.26 31.72 20.23
CA GLY C 704 -3.09 31.12 21.27
C GLY C 704 -2.55 31.22 22.69
N LYS C 705 -1.26 31.46 22.82
CA LYS C 705 -0.57 31.24 24.10
C LYS C 705 -1.01 32.21 25.18
N GLN C 706 -1.05 33.50 24.85
CA GLN C 706 -1.48 34.51 25.82
C GLN C 706 -2.90 34.22 26.26
N GLN C 707 -3.75 33.87 25.28
CA GLN C 707 -5.13 33.51 25.56
C GLN C 707 -5.23 32.31 26.48
N GLN C 708 -4.41 31.29 26.24
CA GLN C 708 -4.48 30.08 27.06
C GLN C 708 -4.04 30.39 28.49
N LYS C 709 -2.98 31.18 28.63
CA LYS C 709 -2.52 31.67 29.93
C LYS C 709 -3.60 32.46 30.68
N ASP C 710 -4.25 33.36 29.96
CA ASP C 710 -5.24 34.26 30.59
C ASP C 710 -6.52 33.55 31.02
N SER C 711 -6.85 32.43 30.40
CA SER C 711 -8.13 31.77 30.67
C SER C 711 -8.04 30.45 31.43
N HIS C 712 -6.86 30.14 31.98
CA HIS C 712 -6.68 28.93 32.81
C HIS C 712 -5.88 29.20 34.06
N LYS C 713 -6.02 28.33 35.05
CA LYS C 713 -5.52 28.61 36.40
C LYS C 713 -4.03 28.36 36.61
N TYR C 714 -3.51 27.26 36.07
CA TYR C 714 -2.14 26.83 36.36
C TYR C 714 -1.21 26.77 35.14
N LEU C 715 0.07 27.06 35.38
CA LEU C 715 1.12 26.74 34.43
C LEU C 715 1.30 25.23 34.50
N ILE C 716 1.27 24.59 33.33
CA ILE C 716 1.56 23.16 33.24
C ILE C 716 2.90 23.03 32.58
N ASN C 717 3.93 23.44 33.31
CA ASN C 717 5.31 23.18 32.92
C ASN C 717 5.41 21.66 32.73
N ASN C 718 6.44 21.22 32.02
CA ASN C 718 6.56 19.81 31.65
C ASN C 718 7.98 19.48 31.22
N GLY C 719 8.32 18.21 31.27
CA GLY C 719 9.71 17.79 31.07
C GLY C 719 10.05 16.43 31.66
N ARG C 720 11.34 16.26 31.92
CA ARG C 720 11.93 14.98 32.32
C ARG C 720 11.90 14.70 33.81
N ALA C 721 12.01 13.42 34.12
CA ALA C 721 12.34 12.92 35.46
C ALA C 721 13.62 12.09 35.31
N ASN C 722 14.47 12.12 36.34
CA ASN C 722 15.73 11.38 36.34
C ASN C 722 15.54 9.90 36.00
N VAL C 723 14.61 9.20 36.65
CA VAL C 723 14.47 7.76 36.45
C VAL C 723 13.92 7.34 35.10
N VAL C 724 13.11 8.19 34.49
CA VAL C 724 12.39 7.79 33.30
C VAL C 724 13.14 8.21 32.06
N TRP C 725 13.41 7.26 31.18
CA TRP C 725 13.98 7.55 29.90
C TRP C 725 12.92 7.76 28.87
N GLN C 726 12.78 9.01 28.43
CA GLN C 726 11.90 9.37 27.30
C GLN C 726 10.43 8.96 27.56
N SER C 727 9.77 8.35 26.58
CA SER C 727 8.37 7.96 26.71
C SER C 727 8.19 6.58 27.38
N ALA C 728 9.17 6.15 28.15
CA ALA C 728 9.09 4.90 28.94
C ALA C 728 8.87 3.68 28.07
N TYR C 729 9.38 3.73 26.84
CA TYR C 729 9.20 2.63 25.90
C TYR C 729 9.86 1.35 26.41
N LEU C 730 11.05 1.45 26.98
CA LEU C 730 11.66 0.32 27.67
C LEU C 730 11.18 0.25 29.13
N ASP C 731 11.05 1.40 29.76
CA ASP C 731 10.77 1.47 31.20
C ASP C 731 9.41 0.88 31.60
N GLN C 732 8.44 0.88 30.70
CA GLN C 732 7.12 0.33 31.01
C GLN C 732 7.18 -1.18 31.29
N GLU C 733 8.23 -1.85 30.81
CA GLU C 733 8.47 -3.26 31.16
C GLU C 733 9.64 -3.43 32.16
N ASN C 734 9.90 -2.38 32.92
CA ASN C 734 10.95 -2.37 33.93
C ASN C 734 10.36 -2.07 35.30
N ASP C 735 10.35 -3.06 36.16
CA ASP C 735 9.65 -2.93 37.43
C ASP C 735 10.21 -1.83 38.32
N PHE C 736 11.52 -1.60 38.26
CA PHE C 736 12.16 -0.58 39.09
C PHE C 736 11.61 0.81 38.79
N VAL C 737 11.49 1.14 37.51
CA VAL C 737 10.91 2.44 37.10
C VAL C 737 9.39 2.48 37.38
N MET C 738 8.64 1.46 36.98
CA MET C 738 7.16 1.50 37.13
C MET C 738 6.67 1.38 38.59
N ASP C 739 7.49 0.79 39.44
CA ASP C 739 7.18 0.70 40.87
C ASP C 739 7.27 2.08 41.51
N ARG C 740 8.12 2.94 40.96
CA ARG C 740 8.32 4.29 41.48
C ARG C 740 7.24 5.27 40.98
N PHE C 741 6.92 5.22 39.69
CA PHE C 741 5.91 6.11 39.09
C PHE C 741 4.98 5.33 38.16
N PRO C 742 3.98 4.63 38.72
CA PRO C 742 3.01 3.99 37.84
C PRO C 742 2.17 4.98 37.00
N TYR C 743 1.85 6.13 37.60
CA TYR C 743 1.29 7.27 36.86
C TYR C 743 2.37 8.34 36.73
N PRO C 744 2.25 9.22 35.71
CA PRO C 744 3.15 10.36 35.71
C PRO C 744 2.80 11.28 36.84
N PHE C 745 3.80 11.85 37.48
CA PHE C 745 3.55 12.82 38.54
C PHE C 745 3.19 14.18 37.94
N ILE C 746 2.45 14.96 38.72
CA ILE C 746 2.37 16.40 38.49
C ILE C 746 2.76 17.07 39.82
N GLU C 747 3.90 17.76 39.80
CA GLU C 747 4.47 18.44 40.96
C GLU C 747 3.56 19.62 41.25
N MET C 748 3.03 19.70 42.45
CA MET C 748 2.13 20.77 42.83
C MET C 748 2.50 21.33 44.19
N ASN C 749 2.39 22.64 44.33
CA ASN C 749 2.59 23.31 45.61
C ASN C 749 1.54 22.78 46.58
N PRO C 750 1.95 22.47 47.82
CA PRO C 750 1.00 21.88 48.78
C PRO C 750 -0.21 22.75 49.14
N GLU C 751 -0.03 24.07 49.11
CA GLU C 751 -1.14 24.99 49.40
C GLU C 751 -2.07 25.13 48.17
N ASP C 752 -1.53 25.01 46.96
CA ASP C 752 -2.36 24.86 45.75
C ASP C 752 -3.24 23.61 45.83
N MET C 753 -2.66 22.53 46.36
CA MET C 753 -3.37 21.26 46.57
C MET C 753 -4.42 21.38 47.65
N ALA C 754 -4.06 21.99 48.78
CA ALA C 754 -5.01 22.24 49.86
C ALA C 754 -6.21 23.03 49.33
N GLU C 755 -5.93 24.06 48.55
CA GLU C 755 -6.96 24.93 47.99
C GLU C 755 -7.91 24.16 47.07
N ALA C 756 -7.35 23.21 46.33
CA ALA C 756 -8.11 22.41 45.36
C ALA C 756 -8.74 21.16 45.94
N GLY C 757 -8.54 20.93 47.23
CA GLY C 757 -9.02 19.70 47.87
C GLY C 757 -8.34 18.41 47.43
N LEU C 758 -7.07 18.50 47.01
CA LEU C 758 -6.30 17.34 46.53
C LEU C 758 -5.31 16.84 47.58
N LYS C 759 -5.13 15.52 47.61
CA LYS C 759 -4.20 14.86 48.52
C LYS C 759 -3.08 14.20 47.71
N GLU C 760 -1.94 13.94 48.34
CA GLU C 760 -0.87 13.21 47.69
C GLU C 760 -1.38 11.92 47.09
N GLY C 761 -1.05 11.70 45.83
CA GLY C 761 -1.47 10.50 45.12
C GLY C 761 -2.79 10.59 44.37
N ASP C 762 -3.60 11.61 44.66
CA ASP C 762 -4.86 11.78 43.93
C ASP C 762 -4.59 11.80 42.44
N LEU C 763 -5.51 11.19 41.70
CA LEU C 763 -5.44 11.13 40.25
C LEU C 763 -6.26 12.31 39.72
N VAL C 764 -5.61 13.20 38.97
CA VAL C 764 -6.25 14.47 38.56
C VAL C 764 -6.28 14.58 37.06
N GLU C 765 -7.35 15.21 36.57
CA GLU C 765 -7.44 15.57 35.16
C GLU C 765 -6.85 16.95 34.99
N ILE C 766 -5.93 17.08 34.04
CA ILE C 766 -5.43 18.37 33.61
C ILE C 766 -6.18 18.66 32.32
N TYR C 767 -6.78 19.84 32.17
CA TYR C 767 -7.58 20.12 30.97
C TYR C 767 -7.57 21.60 30.54
N ASN C 768 -7.73 21.79 29.24
CA ASN C 768 -7.84 23.10 28.66
C ASN C 768 -8.51 22.95 27.31
N ASP C 769 -8.43 23.94 26.45
CA ASP C 769 -9.12 23.90 25.15
C ASP C 769 -8.39 23.02 24.12
N ALA C 770 -7.16 22.62 24.40
CA ALA C 770 -6.44 21.70 23.52
C ALA C 770 -6.93 20.25 23.72
N GLY C 771 -7.14 19.88 24.97
CA GLY C 771 -7.51 18.52 25.31
C GLY C 771 -7.41 18.28 26.81
N ALA C 772 -7.21 17.02 27.19
CA ALA C 772 -7.23 16.60 28.57
C ALA C 772 -6.35 15.38 28.80
N THR C 773 -5.94 15.18 30.04
CA THR C 773 -5.08 14.07 30.39
C THR C 773 -5.08 13.86 31.89
N GLN C 774 -4.33 12.87 32.34
CA GLN C 774 -4.32 12.51 33.76
C GLN C 774 -2.92 12.47 34.31
N ALA C 775 -2.80 12.71 35.61
CA ALA C 775 -1.51 12.64 36.28
C ALA C 775 -1.74 12.42 37.78
N MET C 776 -0.67 12.10 38.49
CA MET C 776 -0.76 11.83 39.93
C MET C 776 -0.19 13.03 40.68
N ALA C 777 -1.00 13.62 41.55
CA ALA C 777 -0.59 14.79 42.31
C ALA C 777 0.58 14.44 43.22
N TYR C 778 1.71 15.11 43.03
CA TYR C 778 2.90 14.92 43.85
C TYR C 778 3.23 16.24 44.55
N PRO C 779 3.07 16.29 45.88
CA PRO C 779 3.21 17.57 46.58
C PRO C 779 4.67 17.97 46.64
N THR C 780 4.93 19.21 46.25
CA THR C 780 6.27 19.70 45.99
C THR C 780 6.47 21.08 46.60
N PRO C 781 7.00 21.14 47.82
CA PRO C 781 7.11 22.41 48.56
C PRO C 781 7.86 23.51 47.83
N THR C 782 8.85 23.13 47.04
CA THR C 782 9.67 24.08 46.25
C THR C 782 8.94 24.68 45.05
N ALA C 783 7.83 24.09 44.64
CA ALA C 783 7.06 24.59 43.53
C ALA C 783 6.39 25.91 43.88
N ARG C 784 6.38 26.86 42.95
CA ARG C 784 5.71 28.15 43.15
C ARG C 784 4.21 28.03 43.00
N ARG C 785 3.49 28.88 43.71
CA ARG C 785 2.03 28.90 43.70
C ARG C 785 1.52 29.19 42.27
N GLY C 786 0.66 28.30 41.77
CA GLY C 786 0.10 28.39 40.42
C GLY C 786 0.96 27.75 39.34
N GLU C 787 2.05 27.10 39.72
CA GLU C 787 2.99 26.52 38.77
C GLU C 787 3.20 25.04 39.03
N THR C 788 2.72 24.22 38.11
CA THR C 788 2.81 22.78 38.23
C THR C 788 3.82 22.27 37.20
N PHE C 789 4.37 21.10 37.46
CA PHE C 789 5.27 20.48 36.51
C PHE C 789 4.87 19.03 36.31
N MET C 790 4.54 18.67 35.07
CA MET C 790 4.12 17.30 34.78
C MET C 790 5.14 16.56 33.94
N LEU C 791 5.43 15.32 34.32
CA LEU C 791 6.31 14.43 33.57
C LEU C 791 5.74 14.25 32.18
N PHE C 792 6.55 14.44 31.15
CA PHE C 792 6.07 14.38 29.77
C PHE C 792 6.18 12.96 29.21
N GLY C 793 5.60 12.73 28.06
CA GLY C 793 5.79 11.49 27.30
C GLY C 793 5.31 10.18 27.88
N PHE C 794 4.56 10.20 28.97
CA PHE C 794 4.37 9.00 29.78
C PHE C 794 3.12 8.22 29.38
N PRO C 795 3.27 6.90 29.18
CA PRO C 795 2.15 6.11 28.64
C PRO C 795 0.89 6.14 29.50
N THR C 796 1.01 6.35 30.79
CA THR C 796 -0.18 6.27 31.67
C THR C 796 -0.76 7.67 31.96
N GLY C 797 -0.33 8.66 31.19
CA GLY C 797 -0.83 10.04 31.31
C GLY C 797 0.03 10.94 30.47
N VAL C 798 -0.45 11.30 29.29
CA VAL C 798 0.34 11.99 28.28
C VAL C 798 0.10 13.48 28.37
N GLN C 799 1.10 14.26 28.76
CA GLN C 799 0.86 15.69 28.94
C GLN C 799 0.78 16.45 27.63
N GLY C 800 1.26 15.85 26.55
CA GLY C 800 1.14 16.46 25.23
C GLY C 800 -0.29 16.71 24.82
N ASN C 801 -1.21 15.97 25.43
CA ASN C 801 -2.65 16.19 25.23
C ASN C 801 -3.11 17.62 25.51
N VAL C 802 -2.43 18.30 26.43
CA VAL C 802 -2.88 19.65 26.80
C VAL C 802 -2.01 20.75 26.22
N THR C 803 -1.07 20.39 25.37
CA THR C 803 -0.28 21.39 24.65
C THR C 803 -0.99 21.77 23.37
N SER C 804 -0.98 23.05 23.03
CA SER C 804 -1.73 23.52 21.88
C SER C 804 -0.95 23.26 20.62
N ALA C 805 -1.57 23.54 19.48
CA ALA C 805 -0.94 23.35 18.18
C ALA C 805 0.09 24.44 17.89
N GLY C 806 0.22 25.39 18.82
CA GLY C 806 1.06 26.59 18.64
C GLY C 806 2.54 26.38 18.43
N THR C 807 3.04 26.92 17.32
CA THR C 807 4.46 26.88 17.02
C THR C 807 4.95 28.26 16.67
N ASN C 808 6.27 28.43 16.61
CA ASN C 808 6.81 29.66 16.02
C ASN C 808 6.76 29.62 14.49
N GLU C 809 7.36 30.61 13.85
CA GLU C 809 7.22 30.77 12.40
C GLU C 809 7.87 29.60 11.64
N LEU C 810 8.89 29.01 12.26
CA LEU C 810 9.62 27.90 11.67
C LEU C 810 9.11 26.53 12.11
N ILE C 811 7.98 26.54 12.79
CA ILE C 811 7.27 25.33 13.20
C ILE C 811 8.02 24.62 14.34
N ILE C 812 8.56 25.41 15.26
CA ILE C 812 9.13 24.85 16.47
C ILE C 812 8.01 24.76 17.53
N PRO C 813 7.78 23.56 18.09
CA PRO C 813 6.71 23.39 19.06
C PRO C 813 7.03 24.02 20.41
N ASN C 814 6.09 24.81 20.93
CA ASN C 814 6.29 25.61 22.14
C ASN C 814 5.65 24.89 23.30
N TYR C 815 6.16 23.70 23.57
CA TYR C 815 5.59 22.83 24.60
C TYR C 815 5.56 23.46 25.99
N LYS C 816 6.63 24.16 26.37
CA LYS C 816 6.84 24.54 27.77
C LYS C 816 5.83 25.56 28.23
N GLN C 817 5.43 26.46 27.35
CA GLN C 817 4.37 27.40 27.70
C GLN C 817 2.99 26.77 27.50
N THR C 818 2.49 26.14 28.55
CA THR C 818 1.18 25.52 28.56
C THR C 818 0.47 25.84 29.85
N TRP C 819 -0.79 26.21 29.75
CA TRP C 819 -1.60 26.46 30.93
C TRP C 819 -2.83 25.63 30.84
N GLY C 820 -3.38 25.29 32.00
CA GLY C 820 -4.59 24.49 32.08
C GLY C 820 -5.23 24.49 33.45
N ASN C 821 -6.42 23.89 33.51
CA ASN C 821 -7.12 23.70 34.77
C ASN C 821 -6.86 22.29 35.30
N ILE C 822 -7.03 22.12 36.61
CA ILE C 822 -6.84 20.82 37.25
C ILE C 822 -8.05 20.48 38.09
N ARG C 823 -8.55 19.26 37.95
CA ARG C 823 -9.62 18.76 38.82
C ARG C 823 -9.48 17.29 39.08
N LYS C 824 -10.04 16.84 40.17
CA LYS C 824 -9.84 15.48 40.66
C LYS C 824 -10.66 14.48 39.86
N ILE C 825 -10.02 13.40 39.40
CA ILE C 825 -10.70 12.27 38.79
C ILE C 825 -11.01 11.20 39.84
N SER C 826 -10.04 10.90 40.70
CA SER C 826 -10.17 9.84 41.69
C SER C 826 -9.33 10.10 42.93
N ASP C 827 -9.82 9.65 44.08
CA ASP C 827 -8.97 9.52 45.27
C ASP C 827 -7.77 8.66 44.90
N ALA C 828 -6.65 8.90 45.58
CA ALA C 828 -5.42 8.15 45.35
C ALA C 828 -5.69 6.64 45.22
N PRO C 829 -5.38 6.04 44.05
CA PRO C 829 -5.59 4.60 43.88
C PRO C 829 -4.70 3.74 44.79
N ARG C 830 -5.16 2.52 45.08
CA ARG C 830 -4.39 1.53 45.86
C ARG C 830 -2.97 1.30 45.34
N ASN C 831 -2.81 1.28 44.01
CA ASN C 831 -1.51 0.97 43.41
C ASN C 831 -0.48 2.08 43.58
N VAL C 832 -0.88 3.11 44.33
CA VAL C 832 -0.04 4.25 44.63
C VAL C 832 0.27 4.38 46.13
N ALA C 833 -0.29 3.51 46.95
CA ALA C 833 -0.12 3.57 48.40
C ALA C 833 1.33 3.33 48.86
N HIS C 834 2.08 2.55 48.08
CA HIS C 834 3.47 2.21 48.42
C HIS C 834 4.48 3.27 48.07
N LEU C 835 4.08 4.29 47.31
CA LEU C 835 5.03 5.31 46.86
C LEU C 835 5.48 6.25 47.97
N SER C 836 6.73 6.69 47.89
CA SER C 836 7.17 7.82 48.70
C SER C 836 6.79 9.11 47.99
N PHE C 837 6.25 10.05 48.77
CA PHE C 837 5.91 11.39 48.28
C PHE C 837 6.80 12.46 48.93
N LYS C 838 7.95 12.05 49.43
CA LYS C 838 8.88 12.96 50.09
C LYS C 838 9.64 13.80 49.08
N SER C 839 10.32 14.84 49.57
CA SER C 839 11.05 15.74 48.68
C SER C 839 12.19 15.02 47.96
N LYS C 840 12.34 15.36 46.69
CA LYS C 840 13.45 14.82 45.90
C LYS C 840 14.79 15.51 46.16
N GLU C 841 14.78 16.60 46.93
CA GLU C 841 16.01 17.34 47.21
C GLU C 841 16.83 16.69 48.31
N TYR C 842 18.07 16.34 47.98
CA TYR C 842 19.09 15.95 48.96
C TYR C 842 19.19 16.93 50.12
N GLN C 843 19.14 16.38 51.33
CA GLN C 843 19.32 17.16 52.56
C GLN C 843 20.64 16.74 53.20
N SER C 844 21.41 17.73 53.61
CA SER C 844 22.71 17.46 54.23
C SER C 844 22.67 16.82 55.62
N ALA D 44 24.24 -26.61 45.29
CA ALA D 44 24.78 -26.04 46.57
C ALA D 44 23.98 -24.79 46.91
N ALA D 45 23.38 -24.16 45.91
CA ALA D 45 23.17 -22.75 45.87
C ALA D 45 21.75 -22.27 46.09
N GLY D 46 21.62 -20.95 46.07
CA GLY D 46 20.75 -20.21 46.92
C GLY D 46 21.77 -19.74 47.96
N VAL D 47 21.88 -18.43 48.15
CA VAL D 47 22.83 -17.89 49.14
C VAL D 47 22.40 -18.28 50.55
N GLU D 48 23.36 -18.70 51.36
CA GLU D 48 23.10 -19.12 52.73
C GLU D 48 23.35 -17.98 53.72
N TYR D 49 22.29 -17.36 54.19
CA TYR D 49 22.39 -16.25 55.16
C TYR D 49 22.51 -16.76 56.59
N PRO D 50 23.41 -16.15 57.40
CA PRO D 50 23.46 -16.49 58.80
C PRO D 50 22.37 -15.74 59.56
N ALA D 51 21.92 -16.34 60.65
CA ALA D 51 20.96 -15.72 61.55
C ALA D 51 21.73 -15.05 62.69
N ASN D 52 21.95 -13.73 62.56
CA ASN D 52 22.75 -12.98 63.53
C ASN D 52 21.92 -12.06 64.42
N ARG D 53 22.21 -12.07 65.73
CA ARG D 53 21.68 -11.07 66.67
C ARG D 53 22.28 -9.74 66.32
N LEU D 54 21.45 -8.72 66.19
CA LEU D 54 21.95 -7.36 65.97
C LEU D 54 21.78 -6.47 67.20
N ALA D 55 20.62 -6.57 67.83
CA ALA D 55 20.31 -5.77 69.01
C ALA D 55 19.06 -6.29 69.69
N ASN D 56 18.70 -5.68 70.82
CA ASN D 56 17.43 -5.95 71.48
C ASN D 56 16.52 -4.76 71.26
N ILE D 57 15.24 -5.02 71.16
CA ILE D 57 14.24 -3.98 70.93
C ILE D 57 14.31 -2.81 71.92
N SER D 58 14.73 -3.09 73.16
CA SER D 58 14.85 -2.06 74.21
C SER D 58 15.95 -1.05 73.97
N GLU D 59 16.86 -1.36 73.05
CA GLU D 59 18.00 -0.48 72.77
C GLU D 59 17.62 0.70 71.87
N LEU D 60 16.52 0.56 71.13
CA LEU D 60 16.14 1.51 70.11
C LEU D 60 15.29 2.64 70.66
N THR D 61 15.60 3.87 70.28
CA THR D 61 14.76 5.01 70.59
C THR D 61 14.08 5.45 69.30
N LEU D 62 12.86 5.94 69.42
CA LEU D 62 12.08 6.41 68.27
C LEU D 62 12.93 7.37 67.43
N ASN D 63 13.13 7.01 66.16
CA ASN D 63 13.76 7.86 65.15
C ASN D 63 15.26 8.13 65.35
N GLU D 64 15.92 7.24 66.08
CA GLU D 64 17.36 7.34 66.29
C GLU D 64 18.01 6.05 65.83
N PRO D 65 18.63 6.08 64.65
CA PRO D 65 19.22 4.86 64.08
C PRO D 65 20.34 4.27 64.92
N LEU D 66 20.36 2.95 65.04
CA LEU D 66 21.38 2.22 65.78
C LEU D 66 22.35 1.55 64.83
N ASP D 67 23.63 1.92 64.89
CA ASP D 67 24.64 1.37 63.97
C ASP D 67 24.78 -0.13 64.18
N VAL D 68 24.87 -0.85 63.07
CA VAL D 68 24.87 -2.30 63.04
C VAL D 68 25.61 -2.79 61.79
N ALA D 69 25.87 -4.10 61.71
CA ALA D 69 26.52 -4.69 60.53
C ALA D 69 25.97 -6.07 60.19
N TYR D 70 25.58 -6.24 58.94
CA TYR D 70 25.00 -7.52 58.47
C TYR D 70 25.14 -7.66 56.97
N PRO D 71 25.48 -8.88 56.49
CA PRO D 71 25.68 -10.16 57.18
C PRO D 71 27.08 -10.43 57.71
N ASP D 72 27.92 -9.40 57.72
CA ASP D 72 29.20 -9.50 58.40
C ASP D 72 29.73 -8.14 58.85
N GLU D 73 30.82 -8.20 59.60
CA GLU D 73 31.54 -7.04 60.12
C GLU D 73 31.66 -5.87 59.13
N ASP D 74 31.86 -6.18 57.85
CA ASP D 74 32.19 -5.19 56.81
C ASP D 74 31.01 -4.56 56.07
N ALA D 75 29.80 -4.92 56.46
CA ALA D 75 28.59 -4.49 55.78
C ALA D 75 27.76 -3.53 56.65
N ALA D 76 28.14 -2.26 56.66
CA ALA D 76 27.52 -1.27 57.55
C ALA D 76 26.03 -1.09 57.26
N GLY D 77 25.25 -1.05 58.35
CA GLY D 77 23.83 -0.75 58.29
C GLY D 77 23.32 -0.13 59.57
N VAL D 78 22.02 0.08 59.63
CA VAL D 78 21.34 0.63 60.82
C VAL D 78 20.04 -0.11 61.12
N LEU D 79 19.69 -0.17 62.40
CA LEU D 79 18.31 -0.47 62.81
C LEU D 79 17.63 0.86 63.13
N LEU D 80 16.33 0.95 62.85
CA LEU D 80 15.61 2.21 63.00
C LEU D 80 14.16 1.96 63.39
N LYS D 81 13.73 2.55 64.50
CA LYS D 81 12.32 2.51 64.93
C LYS D 81 11.61 3.76 64.44
N LEU D 82 10.60 3.58 63.60
CA LEU D 82 9.99 4.69 62.85
C LEU D 82 8.71 5.26 63.45
N GLY D 83 8.06 4.51 64.34
CA GLY D 83 6.88 5.00 65.05
C GLY D 83 5.55 4.78 64.35
N THR D 84 5.61 4.18 63.15
CA THR D 84 4.44 3.87 62.35
C THR D 84 4.64 2.54 61.61
N ARG D 85 3.56 1.82 61.34
CA ARG D 85 3.67 0.50 60.70
C ARG D 85 4.10 0.67 59.24
N VAL D 86 5.16 -0.05 58.86
CA VAL D 86 5.80 0.14 57.56
C VAL D 86 6.32 -1.18 56.97
N GLU D 87 6.55 -1.19 55.67
CA GLU D 87 6.88 -2.45 54.99
C GLU D 87 8.24 -3.00 55.41
N GLY D 88 8.24 -4.29 55.78
CA GLY D 88 9.43 -4.96 56.32
C GLY D 88 9.67 -4.70 57.79
N GLY D 89 8.77 -3.93 58.41
CA GLY D 89 8.93 -3.54 59.80
C GLY D 89 8.47 -4.63 60.74
N VAL D 90 9.15 -4.73 61.87
CA VAL D 90 8.86 -5.78 62.87
C VAL D 90 8.67 -5.17 64.26
N GLY D 91 8.41 -6.04 65.24
CA GLY D 91 8.11 -5.61 66.60
C GLY D 91 6.61 -5.48 66.75
N PRO D 92 6.14 -5.21 67.97
CA PRO D 92 4.69 -5.13 68.17
C PRO D 92 4.01 -4.02 67.37
N ASP D 93 4.70 -2.89 67.19
CA ASP D 93 4.15 -1.77 66.42
C ASP D 93 4.45 -1.87 64.93
N GLY D 94 5.26 -2.85 64.56
CA GLY D 94 5.62 -3.14 63.16
C GLY D 94 6.44 -2.05 62.49
N ASP D 95 7.27 -1.37 63.28
CA ASP D 95 7.97 -0.17 62.83
C ASP D 95 9.49 -0.23 62.93
N ILE D 96 10.03 -1.38 63.27
CA ILE D 96 11.47 -1.56 63.36
C ILE D 96 11.95 -2.08 62.03
N VAL D 97 12.75 -1.28 61.35
CA VAL D 97 13.32 -1.67 60.07
C VAL D 97 14.84 -1.72 60.18
N GLY D 98 15.46 -2.36 59.21
CA GLY D 98 16.92 -2.43 59.09
C GLY D 98 17.38 -2.29 57.66
N PHE D 99 18.38 -1.44 57.43
CA PHE D 99 18.89 -1.19 56.08
C PHE D 99 20.41 -1.17 56.03
N SER D 100 20.93 -1.48 54.83
CA SER D 100 22.29 -1.14 54.47
C SER D 100 22.40 0.38 54.44
N THR D 101 23.52 0.89 54.92
CA THR D 101 23.73 2.30 55.09
C THR D 101 24.73 2.81 54.06
N ILE D 102 25.08 1.93 53.14
CA ILE D 102 26.07 2.21 52.11
C ILE D 102 25.36 2.36 50.76
N CYS D 103 25.52 3.53 50.15
CA CYS D 103 24.81 3.85 48.92
C CYS D 103 25.05 2.79 47.84
N PRO D 104 23.98 2.29 47.23
CA PRO D 104 24.14 1.26 46.21
C PRO D 104 24.61 1.76 44.82
N HIS D 105 24.75 3.06 44.66
CA HIS D 105 25.21 3.66 43.40
C HIS D 105 26.72 3.54 43.37
N LYS D 106 27.43 4.33 44.19
CA LYS D 106 28.90 4.30 44.24
C LYS D 106 29.52 4.08 45.63
N GLY D 107 28.71 3.77 46.63
CA GLY D 107 29.22 3.26 47.91
C GLY D 107 29.60 4.25 48.99
N PHE D 108 29.13 5.49 48.86
CA PHE D 108 29.34 6.49 49.89
C PHE D 108 28.46 6.14 51.09
N PRO D 109 28.89 6.52 52.32
CA PRO D 109 28.03 6.25 53.47
C PRO D 109 26.87 7.23 53.53
N LEU D 110 25.67 6.71 53.76
CA LEU D 110 24.47 7.53 53.80
C LEU D 110 24.33 8.21 55.16
N SER D 111 23.82 9.43 55.13
CA SER D 111 23.48 10.17 56.33
C SER D 111 21.96 10.15 56.50
N TYR D 112 21.52 10.19 57.76
CA TYR D 112 20.10 10.15 58.08
C TYR D 112 19.60 11.52 58.45
N SER D 113 18.50 11.93 57.87
CA SER D 113 17.80 13.14 58.28
C SER D 113 16.62 12.75 59.18
N ALA D 114 16.62 13.26 60.40
CA ALA D 114 15.59 12.89 61.38
C ALA D 114 14.27 13.62 61.11
N ASP D 115 14.34 14.86 60.61
CA ASP D 115 13.14 15.68 60.36
C ASP D 115 12.31 15.13 59.17
N ASN D 116 13.04 14.51 58.26
CA ASN D 116 12.49 14.04 56.99
C ASN D 116 12.24 12.54 56.99
N LYS D 117 12.97 11.85 57.84
CA LYS D 117 13.05 10.39 57.86
C LYS D 117 13.47 9.87 56.51
N THR D 118 14.65 10.28 56.10
CA THR D 118 15.23 9.85 54.83
C THR D 118 16.72 9.57 55.00
N PHE D 119 17.25 8.69 54.17
CA PHE D 119 18.69 8.52 54.04
C PHE D 119 19.16 9.32 52.82
N ASN D 120 20.25 10.05 52.99
CA ASN D 120 20.71 11.00 51.99
C ASN D 120 22.16 10.74 51.60
N CYS D 121 22.45 10.78 50.30
CA CYS D 121 23.79 10.51 49.81
C CYS D 121 24.59 11.72 49.35
N PRO D 122 25.74 11.98 49.98
CA PRO D 122 26.54 13.16 49.62
C PRO D 122 27.33 13.02 48.33
N GLY D 123 27.32 11.83 47.73
CA GLY D 123 28.08 11.58 46.52
C GLY D 123 27.43 12.21 45.32
N HIS D 124 26.22 11.75 45.04
CA HIS D 124 25.46 12.25 43.89
C HIS D 124 24.01 12.46 44.21
N PHE D 125 23.74 12.83 45.45
CA PHE D 125 22.49 13.48 45.89
C PHE D 125 21.25 12.59 45.91
N SER D 126 21.46 11.29 46.06
CA SER D 126 20.37 10.34 46.17
C SER D 126 19.65 10.45 47.51
N VAL D 127 18.37 10.06 47.51
CA VAL D 127 17.48 10.11 48.69
C VAL D 127 16.67 8.84 48.74
N PHE D 128 16.68 8.18 49.90
CA PHE D 128 15.98 6.92 50.13
C PHE D 128 15.01 7.04 51.29
N ASP D 129 13.84 6.40 51.17
CA ASP D 129 12.77 6.47 52.17
C ASP D 129 12.61 5.16 52.96
N PRO D 130 13.08 5.13 54.21
CA PRO D 130 12.94 3.91 55.01
C PRO D 130 11.53 3.64 55.52
N GLU D 131 10.61 4.59 55.35
CA GLU D 131 9.21 4.34 55.65
C GLU D 131 8.49 3.64 54.50
N LYS D 132 9.16 3.52 53.35
CA LYS D 132 8.59 2.87 52.16
C LYS D 132 9.57 1.86 51.56
N GLY D 133 10.05 0.94 52.40
CA GLY D 133 10.91 -0.17 51.94
C GLY D 133 12.25 0.24 51.36
N GLY D 134 12.69 1.45 51.72
CA GLY D 134 13.93 2.02 51.19
C GLY D 134 13.81 2.53 49.75
N GLN D 135 12.61 2.91 49.33
CA GLN D 135 12.43 3.40 47.97
C GLN D 135 13.30 4.62 47.69
N GLN D 136 14.03 4.59 46.58
CA GLN D 136 14.78 5.76 46.12
C GLN D 136 13.78 6.83 45.74
N VAL D 137 13.70 7.88 46.55
CA VAL D 137 12.82 9.01 46.26
C VAL D 137 13.35 9.71 45.01
N TRP D 138 14.65 9.85 44.95
CA TRP D 138 15.34 10.40 43.80
C TRP D 138 16.78 9.96 43.93
N GLY D 139 17.41 9.55 42.83
CA GLY D 139 18.82 9.21 42.88
C GLY D 139 19.38 8.52 41.66
N GLN D 140 20.63 8.09 41.76
CA GLN D 140 21.31 7.48 40.63
C GLN D 140 21.46 5.96 40.75
N ALA D 141 21.07 5.40 41.88
CA ALA D 141 21.10 3.95 42.07
C ALA D 141 20.01 3.30 41.25
N THR D 142 20.32 2.14 40.68
CA THR D 142 19.31 1.32 40.03
C THR D 142 18.64 0.35 41.02
N GLN D 143 18.86 0.57 42.30
CA GLN D 143 18.30 -0.25 43.36
C GLN D 143 17.70 0.63 44.41
N ASN D 144 16.65 0.12 45.03
CA ASN D 144 16.15 0.70 46.27
C ASN D 144 17.06 0.20 47.40
N LEU D 145 16.98 0.85 48.57
CA LEU D 145 17.95 0.58 49.62
C LEU D 145 17.82 -0.86 50.12
N PRO D 146 18.93 -1.63 50.16
CA PRO D 146 18.81 -3.02 50.62
C PRO D 146 18.35 -3.10 52.05
N GLN D 147 17.33 -3.90 52.30
CA GLN D 147 16.64 -3.94 53.58
C GLN D 147 16.82 -5.33 54.19
N TYR D 148 16.98 -5.36 55.51
CA TYR D 148 17.15 -6.64 56.22
C TYR D 148 15.82 -7.34 56.49
N VAL D 149 15.81 -8.66 56.37
CA VAL D 149 14.68 -9.47 56.81
C VAL D 149 14.89 -9.71 58.30
N LEU D 150 14.05 -9.07 59.11
CA LEU D 150 14.22 -9.08 60.55
C LEU D 150 13.22 -10.01 61.23
N ARG D 151 13.59 -10.48 62.41
CA ARG D 151 12.77 -11.36 63.23
C ARG D 151 12.95 -10.92 64.68
N VAL D 152 11.85 -10.80 65.41
CA VAL D 152 11.92 -10.44 66.83
C VAL D 152 11.62 -11.67 67.67
N ALA D 153 12.60 -12.08 68.48
CA ALA D 153 12.50 -13.28 69.29
C ALA D 153 11.64 -13.05 70.52
N ASP D 154 11.24 -14.15 71.11
CA ASP D 154 10.38 -14.14 72.28
C ASP D 154 10.92 -13.23 73.40
N ASN D 155 12.23 -13.23 73.59
CA ASN D 155 12.87 -12.39 74.62
C ASN D 155 13.04 -10.93 74.25
N GLY D 156 13.02 -10.63 72.96
CA GLY D 156 13.04 -9.25 72.47
C GLY D 156 14.23 -8.97 71.55
N ASP D 157 15.07 -9.97 71.34
CA ASP D 157 16.25 -9.84 70.49
C ASP D 157 15.80 -9.74 69.03
N ILE D 158 16.51 -8.91 68.28
CA ILE D 158 16.24 -8.71 66.85
C ILE D 158 17.29 -9.42 66.02
N PHE D 159 16.83 -10.33 65.17
CA PHE D 159 17.71 -11.10 64.30
C PHE D 159 17.54 -10.66 62.85
N ALA D 160 18.64 -10.66 62.11
CA ALA D 160 18.63 -10.44 60.68
C ALA D 160 18.90 -11.78 59.99
N GLU D 161 18.04 -12.16 59.05
CA GLU D 161 18.13 -13.47 58.36
C GLU D 161 18.19 -13.36 56.84
N GLY D 162 18.42 -12.17 56.32
CA GLY D 162 18.48 -11.96 54.88
C GLY D 162 18.51 -10.52 54.45
N VAL D 163 18.73 -10.32 53.15
CA VAL D 163 18.76 -8.98 52.56
C VAL D 163 18.15 -9.04 51.18
N ASP D 164 17.27 -8.11 50.87
CA ASP D 164 16.42 -8.20 49.67
C ASP D 164 17.02 -7.65 48.38
N GLU D 165 18.25 -7.18 48.43
CA GLU D 165 18.89 -6.59 47.26
C GLU D 165 20.41 -6.69 47.43
N LEU D 166 21.16 -6.55 46.34
CA LEU D 166 22.62 -6.68 46.40
C LEU D 166 23.29 -5.48 47.08
N ILE D 167 24.04 -5.76 48.14
CA ILE D 167 24.79 -4.75 48.90
C ILE D 167 25.95 -4.23 48.06
N TYR D 168 26.22 -2.93 48.14
CA TYR D 168 27.32 -2.35 47.37
C TYR D 168 28.65 -3.00 47.72
N GLY D 169 29.47 -3.20 46.69
CA GLY D 169 30.86 -3.58 46.85
C GLY D 169 31.09 -5.06 47.03
N ARG D 170 30.03 -5.84 46.89
CA ARG D 170 30.17 -7.29 46.91
C ARG D 170 29.27 -7.91 45.84
N LEU D 171 29.79 -8.94 45.17
CA LEU D 171 29.05 -9.64 44.11
C LEU D 171 28.28 -10.82 44.68
N SER D 172 28.37 -10.98 45.99
CA SER D 172 27.56 -11.93 46.72
C SER D 172 27.34 -11.34 48.10
N ASN D 173 26.11 -11.33 48.57
CA ASN D 173 25.81 -10.73 49.86
C ASN D 173 26.55 -11.41 51.00
N VAL D 174 26.78 -12.71 50.84
CA VAL D 174 27.61 -13.45 51.78
C VAL D 174 28.92 -13.73 51.10
N LEU D 175 29.99 -13.30 51.73
CA LEU D 175 31.34 -13.51 51.21
C LEU D 175 31.99 -14.63 51.99
N ALA E 2 16.08 -25.25 19.67
CA ALA E 2 15.00 -25.50 20.65
C ALA E 2 15.15 -24.54 21.83
N PHE E 3 14.03 -24.21 22.45
CA PHE E 3 14.04 -23.37 23.62
C PHE E 3 14.62 -24.12 24.79
N LYS E 4 15.55 -23.48 25.48
CA LYS E 4 16.20 -24.09 26.63
C LYS E 4 16.32 -23.04 27.72
N ARG E 5 15.86 -23.37 28.92
CA ARG E 5 15.81 -22.39 30.00
C ARG E 5 17.17 -22.06 30.58
N HIS E 6 18.11 -22.99 30.46
CA HIS E 6 19.46 -22.85 31.04
C HIS E 6 19.46 -22.70 32.55
N ILE E 7 18.52 -23.35 33.21
CA ILE E 7 18.44 -23.37 34.68
C ILE E 7 19.12 -24.66 35.16
N ASP E 8 20.35 -24.53 35.64
CA ASP E 8 21.17 -25.67 36.10
C ASP E 8 20.70 -26.32 37.38
N ARG E 9 20.04 -25.56 38.24
CA ARG E 9 19.61 -26.08 39.54
C ARG E 9 18.47 -25.26 40.10
N LEU E 10 17.72 -25.90 40.98
CA LEU E 10 16.55 -25.29 41.56
C LEU E 10 16.69 -25.33 43.07
N PRO E 11 16.15 -24.32 43.75
CA PRO E 11 16.07 -24.40 45.20
C PRO E 11 15.33 -25.66 45.67
N ILE E 12 15.87 -26.29 46.70
CA ILE E 12 15.28 -27.48 47.31
C ILE E 12 14.16 -27.08 48.29
N ILE E 13 12.99 -27.69 48.14
CA ILE E 13 11.87 -27.47 49.09
C ILE E 13 12.28 -27.99 50.49
N PRO E 14 12.26 -27.13 51.51
CA PRO E 14 12.65 -27.52 52.85
C PRO E 14 11.59 -28.32 53.60
N ALA E 15 11.99 -28.95 54.70
CA ALA E 15 11.11 -29.77 55.54
C ALA E 15 9.88 -29.00 56.08
N ASP E 16 10.06 -27.71 56.34
CA ASP E 16 9.00 -26.88 56.92
C ASP E 16 8.26 -25.98 55.91
N ALA E 17 8.29 -26.34 54.62
CA ALA E 17 7.52 -25.61 53.62
C ALA E 17 6.03 -25.67 53.96
N LYS E 18 5.30 -24.62 53.63
CA LYS E 18 3.86 -24.63 53.81
C LYS E 18 3.21 -25.36 52.63
N LYS E 19 2.34 -26.33 52.95
CA LYS E 19 1.71 -27.17 51.92
C LYS E 19 0.30 -26.69 51.61
N HIS E 20 -0.02 -26.63 50.32
CA HIS E 20 -1.35 -26.26 49.87
C HIS E 20 -1.90 -27.29 48.92
N ASN E 21 -3.15 -27.70 49.10
CA ASN E 21 -3.79 -28.59 48.14
C ASN E 21 -4.17 -27.77 46.90
N VAL E 22 -3.79 -28.25 45.72
CA VAL E 22 -4.07 -27.56 44.48
C VAL E 22 -4.58 -28.51 43.42
N THR E 23 -5.75 -28.19 42.86
CA THR E 23 -6.23 -28.88 41.66
C THR E 23 -5.68 -28.17 40.44
N CYS E 24 -5.29 -28.92 39.43
CA CYS E 24 -4.83 -28.32 38.19
C CYS E 24 -5.79 -27.25 37.72
N HIS E 25 -5.24 -26.15 37.26
CA HIS E 25 -6.03 -25.01 36.78
C HIS E 25 -6.87 -25.31 35.58
N PHE E 26 -6.49 -26.33 34.83
CA PHE E 26 -6.89 -26.41 33.46
C PHE E 26 -7.95 -27.48 33.19
N CYS E 27 -7.56 -28.62 32.63
CA CYS E 27 -8.54 -29.49 31.97
C CYS E 27 -9.43 -30.28 32.94
N ILE E 28 -10.47 -30.88 32.38
CA ILE E 28 -11.51 -31.65 33.10
C ILE E 28 -11.00 -32.71 34.08
N VAL E 29 -9.83 -33.29 33.81
CA VAL E 29 -9.33 -34.42 34.59
C VAL E 29 -9.10 -34.02 36.06
N GLY E 30 -8.72 -32.78 36.28
CA GLY E 30 -8.55 -32.26 37.62
C GLY E 30 -7.50 -32.96 38.45
N CYS E 31 -6.34 -33.17 37.86
CA CYS E 31 -5.21 -33.82 38.56
C CYS E 31 -4.84 -33.10 39.87
N GLY E 32 -4.43 -33.88 40.86
CA GLY E 32 -4.05 -33.35 42.17
C GLY E 32 -2.61 -32.88 42.22
N TYR E 33 -2.40 -31.71 42.82
CA TYR E 33 -1.07 -31.14 43.02
C TYR E 33 -0.96 -30.61 44.44
N HIS E 34 0.25 -30.29 44.84
CA HIS E 34 0.51 -29.52 46.05
C HIS E 34 1.38 -28.37 45.69
N ALA E 35 1.10 -27.22 46.27
CA ALA E 35 1.96 -26.05 46.16
C ALA E 35 2.68 -25.90 47.49
N TYR E 36 4.00 -25.95 47.44
CA TYR E 36 4.82 -25.72 48.61
C TYR E 36 5.45 -24.34 48.52
N THR E 37 5.39 -23.58 49.61
CA THR E 37 5.98 -22.25 49.64
C THR E 37 6.83 -22.05 50.88
N TRP E 38 7.87 -21.24 50.75
CA TRP E 38 8.72 -20.94 51.89
C TRP E 38 9.44 -19.63 51.68
N PRO E 39 9.93 -19.00 52.76
CA PRO E 39 10.49 -17.68 52.60
C PRO E 39 11.62 -17.61 51.58
N ILE E 40 11.60 -16.55 50.79
CA ILE E 40 12.71 -16.22 49.89
C ILE E 40 13.93 -16.19 50.78
N ASN E 41 15.08 -16.64 50.32
CA ASN E 41 16.27 -16.59 51.22
C ASN E 41 16.28 -17.54 52.43
N LYS E 42 15.36 -18.48 52.48
CA LYS E 42 15.57 -19.73 53.21
C LYS E 42 15.55 -20.83 52.14
N GLN E 43 16.09 -22.00 52.47
CA GLN E 43 16.07 -23.12 51.53
C GLN E 43 16.26 -24.46 52.18
N GLY E 44 15.87 -25.50 51.45
CA GLY E 44 16.11 -26.88 51.86
C GLY E 44 17.51 -27.32 51.51
N GLY E 45 17.91 -28.46 52.07
CA GLY E 45 19.20 -29.08 51.80
C GLY E 45 19.09 -30.49 51.24
N THR E 46 20.24 -31.09 51.01
CA THR E 46 20.34 -32.34 50.28
C THR E 46 20.08 -33.58 51.16
N ASP E 47 20.37 -33.46 52.45
CA ASP E 47 20.10 -34.55 53.39
C ASP E 47 18.60 -34.67 53.70
N PRO E 48 18.13 -35.90 53.97
CA PRO E 48 16.70 -36.20 54.17
C PRO E 48 15.96 -35.32 55.19
N GLN E 49 16.62 -35.05 56.30
CA GLN E 49 16.10 -34.18 57.37
C GLN E 49 15.86 -32.71 56.94
N ASN E 50 16.55 -32.26 55.88
CA ASN E 50 16.48 -30.86 55.40
C ASN E 50 15.64 -30.62 54.15
N ASN E 51 14.79 -31.58 53.79
CA ASN E 51 13.86 -31.37 52.68
C ASN E 51 12.52 -32.10 52.89
N ILE E 52 11.54 -31.66 52.12
CA ILE E 52 10.15 -32.11 52.27
C ILE E 52 9.94 -33.59 51.97
N PHE E 53 10.85 -34.17 51.19
CA PHE E 53 10.69 -35.55 50.71
C PHE E 53 11.22 -36.59 51.68
N GLY E 54 12.14 -36.19 52.54
CA GLY E 54 12.80 -37.13 53.44
C GLY E 54 13.71 -38.07 52.69
N VAL E 55 14.37 -37.54 51.66
CA VAL E 55 15.18 -38.31 50.71
C VAL E 55 16.57 -37.68 50.56
N ASP E 56 17.58 -38.51 50.31
CA ASP E 56 18.92 -38.02 50.00
C ASP E 56 18.96 -37.50 48.56
N LEU E 57 18.93 -36.18 48.42
CA LEU E 57 18.87 -35.54 47.10
C LEU E 57 20.24 -35.40 46.42
N SER E 58 21.30 -35.89 47.06
CA SER E 58 22.63 -35.91 46.44
C SER E 58 22.83 -37.12 45.53
N GLU E 59 21.79 -37.95 45.39
CA GLU E 59 21.81 -39.10 44.49
C GLU E 59 20.78 -38.95 43.38
N GLN E 60 21.16 -39.36 42.17
CA GLN E 60 20.24 -39.41 41.03
C GLN E 60 18.99 -40.19 41.41
N GLN E 61 17.82 -39.62 41.14
CA GLN E 61 16.57 -40.31 41.42
C GLN E 61 16.20 -41.23 40.28
N GLN E 62 15.53 -42.32 40.62
CA GLN E 62 15.08 -43.29 39.63
C GLN E 62 13.80 -42.82 38.95
N ALA E 63 13.37 -43.56 37.94
CA ALA E 63 12.16 -43.23 37.19
C ALA E 63 10.95 -43.08 38.11
N GLU E 64 10.08 -42.14 37.77
CA GLU E 64 8.81 -41.94 38.45
C GLU E 64 8.96 -41.47 39.89
N SER E 65 10.12 -40.90 40.22
CA SER E 65 10.39 -40.43 41.59
C SER E 65 9.49 -39.26 41.99
N ASP E 66 9.01 -39.28 43.22
CA ASP E 66 8.28 -38.15 43.78
C ASP E 66 9.27 -37.03 44.14
N ALA E 67 10.54 -37.36 44.33
CA ALA E 67 11.54 -36.40 44.84
C ALA E 67 12.23 -35.61 43.74
N TRP E 68 11.44 -35.02 42.85
CA TRP E 68 11.98 -34.20 41.77
C TRP E 68 10.93 -33.32 41.22
N TYR E 69 11.35 -32.19 40.67
CA TYR E 69 10.44 -31.29 39.97
C TYR E 69 11.17 -30.53 38.87
N SER E 70 10.46 -30.18 37.82
CA SER E 70 11.09 -29.52 36.68
C SER E 70 11.07 -28.03 36.93
N PRO E 71 11.91 -27.28 36.23
CA PRO E 71 11.92 -25.82 36.30
C PRO E 71 10.54 -25.15 36.16
N SER E 72 9.69 -25.66 35.27
CA SER E 72 8.36 -25.06 35.08
C SER E 72 7.43 -25.26 36.28
N MET E 73 7.84 -26.10 37.22
CA MET E 73 7.12 -26.28 38.48
C MET E 73 7.61 -25.37 39.58
N TYR E 74 8.62 -24.56 39.28
CA TYR E 74 9.23 -23.63 40.25
C TYR E 74 9.05 -22.18 39.85
N ASN E 75 8.79 -21.31 40.82
CA ASN E 75 8.74 -19.86 40.60
C ASN E 75 8.90 -19.13 41.93
N VAL E 76 8.95 -17.80 41.88
CA VAL E 76 8.90 -16.96 43.07
C VAL E 76 7.71 -16.04 42.99
N VAL E 77 6.88 -16.05 44.02
CA VAL E 77 5.60 -15.34 43.97
C VAL E 77 5.35 -14.58 45.26
N LYS E 78 4.50 -13.58 45.19
CA LYS E 78 4.08 -12.85 46.38
C LYS E 78 3.04 -13.64 47.19
N GLN E 79 3.24 -13.67 48.52
CA GLN E 79 2.31 -14.32 49.46
C GLN E 79 2.19 -13.46 50.70
N ASP E 80 1.00 -12.96 50.97
CA ASP E 80 0.77 -11.97 52.04
C ASP E 80 1.82 -10.84 52.03
N GLY E 81 2.11 -10.30 50.85
CA GLY E 81 3.02 -9.16 50.70
C GLY E 81 4.50 -9.48 50.57
N ARG E 82 4.88 -10.74 50.78
CA ARG E 82 6.29 -11.13 50.76
C ARG E 82 6.57 -12.10 49.62
N ASP E 83 7.75 -11.95 49.02
CA ASP E 83 8.17 -12.90 48.01
C ASP E 83 8.49 -14.23 48.71
N VAL E 84 8.00 -15.32 48.12
CA VAL E 84 8.26 -16.67 48.61
C VAL E 84 8.59 -17.56 47.41
N HIS E 85 9.38 -18.60 47.63
CA HIS E 85 9.55 -19.63 46.63
C HIS E 85 8.29 -20.42 46.60
N VAL E 86 7.93 -20.95 45.43
CA VAL E 86 6.81 -21.88 45.30
C VAL E 86 7.24 -23.04 44.39
N VAL E 87 6.80 -24.25 44.74
CA VAL E 87 6.85 -25.37 43.81
C VAL E 87 5.45 -25.97 43.73
N ILE E 88 4.94 -26.11 42.50
CA ILE E 88 3.63 -26.71 42.30
C ILE E 88 3.87 -28.02 41.60
N LYS E 89 3.61 -29.10 42.32
CA LYS E 89 4.13 -30.43 42.04
C LYS E 89 2.95 -31.39 42.05
N PRO E 90 2.85 -32.30 41.06
CA PRO E 90 1.76 -33.25 41.14
C PRO E 90 1.83 -34.15 42.37
N ASP E 91 0.65 -34.52 42.87
CA ASP E 91 0.47 -35.34 44.07
C ASP E 91 0.46 -36.84 43.72
N HIS E 92 1.41 -37.58 44.27
CA HIS E 92 1.53 -39.03 44.06
C HIS E 92 0.34 -39.77 44.62
N GLU E 93 -0.22 -39.25 45.70
CA GLU E 93 -1.32 -39.92 46.42
C GLU E 93 -2.71 -39.71 45.82
N CYS E 94 -2.84 -38.76 44.90
CA CYS E 94 -4.14 -38.44 44.30
C CYS E 94 -4.55 -39.57 43.36
N VAL E 95 -5.75 -40.10 43.56
CA VAL E 95 -6.22 -41.24 42.76
C VAL E 95 -6.54 -40.89 41.30
N VAL E 96 -6.70 -39.60 41.01
CA VAL E 96 -6.93 -39.17 39.63
C VAL E 96 -5.67 -39.39 38.78
N ASN E 97 -4.57 -38.77 39.17
CA ASN E 97 -3.35 -38.75 38.37
C ASN E 97 -2.20 -39.61 38.85
N SER E 98 -2.25 -40.02 40.12
CA SER E 98 -1.18 -40.86 40.73
C SER E 98 0.22 -40.31 40.47
N GLY E 99 0.38 -39.00 40.54
CA GLY E 99 1.69 -38.36 40.39
C GLY E 99 2.00 -37.82 39.01
N LEU E 100 1.19 -38.19 38.02
CA LEU E 100 1.37 -37.65 36.66
C LEU E 100 0.98 -36.17 36.65
N GLY E 101 1.69 -35.42 35.81
CA GLY E 101 1.32 -34.04 35.48
C GLY E 101 1.49 -33.85 33.97
N SER E 102 0.53 -33.23 33.33
CA SER E 102 0.64 -33.01 31.88
C SER E 102 1.58 -31.87 31.58
N VAL E 103 1.96 -31.75 30.32
CA VAL E 103 2.74 -30.60 29.86
C VAL E 103 2.07 -29.28 30.23
N ARG E 104 0.76 -29.31 30.44
CA ARG E 104 0.02 -28.13 30.85
C ARG E 104 0.09 -27.89 32.35
N GLY E 105 -0.35 -28.88 33.12
CA GLY E 105 -0.37 -28.76 34.58
C GLY E 105 1.01 -28.52 35.15
N ALA E 106 1.99 -29.18 34.56
CA ALA E 106 3.37 -29.10 35.06
C ALA E 106 3.99 -27.73 34.88
N ARG E 107 3.29 -26.80 34.23
CA ARG E 107 3.79 -25.43 34.10
C ARG E 107 2.90 -24.35 34.75
N MET E 108 2.04 -24.75 35.68
CA MET E 108 1.31 -23.78 36.51
C MET E 108 2.23 -22.77 37.20
N ALA E 109 3.35 -23.22 37.77
CA ALA E 109 4.26 -22.33 38.49
C ALA E 109 4.85 -21.27 37.56
N GLU E 110 5.38 -21.74 36.45
CA GLU E 110 6.02 -20.91 35.43
C GLU E 110 5.02 -19.98 34.72
N THR E 111 3.74 -20.35 34.72
CA THR E 111 2.73 -19.45 34.16
C THR E 111 2.00 -18.64 35.23
N SER E 112 2.50 -18.68 36.47
CA SER E 112 2.04 -17.78 37.51
C SER E 112 2.73 -16.42 37.38
N PHE E 113 2.16 -15.40 38.00
CA PHE E 113 2.73 -14.06 38.01
C PHE E 113 3.90 -13.98 38.99
N SER E 114 5.04 -13.53 38.49
CA SER E 114 6.22 -13.23 39.31
C SER E 114 6.92 -11.94 38.87
N GLU E 115 6.92 -10.94 39.73
CA GLU E 115 7.79 -9.76 39.55
C GLU E 115 9.26 -10.14 39.69
N ALA E 116 9.56 -11.10 40.55
CA ALA E 116 10.94 -11.48 40.84
C ALA E 116 11.62 -12.13 39.62
N ARG E 117 10.94 -13.08 39.01
CA ARG E 117 11.50 -13.84 37.89
C ARG E 117 10.88 -13.48 36.53
N ASN E 118 10.09 -12.41 36.52
CA ASN E 118 9.53 -11.85 35.30
C ASN E 118 8.67 -12.80 34.47
N THR E 119 7.86 -13.62 35.13
CA THR E 119 6.89 -14.47 34.43
C THR E 119 5.50 -13.80 34.35
N GLN E 120 4.91 -13.86 33.17
CA GLN E 120 3.55 -13.37 32.92
C GLN E 120 3.35 -11.91 33.32
N GLN E 121 4.27 -11.06 32.90
CA GLN E 121 4.14 -9.62 33.14
C GLN E 121 2.97 -9.03 32.35
N GLN E 122 2.44 -9.79 31.40
CA GLN E 122 1.23 -9.39 30.66
C GLN E 122 0.04 -9.27 31.60
N ARG E 123 0.10 -9.91 32.77
CA ARG E 123 -1.08 -9.91 33.63
C ARG E 123 -1.59 -8.53 34.04
N LEU E 124 -2.91 -8.36 33.97
CA LEU E 124 -3.57 -7.12 34.37
C LEU E 124 -3.37 -6.85 35.87
N THR E 125 -3.09 -5.60 36.20
CA THR E 125 -2.84 -5.20 37.57
C THR E 125 -3.79 -4.09 38.05
N ASP E 126 -4.35 -3.32 37.11
CA ASP E 126 -5.22 -2.17 37.42
C ASP E 126 -6.41 -2.10 36.47
N PRO E 127 -7.54 -1.56 36.93
CA PRO E 127 -8.62 -1.24 36.01
C PRO E 127 -8.14 -0.26 34.95
N LEU E 128 -8.58 -0.47 33.72
CA LEU E 128 -8.25 0.42 32.61
C LEU E 128 -9.54 1.00 32.01
N VAL E 129 -9.49 2.26 31.59
CA VAL E 129 -10.62 2.89 30.95
C VAL E 129 -10.13 3.61 29.71
N TRP E 130 -10.93 3.56 28.65
CA TRP E 130 -10.61 4.31 27.44
C TRP E 130 -10.87 5.78 27.66
N ARG E 131 -9.82 6.57 27.70
CA ARG E 131 -9.96 8.04 27.74
C ARG E 131 -8.71 8.78 27.34
N TYR E 132 -8.87 10.02 26.92
CA TYR E 132 -7.78 10.85 26.49
C TYR E 132 -7.04 10.27 25.27
N GLY E 133 -7.72 9.45 24.48
CA GLY E 133 -7.18 8.91 23.23
C GLY E 133 -6.67 7.48 23.29
N GLN E 134 -6.57 6.92 24.49
CA GLN E 134 -6.03 5.57 24.65
C GLN E 134 -6.57 4.93 25.92
N MET E 135 -6.17 3.69 26.17
CA MET E 135 -6.51 3.01 27.42
C MET E 135 -5.63 3.59 28.49
N GLN E 136 -6.23 3.87 29.64
CA GLN E 136 -5.54 4.49 30.77
C GLN E 136 -5.87 3.78 32.10
N PRO E 137 -4.87 3.61 32.97
CA PRO E 137 -5.17 2.98 34.24
C PRO E 137 -5.93 3.94 35.16
N THR E 138 -6.69 3.36 36.08
CA THR E 138 -7.44 4.15 37.04
C THR E 138 -7.73 3.31 38.27
N SER E 139 -8.47 3.89 39.19
CA SER E 139 -8.93 3.20 40.40
C SER E 139 -10.18 2.37 40.13
N TRP E 140 -10.44 1.42 41.03
CA TRP E 140 -11.65 0.63 41.02
C TRP E 140 -12.90 1.47 41.17
N ASP E 141 -12.88 2.43 42.08
CA ASP E 141 -14.06 3.29 42.31
C ASP E 141 -14.44 4.02 41.03
N ASP E 142 -13.44 4.55 40.35
CA ASP E 142 -13.66 5.24 39.08
C ASP E 142 -14.19 4.29 38.02
N ALA E 143 -13.55 3.15 37.84
CA ALA E 143 -13.93 2.25 36.76
C ALA E 143 -15.30 1.64 36.99
N LEU E 144 -15.56 1.22 38.21
CA LEU E 144 -16.88 0.62 38.55
C LEU E 144 -18.01 1.65 38.44
N ASP E 145 -17.74 2.89 38.84
CA ASP E 145 -18.73 3.96 38.73
C ASP E 145 -19.11 4.13 37.27
N LEU E 146 -18.13 4.13 36.36
CA LEU E 146 -18.41 4.32 34.93
C LEU E 146 -19.26 3.15 34.40
N VAL E 147 -18.80 1.93 34.67
CA VAL E 147 -19.55 0.74 34.21
C VAL E 147 -20.99 0.75 34.74
N ALA E 148 -21.17 1.06 36.02
CA ALA E 148 -22.52 1.08 36.64
C ALA E 148 -23.44 2.16 36.01
N ARG E 149 -22.90 3.36 35.86
CA ARG E 149 -23.67 4.47 35.31
C ARG E 149 -24.14 4.22 33.89
N VAL E 150 -23.24 3.75 33.04
CA VAL E 150 -23.61 3.44 31.66
C VAL E 150 -24.62 2.30 31.62
N THR E 151 -24.33 1.21 32.34
CA THR E 151 -25.24 0.05 32.38
C THR E 151 -26.64 0.45 32.91
N ALA E 152 -26.66 1.23 33.98
CA ALA E 152 -27.91 1.61 34.64
C ALA E 152 -28.75 2.49 33.72
N LYS E 153 -28.11 3.45 33.06
CA LYS E 153 -28.80 4.32 32.11
C LYS E 153 -29.44 3.53 30.97
N ILE E 154 -28.67 2.62 30.39
CA ILE E 154 -29.13 1.84 29.26
C ILE E 154 -30.29 0.93 29.65
N VAL E 155 -30.16 0.31 30.82
CA VAL E 155 -31.20 -0.60 31.29
C VAL E 155 -32.48 0.15 31.65
N LYS E 156 -32.35 1.34 32.23
CA LYS E 156 -33.52 2.21 32.52
C LYS E 156 -34.19 2.69 31.23
N GLU E 157 -33.39 3.05 30.24
CA GLU E 157 -33.91 3.65 29.01
C GLU E 157 -34.45 2.61 28.01
N LYS E 158 -33.80 1.46 27.93
CA LYS E 158 -34.08 0.45 26.89
C LYS E 158 -34.50 -0.91 27.40
N GLY E 159 -34.48 -1.09 28.72
CA GLY E 159 -34.78 -2.40 29.34
C GLY E 159 -33.53 -3.23 29.50
N GLU E 160 -33.62 -4.29 30.30
CA GLU E 160 -32.50 -5.22 30.49
C GLU E 160 -32.06 -5.97 29.24
N ASP E 161 -32.94 -6.07 28.24
CA ASP E 161 -32.59 -6.70 26.96
C ASP E 161 -31.45 -5.97 26.24
N ALA E 162 -31.24 -4.69 26.59
CA ALA E 162 -30.10 -3.92 26.02
C ALA E 162 -28.73 -4.35 26.60
N LEU E 163 -28.74 -5.10 27.71
CA LEU E 163 -27.52 -5.60 28.32
C LEU E 163 -27.18 -6.98 27.80
N ILE E 164 -26.04 -7.11 27.16
CA ILE E 164 -25.60 -8.40 26.60
C ILE E 164 -24.48 -8.89 27.50
N VAL E 165 -24.46 -10.18 27.78
CA VAL E 165 -23.41 -10.74 28.65
C VAL E 165 -22.78 -11.94 27.99
N SER E 166 -21.47 -12.03 28.06
CA SER E 166 -20.75 -13.24 27.71
C SER E 166 -19.99 -13.67 28.95
N ALA E 167 -20.19 -14.89 29.40
CA ALA E 167 -19.53 -15.35 30.63
C ALA E 167 -19.17 -16.84 30.62
N PHE E 168 -18.09 -17.15 31.30
CA PHE E 168 -17.73 -18.54 31.62
C PHE E 168 -18.91 -19.16 32.35
N ASP E 169 -19.13 -20.45 32.15
CA ASP E 169 -20.03 -21.20 33.01
C ASP E 169 -19.31 -22.40 33.61
N HIS E 170 -18.00 -22.45 33.45
CA HIS E 170 -17.23 -23.67 33.73
C HIS E 170 -16.52 -23.61 35.04
N GLY E 171 -15.83 -24.71 35.36
CA GLY E 171 -15.05 -24.81 36.59
C GLY E 171 -13.61 -24.41 36.36
N GLY E 172 -12.79 -24.60 37.41
CA GLY E 172 -11.35 -24.37 37.34
C GLY E 172 -10.98 -22.92 37.21
N ALA E 173 -9.70 -22.67 36.94
CA ALA E 173 -9.22 -21.32 36.73
C ALA E 173 -10.15 -20.62 35.71
N GLY E 174 -10.62 -19.43 36.05
CA GLY E 174 -11.56 -18.70 35.20
C GLY E 174 -13.00 -19.19 35.34
N GLY E 175 -13.27 -19.91 36.41
CA GLY E 175 -14.62 -20.36 36.70
C GLY E 175 -14.69 -20.86 38.13
N GLY E 176 -15.49 -21.89 38.34
CA GLY E 176 -15.65 -22.48 39.66
C GLY E 176 -16.94 -22.02 40.28
N TYR E 177 -17.28 -22.64 41.40
CA TYR E 177 -18.57 -22.40 42.04
C TYR E 177 -18.69 -20.99 42.63
N GLU E 178 -17.63 -20.51 43.24
CA GLU E 178 -17.64 -19.16 43.78
C GLU E 178 -17.94 -18.16 42.65
N ASN E 179 -17.21 -18.25 41.54
CA ASN E 179 -17.33 -17.30 40.43
C ASN E 179 -18.56 -17.46 39.55
N THR E 180 -19.06 -18.68 39.36
CA THR E 180 -20.29 -18.83 38.57
C THR E 180 -21.50 -18.36 39.38
N TRP E 181 -21.43 -18.52 40.71
CA TRP E 181 -22.48 -18.00 41.58
C TRP E 181 -22.53 -16.49 41.57
N GLY E 182 -21.38 -15.84 41.69
CA GLY E 182 -21.32 -14.38 41.72
C GLY E 182 -21.91 -13.77 40.46
N THR E 183 -21.42 -14.18 39.31
CA THR E 183 -21.92 -13.68 38.04
C THR E 183 -23.37 -14.10 37.83
N GLY E 184 -23.68 -15.33 38.19
CA GLY E 184 -25.06 -15.82 38.11
C GLY E 184 -26.03 -14.97 38.91
N LYS E 185 -25.65 -14.62 40.14
CA LYS E 185 -26.52 -13.88 41.04
C LYS E 185 -26.72 -12.47 40.54
N LEU E 186 -25.67 -11.90 39.97
CA LEU E 186 -25.76 -10.56 39.41
C LEU E 186 -26.77 -10.53 38.26
N TYR E 187 -26.64 -11.46 37.33
CA TYR E 187 -27.37 -11.37 36.06
C TYR E 187 -28.71 -12.11 36.03
N PHE E 188 -28.89 -13.08 36.95
CA PHE E 188 -30.14 -13.86 37.04
C PHE E 188 -30.99 -13.60 38.31
N GLU E 189 -30.37 -13.17 39.40
CA GLU E 189 -31.14 -12.83 40.61
C GLU E 189 -31.44 -11.34 40.68
N ALA E 190 -30.40 -10.51 40.70
CA ALA E 190 -30.57 -9.04 40.68
C ALA E 190 -31.25 -8.59 39.41
N MET E 191 -30.83 -9.18 38.29
CA MET E 191 -31.37 -8.85 36.98
C MET E 191 -32.02 -10.09 36.37
N LYS E 192 -32.64 -9.92 35.21
CA LYS E 192 -33.19 -11.06 34.46
C LYS E 192 -32.68 -11.00 33.02
N VAL E 193 -31.36 -11.08 32.86
CA VAL E 193 -30.72 -10.98 31.54
C VAL E 193 -31.03 -12.19 30.66
N LYS E 194 -31.79 -11.97 29.60
CA LYS E 194 -32.06 -12.97 28.55
C LYS E 194 -30.87 -13.10 27.61
N ASN E 195 -30.32 -11.96 27.20
CA ASN E 195 -29.35 -11.98 26.12
C ASN E 195 -27.95 -12.26 26.62
N ILE E 196 -27.77 -13.50 27.06
CA ILE E 196 -26.53 -13.96 27.68
C ILE E 196 -26.04 -15.23 26.98
N ARG E 197 -24.73 -15.31 26.75
CA ARG E 197 -24.13 -16.49 26.17
C ARG E 197 -23.00 -17.01 27.04
N ILE E 198 -22.54 -18.20 26.71
CA ILE E 198 -21.55 -18.90 27.49
C ILE E 198 -20.20 -18.75 26.78
N HIS E 199 -19.13 -19.17 27.42
CA HIS E 199 -17.80 -18.96 26.85
C HIS E 199 -17.53 -19.73 25.58
N ASN E 200 -18.17 -20.89 25.38
CA ASN E 200 -17.89 -21.73 24.20
C ASN E 200 -19.04 -21.87 23.19
N ARG E 201 -20.13 -21.15 23.43
CA ARG E 201 -21.30 -21.26 22.57
C ARG E 201 -22.17 -20.04 22.70
N PRO E 202 -22.83 -19.63 21.61
CA PRO E 202 -23.41 -18.30 21.52
C PRO E 202 -24.84 -18.14 22.06
N ALA E 203 -25.24 -19.02 22.98
CA ALA E 203 -26.53 -18.90 23.61
C ALA E 203 -26.44 -19.55 24.98
N TYR E 204 -27.46 -19.32 25.83
CA TYR E 204 -27.51 -19.92 27.17
C TYR E 204 -28.25 -21.25 27.08
N ASN E 205 -27.53 -22.25 26.58
CA ASN E 205 -28.02 -23.60 26.42
C ASN E 205 -27.07 -24.62 27.09
N SER E 206 -27.48 -25.89 27.07
CA SER E 206 -26.62 -26.99 27.44
C SER E 206 -25.93 -27.52 26.20
N GLU E 207 -24.74 -28.08 26.38
CA GLU E 207 -24.02 -28.79 25.31
C GLU E 207 -24.70 -30.11 25.00
N VAL E 208 -25.47 -30.62 25.97
CA VAL E 208 -25.95 -32.00 25.93
C VAL E 208 -27.42 -32.18 26.33
N HIS E 209 -28.27 -31.31 25.80
CA HIS E 209 -29.71 -31.40 25.98
C HIS E 209 -30.27 -32.78 25.71
N GLY E 210 -29.70 -33.46 24.71
CA GLY E 210 -30.18 -34.78 24.34
C GLY E 210 -30.14 -35.77 25.49
N THR E 211 -28.95 -35.96 26.03
CA THR E 211 -28.79 -36.91 27.14
C THR E 211 -29.63 -36.47 28.35
N ARG E 212 -29.69 -35.17 28.60
CA ARG E 212 -30.42 -34.66 29.77
C ARG E 212 -31.92 -34.87 29.67
N ASP E 213 -32.45 -34.64 28.48
CA ASP E 213 -33.87 -34.85 28.20
C ASP E 213 -34.25 -36.33 28.33
N MET E 214 -33.28 -37.20 28.05
CA MET E 214 -33.49 -38.65 28.18
C MET E 214 -33.44 -39.13 29.62
N GLY E 215 -33.01 -38.26 30.53
CA GLY E 215 -32.92 -38.59 31.96
C GLY E 215 -31.53 -38.97 32.40
N VAL E 216 -30.56 -38.83 31.52
CA VAL E 216 -29.21 -39.30 31.79
C VAL E 216 -28.22 -38.13 31.83
N GLY E 217 -27.91 -37.67 33.04
CA GLY E 217 -26.89 -36.66 33.27
C GLY E 217 -25.59 -37.12 32.64
N GLU E 218 -24.85 -36.17 32.08
CA GLU E 218 -23.71 -36.50 31.24
C GLU E 218 -22.44 -36.97 31.99
N LEU E 219 -22.39 -36.79 33.31
CA LEU E 219 -21.27 -37.26 34.11
C LEU E 219 -21.74 -38.29 35.13
N ASN E 220 -22.00 -39.51 34.67
CA ASN E 220 -22.71 -40.51 35.47
C ASN E 220 -21.85 -41.63 36.06
N ASN E 221 -20.63 -41.76 35.58
CA ASN E 221 -19.76 -42.86 35.99
C ASN E 221 -18.58 -42.38 36.83
N CYS E 222 -17.60 -43.24 37.03
CA CYS E 222 -16.34 -42.83 37.63
C CYS E 222 -15.18 -43.26 36.76
N TYR E 223 -14.00 -42.74 37.07
CA TYR E 223 -12.80 -42.96 36.26
C TYR E 223 -12.34 -44.41 36.38
N GLU E 224 -12.71 -45.07 37.48
CA GLU E 224 -12.39 -46.48 37.67
C GLU E 224 -13.09 -47.31 36.60
N ASP E 225 -14.22 -46.82 36.09
CA ASP E 225 -14.98 -47.56 35.07
C ASP E 225 -14.21 -47.72 33.77
N ALA E 226 -13.33 -46.77 33.46
CA ALA E 226 -12.42 -46.90 32.32
C ALA E 226 -11.42 -48.05 32.51
N GLU E 227 -11.10 -48.36 33.76
CA GLU E 227 -10.21 -49.49 34.09
C GLU E 227 -10.92 -50.83 34.01
N LEU E 228 -12.24 -50.82 34.18
CA LEU E 228 -13.02 -52.05 34.36
C LEU E 228 -13.80 -52.50 33.13
N ALA E 229 -14.08 -51.60 32.20
CA ALA E 229 -14.83 -51.94 30.98
C ALA E 229 -14.15 -53.04 30.18
N ASP E 230 -14.97 -53.86 29.52
CA ASP E 230 -14.47 -54.80 28.51
C ASP E 230 -14.08 -54.02 27.23
N THR E 231 -14.91 -53.07 26.83
CA THR E 231 -14.65 -52.22 25.66
C THR E 231 -14.87 -50.75 26.02
N ILE E 232 -13.94 -49.89 25.65
CA ILE E 232 -14.15 -48.45 25.70
C ILE E 232 -14.52 -47.96 24.31
N VAL E 233 -15.61 -47.21 24.21
CA VAL E 233 -15.97 -46.56 22.96
C VAL E 233 -15.72 -45.08 23.14
N ALA E 234 -14.68 -44.59 22.46
CA ALA E 234 -14.25 -43.18 22.54
C ALA E 234 -14.70 -42.47 21.27
N VAL E 235 -15.66 -41.57 21.40
CA VAL E 235 -16.24 -40.90 20.25
C VAL E 235 -15.88 -39.41 20.28
N GLY E 236 -15.31 -38.92 19.19
CA GLY E 236 -15.02 -37.50 19.07
C GLY E 236 -14.14 -36.96 20.19
N THR E 237 -13.14 -37.76 20.56
CA THR E 237 -12.21 -37.43 21.62
C THR E 237 -10.79 -37.80 21.24
N ASN E 238 -9.85 -36.95 21.59
CA ASN E 238 -8.42 -37.17 21.36
C ASN E 238 -7.76 -37.20 22.75
N ALA E 239 -8.22 -38.14 23.54
CA ALA E 239 -7.96 -38.22 24.98
C ALA E 239 -6.48 -38.11 25.41
N LEU E 240 -5.57 -38.69 24.64
CA LEU E 240 -4.15 -38.61 25.02
C LEU E 240 -3.71 -37.13 25.07
N GLU E 241 -4.21 -36.31 24.12
CA GLU E 241 -3.90 -34.87 24.07
C GLU E 241 -4.83 -34.02 24.92
N THR E 242 -6.06 -34.47 25.13
CA THR E 242 -7.12 -33.60 25.70
C THR E 242 -7.71 -34.03 27.04
N GLN E 243 -7.57 -35.30 27.40
CA GLN E 243 -7.85 -35.74 28.76
C GLN E 243 -6.69 -36.60 29.19
N THR E 244 -5.50 -36.04 29.04
CA THR E 244 -4.26 -36.79 29.08
C THR E 244 -4.15 -37.82 30.20
N ASN E 245 -4.28 -37.38 31.43
CA ASN E 245 -3.98 -38.25 32.59
C ASN E 245 -5.12 -39.21 32.96
N TYR E 246 -6.33 -38.88 32.55
CA TYR E 246 -7.43 -39.84 32.62
C TYR E 246 -7.05 -41.01 31.70
N PHE E 247 -6.62 -40.68 30.50
CA PHE E 247 -6.19 -41.68 29.53
C PHE E 247 -4.98 -42.46 30.05
N LEU E 248 -3.95 -41.76 30.48
CA LEU E 248 -2.71 -42.45 30.89
C LEU E 248 -2.85 -43.25 32.18
N ASN E 249 -3.59 -42.69 33.15
CA ASN E 249 -3.71 -43.32 34.46
C ASN E 249 -4.91 -44.26 34.62
N HIS E 250 -5.86 -44.27 33.67
CA HIS E 250 -7.04 -45.16 33.77
C HIS E 250 -7.34 -45.99 32.53
N TRP E 251 -7.27 -45.41 31.33
CA TRP E 251 -7.53 -46.19 30.11
C TRP E 251 -6.39 -47.14 29.81
N ILE E 252 -5.15 -46.65 29.86
CA ILE E 252 -3.98 -47.48 29.52
C ILE E 252 -3.88 -48.76 30.35
N PRO E 253 -4.00 -48.68 31.69
CA PRO E 253 -3.97 -49.92 32.50
C PRO E 253 -4.97 -50.99 32.04
N ASN E 254 -6.13 -50.55 31.57
CA ASN E 254 -7.12 -51.46 31.02
C ASN E 254 -6.60 -52.11 29.74
N LEU E 255 -6.11 -51.29 28.82
CA LEU E 255 -5.62 -51.77 27.54
C LEU E 255 -4.38 -52.66 27.67
N ARG E 256 -3.54 -52.35 28.66
CA ARG E 256 -2.30 -53.10 28.92
C ARG E 256 -2.57 -54.42 29.66
N GLY E 257 -3.76 -54.56 30.23
CA GLY E 257 -4.11 -55.72 31.04
C GLY E 257 -3.71 -55.60 32.50
N GLU E 258 -3.25 -54.43 32.93
CA GLU E 258 -2.86 -54.20 34.33
C GLU E 258 -4.07 -54.22 35.26
N SER E 259 -5.26 -54.04 34.70
CA SER E 259 -6.53 -54.01 35.46
C SER E 259 -7.13 -55.37 35.77
N LEU E 260 -6.62 -56.43 35.15
CA LEU E 260 -7.28 -57.74 35.22
C LEU E 260 -7.49 -58.19 36.65
N GLY E 261 -6.46 -58.03 37.47
CA GLY E 261 -6.53 -58.37 38.89
C GLY E 261 -7.72 -57.71 39.55
N LYS E 262 -7.86 -56.41 39.31
CA LYS E 262 -8.97 -55.62 39.85
C LYS E 262 -10.32 -56.06 39.29
N LYS E 263 -10.37 -56.29 37.98
CA LYS E 263 -11.59 -56.75 37.32
C LYS E 263 -12.11 -58.04 37.96
N LYS E 264 -11.19 -58.95 38.24
CA LYS E 264 -11.56 -60.26 38.79
C LYS E 264 -12.00 -60.19 40.25
N GLU E 265 -11.43 -59.26 41.03
CA GLU E 265 -11.86 -59.05 42.42
C GLU E 265 -13.26 -58.47 42.49
N LEU E 266 -13.54 -57.46 41.68
CA LEU E 266 -14.84 -56.75 41.74
C LEU E 266 -15.96 -57.45 40.96
N MET E 267 -15.59 -58.21 39.94
CA MET E 267 -16.56 -58.93 39.11
C MET E 267 -16.14 -60.39 38.89
N PRO E 268 -16.13 -61.18 39.97
CA PRO E 268 -15.83 -62.61 39.80
C PRO E 268 -17.02 -63.30 39.17
N GLU E 269 -16.83 -64.52 38.74
CA GLU E 269 -17.90 -65.25 38.04
C GLU E 269 -18.38 -64.43 36.83
N GLU E 270 -17.40 -63.97 36.07
CA GLU E 270 -17.60 -63.26 34.83
C GLU E 270 -16.23 -63.27 34.17
N PRO E 271 -16.15 -63.59 32.87
CA PRO E 271 -14.82 -63.57 32.24
C PRO E 271 -14.32 -62.14 31.93
N HIS E 272 -13.00 -62.02 31.83
CA HIS E 272 -12.31 -60.74 31.57
C HIS E 272 -11.08 -60.96 30.75
N GLU E 273 -11.05 -60.38 29.55
CA GLU E 273 -9.82 -60.27 28.79
C GLU E 273 -9.35 -58.82 28.93
N ALA E 274 -8.20 -58.48 28.35
CA ALA E 274 -7.73 -57.10 28.36
C ALA E 274 -8.69 -56.24 27.56
N GLY E 275 -8.73 -54.97 27.92
CA GLY E 275 -9.64 -54.04 27.28
C GLY E 275 -9.38 -53.87 25.81
N ARG E 276 -10.45 -53.64 25.07
CA ARG E 276 -10.38 -53.25 23.67
C ARG E 276 -10.95 -51.84 23.57
N ILE E 277 -10.62 -51.13 22.50
CA ILE E 277 -11.09 -49.77 22.35
C ILE E 277 -11.54 -49.49 20.93
N ILE E 278 -12.71 -48.87 20.81
CA ILE E 278 -13.21 -48.35 19.55
C ILE E 278 -13.08 -46.84 19.60
N ILE E 279 -12.39 -46.26 18.61
CA ILE E 279 -12.22 -44.82 18.53
C ILE E 279 -12.94 -44.33 17.29
N VAL E 280 -13.94 -43.48 17.47
CA VAL E 280 -14.70 -42.92 16.36
C VAL E 280 -14.24 -41.50 16.09
N ASP E 281 -13.43 -41.33 15.05
CA ASP E 281 -12.75 -40.08 14.77
C ASP E 281 -12.27 -40.07 13.31
N PRO E 282 -12.62 -39.04 12.53
CA PRO E 282 -12.22 -39.03 11.11
C PRO E 282 -10.70 -39.03 10.94
N ARG E 283 -10.02 -38.44 11.91
CA ARG E 283 -8.58 -38.28 11.89
C ARG E 283 -7.89 -39.33 12.76
N ARG E 284 -6.74 -39.81 12.29
CA ARG E 284 -5.86 -40.66 13.08
C ARG E 284 -5.03 -39.76 13.98
N THR E 285 -5.22 -39.90 15.29
CA THR E 285 -4.57 -39.04 16.24
C THR E 285 -3.52 -39.81 17.02
N VAL E 286 -2.71 -39.09 17.79
CA VAL E 286 -1.72 -39.74 18.65
C VAL E 286 -2.39 -40.67 19.66
N THR E 287 -3.66 -40.40 19.97
CA THR E 287 -4.45 -41.30 20.85
C THR E 287 -4.60 -42.70 20.21
N VAL E 288 -4.96 -42.73 18.92
CA VAL E 288 -5.07 -43.99 18.19
C VAL E 288 -3.75 -44.70 18.20
N ASN E 289 -2.68 -43.97 17.92
CA ASN E 289 -1.35 -44.55 17.88
C ASN E 289 -0.95 -45.18 19.21
N ALA E 290 -1.25 -44.50 20.32
CA ALA E 290 -0.85 -44.98 21.65
C ALA E 290 -1.64 -46.23 22.06
N CYS E 291 -2.92 -46.25 21.70
CA CYS E 291 -3.77 -47.43 21.97
C CYS E 291 -3.22 -48.64 21.24
N GLU E 292 -2.91 -48.48 19.96
CA GLU E 292 -2.32 -49.56 19.15
C GLU E 292 -1.02 -50.04 19.75
N GLN E 293 -0.27 -49.10 20.31
CA GLN E 293 1.06 -49.40 20.85
C GLN E 293 1.01 -50.13 22.21
N THR E 294 -0.03 -49.88 22.99
CA THR E 294 -0.18 -50.50 24.30
C THR E 294 -1.01 -51.77 24.23
N ALA E 295 -2.14 -51.72 23.53
CA ALA E 295 -3.08 -52.84 23.46
C ALA E 295 -2.77 -53.87 22.36
N GLY E 296 -2.08 -53.41 21.32
CA GLY E 296 -1.92 -54.16 20.07
C GLY E 296 -2.96 -53.72 19.05
N ALA E 297 -2.61 -53.75 17.78
CA ALA E 297 -3.51 -53.35 16.68
C ALA E 297 -4.81 -54.18 16.65
N ASP E 298 -4.70 -55.47 16.98
CA ASP E 298 -5.88 -56.35 17.04
C ASP E 298 -6.96 -55.90 18.04
N ASN E 299 -6.57 -55.13 19.06
CA ASN E 299 -7.51 -54.68 20.10
C ASN E 299 -7.96 -53.22 20.00
N VAL E 300 -7.54 -52.56 18.93
CA VAL E 300 -7.95 -51.18 18.66
C VAL E 300 -8.72 -51.17 17.35
N LEU E 301 -9.89 -50.56 17.37
CA LEU E 301 -10.72 -50.45 16.18
C LEU E 301 -10.93 -48.99 15.89
N HIS E 302 -10.11 -48.44 15.01
CA HIS E 302 -10.25 -47.06 14.60
C HIS E 302 -11.23 -46.91 13.46
N LEU E 303 -12.41 -46.38 13.78
CA LEU E 303 -13.42 -46.07 12.78
C LEU E 303 -13.22 -44.64 12.25
N ALA E 304 -12.53 -44.52 11.12
CA ALA E 304 -12.23 -43.23 10.50
C ALA E 304 -13.42 -42.76 9.62
N ILE E 305 -14.48 -42.37 10.29
CA ILE E 305 -15.73 -42.02 9.64
C ILE E 305 -15.56 -40.74 8.84
N ASN E 306 -16.40 -40.58 7.83
CA ASN E 306 -16.55 -39.29 7.20
C ASN E 306 -17.03 -38.28 8.25
N SER E 307 -16.50 -37.08 8.14
CA SER E 307 -16.82 -36.01 9.06
C SER E 307 -18.34 -35.82 9.19
N GLY E 308 -18.83 -35.85 10.43
CA GLY E 308 -20.24 -35.56 10.73
C GLY E 308 -21.24 -36.68 10.48
N THR E 309 -20.74 -37.91 10.40
CA THR E 309 -21.58 -39.07 10.04
C THR E 309 -21.80 -40.04 11.21
N ASP E 310 -21.36 -39.64 12.39
CA ASP E 310 -21.52 -40.44 13.63
C ASP E 310 -22.92 -41.02 13.84
N LEU E 311 -23.93 -40.21 13.58
CA LEU E 311 -25.31 -40.59 13.86
C LEU E 311 -25.72 -41.79 13.00
N ALA E 312 -25.27 -41.80 11.74
CA ALA E 312 -25.50 -42.94 10.86
C ALA E 312 -24.85 -44.18 11.47
N LEU E 313 -23.60 -44.04 11.91
CA LEU E 313 -22.88 -45.14 12.57
C LEU E 313 -23.64 -45.72 13.76
N PHE E 314 -24.03 -44.85 14.69
CA PHE E 314 -24.72 -45.29 15.91
C PHE E 314 -26.08 -45.92 15.63
N ASN E 315 -26.84 -45.34 14.73
CA ASN E 315 -28.12 -45.90 14.35
C ASN E 315 -27.95 -47.31 13.78
N ALA E 316 -26.93 -47.50 12.94
CA ALA E 316 -26.68 -48.83 12.39
C ALA E 316 -26.31 -49.79 13.51
N LEU E 317 -25.47 -49.34 14.44
CA LEU E 317 -25.05 -50.18 15.55
C LEU E 317 -26.24 -50.54 16.42
N PHE E 318 -27.09 -49.55 16.67
CA PHE E 318 -28.30 -49.76 17.47
C PHE E 318 -29.21 -50.81 16.84
N THR E 319 -29.40 -50.70 15.53
CA THR E 319 -30.27 -51.62 14.80
C THR E 319 -29.74 -53.05 14.89
N TYR E 320 -28.47 -53.21 14.60
CA TYR E 320 -27.83 -54.52 14.56
C TYR E 320 -27.89 -55.21 15.92
N ILE E 321 -27.54 -54.46 16.97
CA ILE E 321 -27.57 -54.96 18.34
C ILE E 321 -29.00 -55.30 18.79
N ALA E 322 -29.97 -54.48 18.41
CA ALA E 322 -31.36 -54.74 18.77
C ALA E 322 -31.89 -56.00 18.11
N ASP E 323 -31.56 -56.18 16.84
CA ASP E 323 -31.99 -57.36 16.07
C ASP E 323 -31.37 -58.65 16.54
N LYS E 324 -30.09 -58.60 16.93
CA LYS E 324 -29.40 -59.77 17.47
C LYS E 324 -29.89 -60.12 18.88
N GLY E 325 -30.50 -59.15 19.55
CA GLY E 325 -31.00 -59.33 20.91
C GLY E 325 -29.94 -59.11 21.99
N TRP E 326 -28.82 -58.49 21.62
CA TRP E 326 -27.71 -58.25 22.56
C TRP E 326 -27.98 -57.06 23.45
N VAL E 327 -29.07 -57.14 24.21
CA VAL E 327 -29.55 -56.03 25.00
C VAL E 327 -29.88 -56.50 26.42
N ASP E 328 -29.77 -55.60 27.39
CA ASP E 328 -30.16 -55.88 28.76
C ASP E 328 -31.68 -55.75 28.87
N ARG E 329 -32.34 -56.89 28.72
CA ARG E 329 -33.80 -56.94 28.63
C ARG E 329 -34.46 -56.48 29.93
N ASP E 330 -33.92 -56.90 31.06
CA ASP E 330 -34.49 -56.53 32.38
C ASP E 330 -34.27 -55.06 32.70
N PHE E 331 -33.13 -54.52 32.29
CA PHE E 331 -32.87 -53.09 32.44
C PHE E 331 -33.86 -52.24 31.62
N ILE E 332 -34.13 -52.67 30.39
CA ILE E 332 -35.07 -51.97 29.53
C ILE E 332 -36.47 -51.99 30.15
N ASP E 333 -36.92 -53.17 30.57
CA ASP E 333 -38.27 -53.33 31.14
C ASP E 333 -38.45 -52.55 32.44
N LYS E 334 -37.41 -52.51 33.28
CA LYS E 334 -37.51 -51.99 34.63
C LYS E 334 -37.23 -50.48 34.72
N SER E 335 -36.33 -49.98 33.88
CA SER E 335 -35.81 -48.61 34.00
C SER E 335 -36.05 -47.65 32.83
N THR E 336 -36.72 -48.09 31.77
CA THR E 336 -36.97 -47.23 30.61
C THR E 336 -38.44 -47.10 30.29
N LEU E 337 -38.78 -46.03 29.58
CA LEU E 337 -40.17 -45.74 29.22
C LEU E 337 -40.73 -46.85 28.36
N ARG E 338 -41.89 -47.37 28.76
CA ARG E 338 -42.56 -48.45 28.05
C ARG E 338 -43.77 -47.95 27.28
N GLU E 339 -44.22 -46.74 27.59
CA GLU E 339 -45.36 -46.11 26.92
C GLU E 339 -45.03 -45.80 25.45
N GLY E 340 -45.87 -46.28 24.55
CA GLY E 340 -45.85 -45.80 23.16
C GLY E 340 -46.03 -44.28 23.13
N THR E 341 -45.48 -43.64 22.10
CA THR E 341 -45.76 -42.24 21.88
C THR E 341 -45.52 -41.86 20.43
N ALA E 342 -46.44 -41.08 19.88
CA ALA E 342 -46.47 -40.82 18.44
C ALA E 342 -45.41 -39.82 18.00
N ARG E 343 -44.87 -40.07 16.80
CA ARG E 343 -43.97 -39.12 16.15
C ARG E 343 -44.68 -37.78 15.87
N PRO E 344 -43.94 -36.67 16.03
CA PRO E 344 -44.50 -35.37 15.68
C PRO E 344 -44.72 -35.22 14.18
N PRO E 345 -45.65 -34.35 13.78
CA PRO E 345 -46.08 -34.29 12.38
C PRO E 345 -44.98 -34.02 11.34
N LEU E 346 -43.96 -33.25 11.71
CA LEU E 346 -42.86 -32.90 10.76
C LEU E 346 -41.68 -33.88 10.79
N TYR E 347 -41.83 -34.99 11.51
CA TYR E 347 -40.77 -36.01 11.59
C TYR E 347 -40.74 -36.76 10.28
N PRO E 348 -39.55 -37.21 9.85
CA PRO E 348 -38.26 -37.13 10.54
C PRO E 348 -37.37 -35.93 10.24
N ALA E 349 -37.73 -35.09 9.29
CA ALA E 349 -36.87 -33.94 8.93
C ALA E 349 -36.69 -32.99 10.13
N ARG E 350 -37.78 -32.76 10.87
CA ARG E 350 -37.80 -31.79 11.98
C ARG E 350 -38.61 -32.31 13.15
N GLY E 351 -38.25 -31.87 14.34
CA GLY E 351 -38.97 -32.27 15.55
C GLY E 351 -40.24 -31.47 15.79
N VAL E 352 -40.85 -31.68 16.96
CA VAL E 352 -42.12 -31.00 17.30
C VAL E 352 -41.97 -29.46 17.30
N SER E 353 -40.78 -28.99 17.66
CA SER E 353 -40.40 -27.57 17.55
C SER E 353 -38.89 -27.43 17.61
N GLU E 354 -38.40 -26.20 17.52
CA GLU E 354 -36.95 -25.94 17.61
C GLU E 354 -36.42 -26.32 19.01
N ALA E 355 -37.28 -26.24 20.02
CA ALA E 355 -36.91 -26.63 21.38
C ALA E 355 -36.60 -28.14 21.49
N ASN E 356 -37.19 -28.97 20.61
CA ASN E 356 -37.10 -30.44 20.71
C ASN E 356 -36.75 -31.13 19.37
N PRO E 357 -35.45 -31.20 19.02
CA PRO E 357 -35.08 -31.68 17.68
C PRO E 357 -35.29 -33.17 17.46
N GLY E 358 -35.39 -33.91 18.56
CA GLY E 358 -35.58 -35.36 18.51
C GLY E 358 -36.85 -35.78 19.23
N HIS E 359 -37.24 -37.02 19.01
CA HIS E 359 -38.44 -37.61 19.61
C HIS E 359 -38.09 -38.63 20.65
N LEU E 360 -38.43 -38.33 21.91
CA LEU E 360 -38.17 -39.25 23.01
C LEU E 360 -39.23 -40.34 23.04
N SER E 361 -38.80 -41.57 23.29
CA SER E 361 -39.71 -42.71 23.21
C SER E 361 -39.20 -43.98 23.89
N SER E 362 -39.96 -45.05 23.67
CA SER E 362 -39.58 -46.38 24.13
C SER E 362 -38.48 -46.97 23.27
N PHE E 363 -37.83 -47.98 23.82
CA PHE E 363 -36.82 -48.77 23.12
C PHE E 363 -37.28 -49.18 21.73
N GLU E 364 -38.44 -49.85 21.68
CA GLU E 364 -38.98 -50.42 20.41
C GLU E 364 -39.23 -49.38 19.34
N ASP E 365 -39.85 -48.27 19.73
CA ASP E 365 -40.09 -47.16 18.81
C ASP E 365 -38.78 -46.50 18.37
N ALA E 366 -37.82 -46.39 19.28
CA ALA E 366 -36.50 -45.84 18.93
C ALA E 366 -35.81 -46.71 17.87
N VAL E 367 -35.80 -48.00 18.11
CA VAL E 367 -35.24 -48.95 17.17
C VAL E 367 -35.89 -48.80 15.81
N GLU E 368 -37.21 -48.72 15.76
CA GLU E 368 -37.93 -48.66 14.47
C GLU E 368 -37.63 -47.33 13.78
N GLY E 369 -37.59 -46.26 14.56
CA GLY E 369 -37.31 -44.92 14.03
C GLY E 369 -35.87 -44.70 13.58
N CYS E 370 -34.93 -45.20 14.35
CA CYS E 370 -33.49 -45.06 14.01
C CYS E 370 -33.05 -46.03 12.93
N ARG E 371 -33.90 -47.00 12.60
CA ARG E 371 -33.49 -48.13 11.78
C ARG E 371 -32.63 -47.71 10.59
N MET E 372 -31.44 -48.29 10.53
CA MET E 372 -30.58 -48.18 9.37
C MET E 372 -29.76 -49.45 9.20
N SER E 373 -29.68 -49.93 7.97
CA SER E 373 -28.92 -51.12 7.65
C SER E 373 -27.40 -50.87 7.72
N ILE E 374 -26.63 -51.94 7.86
CA ILE E 374 -25.18 -51.87 7.79
C ILE E 374 -24.71 -51.27 6.46
N GLU E 375 -25.44 -51.57 5.39
CA GLU E 375 -25.05 -51.15 4.05
C GLU E 375 -25.25 -49.64 3.84
N GLU E 376 -26.39 -49.12 4.28
CA GLU E 376 -26.62 -47.68 4.18
C GLU E 376 -25.62 -46.87 5.01
N ALA E 377 -25.33 -47.37 6.21
CA ALA E 377 -24.38 -46.70 7.11
C ALA E 377 -22.97 -46.70 6.53
N ALA E 378 -22.60 -47.79 5.87
CA ALA E 378 -21.33 -47.88 5.18
C ALA E 378 -21.19 -46.84 4.04
N GLU E 379 -22.27 -46.60 3.29
CA GLU E 379 -22.30 -45.53 2.27
C GLU E 379 -22.07 -44.16 2.91
N ILE E 380 -22.76 -43.88 4.01
CA ILE E 380 -22.74 -42.56 4.60
C ILE E 380 -21.41 -42.33 5.31
N THR E 381 -21.01 -43.29 6.14
CA THR E 381 -19.82 -43.14 6.96
C THR E 381 -18.50 -43.35 6.19
N GLY E 382 -18.56 -44.07 5.06
CA GLY E 382 -17.36 -44.46 4.32
C GLY E 382 -16.64 -45.68 4.86
N LEU E 383 -17.14 -46.23 5.97
CA LEU E 383 -16.57 -47.43 6.58
C LEU E 383 -16.91 -48.68 5.78
N ASP E 384 -16.17 -49.76 6.03
CA ASP E 384 -16.49 -51.07 5.48
C ASP E 384 -17.57 -51.73 6.33
N ALA E 385 -18.49 -52.45 5.69
CA ALA E 385 -19.48 -53.26 6.42
C ALA E 385 -18.84 -54.09 7.54
N ALA E 386 -17.73 -54.75 7.25
CA ALA E 386 -17.04 -55.59 8.25
C ALA E 386 -16.63 -54.80 9.49
N GLN E 387 -16.23 -53.55 9.31
CA GLN E 387 -15.86 -52.67 10.42
C GLN E 387 -17.05 -52.33 11.32
N ILE E 388 -18.21 -52.06 10.72
CA ILE E 388 -19.40 -51.68 11.51
C ILE E 388 -19.92 -52.87 12.30
N ILE E 389 -19.91 -54.04 11.67
CA ILE E 389 -20.32 -55.28 12.33
C ILE E 389 -19.38 -55.61 13.48
N LYS E 390 -18.09 -55.45 13.25
CA LYS E 390 -17.10 -55.71 14.30
C LYS E 390 -17.36 -54.83 15.51
N ALA E 391 -17.64 -53.56 15.26
CA ALA E 391 -17.96 -52.63 16.35
C ALA E 391 -19.16 -53.11 17.16
N ALA E 392 -20.20 -53.58 16.49
CA ALA E 392 -21.41 -54.06 17.17
C ALA E 392 -21.06 -55.25 18.04
N GLU E 393 -20.24 -56.14 17.51
CA GLU E 393 -19.76 -57.30 18.26
C GLU E 393 -18.98 -56.87 19.50
N TRP E 394 -18.10 -55.88 19.34
CA TRP E 394 -17.28 -55.38 20.44
C TRP E 394 -18.05 -54.63 21.47
N ILE E 395 -19.23 -54.14 21.10
CA ILE E 395 -20.11 -53.43 22.04
C ILE E 395 -21.15 -54.36 22.69
N GLY E 396 -21.78 -55.22 21.89
CA GLY E 396 -22.97 -55.96 22.33
C GLY E 396 -22.87 -57.46 22.57
N MET E 397 -21.95 -58.12 21.87
CA MET E 397 -21.89 -59.57 21.92
C MET E 397 -21.59 -60.04 23.33
N PRO E 398 -22.46 -60.90 23.88
CA PRO E 398 -22.20 -61.44 25.21
C PRO E 398 -20.87 -62.16 25.33
N LYS E 399 -20.35 -62.20 26.54
CA LYS E 399 -19.13 -62.95 26.84
C LYS E 399 -19.45 -64.43 27.00
N GLU E 400 -18.42 -65.26 27.05
CA GLU E 400 -18.56 -66.73 27.04
C GLU E 400 -19.81 -67.35 27.72
N GLY E 401 -20.08 -66.99 28.96
CA GLY E 401 -21.17 -67.64 29.71
C GLY E 401 -22.54 -67.00 29.58
N GLY E 402 -22.72 -66.16 28.56
CA GLY E 402 -23.95 -65.38 28.37
C GLY E 402 -23.98 -64.05 29.12
N LYS E 403 -22.83 -63.61 29.63
CA LYS E 403 -22.75 -62.41 30.48
C LYS E 403 -22.66 -61.14 29.63
N ARG E 404 -23.37 -60.08 30.03
CA ARG E 404 -23.36 -58.85 29.23
C ARG E 404 -21.99 -58.16 29.21
N ARG E 405 -21.65 -57.67 28.04
CA ARG E 405 -20.38 -57.01 27.82
C ARG E 405 -20.47 -55.61 28.42
N ARG E 406 -19.47 -55.28 29.23
CA ARG E 406 -19.40 -53.97 29.88
C ARG E 406 -18.64 -53.01 29.00
N VAL E 407 -19.34 -51.96 28.61
CA VAL E 407 -18.79 -50.96 27.72
C VAL E 407 -18.94 -49.60 28.38
N MET E 408 -17.86 -48.84 28.42
CA MET E 408 -17.91 -47.43 28.76
C MET E 408 -17.92 -46.62 27.47
N PHE E 409 -18.96 -45.83 27.31
CA PHE E 409 -19.09 -44.94 26.16
C PHE E 409 -18.67 -43.53 26.59
N GLY E 410 -17.67 -43.00 25.92
CA GLY E 410 -17.19 -41.64 26.18
C GLY E 410 -17.16 -40.80 24.92
N TYR E 411 -17.61 -39.56 25.05
CA TYR E 411 -17.63 -38.65 23.90
C TYR E 411 -17.27 -37.25 24.32
N GLU E 412 -16.63 -36.52 23.43
CA GLU E 412 -16.40 -35.10 23.65
C GLU E 412 -16.75 -34.31 22.39
N LYS E 413 -15.90 -33.39 21.95
CA LYS E 413 -16.33 -32.33 21.05
C LYS E 413 -16.44 -32.72 19.59
N GLY E 414 -15.86 -33.85 19.22
CA GLY E 414 -16.09 -34.39 17.89
C GLY E 414 -17.58 -34.66 17.70
N LEU E 415 -18.23 -35.09 18.78
CA LEU E 415 -19.66 -35.29 18.78
C LEU E 415 -20.36 -33.98 19.11
N ILE E 416 -20.00 -33.34 20.21
CA ILE E 416 -20.78 -32.21 20.72
C ILE E 416 -20.78 -31.01 19.77
N TRP E 417 -19.65 -30.74 19.10
CA TRP E 417 -19.59 -29.71 18.05
C TRP E 417 -19.69 -30.29 16.66
N GLY E 418 -20.08 -31.55 16.59
CA GLY E 418 -20.28 -32.23 15.33
C GLY E 418 -21.70 -32.10 14.83
N ASN E 419 -22.00 -32.80 13.75
CA ASN E 419 -23.28 -32.75 13.10
C ASN E 419 -24.40 -33.18 14.01
N ASP E 420 -25.51 -32.46 13.96
CA ASP E 420 -26.80 -32.84 14.60
C ASP E 420 -26.62 -33.26 16.06
N ASN E 421 -26.05 -32.33 16.83
CA ASN E 421 -25.74 -32.55 18.25
C ASN E 421 -26.83 -33.28 19.03
N TYR E 422 -28.06 -32.78 18.95
CA TYR E 422 -29.15 -33.37 19.73
C TYR E 422 -29.37 -34.84 19.41
N ARG E 423 -29.47 -35.15 18.13
CA ARG E 423 -29.75 -36.52 17.71
C ARG E 423 -28.56 -37.45 17.85
N THR E 424 -27.35 -36.95 17.59
CA THR E 424 -26.17 -37.81 17.67
C THR E 424 -25.94 -38.25 19.11
N ASN E 425 -26.02 -37.29 20.03
CA ASN E 425 -25.93 -37.52 21.49
C ASN E 425 -26.93 -38.60 21.90
N GLY E 426 -28.16 -38.48 21.43
CA GLY E 426 -29.21 -39.45 21.76
C GLY E 426 -28.94 -40.83 21.18
N ALA E 427 -28.45 -40.85 19.95
CA ALA E 427 -28.10 -42.10 19.29
C ALA E 427 -27.05 -42.87 20.07
N LEU E 428 -26.06 -42.17 20.59
CA LEU E 428 -25.01 -42.78 21.42
C LEU E 428 -25.61 -43.24 22.72
N VAL E 429 -26.46 -42.41 23.31
CA VAL E 429 -27.03 -42.76 24.61
C VAL E 429 -27.91 -44.02 24.47
N ASN E 430 -28.64 -44.12 23.35
CA ASN E 430 -29.40 -45.31 23.01
C ASN E 430 -28.60 -46.61 23.20
N LEU E 431 -27.34 -46.59 22.74
CA LEU E 431 -26.48 -47.78 22.82
C LEU E 431 -26.16 -48.13 24.27
N ALA E 432 -25.88 -47.11 25.07
CA ALA E 432 -25.60 -47.32 26.51
C ALA E 432 -26.82 -47.88 27.22
N LEU E 433 -27.99 -47.29 26.96
CA LEU E 433 -29.22 -47.74 27.60
C LEU E 433 -29.57 -49.17 27.23
N ALA E 434 -29.47 -49.49 25.94
CA ALA E 434 -29.87 -50.80 25.43
C ALA E 434 -28.98 -51.90 25.99
N THR E 435 -27.70 -51.58 26.17
CA THR E 435 -26.74 -52.56 26.69
C THR E 435 -26.59 -52.50 28.22
N GLY E 436 -27.45 -51.72 28.88
CA GLY E 436 -27.45 -51.63 30.35
C GLY E 436 -26.15 -51.11 30.94
N ASN E 437 -25.45 -50.27 30.19
CA ASN E 437 -24.18 -49.75 30.64
C ASN E 437 -24.27 -48.35 31.24
N ILE E 438 -25.29 -48.12 32.06
CA ILE E 438 -25.39 -46.88 32.84
C ILE E 438 -25.64 -47.24 34.30
N GLY E 439 -24.85 -46.65 35.18
CA GLY E 439 -24.97 -46.91 36.63
C GLY E 439 -24.36 -48.20 37.10
N ARG E 440 -23.49 -48.79 36.29
CA ARG E 440 -22.88 -50.08 36.65
C ARG E 440 -21.38 -50.08 36.45
N PRO E 441 -20.66 -50.91 37.20
CA PRO E 441 -19.22 -50.94 37.03
C PRO E 441 -18.83 -51.23 35.58
N GLY E 442 -17.81 -50.52 35.11
CA GLY E 442 -17.30 -50.72 33.77
C GLY E 442 -18.17 -50.13 32.68
N GLY E 443 -19.11 -49.29 33.09
CA GLY E 443 -20.04 -48.68 32.16
C GLY E 443 -20.00 -47.17 32.18
N GLY E 444 -21.06 -46.57 31.66
CA GLY E 444 -21.20 -45.14 31.60
C GLY E 444 -21.37 -44.68 30.16
N VAL E 445 -22.16 -43.63 29.99
CA VAL E 445 -22.17 -42.86 28.73
C VAL E 445 -21.96 -41.42 29.18
N VAL E 446 -20.78 -40.91 28.92
CA VAL E 446 -20.34 -39.68 29.55
C VAL E 446 -19.58 -38.74 28.62
N ARG E 447 -19.72 -37.44 28.87
CA ARG E 447 -18.74 -36.47 28.39
C ARG E 447 -17.41 -36.82 29.00
N LEU E 448 -16.36 -36.78 28.20
CA LEU E 448 -15.00 -36.83 28.73
C LEU E 448 -14.56 -35.43 29.10
N GLY E 449 -15.38 -34.47 28.70
CA GLY E 449 -15.35 -33.12 29.27
C GLY E 449 -14.23 -32.30 28.72
N GLY E 450 -14.22 -31.03 29.12
CA GLY E 450 -13.26 -30.03 28.65
C GLY E 450 -12.58 -29.30 29.79
N HIS E 451 -13.24 -28.24 30.27
CA HIS E 451 -12.87 -27.61 31.53
C HIS E 451 -13.43 -28.46 32.65
N GLN E 452 -12.93 -28.26 33.87
CA GLN E 452 -13.60 -28.78 35.05
C GLN E 452 -14.96 -28.13 35.20
N GLU E 453 -15.80 -28.70 36.06
CA GLU E 453 -17.15 -28.21 36.28
C GLU E 453 -17.23 -27.44 37.61
N GLY E 454 -17.98 -26.35 37.63
CA GLY E 454 -18.16 -25.56 38.84
C GLY E 454 -19.34 -24.62 38.73
N TYR E 455 -20.49 -25.16 38.36
CA TYR E 455 -21.66 -24.36 38.06
C TYR E 455 -22.68 -24.39 39.21
N VAL E 456 -23.02 -23.22 39.70
CA VAL E 456 -24.20 -23.06 40.52
C VAL E 456 -24.70 -21.63 40.30
N ARG E 457 -25.98 -21.52 39.97
CA ARG E 457 -26.57 -20.25 39.61
C ARG E 457 -28.05 -20.27 39.89
N PRO E 458 -28.65 -19.10 40.06
CA PRO E 458 -30.10 -19.04 40.09
C PRO E 458 -30.73 -19.60 38.83
N SER E 459 -32.03 -19.88 38.94
CA SER E 459 -32.85 -20.27 37.81
C SER E 459 -32.55 -19.43 36.55
N ASP E 460 -32.46 -20.13 35.43
CA ASP E 460 -32.30 -19.49 34.13
C ASP E 460 -33.56 -19.62 33.28
N ALA E 461 -34.69 -19.88 33.91
CA ALA E 461 -35.96 -20.11 33.19
C ALA E 461 -36.23 -18.99 32.15
N HIS E 462 -36.01 -17.76 32.56
CA HIS E 462 -36.30 -16.56 31.74
C HIS E 462 -35.59 -16.52 30.42
N VAL E 463 -34.51 -17.28 30.30
CA VAL E 463 -33.66 -17.28 29.12
C VAL E 463 -34.30 -17.93 27.90
N GLY E 464 -35.17 -18.90 28.14
CA GLY E 464 -35.89 -19.56 27.06
C GLY E 464 -35.12 -20.73 26.45
N ARG E 465 -35.85 -21.57 25.75
CA ARG E 465 -35.28 -22.69 25.00
C ARG E 465 -36.02 -22.86 23.67
N PRO E 466 -35.34 -22.62 22.54
CA PRO E 466 -33.97 -22.12 22.33
C PRO E 466 -33.72 -20.72 22.85
N ALA E 467 -32.53 -20.52 23.41
CA ALA E 467 -32.09 -19.22 23.92
C ALA E 467 -31.66 -18.27 22.77
N ALA E 468 -31.55 -16.98 23.04
CA ALA E 468 -31.11 -16.01 22.02
C ALA E 468 -29.67 -16.28 21.49
N TYR E 469 -29.52 -16.16 20.18
CA TYR E 469 -28.24 -16.33 19.50
C TYR E 469 -27.50 -14.98 19.63
N VAL E 470 -26.76 -14.85 20.71
CA VAL E 470 -26.15 -13.55 21.08
C VAL E 470 -25.23 -12.98 19.99
N ASP E 471 -24.33 -13.79 19.45
CA ASP E 471 -23.46 -13.31 18.36
C ASP E 471 -24.26 -12.69 17.21
N GLN E 472 -25.40 -13.27 16.86
CA GLN E 472 -26.18 -12.71 15.75
C GLN E 472 -26.83 -11.39 16.14
N LEU E 473 -27.22 -11.26 17.41
CA LEU E 473 -27.72 -9.96 17.90
C LEU E 473 -26.65 -8.89 17.74
N LEU E 474 -25.44 -9.19 18.20
CA LEU E 474 -24.33 -8.23 18.16
C LEU E 474 -23.97 -7.87 16.71
N ILE E 475 -23.80 -8.89 15.87
CA ILE E 475 -23.51 -8.69 14.45
C ILE E 475 -24.61 -7.89 13.74
N GLY E 476 -25.85 -8.02 14.23
CA GLY E 476 -27.00 -7.31 13.63
C GLY E 476 -27.25 -5.91 14.16
N GLY E 477 -26.38 -5.42 15.03
CA GLY E 477 -26.48 -4.06 15.55
C GLY E 477 -27.39 -3.87 16.75
N GLN E 478 -27.83 -4.96 17.36
CA GLN E 478 -28.67 -4.87 18.56
C GLN E 478 -27.81 -4.95 19.83
N GLY E 479 -28.39 -4.56 20.96
CA GLY E 479 -27.68 -4.49 22.23
C GLY E 479 -26.94 -3.18 22.41
N GLY E 480 -26.83 -2.74 23.65
CA GLY E 480 -26.21 -1.46 23.96
C GLY E 480 -24.94 -1.61 24.77
N VAL E 481 -24.97 -2.48 25.76
CA VAL E 481 -23.82 -2.68 26.65
C VAL E 481 -23.49 -4.15 26.69
N HIS E 482 -22.19 -4.47 26.74
CA HIS E 482 -21.72 -5.84 26.71
C HIS E 482 -20.74 -6.09 27.82
N HIS E 483 -21.05 -7.04 28.70
CA HIS E 483 -20.13 -7.44 29.75
C HIS E 483 -19.54 -8.76 29.39
N ILE E 484 -18.22 -8.80 29.27
CA ILE E 484 -17.51 -10.01 28.88
C ILE E 484 -16.66 -10.51 30.03
N TRP E 485 -17.00 -11.68 30.54
CA TRP E 485 -16.29 -12.29 31.66
C TRP E 485 -15.58 -13.54 31.20
N GLY E 486 -14.25 -13.52 31.26
CA GLY E 486 -13.45 -14.75 31.09
C GLY E 486 -13.65 -15.57 29.84
N CYS E 487 -13.84 -14.91 28.70
CA CYS E 487 -13.79 -15.58 27.39
C CYS E 487 -13.38 -14.58 26.32
N ASP E 488 -12.89 -15.08 25.18
CA ASP E 488 -12.36 -14.21 24.14
C ASP E 488 -12.87 -14.64 22.76
N HIS E 489 -14.04 -14.11 22.41
CA HIS E 489 -14.69 -14.46 21.15
C HIS E 489 -13.81 -14.19 19.96
N TYR E 490 -12.94 -13.20 20.07
CA TYR E 490 -12.11 -12.84 18.93
C TYR E 490 -11.30 -14.05 18.47
N LYS E 491 -10.84 -14.85 19.41
CA LYS E 491 -10.09 -16.06 19.07
C LYS E 491 -10.95 -17.31 18.97
N THR E 492 -12.08 -17.35 19.67
CA THR E 492 -12.77 -18.64 19.91
C THR E 492 -14.24 -18.77 19.50
N THR E 493 -14.89 -17.73 18.97
CA THR E 493 -16.29 -17.89 18.56
C THR E 493 -16.41 -18.41 17.12
N LEU E 494 -17.61 -18.79 16.73
CA LEU E 494 -17.85 -19.20 15.37
C LEU E 494 -18.07 -17.95 14.52
N ASN E 495 -17.89 -18.06 13.22
CA ASN E 495 -18.12 -16.93 12.32
C ASN E 495 -17.36 -15.72 12.84
N ALA E 496 -16.12 -15.98 13.25
CA ALA E 496 -15.30 -15.03 13.98
C ALA E 496 -14.82 -13.81 13.17
N HIS E 497 -14.56 -14.02 11.89
CA HIS E 497 -14.09 -12.93 11.05
C HIS E 497 -15.17 -11.86 10.95
N GLU E 498 -16.43 -12.25 10.68
CA GLU E 498 -17.53 -11.28 10.61
C GLU E 498 -17.76 -10.64 11.96
N PHE E 499 -17.75 -11.47 13.00
CA PHE E 499 -17.91 -10.96 14.36
C PHE E 499 -16.90 -9.84 14.67
N LYS E 500 -15.64 -10.05 14.34
CA LYS E 500 -14.60 -9.03 14.61
C LYS E 500 -14.79 -7.74 13.81
N ARG E 501 -15.21 -7.86 12.56
CA ARG E 501 -15.41 -6.68 11.73
C ARG E 501 -16.50 -5.83 12.34
N VAL E 502 -17.61 -6.43 12.76
CA VAL E 502 -18.74 -5.61 13.26
C VAL E 502 -18.47 -5.13 14.67
N TYR E 503 -17.91 -5.98 15.52
CA TYR E 503 -17.59 -5.60 16.90
C TYR E 503 -16.64 -4.42 16.96
N LYS E 504 -15.60 -4.44 16.12
CA LYS E 504 -14.67 -3.29 16.05
C LYS E 504 -15.42 -2.01 15.66
N LYS E 505 -16.23 -2.13 14.63
CA LYS E 505 -16.91 -0.99 14.06
C LYS E 505 -17.90 -0.37 15.08
N ARG E 506 -18.58 -1.22 15.83
CA ARG E 506 -19.56 -0.76 16.80
C ARG E 506 -18.91 -0.20 18.06
N THR E 507 -17.86 -0.83 18.55
CA THR E 507 -17.14 -0.30 19.72
C THR E 507 -16.33 0.96 19.40
N ASP E 508 -15.82 1.05 18.16
CA ASP E 508 -15.18 2.27 17.67
C ASP E 508 -16.09 3.50 17.80
N MET E 509 -17.39 3.33 17.57
CA MET E 509 -18.31 4.44 17.61
C MET E 509 -18.27 5.06 19.01
N VAL E 510 -18.25 4.21 20.02
CA VAL E 510 -18.24 4.66 21.40
C VAL E 510 -16.86 5.22 21.76
N LYS E 511 -15.81 4.65 21.19
CA LYS E 511 -14.47 5.16 21.43
C LYS E 511 -14.30 6.58 20.91
N ASP E 512 -14.76 6.82 19.70
CA ASP E 512 -14.69 8.16 19.12
C ASP E 512 -15.53 9.14 19.96
N ALA E 513 -16.69 8.70 20.42
CA ALA E 513 -17.49 9.52 21.35
C ALA E 513 -16.73 9.83 22.66
N MET E 514 -16.15 8.82 23.28
CA MET E 514 -15.44 9.01 24.55
C MET E 514 -14.19 9.89 24.41
N SER E 515 -13.44 9.72 23.33
CA SER E 515 -12.26 10.57 23.09
C SER E 515 -12.59 12.05 22.96
N ALA E 516 -13.78 12.36 22.43
CA ALA E 516 -14.20 13.74 22.13
C ALA E 516 -15.03 14.38 23.25
N ALA E 517 -15.21 13.66 24.35
CA ALA E 517 -15.98 14.14 25.49
C ALA E 517 -15.04 14.41 26.68
N PRO E 518 -15.45 15.31 27.59
CA PRO E 518 -14.68 15.52 28.81
C PRO E 518 -14.95 14.42 29.84
N TYR E 519 -13.90 13.74 30.29
CA TYR E 519 -14.06 12.66 31.28
C TYR E 519 -14.31 13.19 32.72
N GLY E 520 -13.60 14.24 33.09
CA GLY E 520 -13.70 14.81 34.42
C GLY E 520 -15.08 15.31 34.78
N ASP E 521 -15.88 15.60 33.76
CA ASP E 521 -17.34 15.82 33.91
C ASP E 521 -18.04 14.53 33.50
N ARG E 522 -18.27 13.66 34.47
CA ARG E 522 -18.68 12.28 34.16
C ARG E 522 -20.08 12.16 33.59
N GLU E 523 -20.96 13.07 33.96
CA GLU E 523 -22.30 13.03 33.42
C GLU E 523 -22.29 13.31 31.91
N ALA E 524 -21.43 14.20 31.46
CA ALA E 524 -21.31 14.47 30.03
C ALA E 524 -20.72 13.27 29.30
N MET E 525 -19.76 12.60 29.93
CA MET E 525 -19.13 11.41 29.34
C MET E 525 -20.13 10.28 29.12
N VAL E 526 -21.01 10.09 30.10
CA VAL E 526 -21.99 9.01 30.05
C VAL E 526 -23.06 9.32 29.02
N ASN E 527 -23.48 10.58 28.97
CA ASN E 527 -24.43 11.02 27.93
C ASN E 527 -23.84 10.87 26.52
N ALA E 528 -22.54 11.11 26.38
CA ALA E 528 -21.88 10.89 25.10
C ALA E 528 -21.82 9.40 24.75
N ILE E 529 -21.52 8.56 25.73
CA ILE E 529 -21.54 7.12 25.50
C ILE E 529 -22.92 6.65 25.05
N VAL E 530 -23.96 7.11 25.74
CA VAL E 530 -25.31 6.67 25.44
C VAL E 530 -25.80 7.15 24.07
N ASP E 531 -25.40 8.35 23.67
CA ASP E 531 -25.69 8.84 22.31
C ASP E 531 -25.08 7.93 21.24
N ALA E 532 -23.82 7.53 21.45
CA ALA E 532 -23.14 6.62 20.51
C ALA E 532 -23.88 5.27 20.47
N ILE E 533 -24.30 4.77 21.62
CA ILE E 533 -25.08 3.53 21.68
C ILE E 533 -26.42 3.66 20.94
N ASN E 534 -27.13 4.75 21.17
CA ASN E 534 -28.40 5.01 20.48
C ASN E 534 -28.23 5.00 18.96
N GLN E 535 -27.05 5.37 18.47
CA GLN E 535 -26.76 5.37 17.01
C GLN E 535 -26.29 4.02 16.48
N GLY E 536 -26.16 3.04 17.37
CA GLY E 536 -25.81 1.68 16.97
C GLY E 536 -24.48 1.19 17.51
N GLY E 537 -23.82 2.00 18.35
CA GLY E 537 -22.56 1.59 18.96
C GLY E 537 -22.75 0.56 20.04
N LEU E 538 -21.66 0.12 20.65
CA LEU E 538 -21.69 -0.84 21.76
C LEU E 538 -20.66 -0.38 22.77
N PHE E 539 -21.05 -0.32 24.03
CA PHE E 539 -20.12 -0.08 25.15
C PHE E 539 -19.78 -1.44 25.78
N ALA E 540 -18.50 -1.77 25.82
CA ALA E 540 -18.05 -3.11 26.14
C ALA E 540 -17.12 -3.10 27.37
N VAL E 541 -17.35 -4.01 28.32
CA VAL E 541 -16.56 -4.12 29.53
C VAL E 541 -15.97 -5.52 29.61
N ASN E 542 -14.67 -5.62 29.82
CA ASN E 542 -13.98 -6.93 29.82
C ASN E 542 -13.44 -7.23 31.19
N VAL E 543 -13.77 -8.39 31.74
CA VAL E 543 -13.21 -8.83 33.03
C VAL E 543 -12.34 -10.03 32.72
N ASP E 544 -11.04 -9.91 32.98
CA ASP E 544 -10.08 -10.91 32.53
C ASP E 544 -8.79 -10.80 33.31
N ILE E 545 -7.82 -11.67 32.99
CA ILE E 545 -6.53 -11.69 33.68
C ILE E 545 -5.39 -11.17 32.81
N ILE E 546 -5.59 -11.17 31.50
CA ILE E 546 -4.58 -10.60 30.57
C ILE E 546 -5.23 -9.57 29.65
N PRO E 547 -4.43 -8.79 28.90
CA PRO E 547 -4.99 -8.03 27.80
C PRO E 547 -5.42 -8.99 26.70
N THR E 548 -6.73 -9.15 26.53
CA THR E 548 -7.27 -10.07 25.56
C THR E 548 -7.38 -9.45 24.18
N LYS E 549 -7.71 -10.28 23.19
CA LYS E 549 -7.94 -9.78 21.83
C LYS E 549 -9.22 -8.96 21.75
N ILE E 550 -10.34 -9.54 22.19
CA ILE E 550 -11.61 -8.77 22.23
C ILE E 550 -11.46 -7.52 23.12
N GLY E 551 -10.58 -7.60 24.10
CA GLY E 551 -10.25 -6.45 24.97
C GLY E 551 -9.69 -5.25 24.23
N GLU E 552 -9.09 -5.47 23.07
CA GLU E 552 -8.68 -4.34 22.26
C GLU E 552 -9.87 -3.50 21.72
N ALA E 553 -11.08 -4.04 21.85
CA ALA E 553 -12.27 -3.29 21.46
C ALA E 553 -13.06 -2.76 22.67
N CYS E 554 -12.70 -3.18 23.88
CA CYS E 554 -13.46 -2.79 25.06
C CYS E 554 -13.08 -1.44 25.62
N HIS E 555 -13.98 -0.83 26.36
CA HIS E 555 -13.82 0.52 26.89
C HIS E 555 -13.46 0.54 28.36
N VAL E 556 -13.70 -0.57 29.04
CA VAL E 556 -13.25 -0.72 30.41
C VAL E 556 -12.74 -2.13 30.58
N ILE E 557 -11.58 -2.26 31.22
CA ILE E 557 -11.04 -3.55 31.54
C ILE E 557 -10.86 -3.64 33.05
N LEU E 558 -11.37 -4.73 33.63
CA LEU E 558 -11.31 -4.96 35.08
C LEU E 558 -10.45 -6.20 35.32
N PRO E 559 -9.43 -6.09 36.18
CA PRO E 559 -8.49 -7.20 36.37
C PRO E 559 -8.94 -8.25 37.38
N ALA E 560 -8.97 -9.50 36.96
CA ALA E 560 -9.41 -10.61 37.79
C ALA E 560 -8.23 -11.34 38.46
N ALA E 561 -8.51 -12.01 39.58
CA ALA E 561 -7.58 -12.92 40.22
C ALA E 561 -8.02 -14.30 39.78
N THR E 562 -7.07 -15.22 39.65
CA THR E 562 -7.35 -16.53 39.15
C THR E 562 -6.95 -17.57 40.19
N SER E 563 -7.26 -18.83 39.91
CA SER E 563 -7.11 -19.89 40.90
C SER E 563 -5.68 -19.92 41.39
N GLY E 564 -5.54 -20.06 42.70
CA GLY E 564 -4.23 -20.00 43.37
C GLY E 564 -4.01 -18.69 44.07
N GLU E 565 -4.52 -17.63 43.44
CA GLU E 565 -4.53 -16.28 44.01
C GLU E 565 -5.80 -16.11 44.82
N MET E 566 -6.67 -17.07 44.67
CA MET E 566 -7.90 -17.17 45.45
C MET E 566 -8.14 -18.64 45.77
N ASN E 567 -8.97 -18.88 46.78
CA ASN E 567 -9.53 -20.20 46.98
C ASN E 567 -10.54 -20.46 45.87
N LEU E 568 -10.63 -21.71 45.43
CA LEU E 568 -11.53 -22.04 44.34
C LEU E 568 -11.99 -23.51 44.43
N THR E 569 -13.25 -23.74 44.12
CA THR E 569 -13.80 -25.09 44.19
C THR E 569 -14.39 -25.51 42.85
N SER E 570 -14.17 -26.77 42.50
CA SER E 570 -14.69 -27.34 41.27
C SER E 570 -14.66 -28.85 41.33
N MET E 571 -15.34 -29.48 40.38
CA MET E 571 -15.34 -30.92 40.24
C MET E 571 -14.81 -31.33 38.89
N ASN E 572 -14.20 -32.51 38.85
CA ASN E 572 -13.65 -33.10 37.62
C ASN E 572 -14.68 -33.97 36.90
N GLY E 573 -14.24 -34.75 35.93
CA GLY E 573 -15.15 -35.46 35.04
C GLY E 573 -15.76 -36.70 35.66
N GLU E 574 -15.48 -36.85 36.94
CA GLU E 574 -15.90 -37.95 37.79
C GLU E 574 -16.78 -37.42 38.92
N ARG E 575 -17.13 -36.15 38.83
CA ARG E 575 -17.81 -35.40 39.90
C ARG E 575 -16.96 -35.23 41.16
N ARG E 576 -15.66 -35.36 41.03
CA ARG E 576 -14.79 -35.27 42.21
C ARG E 576 -14.52 -33.80 42.56
N MET E 577 -15.10 -33.36 43.66
CA MET E 577 -15.04 -31.96 44.08
C MET E 577 -13.85 -31.69 45.00
N ARG E 578 -13.17 -30.58 44.77
CA ARG E 578 -12.01 -30.19 45.59
C ARG E 578 -11.83 -28.70 45.76
N LEU E 579 -11.16 -28.36 46.84
CA LEU E 579 -10.79 -26.99 47.13
C LEU E 579 -9.36 -26.80 46.67
N THR E 580 -9.12 -25.74 45.93
CA THR E 580 -7.76 -25.31 45.64
C THR E 580 -7.47 -24.19 46.61
N GLU E 581 -6.53 -24.42 47.51
CA GLU E 581 -6.22 -23.48 48.59
C GLU E 581 -5.30 -22.38 48.06
N ARG E 582 -5.67 -21.13 48.31
CA ARG E 582 -4.84 -19.98 47.92
C ARG E 582 -3.41 -20.07 48.43
N TYR E 583 -2.45 -19.86 47.54
CA TYR E 583 -1.02 -19.90 47.91
C TYR E 583 -0.24 -18.65 47.52
N MET E 584 -0.86 -17.74 46.80
CA MET E 584 -0.22 -16.49 46.42
C MET E 584 -1.23 -15.36 46.36
N ASP E 585 -0.72 -14.14 46.17
CA ASP E 585 -1.56 -12.95 46.08
C ASP E 585 -1.95 -12.66 44.63
N PRO E 586 -3.13 -12.05 44.43
CA PRO E 586 -3.44 -11.52 43.10
C PRO E 586 -2.43 -10.45 42.71
N PRO E 587 -2.06 -10.39 41.41
CA PRO E 587 -1.17 -9.33 40.96
C PRO E 587 -1.81 -7.97 41.11
N GLY E 588 -1.03 -6.98 41.50
CA GLY E 588 -1.52 -5.61 41.60
C GLY E 588 -2.79 -5.52 42.39
N GLN E 589 -3.83 -4.92 41.80
CA GLN E 589 -5.10 -4.68 42.46
C GLN E 589 -6.20 -5.61 41.95
N SER E 590 -5.81 -6.69 41.30
CA SER E 590 -6.78 -7.59 40.70
C SER E 590 -7.59 -8.29 41.79
N MET E 591 -8.82 -8.65 41.46
CA MET E 591 -9.67 -9.32 42.42
C MET E 591 -10.48 -10.46 41.81
N PRO E 592 -10.82 -11.48 42.61
CA PRO E 592 -11.63 -12.61 42.15
C PRO E 592 -12.94 -12.18 41.49
N ASP E 593 -13.38 -12.94 40.49
CA ASP E 593 -14.55 -12.58 39.70
C ASP E 593 -15.82 -12.48 40.53
N CYS E 594 -15.98 -13.40 41.48
CA CYS E 594 -17.13 -13.32 42.36
C CYS E 594 -17.15 -12.00 43.14
N LEU E 595 -15.99 -11.51 43.56
CA LEU E 595 -15.97 -10.26 44.30
C LEU E 595 -16.16 -9.08 43.36
N ILE E 596 -15.64 -9.16 42.14
CA ILE E 596 -15.86 -8.12 41.15
C ILE E 596 -17.36 -7.94 40.95
N ALA E 597 -18.06 -9.06 40.75
CA ALA E 597 -19.50 -9.10 40.62
C ALA E 597 -20.18 -8.44 41.84
N ALA E 598 -19.74 -8.82 43.04
CA ALA E 598 -20.26 -8.21 44.26
C ALA E 598 -20.04 -6.72 44.25
N ARG E 599 -18.82 -6.29 43.93
CA ARG E 599 -18.51 -4.87 43.91
C ARG E 599 -19.28 -4.10 42.83
N LEU E 600 -19.58 -4.77 41.73
CA LEU E 600 -20.35 -4.15 40.67
C LEU E 600 -21.80 -3.97 41.11
N ALA E 601 -22.34 -5.03 41.68
CA ALA E 601 -23.65 -5.00 42.31
C ALA E 601 -23.76 -3.83 43.31
N ASN E 602 -22.76 -3.68 44.17
CA ASN E 602 -22.79 -2.62 45.18
C ASN E 602 -22.80 -1.25 44.54
N THR E 603 -22.03 -1.08 43.46
CA THR E 603 -21.99 0.19 42.73
C THR E 603 -23.32 0.45 42.04
N MET E 604 -23.94 -0.59 41.48
CA MET E 604 -25.28 -0.45 40.88
C MET E 604 -26.27 0.00 41.95
N GLU E 605 -26.20 -0.59 43.13
CA GLU E 605 -27.06 -0.16 44.22
C GLU E 605 -26.86 1.33 44.54
N ARG E 606 -25.60 1.76 44.65
CA ARG E 606 -25.28 3.15 45.03
C ARG E 606 -25.77 4.12 43.98
N VAL E 607 -25.45 3.82 42.72
CA VAL E 607 -25.78 4.71 41.62
C VAL E 607 -27.29 4.82 41.43
N LEU E 608 -27.96 3.68 41.41
CA LEU E 608 -29.41 3.71 41.24
C LEU E 608 -30.08 4.45 42.42
N THR E 609 -29.54 4.30 43.62
CA THR E 609 -30.07 5.01 44.78
C THR E 609 -29.97 6.52 44.57
N GLU E 610 -28.81 6.98 44.12
CA GLU E 610 -28.59 8.40 43.80
C GLU E 610 -29.52 8.93 42.70
N MET E 611 -29.75 8.14 41.66
CA MET E 611 -30.69 8.52 40.59
C MET E 611 -32.14 8.56 41.07
N GLY E 612 -32.43 7.89 42.18
CA GLY E 612 -33.75 7.86 42.75
C GLY E 612 -34.60 6.67 42.35
N ASP E 613 -34.03 5.66 41.69
CA ASP E 613 -34.77 4.41 41.46
C ASP E 613 -34.45 3.40 42.58
N VAL E 614 -35.00 3.68 43.76
CA VAL E 614 -34.75 2.90 44.98
C VAL E 614 -35.29 1.47 44.87
N GLY E 615 -36.40 1.31 44.15
CA GLY E 615 -36.99 -0.02 43.90
C GLY E 615 -36.02 -0.93 43.18
N TYR E 616 -35.46 -0.42 42.10
CA TYR E 616 -34.54 -1.20 41.30
C TYR E 616 -33.21 -1.39 42.05
N ALA E 617 -32.80 -0.36 42.79
CA ALA E 617 -31.59 -0.42 43.62
C ALA E 617 -31.63 -1.64 44.53
N ALA E 618 -32.79 -1.86 45.15
CA ALA E 618 -32.96 -2.94 46.13
C ALA E 618 -32.68 -4.32 45.56
N GLN E 619 -32.87 -4.49 44.26
CA GLN E 619 -32.63 -5.78 43.61
C GLN E 619 -31.16 -6.19 43.65
N PHE E 620 -30.27 -5.22 43.85
CA PHE E 620 -28.83 -5.48 43.88
C PHE E 620 -28.22 -5.72 45.25
N LYS E 621 -29.06 -5.97 46.25
CA LYS E 621 -28.57 -6.35 47.58
C LYS E 621 -28.22 -7.83 47.57
N GLY E 622 -27.60 -8.29 48.65
CA GLY E 622 -27.18 -9.67 48.79
C GLY E 622 -25.78 -9.91 48.27
N PHE E 623 -24.96 -8.86 48.25
CA PHE E 623 -23.58 -8.94 47.77
C PHE E 623 -22.60 -8.27 48.72
N ASP E 624 -22.71 -8.60 50.00
CA ASP E 624 -21.84 -7.98 51.00
C ASP E 624 -20.57 -8.83 51.23
N TRP E 625 -20.11 -9.52 50.18
CA TRP E 625 -19.03 -10.50 50.29
C TRP E 625 -17.68 -9.86 50.38
N GLN E 626 -16.87 -10.28 51.34
CA GLN E 626 -15.51 -9.75 51.45
C GLN E 626 -14.44 -10.74 50.95
N THR E 627 -14.80 -12.01 50.89
CA THR E 627 -13.86 -13.03 50.45
C THR E 627 -14.60 -14.09 49.62
N GLU E 628 -13.87 -14.84 48.81
CA GLU E 628 -14.49 -15.83 47.91
C GLU E 628 -15.30 -16.91 48.65
N GLU E 629 -14.88 -17.24 49.87
CA GLU E 629 -15.64 -18.21 50.67
C GLU E 629 -17.08 -17.75 50.91
N ASP E 630 -17.27 -16.44 50.99
CA ASP E 630 -18.60 -15.90 51.20
C ASP E 630 -19.48 -16.25 50.01
N ALA E 631 -18.92 -16.21 48.80
CA ALA E 631 -19.66 -16.61 47.58
C ALA E 631 -19.96 -18.12 47.56
N PHE E 632 -19.03 -18.92 48.06
CA PHE E 632 -19.22 -20.36 48.16
C PHE E 632 -20.39 -20.71 49.06
N MET E 633 -20.46 -20.04 50.21
CA MET E 633 -21.48 -20.34 51.21
C MET E 633 -22.86 -19.86 50.76
N ASP E 634 -22.93 -18.69 50.12
CA ASP E 634 -24.20 -18.19 49.58
C ASP E 634 -24.70 -19.00 48.37
N GLY E 635 -23.78 -19.64 47.67
CA GLY E 635 -24.11 -20.39 46.46
C GLY E 635 -24.16 -21.89 46.68
N TYR E 636 -23.00 -22.52 46.53
CA TYR E 636 -22.92 -23.98 46.58
C TYR E 636 -23.54 -24.55 47.86
N ASN E 637 -23.11 -24.04 49.00
CA ASN E 637 -23.53 -24.59 50.30
C ASN E 637 -25.04 -24.57 50.48
N LYS E 638 -25.67 -23.46 50.09
CA LYS E 638 -27.11 -23.30 50.20
C LYS E 638 -27.90 -23.88 49.02
N ASN E 639 -27.27 -24.11 47.87
CA ASN E 639 -28.04 -24.40 46.63
C ASN E 639 -27.72 -25.69 45.89
N ALA E 640 -26.53 -26.24 46.08
CA ALA E 640 -26.19 -27.51 45.41
C ALA E 640 -26.86 -28.66 46.15
N HIS E 641 -27.13 -29.76 45.43
CA HIS E 641 -27.59 -31.01 46.06
C HIS E 641 -26.53 -31.50 47.03
N GLY E 642 -26.90 -31.59 48.31
CA GLY E 642 -25.97 -32.02 49.37
C GLY E 642 -24.95 -30.97 49.79
N GLY E 643 -25.14 -29.72 49.37
CA GLY E 643 -24.23 -28.62 49.71
C GLY E 643 -24.07 -28.37 51.20
N GLU E 644 -25.14 -28.63 51.96
CA GLU E 644 -25.14 -28.50 53.43
C GLU E 644 -23.98 -29.27 54.09
N PHE E 645 -23.50 -30.31 53.44
CA PHE E 645 -22.42 -31.14 53.97
C PHE E 645 -21.01 -30.62 53.67
N VAL E 646 -20.90 -29.62 52.80
CA VAL E 646 -19.61 -29.17 52.31
C VAL E 646 -19.20 -27.75 52.77
N THR E 647 -18.00 -27.65 53.31
CA THR E 647 -17.38 -26.38 53.67
C THR E 647 -15.91 -26.41 53.27
N TYR E 648 -15.29 -25.23 53.22
CA TYR E 648 -13.85 -25.11 52.93
C TYR E 648 -13.03 -25.96 53.89
N GLU E 649 -13.33 -25.80 55.16
CA GLU E 649 -12.65 -26.54 56.22
C GLU E 649 -12.72 -28.07 55.99
N ARG E 650 -13.92 -28.54 55.67
CA ARG E 650 -14.12 -29.97 55.44
C ARG E 650 -13.46 -30.47 54.16
N LEU E 651 -13.60 -29.71 53.07
CA LEU E 651 -12.93 -30.07 51.81
C LEU E 651 -11.42 -30.13 51.95
N SER E 652 -10.86 -29.16 52.66
CA SER E 652 -9.43 -29.10 52.93
C SER E 652 -8.90 -30.37 53.60
N ALA E 653 -9.63 -30.88 54.59
CA ALA E 653 -9.23 -32.06 55.30
C ALA E 653 -9.21 -33.30 54.40
N MET E 654 -9.99 -33.26 53.33
CA MET E 654 -10.06 -34.39 52.38
C MET E 654 -8.99 -34.40 51.30
N GLY E 655 -8.27 -33.30 51.18
CA GLY E 655 -7.12 -33.25 50.30
C GLY E 655 -7.48 -33.24 48.82
N THR E 656 -6.51 -33.61 47.99
CA THR E 656 -6.70 -33.63 46.55
C THR E 656 -7.64 -34.73 46.05
N ASN E 657 -7.92 -35.71 46.90
CA ASN E 657 -8.89 -36.76 46.55
C ASN E 657 -10.34 -36.29 46.71
N GLY E 658 -10.55 -35.27 47.54
CA GLY E 658 -11.88 -34.74 47.82
C GLY E 658 -12.94 -35.82 48.00
N PHE E 659 -14.06 -35.63 47.31
CA PHE E 659 -15.18 -36.56 47.34
C PHE E 659 -15.97 -36.34 46.06
N GLN E 660 -16.76 -37.34 45.69
CA GLN E 660 -17.56 -37.30 44.48
C GLN E 660 -18.97 -36.81 44.75
N GLU E 661 -19.37 -35.77 44.03
CA GLU E 661 -20.68 -35.17 44.23
C GLU E 661 -21.78 -36.08 43.71
N PRO E 662 -23.00 -35.95 44.25
CA PRO E 662 -23.37 -35.13 45.37
C PRO E 662 -22.99 -35.75 46.71
N ALA E 663 -22.73 -34.89 47.69
CA ALA E 663 -22.49 -35.33 49.06
C ALA E 663 -23.80 -35.93 49.59
N THR E 664 -23.70 -37.02 50.34
CA THR E 664 -24.88 -37.61 50.97
C THR E 664 -24.80 -37.59 52.49
N GLY E 665 -23.71 -37.08 53.03
CA GLY E 665 -23.49 -37.10 54.48
C GLY E 665 -22.10 -36.69 54.91
N PHE E 666 -21.90 -36.60 56.23
CA PHE E 666 -20.60 -36.26 56.82
C PHE E 666 -20.39 -37.04 58.12
N THR E 667 -19.43 -37.96 58.10
CA THR E 667 -19.09 -38.78 59.29
C THR E 667 -17.58 -38.77 59.55
N ASP E 668 -17.22 -38.55 60.80
CA ASP E 668 -15.82 -38.63 61.27
C ASP E 668 -14.79 -38.03 60.31
N GLY E 669 -14.98 -36.73 60.08
CA GLY E 669 -14.08 -35.95 59.22
C GLY E 669 -14.05 -36.34 57.75
N LYS E 670 -15.13 -36.93 57.25
CA LYS E 670 -15.21 -37.34 55.84
C LYS E 670 -16.55 -37.03 55.19
N ILE E 671 -16.50 -36.24 54.12
CA ILE E 671 -17.66 -36.00 53.28
C ILE E 671 -17.94 -37.26 52.47
N GLU E 672 -19.14 -37.75 52.63
CA GLU E 672 -19.58 -39.00 52.07
C GLU E 672 -20.18 -38.69 50.70
N GLY E 673 -19.75 -39.44 49.69
CA GLY E 673 -20.09 -39.11 48.30
C GLY E 673 -20.76 -40.21 47.51
N THR E 674 -20.83 -40.00 46.21
CA THR E 674 -21.55 -40.87 45.29
C THR E 674 -20.61 -41.27 44.16
N GLN E 675 -20.19 -42.53 44.18
CA GLN E 675 -19.23 -43.04 43.21
C GLN E 675 -19.80 -43.02 41.79
N ARG E 676 -21.02 -43.54 41.63
CA ARG E 676 -21.69 -43.57 40.33
C ARG E 676 -23.12 -43.11 40.44
N LEU E 677 -23.62 -42.45 39.40
CA LEU E 677 -25.04 -42.08 39.33
C LEU E 677 -25.88 -43.24 38.79
N TYR E 678 -27.16 -43.25 39.15
CA TYR E 678 -28.14 -44.17 38.58
C TYR E 678 -27.90 -45.66 38.90
N THR E 679 -27.24 -45.94 40.02
CA THR E 679 -26.97 -47.33 40.40
C THR E 679 -28.27 -48.07 40.71
N ASP E 680 -29.28 -47.33 41.12
CA ASP E 680 -30.61 -47.87 41.42
C ASP E 680 -31.54 -47.95 40.19
N GLY E 681 -31.10 -47.44 39.05
CA GLY E 681 -31.90 -47.48 37.82
C GLY E 681 -33.04 -46.47 37.80
N VAL E 682 -32.92 -45.42 38.61
CA VAL E 682 -33.89 -44.35 38.71
C VAL E 682 -33.25 -43.09 38.11
N PHE E 683 -33.80 -42.65 36.99
CA PHE E 683 -33.20 -41.60 36.19
C PHE E 683 -33.79 -40.22 36.45
N SER E 684 -33.20 -39.19 35.81
CA SER E 684 -33.52 -37.80 36.10
C SER E 684 -34.71 -37.32 35.29
N THR E 685 -35.84 -37.97 35.48
CA THR E 685 -37.08 -37.58 34.84
C THR E 685 -38.20 -37.56 35.87
N ASP E 686 -39.30 -36.93 35.52
CA ASP E 686 -40.45 -36.84 36.43
C ASP E 686 -40.84 -38.24 36.96
N ASP E 687 -41.02 -39.20 36.07
CA ASP E 687 -41.37 -40.58 36.49
C ASP E 687 -40.18 -41.52 36.79
N GLY E 688 -38.96 -41.03 36.68
CA GLY E 688 -37.77 -41.85 36.98
C GLY E 688 -37.36 -42.90 35.96
N LYS E 689 -37.93 -42.87 34.75
CA LYS E 689 -37.56 -43.80 33.68
C LYS E 689 -36.73 -43.08 32.63
N ALA E 690 -35.68 -43.74 32.15
CA ALA E 690 -34.89 -43.19 31.07
C ALA E 690 -35.72 -43.26 29.80
N ARG E 691 -35.46 -42.36 28.85
CA ARG E 691 -36.08 -42.41 27.53
C ARG E 691 -35.04 -42.74 26.50
N PHE E 692 -35.45 -43.52 25.50
CA PHE E 692 -34.66 -43.69 24.29
C PHE E 692 -34.98 -42.54 23.34
N MET E 693 -34.19 -42.41 22.28
CA MET E 693 -34.43 -41.37 21.28
C MET E 693 -34.57 -41.93 19.88
N ASP E 694 -35.71 -41.61 19.29
CA ASP E 694 -35.99 -41.87 17.90
C ASP E 694 -35.31 -40.74 17.13
N ALA E 695 -34.17 -41.06 16.54
CA ALA E 695 -33.22 -40.04 16.06
C ALA E 695 -32.69 -40.38 14.66
N PRO E 696 -33.56 -40.32 13.65
CA PRO E 696 -33.14 -40.70 12.31
C PRO E 696 -32.16 -39.71 11.68
N TRP E 697 -31.25 -40.27 10.89
CA TRP E 697 -30.28 -39.50 10.12
C TRP E 697 -30.99 -38.60 9.13
N ARG E 698 -30.55 -37.35 9.06
CA ARG E 698 -31.12 -36.36 8.12
C ARG E 698 -30.02 -35.51 7.49
N GLY E 699 -28.87 -36.12 7.22
CA GLY E 699 -27.74 -35.41 6.60
C GLY E 699 -27.05 -34.41 7.52
N LEU E 700 -26.35 -33.46 6.91
CA LEU E 700 -25.76 -32.33 7.64
C LEU E 700 -26.89 -31.37 7.94
N GLN E 701 -27.21 -31.11 9.22
CA GLN E 701 -28.45 -30.39 9.51
C GLN E 701 -28.32 -28.91 9.69
N ALA E 702 -27.13 -28.44 10.04
CA ALA E 702 -26.93 -27.00 10.23
C ALA E 702 -27.00 -26.28 8.87
N PRO E 703 -27.65 -25.12 8.82
CA PRO E 703 -27.77 -24.43 7.53
C PRO E 703 -26.42 -24.10 6.94
N GLY E 704 -26.29 -24.23 5.63
CA GLY E 704 -25.08 -23.85 4.92
C GLY E 704 -24.02 -24.96 4.75
N LYS E 705 -24.11 -25.99 5.58
CA LYS E 705 -23.00 -26.92 5.71
C LYS E 705 -22.76 -27.77 4.48
N GLN E 706 -23.82 -28.35 3.93
CA GLN E 706 -23.69 -29.17 2.73
C GLN E 706 -23.14 -28.31 1.59
N GLN E 707 -23.68 -27.08 1.47
CA GLN E 707 -23.25 -26.07 0.50
C GLN E 707 -21.74 -25.77 0.64
N GLN E 708 -21.30 -25.57 1.88
CA GLN E 708 -19.90 -25.23 2.11
C GLN E 708 -19.00 -26.41 1.74
N LYS E 709 -19.40 -27.61 2.13
CA LYS E 709 -18.68 -28.85 1.77
C LYS E 709 -18.57 -29.03 0.26
N ASP E 710 -19.68 -28.84 -0.44
CA ASP E 710 -19.73 -29.06 -1.89
C ASP E 710 -18.90 -28.04 -2.71
N SER E 711 -18.71 -26.84 -2.18
CA SER E 711 -18.09 -25.78 -2.98
C SER E 711 -16.67 -25.44 -2.57
N HIS E 712 -16.06 -26.22 -1.68
CA HIS E 712 -14.67 -26.00 -1.24
C HIS E 712 -13.89 -27.28 -1.23
N LYS E 713 -12.56 -27.17 -1.28
CA LYS E 713 -11.69 -28.31 -1.54
C LYS E 713 -11.41 -29.19 -0.34
N TYR E 714 -11.14 -28.59 0.82
CA TYR E 714 -10.66 -29.33 1.99
C TYR E 714 -11.59 -29.30 3.19
N LEU E 715 -11.60 -30.39 3.95
CA LEU E 715 -12.15 -30.38 5.30
C LEU E 715 -11.15 -29.62 6.17
N ILE E 716 -11.63 -28.63 6.91
CA ILE E 716 -10.79 -27.92 7.87
C ILE E 716 -11.25 -28.35 9.25
N ASN E 717 -10.95 -29.61 9.57
CA ASN E 717 -11.15 -30.13 10.93
C ASN E 717 -10.35 -29.19 11.84
N ASN E 718 -10.66 -29.21 13.13
CA ASN E 718 -10.07 -28.27 14.06
C ASN E 718 -10.23 -28.74 15.48
N GLY E 719 -9.41 -28.22 16.38
CA GLY E 719 -9.31 -28.74 17.73
C GLY E 719 -8.01 -28.42 18.45
N ARG E 720 -7.70 -29.27 19.43
CA ARG E 720 -6.61 -29.07 20.36
C ARG E 720 -5.27 -29.61 19.91
N ALA E 721 -4.22 -29.06 20.51
CA ALA E 721 -2.88 -29.63 20.51
C ALA E 721 -2.49 -29.88 21.97
N ASN E 722 -1.70 -30.92 22.21
CA ASN E 722 -1.28 -31.26 23.56
C ASN E 722 -0.61 -30.09 24.29
N VAL E 723 0.34 -29.40 23.65
CA VAL E 723 1.09 -28.33 24.33
C VAL E 723 0.30 -27.06 24.62
N VAL E 724 -0.69 -26.77 23.80
CA VAL E 724 -1.37 -25.49 23.90
C VAL E 724 -2.61 -25.61 24.76
N TRP E 725 -2.70 -24.76 25.78
CA TRP E 725 -3.92 -24.64 26.57
C TRP E 725 -4.81 -23.58 26.00
N GLN E 726 -5.92 -24.02 25.44
CA GLN E 726 -7.03 -23.15 25.02
C GLN E 726 -6.56 -22.12 24.00
N SER E 727 -6.94 -20.85 24.17
CA SER E 727 -6.57 -19.78 23.23
C SER E 727 -5.19 -19.17 23.52
N ALA E 728 -4.35 -19.90 24.22
CA ALA E 728 -2.96 -19.50 24.44
C ALA E 728 -2.85 -18.21 25.21
N TYR E 729 -3.84 -17.95 26.06
CA TYR E 729 -3.88 -16.71 26.81
C TYR E 729 -2.69 -16.60 27.75
N LEU E 730 -2.33 -17.70 28.41
CA LEU E 730 -1.10 -17.75 29.20
C LEU E 730 0.10 -18.14 28.32
N ASP E 731 -0.12 -19.06 27.40
CA ASP E 731 0.94 -19.62 26.58
C ASP E 731 1.66 -18.61 25.68
N GLN E 732 0.97 -17.55 25.28
CA GLN E 732 1.58 -16.54 24.40
C GLN E 732 2.74 -15.81 25.08
N GLU E 733 2.78 -15.83 26.42
CA GLU E 733 3.92 -15.30 27.17
C GLU E 733 4.79 -16.44 27.78
N ASN E 734 4.74 -17.60 27.16
CA ASN E 734 5.51 -18.77 27.59
C ASN E 734 6.40 -19.27 26.45
N ASP E 735 7.70 -19.11 26.61
CA ASP E 735 8.62 -19.37 25.52
C ASP E 735 8.60 -20.84 25.05
N PHE E 736 8.41 -21.76 25.97
CA PHE E 736 8.40 -23.18 25.64
C PHE E 736 7.30 -23.53 24.64
N VAL E 737 6.09 -23.00 24.87
CA VAL E 737 4.99 -23.20 23.94
C VAL E 737 5.20 -22.43 22.64
N MET E 738 5.52 -21.15 22.70
CA MET E 738 5.65 -20.34 21.49
C MET E 738 6.87 -20.69 20.61
N ASP E 739 7.90 -21.27 21.22
CA ASP E 739 9.06 -21.73 20.47
C ASP E 739 8.71 -22.93 19.62
N ARG E 740 7.74 -23.71 20.06
CA ARG E 740 7.29 -24.90 19.34
C ARG E 740 6.29 -24.59 18.21
N PHE E 741 5.32 -23.72 18.50
CA PHE E 741 4.32 -23.32 17.50
C PHE E 741 4.10 -21.80 17.51
N PRO E 742 4.98 -21.04 16.87
CA PRO E 742 4.72 -19.59 16.78
C PRO E 742 3.45 -19.26 15.97
N TYR E 743 3.21 -20.02 14.91
CA TYR E 743 1.94 -20.00 14.20
C TYR E 743 1.15 -21.26 14.54
N PRO E 744 -0.19 -21.23 14.41
CA PRO E 744 -0.91 -22.46 14.56
C PRO E 744 -0.61 -23.36 13.39
N PHE E 745 -0.49 -24.65 13.64
CA PHE E 745 -0.26 -25.61 12.56
C PHE E 745 -1.56 -25.92 11.85
N ILE E 746 -1.44 -26.32 10.58
CA ILE E 746 -2.53 -26.99 9.89
C ILE E 746 -1.92 -28.29 9.33
N GLU E 747 -2.39 -29.41 9.87
CA GLU E 747 -1.91 -30.75 9.52
C GLU E 747 -2.42 -31.03 8.13
N MET E 748 -1.50 -31.32 7.21
CA MET E 748 -1.87 -31.57 5.82
C MET E 748 -1.15 -32.82 5.32
N ASN E 749 -1.86 -33.60 4.52
CA ASN E 749 -1.29 -34.77 3.84
C ASN E 749 -0.18 -34.29 2.91
N PRO E 750 0.98 -34.97 2.90
CA PRO E 750 2.13 -34.50 2.11
C PRO E 750 1.88 -34.45 0.60
N GLU E 751 1.02 -35.32 0.10
CA GLU E 751 0.69 -35.32 -1.33
C GLU E 751 -0.30 -34.19 -1.65
N ASP E 752 -1.19 -33.87 -0.72
CA ASP E 752 -2.03 -32.66 -0.84
C ASP E 752 -1.15 -31.42 -0.94
N MET E 753 -0.07 -31.41 -0.16
CA MET E 753 0.88 -30.29 -0.14
C MET E 753 1.68 -30.23 -1.42
N ALA E 754 2.19 -31.38 -1.87
CA ALA E 754 2.91 -31.44 -3.14
C ALA E 754 2.02 -30.92 -4.28
N GLU E 755 0.76 -31.34 -4.28
CA GLU E 755 -0.19 -30.91 -5.31
C GLU E 755 -0.43 -29.40 -5.31
N ALA E 756 -0.48 -28.81 -4.13
CA ALA E 756 -0.74 -27.37 -3.99
C ALA E 756 0.52 -26.51 -4.02
N GLY E 757 1.69 -27.13 -4.23
CA GLY E 757 2.96 -26.40 -4.24
C GLY E 757 3.42 -25.86 -2.89
N LEU E 758 3.02 -26.52 -1.81
CA LEU E 758 3.35 -26.10 -0.44
C LEU E 758 4.46 -26.94 0.17
N LYS E 759 5.29 -26.28 0.97
CA LYS E 759 6.40 -26.91 1.68
C LYS E 759 6.16 -26.80 3.18
N GLU E 760 6.80 -27.67 3.96
CA GLU E 760 6.71 -27.60 5.40
C GLU E 760 7.08 -26.19 5.88
N GLY E 761 6.20 -25.63 6.72
CA GLY E 761 6.40 -24.32 7.28
C GLY E 761 5.76 -23.18 6.50
N ASP E 762 5.37 -23.43 5.25
CA ASP E 762 4.73 -22.38 4.46
C ASP E 762 3.55 -21.82 5.21
N LEU E 763 3.36 -20.53 5.08
CA LEU E 763 2.28 -19.82 5.72
C LEU E 763 1.15 -19.77 4.70
N VAL E 764 0.00 -20.33 5.04
CA VAL E 764 -1.11 -20.48 4.10
C VAL E 764 -2.37 -19.79 4.59
N GLU E 765 -3.12 -19.24 3.65
CA GLU E 765 -4.45 -18.69 3.93
C GLU E 765 -5.46 -19.80 3.76
N ILE E 766 -6.29 -19.99 4.78
CA ILE E 766 -7.46 -20.86 4.68
C ILE E 766 -8.63 -19.91 4.44
N TYR E 767 -9.47 -20.17 3.45
CA TYR E 767 -10.57 -19.23 3.12
C TYR E 767 -11.83 -19.90 2.57
N ASN E 768 -12.96 -19.29 2.87
CA ASN E 768 -14.25 -19.72 2.35
C ASN E 768 -15.18 -18.52 2.44
N ASP E 769 -16.48 -18.75 2.34
CA ASP E 769 -17.43 -17.63 2.31
C ASP E 769 -17.74 -17.06 3.72
N ALA E 770 -17.30 -17.74 4.78
CA ALA E 770 -17.41 -17.17 6.13
C ALA E 770 -16.31 -16.10 6.38
N GLY E 771 -15.09 -16.38 5.93
CA GLY E 771 -13.96 -15.51 6.17
C GLY E 771 -12.65 -16.17 5.77
N ALA E 772 -11.57 -15.73 6.40
CA ALA E 772 -10.24 -16.19 6.06
C ALA E 772 -9.31 -16.10 7.26
N THR E 773 -8.22 -16.84 7.20
CA THR E 773 -7.25 -16.88 8.30
C THR E 773 -5.94 -17.47 7.83
N GLN E 774 -4.99 -17.60 8.73
CA GLN E 774 -3.67 -18.11 8.37
C GLN E 774 -3.24 -19.26 9.29
N ALA E 775 -2.36 -20.11 8.77
CA ALA E 775 -1.79 -21.20 9.56
C ALA E 775 -0.51 -21.67 8.92
N MET E 776 0.23 -22.50 9.64
CA MET E 776 1.52 -23.00 9.16
C MET E 776 1.36 -24.45 8.72
N ALA E 777 1.71 -24.73 7.47
CA ALA E 777 1.56 -26.06 6.91
C ALA E 777 2.43 -27.02 7.67
N TYR E 778 1.84 -28.03 8.28
CA TYR E 778 2.59 -29.07 8.97
C TYR E 778 2.30 -30.40 8.27
N PRO E 779 3.29 -30.97 7.58
CA PRO E 779 3.05 -32.19 6.81
C PRO E 779 2.82 -33.40 7.71
N THR E 780 1.74 -34.11 7.44
CA THR E 780 1.21 -35.12 8.36
C THR E 780 0.79 -36.37 7.60
N PRO E 781 1.71 -37.36 7.52
CA PRO E 781 1.49 -38.55 6.67
C PRO E 781 0.21 -39.32 7.00
N THR E 782 -0.20 -39.29 8.26
CA THR E 782 -1.41 -39.98 8.72
C THR E 782 -2.72 -39.30 8.32
N ALA E 783 -2.65 -38.05 7.88
CA ALA E 783 -3.83 -37.32 7.47
C ALA E 783 -4.36 -37.90 6.15
N ARG E 784 -5.68 -38.01 6.04
CA ARG E 784 -6.31 -38.45 4.79
C ARG E 784 -6.33 -37.34 3.75
N ARG E 785 -6.29 -37.74 2.49
CA ARG E 785 -6.28 -36.80 1.39
C ARG E 785 -7.55 -35.95 1.40
N GLY E 786 -7.36 -34.64 1.36
CA GLY E 786 -8.46 -33.68 1.39
C GLY E 786 -8.92 -33.30 2.79
N GLU E 787 -8.23 -33.80 3.81
CA GLU E 787 -8.63 -33.56 5.18
C GLU E 787 -7.51 -32.95 5.96
N THR E 788 -7.70 -31.70 6.37
CA THR E 788 -6.71 -30.96 7.15
C THR E 788 -7.23 -30.79 8.58
N PHE E 789 -6.30 -30.55 9.49
CA PHE E 789 -6.65 -30.26 10.86
C PHE E 789 -5.90 -29.03 11.33
N MET E 790 -6.63 -28.00 11.73
CA MET E 790 -5.99 -26.76 12.19
C MET E 790 -6.21 -26.54 13.69
N LEU E 791 -5.14 -26.17 14.38
CA LEU E 791 -5.21 -25.82 15.79
C LEU E 791 -6.18 -24.67 15.96
N PHE E 792 -7.12 -24.78 16.88
CA PHE E 792 -8.15 -23.76 17.08
C PHE E 792 -7.69 -22.68 18.09
N GLY E 793 -8.44 -21.59 18.17
CA GLY E 793 -8.26 -20.60 19.24
C GLY E 793 -7.00 -19.77 19.31
N PHE E 794 -6.16 -19.86 18.29
CA PHE E 794 -4.77 -19.45 18.44
C PHE E 794 -4.59 -18.00 18.00
N PRO E 795 -3.93 -17.19 18.86
CA PRO E 795 -3.80 -15.75 18.56
C PRO E 795 -3.11 -15.41 17.24
N THR E 796 -2.22 -16.26 16.74
CA THR E 796 -1.48 -15.92 15.52
C THR E 796 -2.09 -16.55 14.26
N GLY E 797 -3.31 -17.05 14.40
CA GLY E 797 -4.08 -17.61 13.28
C GLY E 797 -5.33 -18.26 13.84
N VAL E 798 -6.46 -17.57 13.74
CA VAL E 798 -7.69 -17.98 14.39
C VAL E 798 -8.52 -18.79 13.41
N GLN E 799 -8.74 -20.07 13.67
CA GLN E 799 -9.50 -20.87 12.69
C GLN E 799 -10.99 -20.62 12.75
N GLY E 800 -11.47 -20.02 13.83
CA GLY E 800 -12.88 -19.65 13.95
C GLY E 800 -13.33 -18.70 12.86
N ASN E 801 -12.38 -17.98 12.28
CA ASN E 801 -12.65 -17.13 11.16
C ASN E 801 -13.31 -17.84 9.97
N VAL E 802 -13.04 -19.12 9.79
CA VAL E 802 -13.58 -19.84 8.62
C VAL E 802 -14.74 -20.77 8.98
N THR E 803 -15.19 -20.73 10.23
CA THR E 803 -16.37 -21.46 10.62
C THR E 803 -17.59 -20.61 10.34
N SER E 804 -18.66 -21.20 9.86
CA SER E 804 -19.84 -20.47 9.50
C SER E 804 -20.67 -20.18 10.73
N ALA E 805 -21.73 -19.38 10.54
CA ALA E 805 -22.66 -19.01 11.60
C ALA E 805 -23.60 -20.17 11.95
N GLY E 806 -23.47 -21.28 11.23
CA GLY E 806 -24.37 -22.43 11.35
C GLY E 806 -24.45 -23.13 12.69
N THR E 807 -25.67 -23.20 13.24
CA THR E 807 -25.90 -23.93 14.48
C THR E 807 -27.06 -24.89 14.32
N ASN E 808 -27.24 -25.78 15.28
CA ASN E 808 -28.45 -26.58 15.31
C ASN E 808 -29.63 -25.76 15.87
N GLU E 809 -30.75 -26.42 16.10
CA GLU E 809 -31.97 -25.70 16.47
C GLU E 809 -31.84 -25.03 17.85
N LEU E 810 -31.00 -25.62 18.70
CA LEU E 810 -30.78 -25.13 20.06
C LEU E 810 -29.56 -24.22 20.16
N ILE E 811 -29.01 -23.88 19.01
CA ILE E 811 -27.95 -22.88 18.90
C ILE E 811 -26.62 -23.46 19.38
N ILE E 812 -26.41 -24.73 19.05
CA ILE E 812 -25.13 -25.39 19.31
C ILE E 812 -24.24 -25.17 18.09
N PRO E 813 -23.06 -24.55 18.29
CA PRO E 813 -22.17 -24.26 17.16
C PRO E 813 -21.52 -25.51 16.60
N ASN E 814 -21.58 -25.66 15.29
CA ASN E 814 -21.13 -26.85 14.59
C ASN E 814 -19.75 -26.60 14.01
N TYR E 815 -18.80 -26.37 14.90
CA TYR E 815 -17.44 -25.98 14.51
C TYR E 815 -16.74 -27.04 13.66
N LYS E 816 -16.89 -28.31 14.00
CA LYS E 816 -16.05 -29.36 13.41
C LYS E 816 -16.33 -29.58 11.93
N GLN E 817 -17.57 -29.45 11.51
CA GLN E 817 -17.88 -29.51 10.08
C GLN E 817 -17.60 -28.16 9.41
N THR E 818 -16.38 -28.00 8.93
CA THR E 818 -15.95 -26.81 8.23
C THR E 818 -15.13 -27.20 7.01
N TRP E 819 -15.43 -26.58 5.89
CA TRP E 819 -14.65 -26.78 4.68
C TRP E 819 -14.21 -25.47 4.15
N GLY E 820 -13.07 -25.48 3.45
CA GLY E 820 -12.50 -24.28 2.87
C GLY E 820 -11.42 -24.56 1.84
N ASN E 821 -10.96 -23.50 1.21
CA ASN E 821 -9.86 -23.56 0.29
C ASN E 821 -8.58 -23.17 1.00
N ILE E 822 -7.44 -23.60 0.45
CA ILE E 822 -6.13 -23.24 0.98
C ILE E 822 -5.24 -22.69 -0.13
N ARG E 823 -4.56 -21.58 0.16
CA ARG E 823 -3.56 -21.04 -0.77
C ARG E 823 -2.43 -20.36 -0.02
N LYS E 824 -1.27 -20.28 -0.67
CA LYS E 824 -0.05 -19.84 -0.02
C LYS E 824 -0.03 -18.34 0.17
N ILE E 825 0.29 -17.90 1.39
CA ILE E 825 0.52 -16.48 1.66
C ILE E 825 2.01 -16.16 1.53
N SER E 826 2.85 -17.00 2.11
CA SER E 826 4.29 -16.77 2.15
C SER E 826 5.09 -18.07 2.20
N ASP E 827 6.28 -18.06 1.61
CA ASP E 827 7.28 -19.09 1.86
C ASP E 827 7.53 -19.16 3.37
N ALA E 828 7.87 -20.34 3.87
CA ALA E 828 8.13 -20.54 5.30
C ALA E 828 8.97 -19.39 5.89
N PRO E 829 8.43 -18.66 6.87
CA PRO E 829 9.20 -17.59 7.49
C PRO E 829 10.42 -18.08 8.26
N ARG E 830 11.41 -17.21 8.39
CA ARG E 830 12.64 -17.50 9.16
C ARG E 830 12.35 -17.98 10.59
N ASN E 831 11.35 -17.40 11.25
CA ASN E 831 11.04 -17.73 12.65
C ASN E 831 10.45 -19.13 12.81
N VAL E 832 10.39 -19.87 11.71
CA VAL E 832 9.88 -21.22 11.69
C VAL E 832 10.95 -22.26 11.26
N ALA E 833 12.15 -21.78 10.94
CA ALA E 833 13.24 -22.66 10.49
C ALA E 833 13.72 -23.65 11.57
N HIS E 834 13.60 -23.27 12.84
CA HIS E 834 14.07 -24.09 13.96
C HIS E 834 13.12 -25.19 14.37
N LEU E 835 11.89 -25.18 13.84
CA LEU E 835 10.89 -26.18 14.24
C LEU E 835 11.18 -27.58 13.70
N SER E 836 10.83 -28.59 14.49
CA SER E 836 10.75 -29.94 13.95
C SER E 836 9.38 -30.12 13.28
N PHE E 837 9.40 -30.72 12.10
CA PHE E 837 8.19 -31.07 11.35
C PHE E 837 8.00 -32.59 11.27
N LYS E 838 8.64 -33.32 12.17
CA LYS E 838 8.58 -34.78 12.16
C LYS E 838 7.26 -35.26 12.73
N SER E 839 6.97 -36.54 12.57
CA SER E 839 5.70 -37.09 13.04
C SER E 839 5.58 -36.99 14.55
N LYS E 840 4.37 -36.65 15.01
CA LYS E 840 4.05 -36.62 16.43
C LYS E 840 3.80 -38.01 17.02
N GLU E 841 3.73 -39.04 16.19
CA GLU E 841 3.45 -40.39 16.68
C GLU E 841 4.69 -41.07 17.22
N TYR E 842 4.63 -41.46 18.49
CA TYR E 842 5.62 -42.35 19.11
C TYR E 842 5.89 -43.59 18.28
N GLN E 843 7.18 -43.86 18.06
CA GLN E 843 7.62 -45.08 17.41
C GLN E 843 8.33 -45.96 18.45
N SER E 844 7.97 -47.23 18.49
CA SER E 844 8.56 -48.22 19.39
C SER E 844 9.78 -48.81 18.69
N ALA F 44 30.54 -20.76 43.47
CA ALA F 44 29.27 -20.29 44.06
C ALA F 44 28.50 -19.74 42.83
N ALA F 45 27.30 -19.21 43.00
CA ALA F 45 26.59 -18.46 41.89
C ALA F 45 26.05 -19.33 40.77
N GLY F 46 26.96 -19.86 39.95
CA GLY F 46 26.65 -20.90 38.99
C GLY F 46 27.08 -22.30 39.38
N VAL F 47 26.45 -23.26 38.73
CA VAL F 47 26.85 -24.65 38.79
C VAL F 47 28.20 -24.80 38.11
N GLU F 48 29.11 -25.50 38.77
CA GLU F 48 30.46 -25.73 38.24
C GLU F 48 30.53 -27.04 37.48
N TYR F 49 30.49 -26.96 36.15
CA TYR F 49 30.55 -28.16 35.31
C TYR F 49 31.99 -28.63 35.11
N PRO F 50 32.23 -29.94 35.22
CA PRO F 50 33.52 -30.48 34.88
C PRO F 50 33.67 -30.62 33.37
N ALA F 51 34.91 -30.52 32.91
CA ALA F 51 35.23 -30.75 31.50
C ALA F 51 35.66 -32.20 31.35
N ASN F 52 34.73 -33.06 30.95
CA ASN F 52 34.97 -34.50 30.86
C ASN F 52 35.11 -34.99 29.43
N ARG F 53 36.13 -35.80 29.20
CA ARG F 53 36.30 -36.53 27.95
C ARG F 53 35.22 -37.59 27.89
N LEU F 54 34.48 -37.64 26.79
CA LEU F 54 33.43 -38.65 26.61
C LEU F 54 33.84 -39.72 25.60
N ALA F 55 34.39 -39.28 24.47
CA ALA F 55 34.83 -40.18 23.41
C ALA F 55 35.72 -39.44 22.43
N ASN F 56 36.22 -40.19 21.45
CA ASN F 56 36.95 -39.59 20.32
C ASN F 56 36.04 -39.66 19.09
N ILE F 57 36.17 -38.66 18.23
CA ILE F 57 35.35 -38.57 17.01
C ILE F 57 35.37 -39.83 16.13
N SER F 58 36.49 -40.55 16.16
CA SER F 58 36.67 -41.78 15.37
C SER F 58 35.83 -42.96 15.87
N GLU F 59 35.27 -42.84 17.07
CA GLU F 59 34.44 -43.92 17.65
C GLU F 59 33.01 -43.92 17.09
N LEU F 60 32.57 -42.78 16.55
CA LEU F 60 31.17 -42.61 16.14
C LEU F 60 30.94 -43.06 14.70
N THR F 61 29.85 -43.79 14.49
CA THR F 61 29.41 -44.13 13.15
C THR F 61 28.15 -43.33 12.86
N LEU F 62 27.96 -42.94 11.61
CA LEU F 62 26.80 -42.17 11.19
C LEU F 62 25.51 -42.84 11.68
N ASN F 63 24.74 -42.10 12.48
CA ASN F 63 23.39 -42.48 12.91
C ASN F 63 23.34 -43.66 13.89
N GLU F 64 24.45 -43.90 14.58
CA GLU F 64 24.51 -44.95 15.60
C GLU F 64 24.94 -44.35 16.93
N PRO F 65 23.99 -44.11 17.84
CA PRO F 65 24.29 -43.45 19.11
C PRO F 65 25.27 -44.20 19.99
N LEU F 66 26.19 -43.45 20.59
CA LEU F 66 27.21 -44.01 21.49
C LEU F 66 26.88 -43.69 22.93
N ASP F 67 26.68 -44.71 23.75
CA ASP F 67 26.32 -44.51 25.15
C ASP F 67 27.43 -43.77 25.88
N VAL F 68 27.03 -42.82 26.72
CA VAL F 68 27.95 -42.03 27.52
C VAL F 68 27.23 -41.57 28.79
N ALA F 69 27.96 -40.98 29.72
CA ALA F 69 27.38 -40.37 30.91
C ALA F 69 28.00 -39.01 31.20
N TYR F 70 27.15 -38.01 31.43
CA TYR F 70 27.60 -36.66 31.76
C TYR F 70 26.51 -35.91 32.53
N PRO F 71 26.89 -35.14 33.57
CA PRO F 71 28.23 -34.86 34.11
C PRO F 71 28.79 -35.84 35.12
N ASP F 72 28.14 -37.00 35.27
CA ASP F 72 28.71 -38.08 36.06
C ASP F 72 28.19 -39.45 35.63
N GLU F 73 28.81 -40.47 36.21
CA GLU F 73 28.47 -41.89 36.01
C GLU F 73 26.94 -42.16 35.91
N ASP F 74 26.14 -41.43 36.69
CA ASP F 74 24.71 -41.73 36.86
C ASP F 74 23.76 -41.02 35.90
N ALA F 75 24.32 -40.24 34.99
CA ALA F 75 23.53 -39.39 34.11
C ALA F 75 23.60 -39.86 32.67
N ALA F 76 22.80 -40.84 32.32
CA ALA F 76 22.89 -41.51 31.04
C ALA F 76 22.59 -40.55 29.87
N GLY F 77 23.45 -40.61 28.86
CA GLY F 77 23.24 -39.88 27.62
C GLY F 77 23.86 -40.60 26.42
N VAL F 78 23.78 -39.96 25.26
CA VAL F 78 24.39 -40.49 24.04
C VAL F 78 25.10 -39.38 23.24
N LEU F 79 26.13 -39.78 22.51
CA LEU F 79 26.67 -38.97 21.42
C LEU F 79 26.11 -39.54 20.13
N LEU F 80 25.85 -38.67 19.16
CA LEU F 80 25.19 -39.09 17.92
C LEU F 80 25.69 -38.25 16.77
N LYS F 81 26.21 -38.90 15.73
CA LYS F 81 26.60 -38.24 14.49
C LYS F 81 25.46 -38.32 13.51
N LEU F 82 24.95 -37.15 13.11
CA LEU F 82 23.69 -37.06 12.34
C LEU F 82 23.85 -36.95 10.82
N GLY F 83 25.01 -36.55 10.35
CA GLY F 83 25.31 -36.49 8.91
C GLY F 83 24.95 -35.17 8.24
N THR F 84 24.40 -34.25 9.01
CA THR F 84 23.98 -32.94 8.52
C THR F 84 24.21 -31.88 9.60
N ARG F 85 24.49 -30.64 9.20
CA ARG F 85 24.81 -29.57 10.16
C ARG F 85 23.57 -29.16 10.97
N VAL F 86 23.69 -29.16 12.29
CA VAL F 86 22.53 -28.98 13.18
C VAL F 86 22.89 -28.23 14.45
N GLU F 87 21.89 -27.69 15.12
CA GLU F 87 22.15 -26.80 16.26
C GLU F 87 22.81 -27.54 17.44
N GLY F 88 23.90 -26.96 17.94
CA GLY F 88 24.70 -27.56 19.01
C GLY F 88 25.69 -28.59 18.51
N GLY F 89 25.71 -28.81 17.20
CA GLY F 89 26.53 -29.87 16.62
C GLY F 89 27.96 -29.42 16.45
N VAL F 90 28.89 -30.36 16.63
CA VAL F 90 30.33 -30.06 16.55
C VAL F 90 31.03 -31.02 15.58
N GLY F 91 32.34 -30.83 15.43
CA GLY F 91 33.14 -31.61 14.48
C GLY F 91 33.20 -30.87 13.17
N PRO F 92 33.99 -31.38 12.21
CA PRO F 92 34.14 -30.67 10.94
C PRO F 92 32.82 -30.52 10.16
N ASP F 93 31.95 -31.52 10.25
CA ASP F 93 30.66 -31.48 9.54
C ASP F 93 29.55 -30.85 10.38
N GLY F 94 29.88 -30.55 11.65
CA GLY F 94 28.97 -29.86 12.57
C GLY F 94 27.74 -30.67 12.94
N ASP F 95 27.90 -31.98 12.97
CA ASP F 95 26.77 -32.90 13.11
C ASP F 95 26.84 -33.84 14.31
N ILE F 96 27.84 -33.65 15.17
CA ILE F 96 27.97 -34.47 16.37
C ILE F 96 27.24 -33.75 17.51
N VAL F 97 26.18 -34.37 18.00
CA VAL F 97 25.43 -33.82 19.12
C VAL F 97 25.49 -34.77 20.30
N GLY F 98 25.15 -34.26 21.47
CA GLY F 98 25.07 -35.06 22.70
C GLY F 98 23.85 -34.69 23.51
N PHE F 99 23.12 -35.70 23.97
CA PHE F 99 21.91 -35.49 24.74
C PHE F 99 21.80 -36.39 25.94
N SER F 100 21.04 -35.92 26.94
CA SER F 100 20.53 -36.81 27.98
C SER F 100 19.55 -37.78 27.33
N THR F 101 19.59 -39.02 27.79
CA THR F 101 18.85 -40.12 27.20
C THR F 101 17.72 -40.54 28.11
N ILE F 102 17.54 -39.77 29.19
CA ILE F 102 16.52 -40.03 30.19
C ILE F 102 15.39 -39.01 30.06
N CYS F 103 14.18 -39.50 29.83
CA CYS F 103 13.04 -38.63 29.57
C CYS F 103 12.83 -37.60 30.68
N PRO F 104 12.69 -36.33 30.32
CA PRO F 104 12.57 -35.30 31.35
C PRO F 104 11.18 -35.19 32.00
N HIS F 105 10.24 -35.99 31.53
CA HIS F 105 8.87 -36.03 32.08
C HIS F 105 8.87 -36.88 33.32
N LYS F 106 9.01 -38.20 33.17
CA LYS F 106 9.04 -39.11 34.32
C LYS F 106 10.26 -40.05 34.39
N GLY F 107 11.24 -39.86 33.51
CA GLY F 107 12.55 -40.51 33.68
C GLY F 107 12.75 -41.88 33.07
N PHE F 108 11.87 -42.27 32.15
CA PHE F 108 12.04 -43.53 31.42
C PHE F 108 13.22 -43.36 30.45
N PRO F 109 13.95 -44.46 30.16
CA PRO F 109 15.02 -44.36 29.18
C PRO F 109 14.47 -44.24 27.76
N LEU F 110 15.00 -43.30 27.00
CA LEU F 110 14.55 -43.08 25.64
C LEU F 110 15.16 -44.11 24.69
N SER F 111 14.38 -44.50 23.70
CA SER F 111 14.85 -45.34 22.60
C SER F 111 15.03 -44.46 21.37
N TYR F 112 15.99 -44.82 20.54
CA TYR F 112 16.31 -44.07 19.34
C TYR F 112 15.76 -44.79 18.11
N SER F 113 15.07 -44.06 17.26
CA SER F 113 14.64 -44.57 15.97
C SER F 113 15.58 -44.06 14.90
N ALA F 114 16.20 -44.99 14.19
CA ALA F 114 17.24 -44.66 13.21
C ALA F 114 16.62 -44.12 11.92
N ASP F 115 15.46 -44.66 11.53
CA ASP F 115 14.78 -44.25 10.28
C ASP F 115 14.21 -42.83 10.36
N ASN F 116 13.85 -42.43 11.57
CA ASN F 116 13.18 -41.17 11.86
C ASN F 116 14.13 -40.11 12.39
N LYS F 117 15.21 -40.59 12.98
CA LYS F 117 16.15 -39.77 13.77
C LYS F 117 15.41 -39.04 14.86
N THR F 118 14.78 -39.81 15.74
CA THR F 118 14.07 -39.26 16.87
C THR F 118 14.33 -40.10 18.11
N PHE F 119 14.24 -39.46 19.27
CA PHE F 119 14.21 -40.19 20.54
C PHE F 119 12.75 -40.36 20.96
N ASN F 120 12.40 -41.56 21.40
CA ASN F 120 11.03 -41.92 21.66
C ASN F 120 10.87 -42.46 23.07
N CYS F 121 9.82 -42.01 23.76
CA CYS F 121 9.60 -42.44 25.13
C CYS F 121 8.44 -43.43 25.33
N PRO F 122 8.74 -44.62 25.88
CA PRO F 122 7.73 -45.64 26.03
C PRO F 122 6.78 -45.41 27.21
N GLY F 123 7.06 -44.40 28.02
CA GLY F 123 6.27 -44.14 29.21
C GLY F 123 4.95 -43.51 28.83
N HIS F 124 5.03 -42.34 28.21
CA HIS F 124 3.86 -41.59 27.81
C HIS F 124 4.00 -40.95 26.44
N PHE F 125 4.76 -41.62 25.59
CA PHE F 125 4.71 -41.45 24.13
C PHE F 125 5.30 -40.15 23.60
N SER F 126 6.22 -39.57 24.36
CA SER F 126 6.92 -38.36 23.94
C SER F 126 7.91 -38.66 22.80
N VAL F 127 8.17 -37.63 22.00
CA VAL F 127 9.08 -37.72 20.86
C VAL F 127 9.94 -36.49 20.83
N PHE F 128 11.25 -36.69 20.71
CA PHE F 128 12.25 -35.60 20.69
C PHE F 128 13.10 -35.64 19.43
N ASP F 129 13.44 -34.46 18.91
CA ASP F 129 14.19 -34.34 17.64
C ASP F 129 15.63 -33.85 17.83
N PRO F 130 16.61 -34.76 17.73
CA PRO F 130 17.98 -34.33 17.95
C PRO F 130 18.58 -33.54 16.79
N GLU F 131 17.88 -33.48 15.67
CA GLU F 131 18.29 -32.62 14.56
C GLU F 131 17.83 -31.17 14.75
N LYS F 132 17.01 -30.94 15.78
CA LYS F 132 16.51 -29.59 16.10
C LYS F 132 16.66 -29.26 17.59
N GLY F 133 17.87 -29.42 18.12
CA GLY F 133 18.19 -29.05 19.50
C GLY F 133 17.47 -29.84 20.58
N GLY F 134 16.98 -31.02 20.21
CA GLY F 134 16.20 -31.87 21.10
C GLY F 134 14.76 -31.39 21.30
N GLN F 135 14.22 -30.68 20.33
CA GLN F 135 12.84 -30.18 20.47
C GLN F 135 11.85 -31.32 20.66
N GLN F 136 11.00 -31.20 21.67
CA GLN F 136 9.90 -32.12 21.85
C GLN F 136 8.93 -31.96 20.68
N VAL F 137 8.92 -32.96 19.80
CA VAL F 137 8.00 -32.94 18.65
C VAL F 137 6.57 -33.05 19.20
N TRP F 138 6.42 -33.90 20.20
CA TRP F 138 5.15 -34.10 20.89
C TRP F 138 5.47 -34.78 22.17
N GLY F 139 4.85 -34.39 23.26
CA GLY F 139 5.11 -35.08 24.54
C GLY F 139 4.59 -34.40 25.79
N GLN F 140 4.91 -34.99 26.93
CA GLN F 140 4.40 -34.50 28.22
C GLN F 140 5.45 -33.75 29.04
N ALA F 141 6.69 -33.74 28.58
CA ALA F 141 7.72 -32.97 29.26
C ALA F 141 7.50 -31.48 29.02
N THR F 142 7.80 -30.67 30.04
CA THR F 142 7.83 -29.21 29.88
C THR F 142 9.22 -28.71 29.48
N GLN F 143 10.08 -29.62 29.05
CA GLN F 143 11.45 -29.31 28.64
C GLN F 143 11.73 -29.99 27.32
N ASN F 144 12.54 -29.34 26.50
CA ASN F 144 13.15 -30.00 25.36
C ASN F 144 14.32 -30.83 25.89
N LEU F 145 14.81 -31.75 25.08
CA LEU F 145 15.79 -32.73 25.58
C LEU F 145 17.08 -32.00 25.98
N PRO F 146 17.57 -32.23 27.21
CA PRO F 146 18.80 -31.59 27.64
C PRO F 146 19.99 -31.97 26.78
N GLN F 147 20.69 -30.98 26.27
CA GLN F 147 21.71 -31.15 25.27
C GLN F 147 23.07 -30.73 25.86
N TYR F 148 24.11 -31.47 25.51
CA TYR F 148 25.44 -31.18 26.01
C TYR F 148 26.12 -30.06 25.21
N VAL F 149 26.87 -29.21 25.91
CA VAL F 149 27.77 -28.26 25.27
C VAL F 149 29.07 -29.01 25.01
N LEU F 150 29.33 -29.29 23.74
CA LEU F 150 30.45 -30.12 23.32
C LEU F 150 31.59 -29.30 22.73
N ARG F 151 32.80 -29.86 22.81
CA ARG F 151 34.01 -29.26 22.29
C ARG F 151 34.85 -30.37 21.70
N VAL F 152 35.36 -30.16 20.49
CA VAL F 152 36.23 -31.13 19.84
C VAL F 152 37.68 -30.66 19.89
N ALA F 153 38.51 -31.43 20.56
CA ALA F 153 39.88 -31.04 20.82
C ALA F 153 40.74 -31.13 19.58
N ASP F 154 41.64 -30.16 19.47
CA ASP F 154 43.01 -30.31 18.94
C ASP F 154 43.29 -31.73 18.34
N ASN F 155 43.31 -32.77 19.17
CA ASN F 155 43.56 -34.16 18.69
C ASN F 155 42.38 -34.77 17.88
N GLY F 156 41.46 -35.43 18.59
CA GLY F 156 40.05 -35.57 18.12
C GLY F 156 39.03 -35.89 19.21
N ASP F 157 39.44 -35.65 20.47
CA ASP F 157 38.64 -36.00 21.63
C ASP F 157 37.44 -35.05 21.75
N ILE F 158 36.31 -35.61 22.18
CA ILE F 158 35.11 -34.84 22.41
C ILE F 158 34.87 -34.62 23.89
N PHE F 159 34.78 -33.36 24.28
CA PHE F 159 34.56 -32.98 25.68
C PHE F 159 33.16 -32.41 25.87
N ALA F 160 32.53 -32.72 27.01
CA ALA F 160 31.27 -32.10 27.41
C ALA F 160 31.56 -31.12 28.54
N GLU F 161 31.11 -29.87 28.40
CA GLU F 161 31.39 -28.80 29.37
C GLU F 161 30.15 -28.11 29.94
N GLY F 162 28.99 -28.71 29.72
CA GLY F 162 27.74 -28.15 30.21
C GLY F 162 26.49 -28.82 29.67
N VAL F 163 25.36 -28.42 30.22
CA VAL F 163 24.05 -28.95 29.81
C VAL F 163 23.02 -27.84 29.89
N ASP F 164 22.23 -27.68 28.85
CA ASP F 164 21.36 -26.51 28.70
C ASP F 164 20.00 -26.57 29.40
N GLU F 165 19.72 -27.65 30.13
CA GLU F 165 18.42 -27.82 30.78
C GLU F 165 18.57 -28.80 31.94
N LEU F 166 17.63 -28.83 32.86
CA LEU F 166 17.74 -29.67 34.06
C LEU F 166 17.51 -31.14 33.74
N ILE F 167 18.50 -31.97 34.03
CA ILE F 167 18.45 -33.42 33.82
C ILE F 167 17.44 -34.04 34.78
N TYR F 168 16.69 -35.03 34.32
CA TYR F 168 15.71 -35.69 35.19
C TYR F 168 16.35 -36.30 36.42
N GLY F 169 15.66 -36.17 37.55
CA GLY F 169 15.99 -36.88 38.77
C GLY F 169 17.05 -36.23 39.64
N ARG F 170 17.44 -35.02 39.26
CA ARG F 170 18.38 -34.25 40.07
C ARG F 170 17.96 -32.80 40.08
N LEU F 171 18.06 -32.17 41.25
CA LEU F 171 17.71 -30.76 41.42
C LEU F 171 18.93 -29.85 41.18
N SER F 172 20.04 -30.47 40.84
CA SER F 172 21.22 -29.76 40.41
C SER F 172 21.93 -30.67 39.41
N ASN F 173 22.30 -30.12 38.26
CA ASN F 173 22.94 -30.92 37.23
C ASN F 173 24.26 -31.53 37.70
N VAL F 174 24.97 -30.80 38.57
CA VAL F 174 26.15 -31.35 39.23
C VAL F 174 25.78 -31.67 40.68
N LEU F 175 26.01 -32.91 41.07
CA LEU F 175 25.73 -33.37 42.44
C LEU F 175 27.03 -33.56 43.24
N ALA G 2 -37.47 21.53 -30.54
CA ALA G 2 -37.28 22.83 -29.84
C ALA G 2 -38.43 23.04 -28.89
N PHE G 3 -38.15 23.65 -27.74
CA PHE G 3 -39.19 23.93 -26.78
C PHE G 3 -40.11 25.04 -27.27
N LYS G 4 -41.41 24.80 -27.19
CA LYS G 4 -42.39 25.76 -27.63
C LYS G 4 -43.53 25.80 -26.61
N ARG G 5 -43.86 26.98 -26.15
CA ARG G 5 -44.87 27.13 -25.10
C ARG G 5 -46.28 26.87 -25.57
N HIS G 6 -46.53 27.07 -26.86
CA HIS G 6 -47.86 26.93 -27.48
C HIS G 6 -48.89 27.88 -26.91
N ILE G 7 -48.45 29.07 -26.53
CA ILE G 7 -49.34 30.11 -26.02
C ILE G 7 -49.71 31.07 -27.17
N ASP G 8 -50.92 30.89 -27.71
CA ASP G 8 -51.41 31.65 -28.87
C ASP G 8 -51.71 33.13 -28.60
N ARG G 9 -52.05 33.45 -27.36
CA ARG G 9 -52.39 34.81 -27.01
C ARG G 9 -52.27 35.04 -25.52
N LEU G 10 -52.07 36.31 -25.18
CA LEU G 10 -51.84 36.72 -23.81
C LEU G 10 -52.87 37.77 -23.40
N PRO G 11 -53.24 37.79 -22.11
CA PRO G 11 -54.16 38.83 -21.66
C PRO G 11 -53.56 40.19 -21.90
N ILE G 12 -54.39 41.13 -22.33
CA ILE G 12 -53.97 42.51 -22.58
C ILE G 12 -53.97 43.32 -21.29
N ILE G 13 -52.86 44.02 -21.02
CA ILE G 13 -52.77 44.92 -19.85
C ILE G 13 -53.77 46.05 -20.01
N PRO G 14 -54.70 46.22 -19.05
CA PRO G 14 -55.70 47.26 -19.14
C PRO G 14 -55.18 48.66 -18.80
N ALA G 15 -55.95 49.68 -19.13
CA ALA G 15 -55.58 51.08 -18.88
C ALA G 15 -55.34 51.39 -17.41
N ASP G 16 -56.07 50.72 -16.52
CA ASP G 16 -55.98 50.98 -15.08
C ASP G 16 -55.13 49.95 -14.30
N ALA G 17 -54.24 49.25 -14.98
CA ALA G 17 -53.31 48.34 -14.30
C ALA G 17 -52.47 49.10 -13.30
N LYS G 18 -52.10 48.44 -12.19
CA LYS G 18 -51.20 49.04 -11.20
C LYS G 18 -49.77 48.92 -11.69
N LYS G 19 -49.05 50.05 -11.69
CA LYS G 19 -47.67 50.09 -12.20
C LYS G 19 -46.67 50.05 -11.07
N HIS G 20 -45.65 49.22 -11.22
CA HIS G 20 -44.56 49.12 -10.26
C HIS G 20 -43.23 49.30 -10.91
N ASN G 21 -42.36 50.10 -10.33
CA ASN G 21 -40.99 50.21 -10.84
C ASN G 21 -40.20 48.98 -10.44
N VAL G 22 -39.51 48.35 -11.40
CA VAL G 22 -38.76 47.16 -11.13
C VAL G 22 -37.41 47.20 -11.82
N THR G 23 -36.34 46.98 -11.04
CA THR G 23 -35.02 46.73 -11.61
C THR G 23 -34.86 45.24 -11.86
N CYS G 24 -34.22 44.88 -12.96
CA CYS G 24 -33.94 43.48 -13.24
C CYS G 24 -33.33 42.78 -12.06
N HIS G 25 -33.79 41.56 -11.81
CA HIS G 25 -33.33 40.78 -10.67
C HIS G 25 -31.87 40.41 -10.73
N PHE G 26 -31.31 40.44 -11.92
CA PHE G 26 -30.12 39.66 -12.17
C PHE G 26 -28.87 40.53 -12.32
N CYS G 27 -28.40 40.76 -13.55
CA CYS G 27 -27.02 41.18 -13.75
C CYS G 27 -26.75 42.65 -13.41
N ILE G 28 -25.47 42.98 -13.32
CA ILE G 28 -24.97 44.33 -12.94
C ILE G 28 -25.61 45.51 -13.68
N VAL G 29 -26.05 45.30 -14.91
CA VAL G 29 -26.51 46.40 -15.76
C VAL G 29 -27.74 47.09 -15.15
N GLY G 30 -28.56 46.30 -14.47
CA GLY G 30 -29.72 46.85 -13.77
C GLY G 30 -30.72 47.54 -14.67
N CYS G 31 -31.08 46.88 -15.75
CA CYS G 31 -32.09 47.40 -16.69
C CYS G 31 -33.42 47.71 -16.00
N GLY G 32 -34.07 48.76 -16.48
CA GLY G 32 -35.35 49.21 -15.93
C GLY G 32 -36.54 48.46 -16.52
N TYR G 33 -37.46 48.06 -15.66
CA TYR G 33 -38.69 47.40 -16.04
C TYR G 33 -39.87 48.01 -15.28
N HIS G 34 -41.06 47.66 -15.71
CA HIS G 34 -42.27 47.92 -14.94
C HIS G 34 -43.02 46.64 -14.82
N ALA G 35 -43.59 46.40 -13.64
CA ALA G 35 -44.51 45.29 -13.44
C ALA G 35 -45.93 45.86 -13.37
N TYR G 36 -46.80 45.42 -14.28
CA TYR G 36 -48.19 45.83 -14.30
C TYR G 36 -49.05 44.69 -13.80
N THR G 37 -49.97 44.97 -12.89
CA THR G 37 -50.83 43.95 -12.30
C THR G 37 -52.26 44.38 -12.28
N TRP G 38 -53.17 43.42 -12.41
CA TRP G 38 -54.60 43.72 -12.38
C TRP G 38 -55.38 42.48 -12.03
N PRO G 39 -56.63 42.66 -11.56
CA PRO G 39 -57.34 41.51 -11.02
C PRO G 39 -57.50 40.39 -12.02
N ILE G 40 -57.32 39.17 -11.54
CA ILE G 40 -57.61 37.96 -12.30
C ILE G 40 -59.05 38.14 -12.77
N ASN G 41 -59.38 37.70 -13.98
CA ASN G 41 -60.79 37.88 -14.48
C ASN G 41 -61.30 39.35 -14.66
N LYS G 42 -60.38 40.30 -14.72
CA LYS G 42 -60.57 41.54 -15.47
C LYS G 42 -59.53 41.51 -16.57
N GLN G 43 -59.72 42.30 -17.63
CA GLN G 43 -58.72 42.37 -18.69
C GLN G 43 -58.82 43.61 -19.56
N GLY G 44 -57.73 43.88 -20.25
CA GLY G 44 -57.68 44.98 -21.21
C GLY G 44 -58.27 44.54 -22.52
N GLY G 45 -58.55 45.53 -23.37
CA GLY G 45 -59.12 45.29 -24.67
C GLY G 45 -58.19 45.78 -25.76
N THR G 46 -58.64 45.59 -26.98
CA THR G 46 -57.81 45.81 -28.15
C THR G 46 -57.79 47.28 -28.56
N ASP G 47 -58.85 48.02 -28.25
CA ASP G 47 -58.92 49.44 -28.57
C ASP G 47 -58.04 50.26 -27.63
N PRO G 48 -57.49 51.39 -28.14
CA PRO G 48 -56.50 52.20 -27.41
C PRO G 48 -56.93 52.60 -25.99
N GLN G 49 -58.19 52.99 -25.86
CA GLN G 49 -58.77 53.41 -24.56
C GLN G 49 -58.80 52.29 -23.50
N ASN G 50 -58.75 51.03 -23.95
CA ASN G 50 -58.87 49.86 -23.06
C ASN G 50 -57.56 49.11 -22.77
N ASN G 51 -56.43 49.75 -23.05
CA ASN G 51 -55.14 49.16 -22.69
C ASN G 51 -54.11 50.21 -22.28
N ILE G 52 -53.08 49.75 -21.59
CA ILE G 52 -52.06 50.61 -20.99
C ILE G 52 -51.22 51.38 -22.00
N PHE G 53 -51.16 50.90 -23.24
CA PHE G 53 -50.31 51.52 -24.27
C PHE G 53 -50.96 52.65 -25.04
N GLY G 54 -52.29 52.68 -25.06
CA GLY G 54 -53.01 53.67 -25.86
C GLY G 54 -52.85 53.40 -27.36
N VAL G 55 -52.85 52.13 -27.72
CA VAL G 55 -52.56 51.68 -29.08
C VAL G 55 -53.61 50.65 -29.54
N ASP G 56 -53.91 50.62 -30.83
CA ASP G 56 -54.83 49.61 -31.41
C ASP G 56 -54.11 48.27 -31.53
N LEU G 57 -54.41 47.37 -30.59
CA LEU G 57 -53.73 46.08 -30.51
C LEU G 57 -54.27 45.02 -31.48
N SER G 58 -55.27 45.36 -32.29
CA SER G 58 -55.78 44.46 -33.33
C SER G 58 -54.93 44.50 -34.62
N GLU G 59 -53.85 45.30 -34.59
CA GLU G 59 -52.90 45.41 -35.72
C GLU G 59 -51.50 44.99 -35.32
N GLN G 60 -50.81 44.34 -36.25
CA GLN G 60 -49.39 43.99 -36.09
C GLN G 60 -48.58 45.22 -35.68
N GLN G 61 -47.79 45.08 -34.63
CA GLN G 61 -46.90 46.18 -34.22
C GLN G 61 -45.60 46.12 -35.00
N GLN G 62 -45.01 47.30 -35.23
CA GLN G 62 -43.74 47.39 -35.95
C GLN G 62 -42.58 47.03 -35.03
N ALA G 63 -41.38 46.94 -35.62
CA ALA G 63 -40.18 46.60 -34.87
C ALA G 63 -39.95 47.56 -33.70
N GLU G 64 -39.43 47.01 -32.60
CA GLU G 64 -39.04 47.80 -31.43
C GLU G 64 -40.23 48.47 -30.71
N SER G 65 -41.43 47.94 -30.93
CA SER G 65 -42.63 48.50 -30.32
C SER G 65 -42.63 48.33 -28.80
N ASP G 66 -43.08 49.36 -28.09
CA ASP G 66 -43.31 49.27 -26.66
C ASP G 66 -44.58 48.47 -26.39
N ALA G 67 -45.47 48.40 -27.38
CA ALA G 67 -46.79 47.79 -27.21
C ALA G 67 -46.82 46.27 -27.48
N TRP G 68 -45.90 45.55 -26.85
CA TRP G 68 -45.85 44.10 -26.97
C TRP G 68 -45.06 43.50 -25.85
N TYR G 69 -45.38 42.26 -25.52
CA TYR G 69 -44.61 41.51 -24.54
C TYR G 69 -44.65 40.01 -24.83
N SER G 70 -43.59 39.31 -24.49
CA SER G 70 -43.50 37.89 -24.82
C SER G 70 -44.14 37.11 -23.69
N PRO G 71 -44.51 35.84 -23.95
CA PRO G 71 -45.08 34.98 -22.93
C PRO G 71 -44.26 34.91 -21.64
N SER G 72 -42.94 34.91 -21.73
CA SER G 72 -42.10 34.84 -20.52
C SER G 72 -42.17 36.12 -19.66
N MET G 73 -42.77 37.17 -20.20
CA MET G 73 -43.02 38.40 -19.43
C MET G 73 -44.38 38.41 -18.74
N TYR G 74 -45.16 37.35 -18.95
CA TYR G 74 -46.52 37.23 -18.39
C TYR G 74 -46.61 36.09 -17.40
N ASN G 75 -47.35 36.30 -16.31
CA ASN G 75 -47.67 35.23 -15.37
C ASN G 75 -48.89 35.63 -14.53
N VAL G 76 -49.34 34.72 -13.66
CA VAL G 76 -50.35 35.03 -12.65
C VAL G 76 -49.77 34.76 -11.29
N VAL G 77 -49.84 35.75 -10.41
CA VAL G 77 -49.19 35.69 -9.09
C VAL G 77 -50.10 36.22 -7.98
N LYS G 78 -49.81 35.79 -6.75
CA LYS G 78 -50.55 36.29 -5.58
C LYS G 78 -50.09 37.71 -5.21
N GLN G 79 -51.06 38.58 -4.93
CA GLN G 79 -50.81 39.96 -4.47
C GLN G 79 -51.82 40.31 -3.40
N ASP G 80 -51.33 40.58 -2.20
CA ASP G 80 -52.19 40.77 -1.03
C ASP G 80 -53.29 39.70 -0.90
N GLY G 81 -52.91 38.44 -1.08
CA GLY G 81 -53.83 37.30 -0.91
C GLY G 81 -54.67 36.92 -2.13
N ARG G 82 -54.62 37.73 -3.18
CA ARG G 82 -55.44 37.49 -4.38
C ARG G 82 -54.57 37.19 -5.59
N ASP G 83 -55.04 36.28 -6.44
CA ASP G 83 -54.36 36.07 -7.71
C ASP G 83 -54.59 37.30 -8.62
N VAL G 84 -53.52 37.77 -9.26
CA VAL G 84 -53.57 38.87 -10.22
C VAL G 84 -52.74 38.50 -11.43
N HIS G 85 -53.08 39.05 -12.59
CA HIS G 85 -52.20 38.99 -13.76
C HIS G 85 -51.05 39.90 -13.51
N VAL G 86 -49.87 39.54 -14.01
CA VAL G 86 -48.70 40.43 -13.98
C VAL G 86 -48.00 40.38 -15.32
N VAL G 87 -47.52 41.54 -15.78
CA VAL G 87 -46.59 41.61 -16.91
C VAL G 87 -45.37 42.42 -16.48
N ILE G 88 -44.19 41.82 -16.63
CA ILE G 88 -42.95 42.48 -16.25
C ILE G 88 -42.20 42.75 -17.53
N LYS G 89 -42.13 44.02 -17.87
CA LYS G 89 -41.88 44.51 -19.21
C LYS G 89 -40.74 45.51 -19.11
N PRO G 90 -39.74 45.44 -20.00
CA PRO G 90 -38.72 46.48 -19.93
C PRO G 90 -39.26 47.89 -20.22
N ASP G 91 -38.66 48.87 -19.54
CA ASP G 91 -39.02 50.29 -19.60
C ASP G 91 -38.28 50.96 -20.76
N HIS G 92 -39.05 51.50 -21.71
CA HIS G 92 -38.51 52.28 -22.83
C HIS G 92 -37.79 53.53 -22.39
N GLU G 93 -38.28 54.15 -21.32
CA GLU G 93 -37.75 55.45 -20.83
C GLU G 93 -36.48 55.36 -19.98
N CYS G 94 -36.13 54.16 -19.53
CA CYS G 94 -34.94 53.97 -18.69
C CYS G 94 -33.67 54.18 -19.51
N VAL G 95 -32.79 55.05 -19.03
CA VAL G 95 -31.58 55.40 -19.78
C VAL G 95 -30.54 54.28 -19.81
N VAL G 96 -30.67 53.31 -18.90
CA VAL G 96 -29.79 52.15 -18.92
C VAL G 96 -30.01 51.26 -20.16
N ASN G 97 -31.23 50.77 -20.32
CA ASN G 97 -31.57 49.79 -21.35
C ASN G 97 -32.38 50.32 -22.55
N SER G 98 -33.02 51.48 -22.37
CA SER G 98 -33.86 52.07 -23.43
C SER G 98 -34.86 51.07 -24.06
N GLY G 99 -35.45 50.22 -23.22
CA GLY G 99 -36.47 49.27 -23.67
C GLY G 99 -35.98 47.85 -23.93
N LEU G 100 -34.66 47.68 -24.00
CA LEU G 100 -34.10 46.34 -24.18
C LEU G 100 -34.31 45.51 -22.95
N GLY G 101 -34.51 44.22 -23.16
CA GLY G 101 -34.51 43.22 -22.09
C GLY G 101 -33.73 42.01 -22.57
N SER G 102 -32.85 41.48 -21.73
CA SER G 102 -32.10 40.28 -22.12
C SER G 102 -32.95 39.04 -22.03
N VAL G 103 -32.45 37.97 -22.62
CA VAL G 103 -33.06 36.66 -22.46
C VAL G 103 -33.28 36.30 -20.97
N ARG G 104 -32.50 36.90 -20.09
CA ARG G 104 -32.65 36.68 -18.66
C ARG G 104 -33.72 37.55 -18.04
N GLY G 105 -33.59 38.85 -18.22
CA GLY G 105 -34.53 39.80 -17.63
C GLY G 105 -35.94 39.61 -18.16
N ALA G 106 -36.04 39.28 -19.44
CA ALA G 106 -37.34 39.11 -20.07
C ALA G 106 -38.10 37.90 -19.58
N ARG G 107 -37.50 37.09 -18.72
CA ARG G 107 -38.24 35.94 -18.16
C ARG G 107 -38.43 36.00 -16.62
N MET G 108 -38.30 37.19 -16.04
CA MET G 108 -38.62 37.38 -14.62
C MET G 108 -40.04 36.88 -14.29
N ALA G 109 -41.01 37.18 -15.14
CA ALA G 109 -42.42 36.82 -14.86
C ALA G 109 -42.56 35.32 -14.82
N GLU G 110 -42.06 34.68 -15.85
CA GLU G 110 -42.13 33.22 -16.03
C GLU G 110 -41.29 32.47 -14.99
N THR G 111 -40.29 33.12 -14.41
CA THR G 111 -39.53 32.50 -13.33
C THR G 111 -40.00 32.95 -11.94
N SER G 112 -41.14 33.65 -11.87
CA SER G 112 -41.79 33.97 -10.62
C SER G 112 -42.65 32.78 -10.19
N PHE G 113 -43.01 32.76 -8.91
CA PHE G 113 -43.83 31.69 -8.35
C PHE G 113 -45.29 31.90 -8.68
N SER G 114 -45.90 30.89 -9.30
CA SER G 114 -47.34 30.89 -9.60
C SER G 114 -47.97 29.53 -9.33
N GLU G 115 -48.87 29.48 -8.36
CA GLU G 115 -49.74 28.31 -8.19
C GLU G 115 -50.72 28.15 -9.37
N ALA G 116 -51.16 29.26 -9.92
CA ALA G 116 -52.17 29.23 -10.98
C ALA G 116 -51.62 28.60 -12.24
N ARG G 117 -50.43 29.03 -12.66
CA ARG G 117 -49.85 28.55 -13.92
C ARG G 117 -48.67 27.61 -13.73
N ASN G 118 -48.47 27.17 -12.49
CA ASN G 118 -47.48 26.16 -12.13
C ASN G 118 -46.02 26.48 -12.50
N THR G 119 -45.63 27.73 -12.31
CA THR G 119 -44.23 28.12 -12.50
C THR G 119 -43.45 28.08 -11.18
N GLN G 120 -42.26 27.49 -11.23
CA GLN G 120 -41.33 27.47 -10.10
C GLN G 120 -41.93 26.87 -8.83
N GLN G 121 -42.57 25.72 -8.98
CA GLN G 121 -43.12 25.03 -7.83
C GLN G 121 -42.01 24.52 -6.92
N GLN G 122 -40.78 24.52 -7.41
CA GLN G 122 -39.62 24.16 -6.58
C GLN G 122 -39.44 25.11 -5.42
N ARG G 123 -40.00 26.33 -5.51
CA ARG G 123 -39.75 27.31 -4.45
C ARG G 123 -40.17 26.90 -3.05
N LEU G 124 -39.27 27.17 -2.10
CA LEU G 124 -39.48 26.85 -0.69
C LEU G 124 -40.65 27.64 -0.11
N THR G 125 -41.47 26.96 0.67
CA THR G 125 -42.65 27.58 1.24
C THR G 125 -42.68 27.51 2.77
N ASP G 126 -41.95 26.55 3.35
CA ASP G 126 -41.93 26.34 4.80
C ASP G 126 -40.53 26.05 5.30
N PRO G 127 -40.24 26.39 6.55
CA PRO G 127 -39.01 25.91 7.15
C PRO G 127 -38.98 24.38 7.18
N LEU G 128 -37.81 23.81 6.94
CA LEU G 128 -37.63 22.37 6.99
C LEU G 128 -36.54 22.03 8.03
N VAL G 129 -36.72 20.91 8.72
CA VAL G 129 -35.74 20.41 9.69
C VAL G 129 -35.53 18.92 9.45
N TRP G 130 -34.30 18.47 9.56
CA TRP G 130 -33.98 17.06 9.45
C TRP G 130 -34.41 16.35 10.72
N ARG G 131 -35.43 15.52 10.62
CA ARG G 131 -35.85 14.71 11.75
C ARG G 131 -36.69 13.53 11.31
N TYR G 132 -36.72 12.50 12.14
CA TYR G 132 -37.49 11.30 11.87
C TYR G 132 -37.04 10.60 10.59
N GLY G 133 -35.76 10.81 10.23
CA GLY G 133 -35.16 10.10 9.11
C GLY G 133 -35.07 10.87 7.81
N GLN G 134 -35.72 12.03 7.74
CA GLN G 134 -35.76 12.81 6.49
C GLN G 134 -36.01 14.28 6.80
N MET G 135 -36.02 15.10 5.77
CA MET G 135 -36.36 16.52 5.94
C MET G 135 -37.86 16.61 6.12
N GLN G 136 -38.28 17.45 7.07
CA GLN G 136 -39.69 17.59 7.42
C GLN G 136 -40.06 19.06 7.59
N PRO G 137 -41.25 19.45 7.09
CA PRO G 137 -41.64 20.84 7.29
C PRO G 137 -42.02 21.10 8.74
N THR G 138 -41.89 22.37 9.14
CA THR G 138 -42.24 22.78 10.49
C THR G 138 -42.53 24.28 10.50
N SER G 139 -42.83 24.81 11.69
CA SER G 139 -43.07 26.23 11.90
C SER G 139 -41.75 26.99 12.05
N TRP G 140 -41.84 28.31 11.86
CA TRP G 140 -40.73 29.21 12.07
C TRP G 140 -40.24 29.18 13.50
N ASP G 141 -41.15 29.20 14.45
CA ASP G 141 -40.76 29.20 15.87
C ASP G 141 -39.91 27.96 16.20
N ASP G 142 -40.36 26.81 15.71
CA ASP G 142 -39.63 25.58 15.90
C ASP G 142 -38.25 25.62 15.21
N ALA G 143 -38.23 26.00 13.94
CA ALA G 143 -36.97 25.94 13.18
C ALA G 143 -35.95 26.96 13.71
N LEU G 144 -36.40 28.17 14.02
CA LEU G 144 -35.51 29.21 14.59
C LEU G 144 -35.01 28.83 15.98
N ASP G 145 -35.88 28.22 16.78
CA ASP G 145 -35.47 27.78 18.12
C ASP G 145 -34.32 26.79 18.00
N LEU G 146 -34.42 25.85 17.06
CA LEU G 146 -33.37 24.84 16.91
C LEU G 146 -32.05 25.49 16.49
N VAL G 147 -32.10 26.31 15.45
CA VAL G 147 -30.92 26.99 14.95
C VAL G 147 -30.27 27.82 16.06
N ALA G 148 -31.07 28.57 16.81
CA ALA G 148 -30.55 29.43 17.88
C ALA G 148 -29.88 28.63 19.00
N ARG G 149 -30.56 27.58 19.44
CA ARG G 149 -30.04 26.75 20.53
C ARG G 149 -28.72 26.07 20.20
N VAL G 150 -28.63 25.47 19.01
CA VAL G 150 -27.38 24.84 18.61
C VAL G 150 -26.30 25.90 18.47
N THR G 151 -26.58 26.99 17.77
CA THR G 151 -25.58 28.04 17.53
C THR G 151 -25.09 28.61 18.86
N ALA G 152 -26.01 28.88 19.78
CA ALA G 152 -25.69 29.51 21.06
C ALA G 152 -24.81 28.62 21.90
N LYS G 153 -25.16 27.34 21.96
CA LYS G 153 -24.38 26.35 22.69
C LYS G 153 -22.94 26.27 22.17
N ILE G 154 -22.80 26.20 20.84
CA ILE G 154 -21.49 26.05 20.22
C ILE G 154 -20.62 27.30 20.43
N VAL G 155 -21.24 28.46 20.29
CA VAL G 155 -20.55 29.72 20.48
C VAL G 155 -20.14 29.95 21.94
N LYS G 156 -21.00 29.54 22.89
CA LYS G 156 -20.63 29.57 24.30
C LYS G 156 -19.51 28.60 24.66
N GLU G 157 -19.56 27.40 24.09
CA GLU G 157 -18.60 26.36 24.46
C GLU G 157 -17.25 26.52 23.75
N LYS G 158 -17.28 26.98 22.51
CA LYS G 158 -16.07 26.98 21.66
C LYS G 158 -15.65 28.34 21.15
N GLY G 159 -16.45 29.37 21.42
CA GLY G 159 -16.21 30.72 20.94
C GLY G 159 -16.90 30.95 19.59
N GLU G 160 -16.99 32.21 19.20
CA GLU G 160 -17.58 32.57 17.90
C GLU G 160 -16.83 32.03 16.68
N ASP G 161 -15.55 31.69 16.83
CA ASP G 161 -14.78 31.12 15.73
C ASP G 161 -15.38 29.81 15.25
N ALA G 162 -16.15 29.15 16.11
CA ALA G 162 -16.80 27.89 15.74
C ALA G 162 -17.97 28.10 14.77
N LEU G 163 -18.42 29.33 14.65
CA LEU G 163 -19.51 29.67 13.74
C LEU G 163 -18.93 30.07 12.39
N ILE G 164 -19.29 29.33 11.34
CA ILE G 164 -18.82 29.61 9.98
C ILE G 164 -20.01 30.18 9.23
N VAL G 165 -19.78 31.21 8.44
CA VAL G 165 -20.86 31.82 7.69
C VAL G 165 -20.47 31.95 6.23
N SER G 166 -21.41 31.60 5.34
CA SER G 166 -21.26 31.89 3.92
C SER G 166 -22.44 32.77 3.56
N ALA G 167 -22.19 33.94 2.99
CA ALA G 167 -23.28 34.84 2.65
C ALA G 167 -23.03 35.67 1.40
N PHE G 168 -24.10 35.98 0.70
CA PHE G 168 -24.09 36.96 -0.37
C PHE G 168 -23.52 38.24 0.20
N ASP G 169 -22.82 39.01 -0.63
CA ASP G 169 -22.50 40.40 -0.29
C ASP G 169 -23.00 41.34 -1.38
N HIS G 170 -23.79 40.82 -2.30
CA HIS G 170 -24.08 41.54 -3.55
C HIS G 170 -25.44 42.18 -3.54
N GLY G 171 -25.76 42.86 -4.63
CA GLY G 171 -27.05 43.50 -4.80
C GLY G 171 -28.02 42.62 -5.55
N GLY G 172 -29.18 43.20 -5.87
CA GLY G 172 -30.21 42.53 -6.64
C GLY G 172 -30.89 41.38 -5.90
N ALA G 173 -31.68 40.62 -6.63
CA ALA G 173 -32.31 39.43 -6.07
C ALA G 173 -31.26 38.59 -5.32
N GLY G 174 -31.55 38.23 -4.09
CA GLY G 174 -30.61 37.49 -3.26
C GLY G 174 -29.54 38.35 -2.62
N GLY G 175 -29.80 39.65 -2.60
CA GLY G 175 -28.90 40.60 -1.96
C GLY G 175 -29.64 41.93 -1.80
N GLY G 176 -28.87 43.01 -1.92
CA GLY G 176 -29.42 44.35 -1.78
C GLY G 176 -29.11 44.91 -0.41
N TYR G 177 -29.36 46.20 -0.25
CA TYR G 177 -28.94 46.92 0.94
C TYR G 177 -29.69 46.45 2.17
N GLU G 178 -30.98 46.19 2.03
CA GLU G 178 -31.78 45.72 3.15
C GLU G 178 -31.16 44.40 3.66
N ASN G 179 -30.93 43.46 2.76
CA ASN G 179 -30.45 42.12 3.12
C ASN G 179 -28.98 42.01 3.52
N THR G 180 -28.11 42.83 2.94
CA THR G 180 -26.71 42.80 3.36
C THR G 180 -26.55 43.45 4.74
N TRP G 181 -27.39 44.43 5.02
CA TRP G 181 -27.40 45.05 6.34
C TRP G 181 -27.87 44.11 7.41
N GLY G 182 -28.95 43.40 7.15
CA GLY G 182 -29.51 42.46 8.14
C GLY G 182 -28.52 41.37 8.53
N THR G 183 -27.99 40.69 7.55
CA THR G 183 -26.98 39.67 7.80
C THR G 183 -25.71 40.29 8.37
N GLY G 184 -25.30 41.43 7.83
CA GLY G 184 -24.12 42.14 8.34
C GLY G 184 -24.25 42.48 9.82
N LYS G 185 -25.43 42.99 10.20
CA LYS G 185 -25.65 43.43 11.58
C LYS G 185 -25.66 42.23 12.54
N LEU G 186 -26.22 41.13 12.08
CA LEU G 186 -26.23 39.90 12.87
C LEU G 186 -24.80 39.42 13.17
N TYR G 187 -23.97 39.32 12.13
CA TYR G 187 -22.69 38.66 12.26
C TYR G 187 -21.50 39.58 12.60
N PHE G 188 -21.64 40.89 12.35
CA PHE G 188 -20.59 41.87 12.63
C PHE G 188 -20.91 42.85 13.76
N GLU G 189 -22.17 43.11 14.04
CA GLU G 189 -22.54 43.99 15.15
C GLU G 189 -22.88 43.19 16.40
N ALA G 190 -23.89 42.33 16.32
CA ALA G 190 -24.24 41.44 17.43
C ALA G 190 -23.11 40.48 17.74
N MET G 191 -22.47 39.96 16.70
CA MET G 191 -21.35 39.04 16.84
C MET G 191 -20.10 39.63 16.21
N LYS G 192 -18.99 38.92 16.32
CA LYS G 192 -17.75 39.31 15.64
C LYS G 192 -17.18 38.10 14.90
N VAL G 193 -17.96 37.61 13.94
CA VAL G 193 -17.60 36.41 13.17
C VAL G 193 -16.41 36.70 12.22
N LYS G 194 -15.27 36.07 12.52
CA LYS G 194 -14.09 36.07 11.64
C LYS G 194 -14.26 35.12 10.47
N ASN G 195 -14.73 33.92 10.75
CA ASN G 195 -14.70 32.86 9.74
C ASN G 195 -15.93 32.92 8.86
N ILE G 196 -15.94 33.98 8.06
CA ILE G 196 -17.03 34.28 7.17
C ILE G 196 -16.48 34.43 5.74
N ARG G 197 -17.22 33.88 4.77
CA ARG G 197 -16.87 34.03 3.37
C ARG G 197 -18.03 34.58 2.56
N ILE G 198 -17.73 34.96 1.35
CA ILE G 198 -18.69 35.62 0.49
C ILE G 198 -19.18 34.58 -0.53
N HIS G 199 -20.20 34.94 -1.30
CA HIS G 199 -20.81 33.97 -2.17
C HIS G 199 -19.91 33.48 -3.29
N ASN G 200 -18.96 34.30 -3.73
CA ASN G 200 -18.11 33.97 -4.90
C ASN G 200 -16.63 33.77 -4.61
N ARG G 201 -16.27 33.82 -3.33
CA ARG G 201 -14.89 33.67 -2.93
C ARG G 201 -14.78 33.25 -1.47
N PRO G 202 -13.76 32.47 -1.12
CA PRO G 202 -13.74 31.74 0.14
C PRO G 202 -13.16 32.49 1.35
N ALA G 203 -13.17 33.81 1.30
CA ALA G 203 -12.72 34.62 2.43
C ALA G 203 -13.44 35.98 2.36
N TYR G 204 -13.38 36.74 3.45
CA TYR G 204 -14.01 38.05 3.50
C TYR G 204 -13.01 39.08 3.02
N ASN G 205 -12.85 39.13 1.70
CA ASN G 205 -11.95 40.05 1.02
C ASN G 205 -12.69 40.85 -0.06
N SER G 206 -11.98 41.80 -0.66
CA SER G 206 -12.44 42.46 -1.86
C SER G 206 -11.95 41.69 -3.09
N GLU G 207 -12.71 41.77 -4.17
CA GLU G 207 -12.28 41.25 -5.47
C GLU G 207 -11.18 42.13 -6.05
N VAL G 208 -11.10 43.39 -5.61
CA VAL G 208 -10.29 44.41 -6.27
C VAL G 208 -9.48 45.29 -5.30
N HIS G 209 -8.84 44.64 -4.32
CA HIS G 209 -7.93 45.32 -3.41
C HIS G 209 -6.91 46.19 -4.11
N GLY G 210 -6.42 45.74 -5.27
CA GLY G 210 -5.41 46.51 -6.01
C GLY G 210 -5.85 47.91 -6.35
N THR G 211 -6.95 48.02 -7.08
CA THR G 211 -7.44 49.33 -7.46
C THR G 211 -7.79 50.18 -6.22
N ARG G 212 -8.35 49.54 -5.18
CA ARG G 212 -8.77 50.26 -3.98
C ARG G 212 -7.60 50.81 -3.21
N ASP G 213 -6.55 50.01 -3.10
CA ASP G 213 -5.33 50.44 -2.44
C ASP G 213 -4.65 51.62 -3.16
N MET G 214 -4.85 51.67 -4.47
CA MET G 214 -4.29 52.74 -5.29
C MET G 214 -5.08 54.04 -5.19
N GLY G 215 -6.24 53.97 -4.55
CA GLY G 215 -7.12 55.14 -4.38
C GLY G 215 -8.25 55.23 -5.39
N VAL G 216 -8.40 54.20 -6.21
CA VAL G 216 -9.37 54.25 -7.30
C VAL G 216 -10.46 53.18 -7.11
N GLY G 217 -11.60 53.62 -6.59
CA GLY G 217 -12.79 52.79 -6.46
C GLY G 217 -13.15 52.23 -7.84
N GLU G 218 -13.60 50.98 -7.84
CA GLU G 218 -13.72 50.22 -9.06
C GLU G 218 -14.91 50.62 -9.95
N LEU G 219 -15.84 51.41 -9.42
CA LEU G 219 -16.98 51.87 -10.22
C LEU G 219 -16.97 53.39 -10.29
N ASN G 220 -16.07 53.93 -11.10
CA ASN G 220 -15.77 55.37 -11.08
C ASN G 220 -16.39 56.20 -12.21
N ASN G 221 -16.90 55.55 -13.24
CA ASN G 221 -17.39 56.24 -14.43
C ASN G 221 -18.92 56.14 -14.58
N CYS G 222 -19.43 56.51 -15.74
CA CYS G 222 -20.81 56.23 -16.07
C CYS G 222 -20.91 55.53 -17.41
N TYR G 223 -22.08 55.00 -17.70
CA TYR G 223 -22.33 54.20 -18.90
C TYR G 223 -22.26 55.05 -20.17
N GLU G 224 -22.49 56.35 -20.02
CA GLU G 224 -22.35 57.27 -21.15
C GLU G 224 -20.89 57.30 -21.63
N ASP G 225 -19.96 57.04 -20.72
CA ASP G 225 -18.54 57.03 -21.09
C ASP G 225 -18.19 55.98 -22.14
N ALA G 226 -18.91 54.86 -22.14
CA ALA G 226 -18.74 53.84 -23.19
C ALA G 226 -19.17 54.38 -24.56
N GLU G 227 -20.10 55.33 -24.57
CA GLU G 227 -20.54 55.97 -25.82
C GLU G 227 -19.55 57.00 -26.32
N LEU G 228 -18.75 57.56 -25.41
CA LEU G 228 -17.91 58.72 -25.70
C LEU G 228 -16.43 58.43 -25.93
N ALA G 229 -15.94 57.32 -25.43
CA ALA G 229 -14.52 56.96 -25.55
C ALA G 229 -14.10 56.85 -27.01
N ASP G 230 -12.84 57.18 -27.27
CA ASP G 230 -12.22 56.91 -28.57
C ASP G 230 -11.95 55.41 -28.70
N THR G 231 -11.44 54.82 -27.64
CA THR G 231 -11.15 53.39 -27.61
C THR G 231 -11.70 52.77 -26.33
N ILE G 232 -12.39 51.65 -26.47
CA ILE G 232 -12.78 50.84 -25.33
C ILE G 232 -11.81 49.67 -25.20
N VAL G 233 -11.24 49.51 -24.01
CA VAL G 233 -10.38 48.36 -23.74
C VAL G 233 -11.13 47.42 -22.80
N ALA G 234 -11.61 46.31 -23.36
CA ALA G 234 -12.42 45.33 -22.63
C ALA G 234 -11.55 44.14 -22.28
N VAL G 235 -11.26 43.97 -21.00
CA VAL G 235 -10.36 42.93 -20.53
C VAL G 235 -11.12 41.87 -19.70
N GLY G 236 -10.98 40.60 -20.09
CA GLY G 236 -11.59 39.51 -19.35
C GLY G 236 -13.08 39.65 -19.20
N THR G 237 -13.72 40.10 -20.26
CA THR G 237 -15.18 40.33 -20.28
C THR G 237 -15.78 39.84 -21.58
N ASN G 238 -16.94 39.21 -21.46
CA ASN G 238 -17.71 38.70 -22.60
C ASN G 238 -19.03 39.45 -22.61
N ALA G 239 -18.90 40.77 -22.71
CA ALA G 239 -19.98 41.72 -22.43
C ALA G 239 -21.31 41.46 -23.16
N LEU G 240 -21.28 41.00 -24.40
CA LEU G 240 -22.53 40.71 -25.11
C LEU G 240 -23.33 39.66 -24.36
N GLU G 241 -22.66 38.65 -23.78
CA GLU G 241 -23.31 37.57 -23.00
C GLU G 241 -23.51 37.92 -21.52
N THR G 242 -22.64 38.77 -20.97
CA THR G 242 -22.58 38.97 -19.51
C THR G 242 -22.89 40.38 -19.00
N GLN G 243 -22.79 41.40 -19.84
CA GLN G 243 -23.31 42.73 -19.53
C GLN G 243 -24.11 43.18 -20.73
N THR G 244 -25.02 42.31 -21.15
CA THR G 244 -25.66 42.41 -22.46
C THR G 244 -26.13 43.79 -22.90
N ASN G 245 -26.99 44.41 -22.11
CA ASN G 245 -27.62 45.67 -22.50
C ASN G 245 -26.76 46.91 -22.30
N TYR G 246 -25.76 46.83 -21.41
CA TYR G 246 -24.71 47.86 -21.37
C TYR G 246 -24.00 47.86 -22.72
N PHE G 247 -23.64 46.65 -23.16
CA PHE G 247 -22.97 46.47 -24.45
C PHE G 247 -23.86 46.93 -25.60
N LEU G 248 -25.10 46.43 -25.63
CA LEU G 248 -25.98 46.74 -26.76
C LEU G 248 -26.44 48.20 -26.80
N ASN G 249 -26.72 48.76 -25.64
CA ASN G 249 -27.27 50.12 -25.56
C ASN G 249 -26.24 51.24 -25.38
N HIS G 250 -24.99 50.89 -25.12
CA HIS G 250 -23.95 51.91 -24.96
C HIS G 250 -22.68 51.67 -25.75
N TRP G 251 -22.16 50.46 -25.78
CA TRP G 251 -20.93 50.23 -26.55
C TRP G 251 -21.20 50.25 -28.03
N ILE G 252 -22.25 49.56 -28.46
CA ILE G 252 -22.54 49.44 -29.90
C ILE G 252 -22.73 50.79 -30.61
N PRO G 253 -23.52 51.70 -30.02
CA PRO G 253 -23.65 53.04 -30.63
C PRO G 253 -22.32 53.73 -30.90
N ASN G 254 -21.37 53.52 -30.00
CA ASN G 254 -20.02 54.06 -30.17
C ASN G 254 -19.32 53.41 -31.37
N LEU G 255 -19.35 52.08 -31.41
CA LEU G 255 -18.70 51.32 -32.48
C LEU G 255 -19.36 51.56 -33.84
N ARG G 256 -20.67 51.78 -33.84
CA ARG G 256 -21.44 52.02 -35.08
C ARG G 256 -21.29 53.46 -35.59
N GLY G 257 -20.80 54.35 -34.73
CA GLY G 257 -20.69 55.77 -35.04
C GLY G 257 -21.95 56.57 -34.75
N GLU G 258 -22.93 55.96 -34.09
CA GLU G 258 -24.17 56.66 -33.71
C GLU G 258 -23.93 57.73 -32.64
N SER G 259 -22.81 57.61 -31.92
CA SER G 259 -22.44 58.55 -30.86
C SER G 259 -21.76 59.84 -31.32
N LEU G 260 -21.34 59.91 -32.57
CA LEU G 260 -20.51 61.02 -33.04
C LEU G 260 -21.14 62.38 -32.78
N GLY G 261 -22.42 62.51 -33.07
CA GLY G 261 -23.17 63.73 -32.79
C GLY G 261 -23.01 64.15 -31.35
N LYS G 262 -23.20 63.21 -30.44
CA LYS G 262 -23.05 63.45 -29.00
C LYS G 262 -21.61 63.81 -28.61
N LYS G 263 -20.66 63.06 -29.14
CA LYS G 263 -19.25 63.32 -28.89
C LYS G 263 -18.87 64.75 -29.25
N LYS G 264 -19.36 65.21 -30.39
CA LYS G 264 -19.03 66.55 -30.89
C LYS G 264 -19.71 67.66 -30.08
N GLU G 265 -20.91 67.42 -29.56
CA GLU G 265 -21.59 68.39 -28.70
C GLU G 265 -20.87 68.55 -27.36
N LEU G 266 -20.49 67.45 -26.74
CA LEU G 266 -19.87 67.49 -25.41
C LEU G 266 -18.37 67.77 -25.41
N MET G 267 -17.70 67.42 -26.51
CA MET G 267 -16.26 67.62 -26.63
C MET G 267 -15.91 68.26 -27.98
N PRO G 268 -16.36 69.51 -28.19
CA PRO G 268 -15.98 70.21 -29.42
C PRO G 268 -14.52 70.61 -29.34
N GLU G 269 -13.95 71.03 -30.45
CA GLU G 269 -12.52 71.37 -30.48
C GLU G 269 -11.68 70.18 -30.01
N GLU G 270 -12.03 69.03 -30.57
CA GLU G 270 -11.35 67.77 -30.35
C GLU G 270 -11.86 66.84 -31.45
N PRO G 271 -10.96 66.10 -32.13
CA PRO G 271 -11.47 65.22 -33.17
C PRO G 271 -12.09 63.93 -32.63
N HIS G 272 -12.99 63.35 -33.43
CA HIS G 272 -13.71 62.13 -33.08
C HIS G 272 -13.96 61.28 -34.29
N GLU G 273 -13.40 60.07 -34.30
CA GLU G 273 -13.79 59.07 -35.27
C GLU G 273 -14.70 58.08 -34.52
N ALA G 274 -15.21 57.07 -35.22
CA ALA G 274 -16.00 56.02 -34.57
C ALA G 274 -15.12 55.24 -33.63
N GLY G 275 -15.74 54.70 -32.58
CA GLY G 275 -15.03 53.96 -31.55
C GLY G 275 -14.32 52.74 -32.07
N ARG G 276 -13.16 52.46 -31.48
CA ARG G 276 -12.46 51.22 -31.72
C ARG G 276 -12.46 50.45 -30.41
N ILE G 277 -12.25 49.14 -30.49
CA ILE G 277 -12.28 48.31 -29.28
C ILE G 277 -11.14 47.29 -29.26
N ILE G 278 -10.47 47.22 -28.13
CA ILE G 278 -9.47 46.20 -27.86
C ILE G 278 -10.10 45.22 -26.85
N ILE G 279 -10.12 43.93 -27.22
CA ILE G 279 -10.69 42.90 -26.37
C ILE G 279 -9.57 41.95 -25.99
N VAL G 280 -9.30 41.87 -24.69
CA VAL G 280 -8.23 41.00 -24.19
C VAL G 280 -8.87 39.76 -23.59
N ASP G 281 -8.80 38.66 -24.33
CA ASP G 281 -9.51 37.43 -24.00
C ASP G 281 -8.90 36.27 -24.78
N PRO G 282 -8.48 35.20 -24.10
CA PRO G 282 -7.86 34.08 -24.81
C PRO G 282 -8.79 33.46 -25.85
N ARG G 283 -10.09 33.52 -25.56
CA ARG G 283 -11.11 32.91 -26.38
C ARG G 283 -11.79 33.96 -27.28
N ARG G 284 -12.13 33.54 -28.50
CA ARG G 284 -12.96 34.33 -29.38
C ARG G 284 -14.42 34.08 -29.00
N THR G 285 -15.08 35.13 -28.55
CA THR G 285 -16.43 35.03 -28.05
C THR G 285 -17.41 35.70 -29.02
N VAL G 286 -18.70 35.50 -28.80
CA VAL G 286 -19.72 36.19 -29.59
C VAL G 286 -19.61 37.71 -29.46
N THR G 287 -19.02 38.19 -28.35
CA THR G 287 -18.74 39.63 -28.19
C THR G 287 -17.74 40.14 -29.25
N VAL G 288 -16.66 39.41 -29.45
CA VAL G 288 -15.69 39.74 -30.51
C VAL G 288 -16.36 39.75 -31.87
N ASN G 289 -17.15 38.72 -32.14
CA ASN G 289 -17.85 38.61 -33.40
C ASN G 289 -18.78 39.79 -33.66
N ALA G 290 -19.51 40.22 -32.64
CA ALA G 290 -20.48 41.31 -32.79
C ALA G 290 -19.79 42.67 -32.99
N CYS G 291 -18.68 42.88 -32.30
CA CYS G 291 -17.86 44.09 -32.48
C CYS G 291 -17.36 44.19 -33.91
N GLU G 292 -16.79 43.10 -34.41
CA GLU G 292 -16.30 43.04 -35.80
C GLU G 292 -17.43 43.34 -36.77
N GLN G 293 -18.62 42.86 -36.43
CA GLN G 293 -19.78 42.97 -37.32
C GLN G 293 -20.40 44.37 -37.36
N THR G 294 -20.28 45.10 -36.24
CA THR G 294 -20.80 46.46 -36.15
C THR G 294 -19.75 47.50 -36.53
N ALA G 295 -18.54 47.36 -36.00
CA ALA G 295 -17.46 48.36 -36.18
C ALA G 295 -16.62 48.16 -37.45
N GLY G 296 -16.59 46.93 -37.93
CA GLY G 296 -15.65 46.50 -38.96
C GLY G 296 -14.41 45.86 -38.33
N ALA G 297 -13.84 44.87 -39.00
CA ALA G 297 -12.65 44.16 -38.51
C ALA G 297 -11.45 45.10 -38.26
N ASP G 298 -11.31 46.12 -39.11
CA ASP G 298 -10.24 47.13 -38.95
C ASP G 298 -10.29 47.90 -37.62
N ASN G 299 -11.47 47.99 -37.01
CA ASN G 299 -11.65 48.74 -35.75
C ASN G 299 -11.75 47.87 -34.48
N VAL G 300 -11.56 46.57 -34.64
CA VAL G 300 -11.55 45.65 -33.52
C VAL G 300 -10.19 45.00 -33.43
N LEU G 301 -9.60 45.02 -32.24
CA LEU G 301 -8.31 44.39 -32.02
C LEU G 301 -8.48 43.32 -30.95
N HIS G 302 -8.66 42.08 -31.39
CA HIS G 302 -8.76 40.95 -30.48
C HIS G 302 -7.42 40.39 -30.12
N LEU G 303 -6.98 40.66 -28.89
CA LEU G 303 -5.75 40.11 -28.36
C LEU G 303 -6.02 38.77 -27.68
N ALA G 304 -5.81 37.68 -28.42
CA ALA G 304 -6.04 36.32 -27.90
C ALA G 304 -4.80 35.86 -27.12
N ILE G 305 -4.64 36.43 -25.93
CA ILE G 305 -3.48 36.14 -25.09
C ILE G 305 -3.52 34.71 -24.59
N ASN G 306 -2.35 34.19 -24.27
CA ASN G 306 -2.26 32.95 -23.50
C ASN G 306 -2.95 33.18 -22.14
N SER G 307 -3.66 32.17 -21.69
CA SER G 307 -4.37 32.24 -20.44
C SER G 307 -3.46 32.74 -19.30
N GLY G 308 -3.92 33.77 -18.60
CA GLY G 308 -3.23 34.25 -17.40
C GLY G 308 -2.02 35.14 -17.62
N THR G 309 -1.90 35.70 -18.82
CA THR G 309 -0.71 36.48 -19.20
C THR G 309 -0.99 37.97 -19.36
N ASP G 310 -2.19 38.38 -18.98
CA ASP G 310 -2.59 39.80 -19.02
C ASP G 310 -1.59 40.79 -18.46
N LEU G 311 -0.98 40.43 -17.33
CA LEU G 311 -0.08 41.32 -16.62
C LEU G 311 1.15 41.63 -17.46
N ALA G 312 1.65 40.62 -18.15
CA ALA G 312 2.75 40.84 -19.09
C ALA G 312 2.32 41.83 -20.15
N LEU G 313 1.14 41.62 -20.72
CA LEU G 313 0.61 42.53 -21.72
C LEU G 313 0.57 43.97 -21.22
N PHE G 314 -0.06 44.18 -20.07
CA PHE G 314 -0.25 45.54 -19.56
C PHE G 314 1.06 46.22 -19.20
N ASN G 315 1.98 45.47 -18.61
CA ASN G 315 3.30 45.99 -18.31
C ASN G 315 4.01 46.46 -19.58
N ALA G 316 3.91 45.66 -20.63
CA ALA G 316 4.53 46.03 -21.90
C ALA G 316 3.89 47.31 -22.45
N LEU G 317 2.56 47.37 -22.36
CA LEU G 317 1.83 48.53 -22.84
C LEU G 317 2.18 49.78 -22.04
N PHE G 318 2.28 49.61 -20.73
CA PHE G 318 2.67 50.68 -19.83
C PHE G 318 4.07 51.23 -20.17
N THR G 319 5.00 50.32 -20.39
CA THR G 319 6.37 50.70 -20.70
C THR G 319 6.45 51.49 -22.01
N TYR G 320 5.81 50.98 -23.05
CA TYR G 320 5.84 51.58 -24.38
C TYR G 320 5.23 52.98 -24.36
N ILE G 321 4.06 53.10 -23.73
CA ILE G 321 3.37 54.40 -23.61
C ILE G 321 4.16 55.40 -22.76
N ALA G 322 4.80 54.93 -21.70
CA ALA G 322 5.62 55.81 -20.86
C ALA G 322 6.83 56.34 -21.61
N ASP G 323 7.48 55.46 -22.36
CA ASP G 323 8.68 55.82 -23.13
C ASP G 323 8.38 56.77 -24.29
N LYS G 324 7.24 56.59 -24.94
CA LYS G 324 6.81 57.48 -26.02
C LYS G 324 6.36 58.83 -25.49
N GLY G 325 6.01 58.87 -24.21
CA GLY G 325 5.56 60.10 -23.56
C GLY G 325 4.08 60.38 -23.76
N TRP G 326 3.33 59.37 -24.19
CA TRP G 326 1.89 59.49 -24.41
C TRP G 326 1.11 59.44 -23.12
N VAL G 327 1.42 60.35 -22.22
CA VAL G 327 0.86 60.36 -20.88
C VAL G 327 0.30 61.74 -20.55
N ASP G 328 -0.69 61.78 -19.67
CA ASP G 328 -1.22 63.04 -19.17
C ASP G 328 -0.27 63.54 -18.08
N ARG G 329 0.66 64.39 -18.48
CA ARG G 329 1.73 64.85 -17.61
C ARG G 329 1.21 65.67 -16.44
N ASP G 330 0.24 66.54 -16.69
CA ASP G 330 -0.33 67.40 -15.64
C ASP G 330 -1.16 66.60 -14.66
N PHE G 331 -1.87 65.59 -15.16
CA PHE G 331 -2.63 64.69 -14.29
C PHE G 331 -1.70 63.92 -13.35
N ILE G 332 -0.59 63.43 -13.88
CA ILE G 332 0.38 62.70 -13.07
C ILE G 332 0.96 63.62 -11.98
N ASP G 333 1.39 64.81 -12.37
CA ASP G 333 2.02 65.76 -11.43
C ASP G 333 1.05 66.24 -10.34
N LYS G 334 -0.21 66.45 -10.72
CA LYS G 334 -1.18 67.07 -9.81
C LYS G 334 -1.93 66.06 -8.92
N SER G 335 -2.19 64.85 -9.44
CA SER G 335 -3.09 63.89 -8.77
C SER G 335 -2.49 62.54 -8.34
N THR G 336 -1.21 62.33 -8.57
CA THR G 336 -0.58 61.05 -8.21
C THR G 336 0.60 61.25 -7.28
N LEU G 337 0.94 60.18 -6.56
CA LEU G 337 2.03 60.22 -5.58
C LEU G 337 3.34 60.53 -6.29
N ARG G 338 4.04 61.53 -5.77
CA ARG G 338 5.33 61.95 -6.32
C ARG G 338 6.50 61.49 -5.46
N GLU G 339 6.21 61.09 -4.23
CA GLU G 339 7.22 60.61 -3.28
C GLU G 339 7.84 59.28 -3.75
N GLY G 340 9.16 59.26 -3.84
CA GLY G 340 9.87 57.99 -3.97
C GLY G 340 9.53 57.06 -2.82
N THR G 341 9.57 55.75 -3.07
CA THR G 341 9.42 54.80 -1.98
C THR G 341 10.05 53.47 -2.37
N ALA G 342 10.80 52.90 -1.43
CA ALA G 342 11.67 51.74 -1.73
C ALA G 342 10.88 50.43 -1.85
N ARG G 343 11.35 49.58 -2.74
CA ARG G 343 10.82 48.23 -2.88
C ARG G 343 11.05 47.41 -1.61
N PRO G 344 10.09 46.54 -1.28
CA PRO G 344 10.26 45.66 -0.12
C PRO G 344 11.34 44.61 -0.38
N PRO G 345 11.96 44.10 0.70
CA PRO G 345 13.14 43.23 0.54
C PRO G 345 12.95 41.97 -0.33
N LEU G 346 11.76 41.38 -0.33
CA LEU G 346 11.51 40.15 -1.09
C LEU G 346 10.99 40.40 -2.51
N TYR G 347 10.98 41.65 -2.94
CA TYR G 347 10.55 42.01 -4.30
C TYR G 347 11.62 41.58 -5.29
N PRO G 348 11.21 41.16 -6.50
CA PRO G 348 9.84 41.15 -7.03
C PRO G 348 9.03 39.87 -6.87
N ALA G 349 9.62 38.80 -6.37
CA ALA G 349 8.88 37.53 -6.23
C ALA G 349 7.68 37.68 -5.27
N ARG G 350 7.89 38.40 -4.18
CA ARG G 350 6.86 38.56 -3.14
C ARG G 350 6.83 39.97 -2.60
N GLY G 351 5.68 40.40 -2.11
CA GLY G 351 5.52 41.73 -1.53
C GLY G 351 5.99 41.82 -0.09
N VAL G 352 5.72 42.94 0.55
CA VAL G 352 6.15 43.16 1.94
C VAL G 352 5.55 42.13 2.89
N SER G 353 4.34 41.65 2.56
CA SER G 353 3.68 40.53 3.27
C SER G 353 2.54 39.99 2.41
N GLU G 354 1.84 38.98 2.92
CA GLU G 354 0.67 38.42 2.21
C GLU G 354 -0.45 39.45 2.09
N ALA G 355 -0.53 40.39 3.04
CA ALA G 355 -1.53 41.47 2.96
C ALA G 355 -1.31 42.41 1.76
N ASN G 356 -0.08 42.52 1.28
CA ASN G 356 0.29 43.49 0.24
C ASN G 356 1.14 42.88 -0.89
N PRO G 357 0.49 42.24 -1.87
CA PRO G 357 1.25 41.54 -2.92
C PRO G 357 2.03 42.42 -3.89
N GLY G 358 1.64 43.69 -3.98
CA GLY G 358 2.28 44.64 -4.86
C GLY G 358 2.82 45.82 -4.11
N HIS G 359 3.65 46.60 -4.79
CA HIS G 359 4.28 47.78 -4.23
C HIS G 359 3.70 49.04 -4.81
N LEU G 360 3.05 49.84 -3.97
CA LEU G 360 2.45 51.10 -4.41
C LEU G 360 3.54 52.18 -4.48
N SER G 361 3.49 53.01 -5.52
CA SER G 361 4.55 53.98 -5.76
C SER G 361 4.19 55.08 -6.74
N SER G 362 5.20 55.87 -7.07
CA SER G 362 5.09 56.91 -8.08
C SER G 362 5.08 56.32 -9.47
N PHE G 363 4.62 57.13 -10.41
CA PHE G 363 4.64 56.83 -11.83
C PHE G 363 6.00 56.29 -12.28
N GLU G 364 7.06 57.05 -12.01
CA GLU G 364 8.40 56.73 -12.47
C GLU G 364 8.91 55.40 -11.95
N ASP G 365 8.73 55.17 -10.66
CA ASP G 365 9.12 53.90 -10.05
C ASP G 365 8.28 52.73 -10.58
N ALA G 366 7.00 52.96 -10.81
CA ALA G 366 6.13 51.94 -11.39
C ALA G 366 6.63 51.53 -12.79
N VAL G 367 6.90 52.53 -13.62
CA VAL G 367 7.44 52.30 -14.96
C VAL G 367 8.72 51.49 -14.90
N GLU G 368 9.64 51.86 -14.01
CA GLU G 368 10.92 51.15 -13.91
C GLU G 368 10.71 49.71 -13.42
N GLY G 369 9.83 49.56 -12.44
CA GLY G 369 9.53 48.23 -11.87
C GLY G 369 8.76 47.30 -12.78
N CYS G 370 7.77 47.85 -13.49
CA CYS G 370 6.95 47.04 -14.41
C CYS G 370 7.66 46.77 -15.72
N ARG G 371 8.77 47.45 -15.96
CA ARG G 371 9.41 47.45 -17.28
C ARG G 371 9.46 46.08 -17.94
N MET G 372 8.87 46.01 -19.12
CA MET G 372 8.96 44.84 -19.97
C MET G 372 8.92 45.28 -21.43
N SER G 373 9.83 44.72 -22.22
CA SER G 373 9.90 45.01 -23.65
C SER G 373 8.74 44.39 -24.41
N ILE G 374 8.48 44.91 -25.60
CA ILE G 374 7.48 44.33 -26.50
C ILE G 374 7.81 42.86 -26.82
N GLU G 375 9.10 42.56 -26.93
CA GLU G 375 9.55 41.23 -27.33
C GLU G 375 9.31 40.19 -26.23
N GLU G 376 9.65 40.53 -24.99
CA GLU G 376 9.41 39.62 -23.86
C GLU G 376 7.91 39.35 -23.67
N ALA G 377 7.10 40.39 -23.80
CA ALA G 377 5.65 40.25 -23.65
C ALA G 377 5.05 39.38 -24.76
N ALA G 378 5.58 39.50 -25.97
CA ALA G 378 5.16 38.67 -27.08
C ALA G 378 5.46 37.18 -26.83
N GLU G 379 6.60 36.87 -26.20
CA GLU G 379 6.91 35.49 -25.79
C GLU G 379 5.91 34.96 -24.78
N ILE G 380 5.60 35.78 -23.78
CA ILE G 380 4.76 35.34 -22.67
C ILE G 380 3.31 35.25 -23.13
N THR G 381 2.82 36.30 -23.77
CA THR G 381 1.41 36.37 -24.17
C THR G 381 1.07 35.53 -25.41
N GLY G 382 2.06 35.22 -26.23
CA GLY G 382 1.84 34.54 -27.51
C GLY G 382 1.36 35.46 -28.64
N LEU G 383 1.18 36.74 -28.35
CA LEU G 383 0.80 37.72 -29.35
C LEU G 383 1.97 38.07 -30.28
N ASP G 384 1.68 38.70 -31.41
CA ASP G 384 2.70 39.28 -32.28
C ASP G 384 3.12 40.65 -31.74
N ALA G 385 4.41 40.98 -31.88
CA ALA G 385 4.90 42.32 -31.54
C ALA G 385 4.03 43.43 -32.16
N ALA G 386 3.69 43.27 -33.44
CA ALA G 386 2.86 44.28 -34.14
C ALA G 386 1.51 44.51 -33.44
N GLN G 387 0.94 43.45 -32.88
CA GLN G 387 -0.34 43.53 -32.15
C GLN G 387 -0.21 44.34 -30.86
N ILE G 388 0.87 44.14 -30.13
CA ILE G 388 1.06 44.83 -28.85
C ILE G 388 1.32 46.31 -29.07
N ILE G 389 2.10 46.62 -30.10
CA ILE G 389 2.39 48.00 -30.47
C ILE G 389 1.12 48.70 -30.92
N LYS G 390 0.31 48.01 -31.72
CA LYS G 390 -0.95 48.58 -32.19
C LYS G 390 -1.83 48.94 -31.01
N ALA G 391 -1.91 48.05 -30.03
CA ALA G 391 -2.70 48.30 -28.83
C ALA G 391 -2.25 49.58 -28.11
N ALA G 392 -0.94 49.77 -28.00
CA ALA G 392 -0.41 50.94 -27.33
C ALA G 392 -0.81 52.19 -28.09
N GLU G 393 -0.73 52.12 -29.41
CA GLU G 393 -1.14 53.22 -30.27
C GLU G 393 -2.62 53.54 -30.06
N TRP G 394 -3.45 52.51 -30.00
CA TRP G 394 -4.90 52.68 -29.82
C TRP G 394 -5.28 53.16 -28.46
N ILE G 395 -4.40 52.98 -27.48
CA ILE G 395 -4.63 53.47 -26.12
C ILE G 395 -4.03 54.86 -25.88
N GLY G 396 -2.80 55.08 -26.34
CA GLY G 396 -2.02 56.27 -25.94
C GLY G 396 -1.74 57.36 -26.97
N MET G 397 -1.67 56.99 -28.24
CA MET G 397 -1.27 57.95 -29.27
C MET G 397 -2.23 59.12 -29.33
N PRO G 398 -1.71 60.34 -29.18
CA PRO G 398 -2.57 61.53 -29.28
C PRO G 398 -3.31 61.63 -30.61
N LYS G 399 -4.45 62.31 -30.57
CA LYS G 399 -5.22 62.59 -31.77
C LYS G 399 -4.62 63.77 -32.53
N GLU G 400 -5.09 64.00 -33.75
CA GLU G 400 -4.52 64.99 -34.69
C GLU G 400 -3.89 66.28 -34.11
N GLY G 401 -4.62 66.98 -33.27
CA GLY G 401 -4.14 68.28 -32.76
C GLY G 401 -3.31 68.23 -31.48
N GLY G 402 -2.81 67.05 -31.12
CA GLY G 402 -2.11 66.84 -29.84
C GLY G 402 -3.01 66.52 -28.65
N LYS G 403 -4.27 66.20 -28.92
CA LYS G 403 -5.27 65.98 -27.87
C LYS G 403 -5.21 64.54 -27.33
N ARG G 404 -5.33 64.38 -26.02
CA ARG G 404 -5.23 63.03 -25.43
C ARG G 404 -6.39 62.11 -25.85
N ARG G 405 -6.04 60.86 -26.11
CA ARG G 405 -6.98 59.87 -26.54
C ARG G 405 -7.79 59.44 -25.31
N ARG G 406 -9.10 59.43 -25.47
CA ARG G 406 -10.00 59.02 -24.39
C ARG G 406 -10.30 57.54 -24.49
N VAL G 407 -9.91 56.84 -23.44
CA VAL G 407 -10.04 55.40 -23.39
C VAL G 407 -10.81 55.03 -22.14
N MET G 408 -11.84 54.19 -22.31
CA MET G 408 -12.49 53.54 -21.18
C MET G 408 -11.93 52.13 -21.04
N PHE G 409 -11.35 51.86 -19.87
CA PHE G 409 -10.82 50.54 -19.55
C PHE G 409 -11.83 49.79 -18.69
N GLY G 410 -12.26 48.64 -19.19
CA GLY G 410 -13.23 47.81 -18.47
C GLY G 410 -12.73 46.40 -18.32
N TYR G 411 -12.92 45.85 -17.12
CA TYR G 411 -12.49 44.49 -16.86
C TYR G 411 -13.49 43.75 -15.99
N GLU G 412 -13.60 42.45 -16.19
CA GLU G 412 -14.37 41.61 -15.29
C GLU G 412 -13.57 40.35 -14.94
N LYS G 413 -14.20 39.18 -15.01
CA LYS G 413 -13.68 38.00 -14.29
C LYS G 413 -12.54 37.27 -14.97
N GLY G 414 -12.33 37.54 -16.25
CA GLY G 414 -11.11 37.07 -16.91
C GLY G 414 -9.88 37.62 -16.19
N LEU G 415 -9.99 38.86 -15.71
CA LEU G 415 -8.93 39.47 -14.94
C LEU G 415 -9.08 39.10 -13.47
N ILE G 416 -10.27 39.33 -12.91
CA ILE G 416 -10.44 39.20 -11.46
C ILE G 416 -10.21 37.76 -10.94
N TRP G 417 -10.64 36.76 -11.70
CA TRP G 417 -10.34 35.35 -11.36
C TRP G 417 -9.19 34.81 -12.15
N GLY G 418 -8.45 35.69 -12.80
CA GLY G 418 -7.27 35.33 -13.58
C GLY G 418 -6.04 35.37 -12.72
N ASN G 419 -4.91 35.15 -13.36
CA ASN G 419 -3.60 35.10 -12.71
C ASN G 419 -3.26 36.41 -12.00
N ASP G 420 -2.69 36.27 -10.80
CA ASP G 420 -2.11 37.37 -10.03
C ASP G 420 -3.04 38.60 -9.98
N ASN G 421 -4.23 38.35 -9.45
CA ASN G 421 -5.29 39.37 -9.32
C ASN G 421 -4.79 40.74 -8.87
N TYR G 422 -4.07 40.78 -7.77
CA TYR G 422 -3.64 42.06 -7.21
C TYR G 422 -2.80 42.84 -8.20
N ARG G 423 -1.80 42.19 -8.77
CA ARG G 423 -0.86 42.88 -9.66
C ARG G 423 -1.45 43.16 -11.03
N THR G 424 -2.28 42.25 -11.54
CA THR G 424 -2.88 42.46 -12.87
C THR G 424 -3.82 43.66 -12.86
N ASN G 425 -4.66 43.72 -11.83
CA ASN G 425 -5.58 44.83 -11.55
C ASN G 425 -4.81 46.15 -11.53
N GLY G 426 -3.69 46.16 -10.81
CA GLY G 426 -2.86 47.36 -10.71
C GLY G 426 -2.24 47.76 -12.05
N ALA G 427 -1.76 46.76 -12.78
CA ALA G 427 -1.15 47.00 -14.09
C ALA G 427 -2.14 47.69 -15.01
N LEU G 428 -3.39 47.26 -14.97
CA LEU G 428 -4.44 47.87 -15.81
C LEU G 428 -4.72 49.27 -15.32
N VAL G 429 -4.80 49.45 -14.00
CA VAL G 429 -5.11 50.76 -13.45
C VAL G 429 -4.00 51.74 -13.83
N ASN G 430 -2.74 51.27 -13.81
CA ASN G 430 -1.59 52.07 -14.24
C ASN G 430 -1.84 52.74 -15.59
N LEU G 431 -2.41 52.01 -16.54
CA LEU G 431 -2.64 52.54 -17.88
C LEU G 431 -3.67 53.66 -17.86
N ALA G 432 -4.73 53.46 -17.08
CA ALA G 432 -5.76 54.49 -16.93
C ALA G 432 -5.19 55.75 -16.30
N LEU G 433 -4.43 55.59 -15.23
CA LEU G 433 -3.83 56.72 -14.52
C LEU G 433 -2.85 57.49 -15.39
N ALA G 434 -2.00 56.78 -16.10
CA ALA G 434 -0.98 57.41 -16.94
C ALA G 434 -1.60 58.20 -18.09
N THR G 435 -2.70 57.70 -18.64
CA THR G 435 -3.37 58.36 -19.75
C THR G 435 -4.47 59.34 -19.30
N GLY G 436 -4.55 59.59 -18.00
CA GLY G 436 -5.52 60.53 -17.45
C GLY G 436 -6.97 60.17 -17.71
N ASN G 437 -7.24 58.88 -17.82
CA ASN G 437 -8.59 58.43 -18.12
C ASN G 437 -9.36 57.97 -16.90
N ILE G 438 -9.28 58.75 -15.83
CA ILE G 438 -10.13 58.54 -14.66
C ILE G 438 -10.80 59.85 -14.28
N GLY G 439 -12.10 59.82 -14.08
CA GLY G 439 -12.86 61.01 -13.69
C GLY G 439 -13.15 61.98 -14.82
N ARG G 440 -13.03 61.51 -16.06
CA ARG G 440 -13.25 62.36 -17.23
C ARG G 440 -14.15 61.71 -18.24
N PRO G 441 -14.85 62.53 -19.03
CA PRO G 441 -15.72 61.94 -20.04
C PRO G 441 -14.97 61.00 -20.96
N GLY G 442 -15.60 59.88 -21.28
CA GLY G 442 -15.04 58.90 -22.19
C GLY G 442 -13.94 58.06 -21.59
N GLY G 443 -13.84 58.11 -20.27
CA GLY G 443 -12.80 57.40 -19.55
C GLY G 443 -13.34 56.42 -18.53
N GLY G 444 -12.46 56.03 -17.61
CA GLY G 444 -12.81 55.13 -16.53
C GLY G 444 -11.91 53.92 -16.57
N VAL G 445 -11.58 53.40 -15.40
CA VAL G 445 -11.01 52.05 -15.26
C VAL G 445 -11.89 51.33 -14.24
N VAL G 446 -12.72 50.41 -14.72
CA VAL G 446 -13.87 49.94 -13.97
C VAL G 446 -14.13 48.46 -14.11
N ARG G 447 -14.64 47.86 -13.05
CA ARG G 447 -15.33 46.58 -13.17
C ARG G 447 -16.53 46.77 -14.07
N LEU G 448 -16.75 45.84 -14.98
CA LEU G 448 -18.00 45.78 -15.72
C LEU G 448 -19.01 44.99 -14.91
N GLY G 449 -18.53 44.39 -13.85
CA GLY G 449 -19.35 43.91 -12.74
C GLY G 449 -20.03 42.61 -13.07
N GLY G 450 -20.72 42.07 -12.06
CA GLY G 450 -21.41 40.80 -12.17
C GLY G 450 -22.86 40.91 -11.72
N HIS G 451 -23.07 40.78 -10.41
CA HIS G 451 -24.35 41.13 -9.80
C HIS G 451 -24.41 42.62 -9.68
N GLN G 452 -25.60 43.16 -9.45
CA GLN G 452 -25.74 44.53 -8.98
C GLN G 452 -25.11 44.66 -7.59
N GLU G 453 -24.89 45.89 -7.16
CA GLU G 453 -24.27 46.18 -5.88
C GLU G 453 -25.31 46.64 -4.86
N GLY G 454 -25.17 46.19 -3.63
CA GLY G 454 -26.09 46.58 -2.56
C GLY G 454 -25.54 46.31 -1.18
N TYR G 455 -24.33 46.81 -0.95
CA TYR G 455 -23.57 46.48 0.26
C TYR G 455 -23.62 47.62 1.26
N VAL G 456 -24.08 47.31 2.45
CA VAL G 456 -23.84 48.16 3.59
C VAL G 456 -23.81 47.24 4.80
N ARG G 457 -22.76 47.37 5.60
CA ARG G 457 -22.55 46.53 6.76
C ARG G 457 -21.70 47.23 7.79
N PRO G 458 -21.76 46.76 9.04
CA PRO G 458 -20.83 47.26 10.04
C PRO G 458 -19.39 46.97 9.64
N SER G 459 -18.49 47.64 10.31
CA SER G 459 -17.06 47.39 10.20
C SER G 459 -16.73 45.90 10.16
N ASP G 460 -15.83 45.56 9.25
CA ASP G 460 -15.31 44.21 9.14
C ASP G 460 -13.84 44.13 9.57
N ALA G 461 -13.36 45.12 10.31
CA ALA G 461 -11.96 45.15 10.75
C ALA G 461 -11.51 43.81 11.36
N HIS G 462 -12.34 43.22 12.22
CA HIS G 462 -12.01 41.99 12.97
C HIS G 462 -11.68 40.81 12.12
N VAL G 463 -12.08 40.87 10.86
CA VAL G 463 -11.87 39.78 9.94
C VAL G 463 -10.42 39.57 9.49
N GLY G 464 -9.66 40.64 9.47
CA GLY G 464 -8.26 40.56 9.09
C GLY G 464 -8.01 40.61 7.59
N ARG G 465 -6.77 40.90 7.23
CA ARG G 465 -6.31 40.90 5.86
C ARG G 465 -4.88 40.35 5.78
N PRO G 466 -4.69 39.19 5.14
CA PRO G 466 -5.69 38.27 4.53
C PRO G 466 -6.66 37.65 5.51
N ALA G 467 -7.90 37.54 5.10
CA ALA G 467 -8.96 36.91 5.90
C ALA G 467 -8.85 35.37 5.88
N ALA G 468 -9.54 34.68 6.78
CA ALA G 468 -9.52 33.20 6.82
C ALA G 468 -10.08 32.56 5.54
N TYR G 469 -9.37 31.54 5.07
CA TYR G 469 -9.78 30.73 3.94
C TYR G 469 -10.81 29.71 4.43
N VAL G 470 -12.07 30.10 4.41
CA VAL G 470 -13.13 29.31 5.03
C VAL G 470 -13.23 27.89 4.48
N ASP G 471 -13.23 27.73 3.18
CA ASP G 471 -13.31 26.38 2.59
C ASP G 471 -12.23 25.44 3.13
N GLN G 472 -11.03 25.96 3.35
CA GLN G 472 -9.97 25.10 3.87
C GLN G 472 -10.23 24.74 5.32
N LEU G 473 -10.81 25.64 6.10
CA LEU G 473 -11.22 25.31 7.48
C LEU G 473 -12.23 24.14 7.49
N LEU G 474 -13.25 24.26 6.64
CA LEU G 474 -14.30 23.26 6.58
C LEU G 474 -13.71 21.91 6.12
N ILE G 475 -12.93 21.93 5.04
CA ILE G 475 -12.31 20.71 4.50
C ILE G 475 -11.35 20.09 5.52
N GLY G 476 -10.78 20.91 6.39
CA GLY G 476 -9.86 20.42 7.44
C GLY G 476 -10.51 19.94 8.73
N GLY G 477 -11.84 19.93 8.79
CA GLY G 477 -12.56 19.46 9.96
C GLY G 477 -12.78 20.49 11.06
N GLN G 478 -12.49 21.76 10.82
CA GLN G 478 -12.71 22.81 11.80
C GLN G 478 -14.10 23.46 11.61
N GLY G 479 -14.55 24.18 12.63
CA GLY G 479 -15.88 24.77 12.60
C GLY G 479 -16.96 23.82 13.09
N GLY G 480 -17.98 24.36 13.72
CA GLY G 480 -19.04 23.57 14.33
C GLY G 480 -20.39 23.81 13.72
N VAL G 481 -20.71 25.06 13.42
CA VAL G 481 -22.00 25.41 12.85
C VAL G 481 -21.74 26.25 11.61
N HIS G 482 -22.57 26.04 10.59
CA HIS G 482 -22.43 26.76 9.33
C HIS G 482 -23.74 27.37 8.90
N HIS G 483 -23.77 28.69 8.74
CA HIS G 483 -24.96 29.37 8.22
C HIS G 483 -24.69 29.79 6.81
N ILE G 484 -25.52 29.29 5.89
CA ILE G 484 -25.35 29.54 4.48
C ILE G 484 -26.50 30.38 3.99
N TRP G 485 -26.20 31.59 3.56
CA TRP G 485 -27.21 32.49 3.02
C TRP G 485 -26.98 32.75 1.56
N GLY G 486 -27.94 32.33 0.73
CA GLY G 486 -27.97 32.72 -0.68
C GLY G 486 -26.75 32.45 -1.55
N CYS G 487 -26.12 31.31 -1.35
CA CYS G 487 -25.08 30.84 -2.26
C CYS G 487 -24.99 29.32 -2.16
N ASP G 488 -24.44 28.69 -3.19
CA ASP G 488 -24.41 27.23 -3.27
C ASP G 488 -23.04 26.70 -3.69
N HIS G 489 -22.20 26.51 -2.68
CA HIS G 489 -20.81 26.09 -2.90
C HIS G 489 -20.70 24.80 -3.66
N TYR G 490 -21.71 23.94 -3.52
CA TYR G 490 -21.67 22.67 -4.20
C TYR G 490 -21.53 22.88 -5.70
N LYS G 491 -22.21 23.89 -6.24
CA LYS G 491 -22.10 24.19 -7.68
C LYS G 491 -21.02 25.21 -8.02
N THR G 492 -20.64 26.07 -7.09
CA THR G 492 -19.92 27.29 -7.47
C THR G 492 -18.60 27.59 -6.72
N THR G 493 -18.18 26.77 -5.77
CA THR G 493 -16.90 27.06 -5.09
C THR G 493 -15.71 26.44 -5.84
N LEU G 494 -14.50 26.80 -5.45
CA LEU G 494 -13.31 26.20 -6.04
C LEU G 494 -13.03 24.89 -5.31
N ASN G 495 -12.28 23.99 -5.94
CA ASN G 495 -11.95 22.72 -5.31
C ASN G 495 -13.21 22.01 -4.81
N ALA G 496 -14.24 22.03 -5.64
CA ALA G 496 -15.60 21.67 -5.28
C ALA G 496 -15.83 20.18 -5.03
N HIS G 497 -15.11 19.34 -5.76
CA HIS G 497 -15.23 17.90 -5.58
C HIS G 497 -14.78 17.51 -4.19
N GLU G 498 -13.62 17.98 -3.75
CA GLU G 498 -13.16 17.71 -2.38
C GLU G 498 -14.10 18.30 -1.36
N PHE G 499 -14.50 19.54 -1.59
CA PHE G 499 -15.42 20.24 -0.68
C PHE G 499 -16.67 19.39 -0.43
N LYS G 500 -17.26 18.88 -1.51
CA LYS G 500 -18.48 18.07 -1.37
C LYS G 500 -18.26 16.76 -0.62
N ARG G 501 -17.13 16.12 -0.84
CA ARG G 501 -16.86 14.83 -0.19
C ARG G 501 -16.79 15.05 1.30
N VAL G 502 -16.09 16.08 1.74
CA VAL G 502 -15.90 16.29 3.16
C VAL G 502 -17.18 16.88 3.79
N TYR G 503 -17.80 17.85 3.13
CA TYR G 503 -19.05 18.44 3.65
C TYR G 503 -20.15 17.39 3.89
N LYS G 504 -20.33 16.48 2.93
CA LYS G 504 -21.31 15.39 3.10
C LYS G 504 -20.98 14.55 4.31
N LYS G 505 -19.71 14.18 4.41
CA LYS G 505 -19.26 13.29 5.46
C LYS G 505 -19.46 13.94 6.84
N ARG G 506 -19.19 15.24 6.93
CA ARG G 506 -19.27 15.94 8.20
C ARG G 506 -20.72 16.23 8.60
N THR G 507 -21.55 16.62 7.64
CA THR G 507 -22.96 16.85 7.93
C THR G 507 -23.72 15.54 8.19
N ASP G 508 -23.30 14.46 7.53
CA ASP G 508 -23.85 13.12 7.80
C ASP G 508 -23.71 12.72 9.28
N MET G 509 -22.62 13.12 9.92
CA MET G 509 -22.39 12.77 11.32
C MET G 509 -23.50 13.34 12.16
N VAL G 510 -23.87 14.58 11.87
CA VAL G 510 -24.93 15.25 12.62
C VAL G 510 -26.31 14.69 12.22
N LYS G 511 -26.48 14.28 10.97
CA LYS G 511 -27.72 13.66 10.55
C LYS G 511 -27.99 12.33 11.26
N ASP G 512 -26.99 11.47 11.30
CA ASP G 512 -27.09 10.19 12.02
C ASP G 512 -27.38 10.43 13.52
N ALA G 513 -26.72 11.42 14.12
CA ALA G 513 -27.03 11.81 15.49
C ALA G 513 -28.51 12.28 15.65
N MET G 514 -28.97 13.15 14.77
CA MET G 514 -30.34 13.67 14.87
C MET G 514 -31.40 12.60 14.65
N SER G 515 -31.17 11.71 13.69
CA SER G 515 -32.11 10.61 13.43
C SER G 515 -32.30 9.69 14.63
N ALA G 516 -31.25 9.52 15.43
CA ALA G 516 -31.22 8.57 16.52
C ALA G 516 -31.71 9.18 17.84
N ALA G 517 -31.93 10.48 17.85
CA ALA G 517 -32.28 11.19 19.08
C ALA G 517 -33.77 11.57 19.05
N PRO G 518 -34.36 11.77 20.24
CA PRO G 518 -35.75 12.21 20.29
C PRO G 518 -35.85 13.73 20.04
N TYR G 519 -36.66 14.14 19.06
CA TYR G 519 -36.83 15.56 18.75
C TYR G 519 -37.75 16.28 19.74
N GLY G 520 -38.84 15.63 20.12
CA GLY G 520 -39.81 16.23 21.05
C GLY G 520 -39.23 16.60 22.40
N ASP G 521 -38.11 15.98 22.78
CA ASP G 521 -37.27 16.41 23.90
C ASP G 521 -36.09 17.19 23.31
N ARG G 522 -36.26 18.51 23.18
CA ARG G 522 -35.34 19.31 22.39
C ARG G 522 -33.95 19.46 23.00
N GLU G 523 -33.87 19.42 24.33
CA GLU G 523 -32.57 19.51 24.98
C GLU G 523 -31.71 18.29 24.62
N ALA G 524 -32.34 17.12 24.52
CA ALA G 524 -31.61 15.90 24.19
C ALA G 524 -31.14 15.95 22.74
N MET G 525 -31.99 16.48 21.88
CA MET G 525 -31.67 16.65 20.46
C MET G 525 -30.44 17.57 20.26
N VAL G 526 -30.40 18.67 21.00
CA VAL G 526 -29.33 19.65 20.89
C VAL G 526 -28.02 19.09 21.44
N ASN G 527 -28.11 18.39 22.57
CA ASN G 527 -26.93 17.70 23.14
C ASN G 527 -26.39 16.66 22.17
N ALA G 528 -27.28 15.97 21.45
CA ALA G 528 -26.84 14.97 20.47
C ALA G 528 -26.16 15.67 19.30
N ILE G 529 -26.72 16.79 18.84
CA ILE G 529 -26.08 17.55 17.76
C ILE G 529 -24.68 18.01 18.18
N VAL G 530 -24.56 18.53 19.40
CA VAL G 530 -23.28 19.07 19.88
C VAL G 530 -22.23 17.97 20.05
N ASP G 531 -22.64 16.79 20.51
CA ASP G 531 -21.73 15.65 20.60
C ASP G 531 -21.18 15.27 19.25
N ALA G 532 -22.04 15.25 18.22
CA ALA G 532 -21.59 14.98 16.86
C ALA G 532 -20.59 16.04 16.39
N ILE G 533 -20.87 17.31 16.69
CA ILE G 533 -19.99 18.41 16.32
C ILE G 533 -18.64 18.25 17.03
N ASN G 534 -18.66 17.95 18.32
CA ASN G 534 -17.41 17.73 19.08
C ASN G 534 -16.53 16.61 18.47
N GLN G 535 -17.15 15.64 17.82
CA GLN G 535 -16.43 14.53 17.14
C GLN G 535 -16.00 14.86 15.72
N GLY G 536 -16.32 16.07 15.25
CA GLY G 536 -15.87 16.53 13.95
C GLY G 536 -16.96 16.79 12.94
N GLY G 537 -18.21 16.64 13.34
CA GLY G 537 -19.35 16.91 12.45
C GLY G 537 -19.55 18.40 12.21
N LEU G 538 -20.54 18.74 11.41
CA LEU G 538 -20.94 20.13 11.16
C LEU G 538 -22.44 20.20 11.13
N PHE G 539 -23.01 21.19 11.81
CA PHE G 539 -24.46 21.48 11.76
C PHE G 539 -24.64 22.66 10.81
N ALA G 540 -25.43 22.47 9.77
CA ALA G 540 -25.52 23.44 8.64
C ALA G 540 -26.95 23.94 8.46
N VAL G 541 -27.09 25.26 8.32
CA VAL G 541 -28.38 25.90 8.14
C VAL G 541 -28.38 26.67 6.84
N ASN G 542 -29.37 26.43 6.00
CA ASN G 542 -29.40 27.04 4.68
C ASN G 542 -30.56 28.01 4.59
N VAL G 543 -30.29 29.24 4.18
CA VAL G 543 -31.35 30.22 3.91
C VAL G 543 -31.39 30.48 2.42
N ASP G 544 -32.49 30.15 1.76
CA ASP G 544 -32.54 30.15 0.30
C ASP G 544 -33.98 30.21 -0.20
N ILE G 545 -34.16 30.23 -1.52
CA ILE G 545 -35.49 30.26 -2.15
C ILE G 545 -35.88 28.94 -2.81
N ILE G 546 -34.90 28.10 -3.11
CA ILE G 546 -35.16 26.76 -3.66
C ILE G 546 -34.45 25.68 -2.85
N PRO G 547 -34.78 24.41 -3.10
CA PRO G 547 -33.95 23.36 -2.56
C PRO G 547 -32.62 23.35 -3.31
N THR G 548 -31.55 23.76 -2.63
CA THR G 548 -30.23 23.88 -3.24
C THR G 548 -29.49 22.56 -3.21
N LYS G 549 -28.34 22.51 -3.89
CA LYS G 549 -27.47 21.34 -3.83
C LYS G 549 -26.82 21.18 -2.47
N ILE G 550 -26.15 22.22 -1.99
CA ILE G 550 -25.55 22.18 -0.64
C ILE G 550 -26.64 21.95 0.43
N GLY G 551 -27.86 22.39 0.13
CA GLY G 551 -29.01 22.14 1.00
C GLY G 551 -29.31 20.67 1.23
N GLU G 552 -28.92 19.80 0.33
CA GLU G 552 -29.13 18.38 0.56
C GLU G 552 -28.24 17.88 1.69
N ALA G 553 -27.30 18.70 2.15
CA ALA G 553 -26.45 18.36 3.30
C ALA G 553 -26.86 19.12 4.58
N CYS G 554 -27.74 20.12 4.45
CA CYS G 554 -28.10 20.92 5.60
C CYS G 554 -29.17 20.31 6.49
N HIS G 555 -29.23 20.75 7.74
CA HIS G 555 -30.15 20.20 8.73
C HIS G 555 -31.33 21.08 9.00
N VAL G 556 -31.24 22.35 8.62
CA VAL G 556 -32.39 23.25 8.68
C VAL G 556 -32.37 24.09 7.43
N ILE G 557 -33.54 24.25 6.83
CA ILE G 557 -33.68 25.11 5.67
C ILE G 557 -34.75 26.15 5.98
N LEU G 558 -34.41 27.41 5.76
CA LEU G 558 -35.28 28.55 6.03
C LEU G 558 -35.63 29.24 4.71
N PRO G 559 -36.91 29.42 4.42
CA PRO G 559 -37.32 29.91 3.09
C PRO G 559 -37.32 31.42 2.97
N ALA G 560 -36.62 31.95 1.97
CA ALA G 560 -36.51 33.40 1.77
C ALA G 560 -37.50 33.93 0.73
N ALA G 561 -37.79 35.21 0.81
CA ALA G 561 -38.56 35.93 -0.21
C ALA G 561 -37.52 36.66 -1.00
N THR G 562 -37.76 36.83 -2.29
CA THR G 562 -36.79 37.43 -3.16
C THR G 562 -37.37 38.69 -3.79
N SER G 563 -36.54 39.40 -4.55
CA SER G 563 -36.94 40.69 -5.07
C SER G 563 -38.26 40.58 -5.83
N GLY G 564 -39.13 41.55 -5.61
CA GLY G 564 -40.48 41.55 -6.22
C GLY G 564 -41.52 41.11 -5.23
N GLU G 565 -41.13 40.17 -4.37
CA GLU G 565 -41.95 39.72 -3.25
C GLU G 565 -41.65 40.61 -2.03
N MET G 566 -40.61 41.41 -2.19
CA MET G 566 -40.21 42.38 -1.20
C MET G 566 -39.75 43.63 -1.95
N ASN G 567 -39.74 44.75 -1.24
CA ASN G 567 -39.06 45.94 -1.73
C ASN G 567 -37.59 45.67 -1.64
N LEU G 568 -36.84 46.20 -2.60
CA LEU G 568 -35.41 45.97 -2.59
C LEU G 568 -34.66 47.12 -3.27
N THR G 569 -33.50 47.47 -2.72
CA THR G 569 -32.71 48.56 -3.28
C THR G 569 -31.31 48.08 -3.64
N SER G 570 -30.82 48.55 -4.77
CA SER G 570 -29.46 48.26 -5.22
C SER G 570 -29.00 49.26 -6.25
N MET G 571 -27.71 49.23 -6.55
CA MET G 571 -27.14 50.06 -7.60
C MET G 571 -26.50 49.22 -8.69
N ASN G 572 -26.52 49.74 -9.91
CA ASN G 572 -25.92 49.09 -11.07
C ASN G 572 -24.47 49.51 -11.26
N GLY G 573 -23.89 49.20 -12.41
CA GLY G 573 -22.45 49.32 -12.61
C GLY G 573 -22.01 50.75 -12.85
N GLU G 574 -22.97 51.65 -12.72
CA GLU G 574 -22.84 53.07 -12.93
C GLU G 574 -23.11 53.81 -11.61
N ARG G 575 -23.22 53.04 -10.53
CA ARG G 575 -23.71 53.51 -9.22
C ARG G 575 -25.18 54.00 -9.22
N ARG G 576 -25.95 53.56 -10.19
CA ARG G 576 -27.33 54.03 -10.31
C ARG G 576 -28.23 53.24 -9.36
N MET G 577 -28.70 53.92 -8.31
CA MET G 577 -29.48 53.29 -7.24
C MET G 577 -30.97 53.37 -7.51
N ARG G 578 -31.67 52.26 -7.26
CA ARG G 578 -33.12 52.20 -7.46
C ARG G 578 -33.85 51.32 -6.49
N LEU G 579 -35.13 51.61 -6.33
CA LEU G 579 -36.04 50.81 -5.55
C LEU G 579 -36.79 49.90 -6.50
N THR G 580 -36.85 48.62 -6.16
CA THR G 580 -37.74 47.70 -6.84
C THR G 580 -38.94 47.55 -5.93
N GLU G 581 -40.08 48.01 -6.40
CA GLU G 581 -41.31 48.05 -5.60
C GLU G 581 -41.97 46.69 -5.61
N ARG G 582 -42.29 46.18 -4.43
CA ARG G 582 -42.99 44.91 -4.29
C ARG G 582 -44.26 44.86 -5.13
N TYR G 583 -44.42 43.78 -5.89
CA TYR G 583 -45.63 43.57 -6.72
C TYR G 583 -46.34 42.24 -6.49
N MET G 584 -45.75 41.37 -5.68
CA MET G 584 -46.37 40.08 -5.34
C MET G 584 -46.02 39.64 -3.93
N ASP G 585 -46.66 38.58 -3.48
CA ASP G 585 -46.44 38.04 -2.14
C ASP G 585 -45.34 36.96 -2.17
N PRO G 586 -44.58 36.82 -1.07
CA PRO G 586 -43.71 35.68 -0.93
C PRO G 586 -44.51 34.37 -0.98
N PRO G 587 -43.95 33.33 -1.61
CA PRO G 587 -44.63 32.03 -1.59
C PRO G 587 -44.72 31.47 -0.17
N GLY G 588 -45.84 30.83 0.13
CA GLY G 588 -46.02 30.18 1.43
C GLY G 588 -45.69 31.10 2.58
N GLN G 589 -44.80 30.65 3.46
CA GLN G 589 -44.43 31.39 4.66
C GLN G 589 -43.02 31.98 4.57
N SER G 590 -42.51 32.10 3.36
CA SER G 590 -41.17 32.59 3.16
C SER G 590 -41.10 34.05 3.55
N MET G 591 -39.91 34.47 3.99
CA MET G 591 -39.72 35.85 4.39
C MET G 591 -38.38 36.42 3.93
N PRO G 592 -38.31 37.74 3.74
CA PRO G 592 -37.09 38.39 3.28
C PRO G 592 -35.89 38.09 4.17
N ASP G 593 -34.72 38.01 3.58
CA ASP G 593 -33.50 37.64 4.34
C ASP G 593 -33.22 38.59 5.50
N CYS G 594 -33.41 39.87 5.30
CA CYS G 594 -33.19 40.81 6.39
C CYS G 594 -34.10 40.50 7.57
N LEU G 595 -35.34 40.11 7.29
CA LEU G 595 -36.25 39.82 8.39
C LEU G 595 -35.91 38.46 9.01
N ILE G 596 -35.45 37.51 8.20
CA ILE G 596 -34.99 36.22 8.73
C ILE G 596 -33.87 36.49 9.76
N ALA G 597 -32.90 37.30 9.36
CA ALA G 597 -31.81 37.72 10.25
C ALA G 597 -32.36 38.34 11.53
N ALA G 598 -33.30 39.25 11.38
CA ALA G 598 -33.91 39.89 12.54
C ALA G 598 -34.54 38.84 13.46
N ARG G 599 -35.31 37.93 12.88
CA ARG G 599 -35.99 36.92 13.67
C ARG G 599 -35.01 35.98 14.34
N LEU G 600 -33.90 35.72 13.67
CA LEU G 600 -32.88 34.84 14.22
C LEU G 600 -32.22 35.54 15.40
N ALA G 601 -31.88 36.81 15.21
CA ALA G 601 -31.37 37.65 16.30
C ALA G 601 -32.31 37.61 17.51
N ASN G 602 -33.60 37.81 17.28
CA ASN G 602 -34.58 37.80 18.36
C ASN G 602 -34.59 36.45 19.11
N THR G 603 -34.49 35.35 18.39
CA THR G 603 -34.46 34.04 18.99
C THR G 603 -33.16 33.83 19.78
N MET G 604 -32.03 34.31 19.23
CA MET G 604 -30.75 34.26 19.95
C MET G 604 -30.88 35.01 21.28
N GLU G 605 -31.51 36.18 21.25
CA GLU G 605 -31.77 36.92 22.47
C GLU G 605 -32.55 36.11 23.49
N ARG G 606 -33.64 35.49 23.05
CA ARG G 606 -34.50 34.72 23.94
C ARG G 606 -33.75 33.49 24.51
N VAL G 607 -33.08 32.75 23.63
CA VAL G 607 -32.42 31.52 24.04
C VAL G 607 -31.22 31.78 24.97
N LEU G 608 -30.40 32.76 24.64
CA LEU G 608 -29.30 33.12 25.50
C LEU G 608 -29.81 33.64 26.86
N THR G 609 -30.92 34.37 26.87
CA THR G 609 -31.52 34.81 28.14
C THR G 609 -31.87 33.59 29.00
N GLU G 610 -32.51 32.60 28.39
CA GLU G 610 -32.88 31.34 29.08
C GLU G 610 -31.66 30.55 29.60
N MET G 611 -30.59 30.52 28.83
CA MET G 611 -29.33 29.87 29.25
C MET G 611 -28.65 30.63 30.39
N GLY G 612 -29.02 31.89 30.57
CA GLY G 612 -28.50 32.70 31.66
C GLY G 612 -27.35 33.63 31.27
N ASP G 613 -27.02 33.70 29.99
CA ASP G 613 -26.00 34.67 29.54
C ASP G 613 -26.68 35.95 29.02
N VAL G 614 -27.18 36.74 29.97
CA VAL G 614 -27.95 37.95 29.69
C VAL G 614 -27.10 39.01 29.02
N GLY G 615 -25.81 39.05 29.37
CA GLY G 615 -24.86 39.98 28.77
C GLY G 615 -24.75 39.76 27.28
N TYR G 616 -24.55 38.52 26.91
CA TYR G 616 -24.40 38.16 25.51
C TYR G 616 -25.75 38.28 24.77
N ALA G 617 -26.84 37.94 25.47
CA ALA G 617 -28.20 38.15 24.92
C ALA G 617 -28.39 39.59 24.44
N ALA G 618 -27.95 40.55 25.25
CA ALA G 618 -28.14 41.99 24.97
C ALA G 618 -27.50 42.43 23.65
N GLN G 619 -26.46 41.74 23.22
CA GLN G 619 -25.78 42.08 21.96
C GLN G 619 -26.69 41.89 20.75
N PHE G 620 -27.73 41.08 20.88
CA PHE G 620 -28.64 40.77 19.78
C PHE G 620 -29.90 41.66 19.71
N LYS G 621 -29.89 42.77 20.42
CA LYS G 621 -30.95 43.76 20.27
C LYS G 621 -30.70 44.61 19.02
N GLY G 622 -31.68 45.45 18.68
CA GLY G 622 -31.60 46.30 17.50
C GLY G 622 -32.15 45.64 16.25
N PHE G 623 -33.05 44.68 16.45
CA PHE G 623 -33.67 43.93 15.35
C PHE G 623 -35.18 43.84 15.50
N ASP G 624 -35.82 44.96 15.75
CA ASP G 624 -37.25 44.95 15.96
C ASP G 624 -38.01 45.22 14.65
N TRP G 625 -37.44 44.80 13.54
CA TRP G 625 -37.94 45.14 12.19
C TRP G 625 -39.14 44.35 11.79
N GLN G 626 -40.17 45.02 11.29
CA GLN G 626 -41.37 44.30 10.81
C GLN G 626 -41.48 44.29 9.28
N THR G 627 -40.75 45.18 8.62
CA THR G 627 -40.76 45.23 7.16
C THR G 627 -39.35 45.53 6.64
N GLU G 628 -39.08 45.21 5.38
CA GLU G 628 -37.74 45.41 4.81
C GLU G 628 -37.29 46.88 4.83
N GLU G 629 -38.25 47.80 4.71
CA GLU G 629 -37.91 49.22 4.80
C GLU G 629 -37.23 49.57 6.13
N ASP G 630 -37.57 48.85 7.19
CA ASP G 630 -36.98 49.09 8.50
C ASP G 630 -35.49 48.78 8.42
N ALA G 631 -35.11 47.75 7.70
CA ALA G 631 -33.68 47.42 7.48
C ALA G 631 -32.96 48.49 6.65
N PHE G 632 -33.66 49.04 5.67
CA PHE G 632 -33.09 50.07 4.81
C PHE G 632 -32.76 51.29 5.61
N MET G 633 -33.67 51.68 6.49
CA MET G 633 -33.51 52.89 7.29
C MET G 633 -32.44 52.73 8.35
N ASP G 634 -32.37 51.58 9.00
CA ASP G 634 -31.33 51.31 10.00
C ASP G 634 -29.94 51.15 9.36
N GLY G 635 -29.90 50.77 8.10
CA GLY G 635 -28.63 50.51 7.40
C GLY G 635 -28.22 51.63 6.45
N TYR G 636 -28.73 51.58 5.23
CA TYR G 636 -28.32 52.51 4.18
C TYR G 636 -28.51 53.95 4.60
N ASN G 637 -29.71 54.28 5.06
CA ASN G 637 -30.07 55.66 5.38
C ASN G 637 -29.11 56.25 6.43
N LYS G 638 -28.81 55.48 7.46
CA LYS G 638 -27.94 55.93 8.54
C LYS G 638 -26.44 55.70 8.29
N ASN G 639 -26.06 54.87 7.32
CA ASN G 639 -24.65 54.47 7.19
C ASN G 639 -23.97 54.69 5.83
N ALA G 640 -24.73 54.77 4.74
CA ALA G 640 -24.12 55.01 3.41
C ALA G 640 -23.77 56.48 3.27
N HIS G 641 -22.76 56.77 2.44
CA HIS G 641 -22.40 58.16 2.14
C HIS G 641 -23.56 58.82 1.45
N GLY G 642 -24.10 59.88 2.07
CA GLY G 642 -25.29 60.56 1.54
C GLY G 642 -26.62 59.83 1.73
N GLY G 643 -26.62 58.80 2.57
CA GLY G 643 -27.84 58.04 2.87
C GLY G 643 -28.99 58.85 3.45
N GLU G 644 -28.66 59.87 4.22
CA GLU G 644 -29.65 60.78 4.79
C GLU G 644 -30.64 61.36 3.76
N PHE G 645 -30.20 61.41 2.51
CA PHE G 645 -31.02 61.98 1.43
C PHE G 645 -31.97 60.99 0.78
N VAL G 646 -31.82 59.70 1.08
CA VAL G 646 -32.53 58.65 0.37
C VAL G 646 -33.58 57.93 1.24
N THR G 647 -34.79 57.84 0.70
CA THR G 647 -35.88 57.08 1.31
C THR G 647 -36.63 56.35 0.20
N TYR G 648 -37.41 55.34 0.59
CA TYR G 648 -38.25 54.60 -0.36
C TYR G 648 -39.13 55.54 -1.15
N GLU G 649 -39.81 56.41 -0.42
CA GLU G 649 -40.72 57.38 -1.01
C GLU G 649 -40.02 58.24 -2.08
N ARG G 650 -38.84 58.73 -1.75
CA ARG G 650 -38.08 59.55 -2.67
C ARG G 650 -37.53 58.78 -3.88
N LEU G 651 -36.99 57.59 -3.64
CA LEU G 651 -36.54 56.73 -4.74
C LEU G 651 -37.65 56.36 -5.71
N SER G 652 -38.80 56.04 -5.15
CA SER G 652 -39.98 55.71 -5.93
C SER G 652 -40.37 56.81 -6.92
N ALA G 653 -40.32 58.06 -6.47
CA ALA G 653 -40.64 59.21 -7.34
C ALA G 653 -39.66 59.35 -8.52
N MET G 654 -38.45 58.85 -8.34
CA MET G 654 -37.40 58.94 -9.36
C MET G 654 -37.44 57.84 -10.42
N GLY G 655 -38.23 56.80 -10.17
CA GLY G 655 -38.48 55.79 -11.18
C GLY G 655 -37.30 54.87 -11.42
N THR G 656 -37.31 54.20 -12.58
CA THR G 656 -36.25 53.29 -12.95
C THR G 656 -34.91 53.97 -13.26
N ASN G 657 -34.94 55.27 -13.49
CA ASN G 657 -33.71 56.03 -13.70
C ASN G 657 -32.97 56.32 -12.39
N GLY G 658 -33.69 56.31 -11.28
CA GLY G 658 -33.12 56.61 -9.96
C GLY G 658 -32.15 57.78 -9.94
N PHE G 659 -31.00 57.56 -9.32
CA PHE G 659 -29.94 58.54 -9.23
C PHE G 659 -28.64 57.79 -9.00
N GLN G 660 -27.53 58.44 -9.29
CA GLN G 660 -26.20 57.83 -9.16
C GLN G 660 -25.56 58.17 -7.82
N GLU G 661 -25.18 57.14 -7.09
CA GLU G 661 -24.59 57.31 -5.76
C GLU G 661 -23.20 57.89 -5.87
N PRO G 662 -22.75 58.59 -4.83
CA PRO G 662 -23.49 58.97 -3.63
C PRO G 662 -24.42 60.16 -3.86
N ALA G 663 -25.50 60.19 -3.10
CA ALA G 663 -26.38 61.36 -3.09
C ALA G 663 -25.62 62.53 -2.48
N THR G 664 -25.80 63.71 -3.03
CA THR G 664 -25.21 64.91 -2.47
C THR G 664 -26.25 65.91 -1.98
N GLY G 665 -27.53 65.58 -2.16
CA GLY G 665 -28.60 66.50 -1.80
C GLY G 665 -29.97 66.09 -2.28
N PHE G 666 -30.97 66.87 -1.89
CA PHE G 666 -32.35 66.65 -2.29
C PHE G 666 -33.07 67.99 -2.50
N THR G 667 -33.40 68.28 -3.75
CA THR G 667 -34.12 69.49 -4.11
C THR G 667 -35.32 69.19 -4.98
N ASP G 668 -36.46 69.78 -4.63
CA ASP G 668 -37.69 69.72 -5.43
C ASP G 668 -38.00 68.35 -6.03
N GLY G 669 -38.16 67.39 -5.12
CA GLY G 669 -38.50 66.00 -5.47
C GLY G 669 -37.45 65.25 -6.26
N LYS G 670 -36.19 65.65 -6.13
CA LYS G 670 -35.11 64.96 -6.84
C LYS G 670 -33.87 64.73 -5.98
N ILE G 671 -33.48 63.46 -5.86
CA ILE G 671 -32.20 63.09 -5.23
C ILE G 671 -31.07 63.44 -6.20
N GLU G 672 -30.17 64.27 -5.69
CA GLU G 672 -29.10 64.84 -6.47
C GLU G 672 -27.89 63.92 -6.32
N GLY G 673 -27.29 63.55 -7.45
CA GLY G 673 -26.30 62.48 -7.49
C GLY G 673 -24.95 62.87 -8.08
N THR G 674 -24.14 61.85 -8.33
CA THR G 674 -22.76 62.00 -8.78
C THR G 674 -22.56 61.17 -10.05
N GLN G 675 -22.45 61.85 -11.19
CA GLN G 675 -22.32 61.18 -12.49
C GLN G 675 -21.03 60.36 -12.59
N ARG G 676 -19.92 60.99 -12.23
CA ARG G 676 -18.62 60.33 -12.26
C ARG G 676 -17.87 60.58 -10.96
N LEU G 677 -17.08 59.61 -10.54
CA LEU G 677 -16.17 59.81 -9.40
C LEU G 677 -14.85 60.46 -9.84
N TYR G 678 -14.19 61.15 -8.92
CA TYR G 678 -12.83 61.68 -9.12
C TYR G 678 -12.71 62.77 -10.21
N THR G 679 -13.80 63.50 -10.43
CA THR G 679 -13.79 64.57 -11.43
C THR G 679 -12.84 65.69 -11.01
N ASP G 680 -12.62 65.82 -9.69
CA ASP G 680 -11.70 66.82 -9.14
C ASP G 680 -10.24 66.33 -8.99
N GLY G 681 -9.99 65.06 -9.31
CA GLY G 681 -8.63 64.50 -9.23
C GLY G 681 -8.16 64.23 -7.82
N VAL G 682 -9.12 64.10 -6.90
CA VAL G 682 -8.84 63.78 -5.51
C VAL G 682 -9.33 62.36 -5.26
N PHE G 683 -8.39 61.48 -4.96
CA PHE G 683 -8.65 60.05 -4.89
C PHE G 683 -8.88 59.55 -3.47
N SER G 684 -9.21 58.27 -3.34
CA SER G 684 -9.63 57.69 -2.06
C SER G 684 -8.44 57.19 -1.27
N THR G 685 -7.55 58.11 -0.92
CA THR G 685 -6.43 57.83 -0.06
C THR G 685 -6.34 58.91 1.01
N ASP G 686 -5.57 58.64 2.06
CA ASP G 686 -5.39 59.59 3.14
C ASP G 686 -4.99 60.99 2.60
N ASP G 687 -3.98 61.05 1.75
CA ASP G 687 -3.54 62.33 1.15
C ASP G 687 -4.24 62.74 -0.16
N GLY G 688 -5.16 61.94 -0.65
CA GLY G 688 -5.91 62.27 -1.87
C GLY G 688 -5.19 62.08 -3.20
N LYS G 689 -4.04 61.44 -3.20
CA LYS G 689 -3.31 61.17 -4.43
C LYS G 689 -3.45 59.73 -4.81
N ALA G 690 -3.63 59.46 -6.09
CA ALA G 690 -3.65 58.07 -6.59
C ALA G 690 -2.24 57.53 -6.51
N ARG G 691 -2.11 56.22 -6.36
CA ARG G 691 -0.82 55.55 -6.43
C ARG G 691 -0.76 54.68 -7.66
N PHE G 692 0.41 54.62 -8.28
CA PHE G 692 0.68 53.63 -9.32
C PHE G 692 1.12 52.37 -8.63
N MET G 693 1.21 51.29 -9.40
CA MET G 693 1.68 50.01 -8.86
C MET G 693 2.86 49.44 -9.61
N ASP G 694 3.92 49.21 -8.85
CA ASP G 694 5.12 48.50 -9.31
C ASP G 694 4.76 47.04 -9.21
N ALA G 695 4.44 46.45 -10.36
CA ALA G 695 3.76 45.14 -10.41
C ALA G 695 4.41 44.21 -11.44
N PRO G 696 5.64 43.77 -11.17
CA PRO G 696 6.35 42.96 -12.17
C PRO G 696 5.75 41.55 -12.33
N TRP G 697 5.81 41.06 -13.55
CA TRP G 697 5.38 39.72 -13.90
C TRP G 697 6.19 38.70 -13.16
N ARG G 698 5.52 37.69 -12.61
CA ARG G 698 6.20 36.61 -11.85
C ARG G 698 5.55 35.27 -12.17
N GLY G 699 5.12 35.10 -13.42
CA GLY G 699 4.51 33.84 -13.86
C GLY G 699 3.12 33.59 -13.29
N LEU G 700 2.72 32.33 -13.27
CA LEU G 700 1.48 31.91 -12.62
C LEU G 700 1.79 31.92 -11.14
N GLN G 701 1.10 32.73 -10.35
CA GLN G 701 1.51 32.86 -8.94
C GLN G 701 0.79 31.97 -7.95
N ALA G 702 -0.41 31.50 -8.28
CA ALA G 702 -1.17 30.66 -7.33
C ALA G 702 -0.52 29.28 -7.21
N PRO G 703 -0.39 28.74 -6.00
CA PRO G 703 0.29 27.45 -5.88
C PRO G 703 -0.37 26.36 -6.72
N GLY G 704 0.45 25.52 -7.33
CA GLY G 704 -0.03 24.36 -8.07
C GLY G 704 -0.30 24.60 -9.55
N LYS G 705 -0.46 25.85 -9.94
CA LYS G 705 -0.99 26.17 -11.25
C LYS G 705 -0.08 25.78 -12.40
N GLN G 706 1.20 26.13 -12.30
CA GLN G 706 2.16 25.79 -13.34
C GLN G 706 2.24 24.26 -13.48
N GLN G 707 2.27 23.59 -12.34
CA GLN G 707 2.27 22.12 -12.29
C GLN G 707 1.04 21.53 -12.95
N GLN G 708 -0.14 22.10 -12.69
CA GLN G 708 -1.34 21.52 -13.29
C GLN G 708 -1.37 21.76 -14.80
N LYS G 709 -0.94 22.93 -15.24
CA LYS G 709 -0.78 23.22 -16.66
C LYS G 709 0.18 22.26 -17.34
N ASP G 710 1.33 22.01 -16.71
CA ASP G 710 2.39 21.20 -17.32
C ASP G 710 2.02 19.72 -17.42
N SER G 711 1.13 19.25 -16.55
CA SER G 711 0.85 17.81 -16.48
C SER G 711 -0.51 17.39 -17.03
N HIS G 712 -1.24 18.30 -17.66
CA HIS G 712 -2.56 17.99 -18.25
C HIS G 712 -2.69 18.55 -19.63
N LYS G 713 -3.62 18.01 -20.41
CA LYS G 713 -3.65 18.27 -21.84
C LYS G 713 -4.32 19.59 -22.24
N TYR G 714 -5.44 19.92 -21.62
CA TYR G 714 -6.28 21.04 -22.07
C TYR G 714 -6.42 22.14 -21.05
N LEU G 715 -6.54 23.36 -21.55
CA LEU G 715 -7.05 24.47 -20.75
C LEU G 715 -8.54 24.24 -20.59
N ILE G 716 -9.02 24.29 -19.35
CA ILE G 716 -10.45 24.24 -19.07
C ILE G 716 -10.86 25.64 -18.64
N ASN G 717 -10.85 26.55 -19.61
CA ASN G 717 -11.42 27.88 -19.42
C ASN G 717 -12.88 27.65 -18.97
N ASN G 718 -13.50 28.65 -18.36
CA ASN G 718 -14.82 28.49 -17.77
C ASN G 718 -15.45 29.84 -17.53
N GLY G 719 -16.78 29.84 -17.41
CA GLY G 719 -17.54 31.09 -17.38
C GLY G 719 -19.00 30.94 -17.77
N ARG G 720 -19.56 32.04 -18.22
CA ARG G 720 -21.00 32.20 -18.48
C ARG G 720 -21.45 31.81 -19.86
N ALA G 721 -22.73 31.50 -19.96
CA ALA G 721 -23.48 31.43 -21.23
C ALA G 721 -24.59 32.48 -21.15
N ASN G 722 -24.93 33.06 -22.29
CA ASN G 722 -25.98 34.07 -22.35
C ASN G 722 -27.31 33.61 -21.76
N VAL G 723 -27.79 32.41 -22.12
CA VAL G 723 -29.10 31.93 -21.65
C VAL G 723 -29.16 31.58 -20.15
N VAL G 724 -28.04 31.17 -19.57
CA VAL G 724 -28.07 30.64 -18.22
C VAL G 724 -27.73 31.72 -17.22
N TRP G 725 -28.61 31.92 -16.25
CA TRP G 725 -28.32 32.80 -15.13
C TRP G 725 -27.69 32.02 -14.01
N GLN G 726 -26.43 32.29 -13.77
CA GLN G 726 -25.70 31.79 -12.59
C GLN G 726 -25.71 30.28 -12.52
N SER G 727 -25.97 29.71 -11.35
CA SER G 727 -25.98 28.24 -11.17
C SER G 727 -27.32 27.58 -11.54
N ALA G 728 -28.11 28.25 -12.37
CA ALA G 728 -29.35 27.68 -12.91
C ALA G 728 -30.33 27.33 -11.81
N TYR G 729 -30.28 28.08 -10.71
CA TYR G 729 -31.18 27.83 -9.60
C TYR G 729 -32.65 28.02 -9.99
N LEU G 730 -32.95 29.06 -10.75
CA LEU G 730 -34.29 29.23 -11.33
C LEU G 730 -34.42 28.47 -12.65
N ASP G 731 -33.35 28.50 -13.44
CA ASP G 731 -33.38 27.94 -14.79
C ASP G 731 -33.64 26.44 -14.86
N GLN G 732 -33.27 25.71 -13.81
CA GLN G 732 -33.48 24.27 -13.80
C GLN G 732 -34.97 23.88 -13.83
N GLU G 733 -35.85 24.81 -13.42
CA GLU G 733 -37.33 24.63 -13.53
C GLU G 733 -37.90 25.47 -14.68
N ASN G 734 -37.05 25.82 -15.64
CA ASN G 734 -37.46 26.59 -16.80
C ASN G 734 -37.16 25.80 -18.09
N ASP G 735 -38.21 25.36 -18.76
CA ASP G 735 -38.03 24.47 -19.89
C ASP G 735 -37.22 25.09 -21.02
N PHE G 736 -37.37 26.40 -21.23
CA PHE G 736 -36.67 27.08 -22.33
C PHE G 736 -35.16 26.97 -22.20
N VAL G 737 -34.66 27.20 -20.99
CA VAL G 737 -33.24 27.06 -20.72
C VAL G 737 -32.79 25.58 -20.74
N MET G 738 -33.50 24.70 -20.06
CA MET G 738 -33.08 23.28 -19.96
C MET G 738 -33.24 22.50 -21.28
N ASP G 739 -34.15 22.95 -22.14
CA ASP G 739 -34.31 22.34 -23.47
C ASP G 739 -33.09 22.63 -24.34
N ARG G 740 -32.44 23.76 -24.11
CA ARG G 740 -31.27 24.18 -24.89
C ARG G 740 -29.97 23.54 -24.40
N PHE G 741 -29.77 23.48 -23.09
CA PHE G 741 -28.58 22.87 -22.50
C PHE G 741 -28.94 21.97 -21.29
N PRO G 742 -29.36 20.73 -21.55
CA PRO G 742 -29.64 19.86 -20.40
C PRO G 742 -28.36 19.49 -19.63
N TYR G 743 -27.26 19.34 -20.36
CA TYR G 743 -25.94 19.26 -19.75
C TYR G 743 -25.19 20.57 -19.99
N PRO G 744 -24.20 20.88 -19.14
CA PRO G 744 -23.38 22.04 -19.48
C PRO G 744 -22.52 21.70 -20.67
N PHE G 745 -22.33 22.65 -21.56
CA PHE G 745 -21.48 22.45 -22.72
C PHE G 745 -20.02 22.60 -22.35
N ILE G 746 -19.16 21.93 -23.11
CA ILE G 746 -17.74 22.24 -23.10
C ILE G 746 -17.36 22.48 -24.57
N GLU G 747 -17.02 23.74 -24.86
CA GLU G 747 -16.68 24.20 -26.20
C GLU G 747 -15.34 23.59 -26.53
N MET G 748 -15.27 22.85 -27.63
CA MET G 748 -14.04 22.17 -28.02
C MET G 748 -13.80 22.36 -29.49
N ASN G 749 -12.53 22.56 -29.82
CA ASN G 749 -12.10 22.62 -31.22
C ASN G 749 -12.44 21.28 -31.90
N PRO G 750 -13.02 21.31 -33.10
CA PRO G 750 -13.43 20.06 -33.77
C PRO G 750 -12.29 19.08 -34.04
N GLU G 751 -11.10 19.58 -34.29
CA GLU G 751 -9.95 18.69 -34.52
C GLU G 751 -9.44 18.12 -33.19
N ASP G 752 -9.53 18.88 -32.11
CA ASP G 752 -9.27 18.33 -30.76
C ASP G 752 -10.23 17.16 -30.47
N MET G 753 -11.49 17.31 -30.89
CA MET G 753 -12.52 16.29 -30.71
C MET G 753 -12.24 15.07 -31.57
N ALA G 754 -11.91 15.30 -32.84
CA ALA G 754 -11.53 14.21 -33.72
C ALA G 754 -10.37 13.42 -33.09
N GLU G 755 -9.38 14.13 -32.59
CA GLU G 755 -8.20 13.51 -32.00
C GLU G 755 -8.53 12.66 -30.78
N ALA G 756 -9.50 13.12 -29.99
CA ALA G 756 -9.90 12.44 -28.75
C ALA G 756 -11.00 11.40 -28.97
N GLY G 757 -11.42 11.20 -30.22
CA GLY G 757 -12.51 10.26 -30.54
C GLY G 757 -13.90 10.70 -30.11
N LEU G 758 -14.13 12.00 -30.00
CA LEU G 758 -15.41 12.54 -29.53
C LEU G 758 -16.27 13.08 -30.66
N LYS G 759 -17.59 12.93 -30.50
CA LYS G 759 -18.59 13.47 -31.41
C LYS G 759 -19.44 14.54 -30.70
N GLU G 760 -20.08 15.42 -31.47
CA GLU G 760 -20.98 16.42 -30.90
C GLU G 760 -22.00 15.72 -30.00
N GLY G 761 -22.13 16.23 -28.78
CA GLY G 761 -23.10 15.71 -27.83
C GLY G 761 -22.57 14.65 -26.90
N ASP G 762 -21.42 14.06 -27.23
CA ASP G 762 -20.82 13.08 -26.34
C ASP G 762 -20.68 13.67 -24.94
N LEU G 763 -20.90 12.80 -23.96
CA LEU G 763 -20.79 13.17 -22.57
C LEU G 763 -19.37 12.79 -22.14
N VAL G 764 -18.62 13.77 -21.69
CA VAL G 764 -17.19 13.56 -21.39
C VAL G 764 -16.89 13.87 -19.92
N GLU G 765 -15.94 13.12 -19.36
CA GLU G 765 -15.39 13.41 -18.05
C GLU G 765 -14.21 14.36 -18.23
N ILE G 766 -14.24 15.48 -17.50
CA ILE G 766 -13.07 16.37 -17.39
C ILE G 766 -12.43 15.98 -16.06
N TYR G 767 -11.11 15.74 -16.03
CA TYR G 767 -10.47 15.31 -14.78
C TYR G 767 -9.04 15.78 -14.62
N ASN G 768 -8.65 15.97 -13.37
CA ASN G 768 -7.29 16.30 -13.01
C ASN G 768 -7.07 15.91 -11.55
N ASP G 769 -6.05 16.42 -10.91
CA ASP G 769 -5.76 16.03 -9.53
C ASP G 769 -6.67 16.77 -8.49
N ALA G 770 -7.43 17.76 -8.92
CA ALA G 770 -8.42 18.41 -8.05
C ALA G 770 -9.67 17.51 -7.89
N GLY G 771 -10.12 16.95 -9.00
CA GLY G 771 -11.34 16.16 -9.03
C GLY G 771 -11.75 15.84 -10.45
N ALA G 772 -13.05 15.61 -10.61
CA ALA G 772 -13.61 15.20 -11.90
C ALA G 772 -15.06 15.70 -12.05
N THR G 773 -15.52 15.78 -13.29
CA THR G 773 -16.87 16.26 -13.57
C THR G 773 -17.27 15.87 -15.00
N GLN G 774 -18.47 16.26 -15.40
CA GLN G 774 -18.99 15.90 -16.71
C GLN G 774 -19.47 17.11 -17.48
N ALA G 775 -19.45 17.01 -18.80
CA ALA G 775 -19.97 18.07 -19.67
C ALA G 775 -20.28 17.51 -21.04
N MET G 776 -20.97 18.28 -21.85
CA MET G 776 -21.39 17.83 -23.17
C MET G 776 -20.49 18.49 -24.19
N ALA G 777 -19.82 17.70 -24.99
CA ALA G 777 -18.91 18.21 -26.02
C ALA G 777 -19.71 19.05 -27.03
N TYR G 778 -19.36 20.32 -27.14
CA TYR G 778 -19.97 21.21 -28.11
C TYR G 778 -18.87 21.68 -29.07
N PRO G 779 -18.93 21.24 -30.34
CA PRO G 779 -17.86 21.58 -31.27
C PRO G 779 -17.86 23.03 -31.66
N THR G 780 -16.71 23.66 -31.53
CA THR G 780 -16.59 25.12 -31.60
C THR G 780 -15.40 25.52 -32.48
N PRO G 781 -15.65 25.76 -33.77
CA PRO G 781 -14.55 26.03 -34.73
C PRO G 781 -13.63 27.17 -34.32
N THR G 782 -14.18 28.19 -33.65
CA THR G 782 -13.41 29.36 -33.20
C THR G 782 -12.49 29.11 -32.02
N ALA G 783 -12.67 27.99 -31.34
CA ALA G 783 -11.83 27.62 -30.21
C ALA G 783 -10.44 27.27 -30.69
N ARG G 784 -9.42 27.70 -29.95
CA ARG G 784 -8.04 27.34 -30.27
C ARG G 784 -7.72 25.92 -29.82
N ARG G 785 -6.80 25.30 -30.54
CA ARG G 785 -6.39 23.94 -30.26
C ARG G 785 -5.81 23.85 -28.84
N GLY G 786 -6.36 22.92 -28.05
CA GLY G 786 -5.92 22.70 -26.68
C GLY G 786 -6.63 23.56 -25.66
N GLU G 787 -7.59 24.35 -26.11
CA GLU G 787 -8.30 25.28 -25.24
C GLU G 787 -9.80 25.04 -25.29
N THR G 788 -10.33 24.60 -24.17
CA THR G 788 -11.76 24.32 -24.03
C THR G 788 -12.39 25.36 -23.13
N PHE G 789 -13.70 25.53 -23.26
CA PHE G 789 -14.44 26.42 -22.39
C PHE G 789 -15.68 25.71 -21.87
N MET G 790 -15.78 25.56 -20.55
CA MET G 790 -16.93 24.88 -19.97
C MET G 790 -17.81 25.85 -19.20
N LEU G 791 -19.12 25.72 -19.40
CA LEU G 791 -20.11 26.49 -18.65
C LEU G 791 -19.93 26.20 -17.17
N PHE G 792 -19.83 27.23 -16.34
CA PHE G 792 -19.59 27.05 -14.89
C PHE G 792 -20.91 26.93 -14.13
N GLY G 793 -20.83 26.54 -12.88
CA GLY G 793 -21.97 26.58 -11.95
C GLY G 793 -23.17 25.69 -12.21
N PHE G 794 -23.06 24.76 -13.15
CA PHE G 794 -24.25 24.11 -13.69
C PHE G 794 -24.58 22.82 -12.93
N PRO G 795 -25.86 22.67 -12.52
CA PRO G 795 -26.23 21.51 -11.70
C PRO G 795 -25.93 20.16 -12.32
N THR G 796 -25.93 20.05 -13.63
CA THR G 796 -25.79 18.72 -14.26
C THR G 796 -24.35 18.44 -14.69
N GLY G 797 -23.43 19.25 -14.21
CA GLY G 797 -22.00 19.12 -14.50
C GLY G 797 -21.28 20.35 -13.97
N VAL G 798 -20.67 20.21 -12.80
CA VAL G 798 -20.11 21.34 -12.07
C VAL G 798 -18.63 21.45 -12.40
N GLN G 799 -18.23 22.53 -13.07
CA GLN G 799 -16.81 22.62 -13.46
C GLN G 799 -15.91 22.99 -12.30
N GLY G 800 -16.47 23.51 -11.22
CA GLY G 800 -15.70 23.83 -10.02
C GLY G 800 -15.01 22.63 -9.43
N ASN G 801 -15.54 21.45 -9.72
CA ASN G 801 -14.90 20.19 -9.34
C ASN G 801 -13.45 20.08 -9.79
N VAL G 802 -13.10 20.68 -10.93
CA VAL G 802 -11.74 20.53 -11.45
C VAL G 802 -10.87 21.77 -11.26
N THR G 803 -11.37 22.75 -10.52
CA THR G 803 -10.54 23.88 -10.12
C THR G 803 -9.82 23.55 -8.83
N SER G 804 -8.56 23.93 -8.72
CA SER G 804 -7.76 23.58 -7.54
C SER G 804 -8.08 24.51 -6.38
N ALA G 805 -7.50 24.24 -5.23
CA ALA G 805 -7.63 25.07 -4.02
C ALA G 805 -6.82 26.36 -4.11
N GLY G 806 -6.08 26.53 -5.21
CA GLY G 806 -5.16 27.66 -5.41
C GLY G 806 -5.75 29.08 -5.43
N THR G 807 -5.23 29.92 -4.55
CA THR G 807 -5.63 31.31 -4.49
C THR G 807 -4.40 32.18 -4.44
N ASN G 808 -4.60 33.48 -4.66
CA ASN G 808 -3.51 34.42 -4.41
C ASN G 808 -3.34 34.67 -2.91
N GLU G 809 -2.48 35.62 -2.56
CA GLU G 809 -2.13 35.84 -1.17
C GLU G 809 -3.33 36.33 -0.34
N LEU G 810 -4.26 37.03 -1.00
CA LEU G 810 -5.46 37.58 -0.34
C LEU G 810 -6.68 36.64 -0.46
N ILE G 811 -6.43 35.43 -0.94
CA ILE G 811 -7.42 34.36 -0.98
C ILE G 811 -8.44 34.61 -2.08
N ILE G 812 -7.95 35.12 -3.20
CA ILE G 812 -8.78 35.30 -4.38
C ILE G 812 -8.70 34.01 -5.21
N PRO G 813 -9.85 33.37 -5.49
CA PRO G 813 -9.84 32.09 -6.22
C PRO G 813 -9.51 32.27 -7.70
N ASN G 814 -8.57 31.48 -8.19
CA ASN G 814 -8.01 31.64 -9.54
C ASN G 814 -8.67 30.64 -10.44
N TYR G 815 -9.98 30.77 -10.58
CA TYR G 815 -10.80 29.79 -11.32
C TYR G 815 -10.40 29.64 -12.78
N LYS G 816 -10.10 30.74 -13.45
CA LYS G 816 -9.93 30.72 -14.90
C LYS G 816 -8.73 29.91 -15.35
N GLN G 817 -7.64 29.97 -14.60
CA GLN G 817 -6.46 29.14 -14.91
C GLN G 817 -6.68 27.72 -14.37
N THR G 818 -7.28 26.88 -15.19
CA THR G 818 -7.51 25.49 -14.87
C THR G 818 -7.15 24.61 -16.06
N TRP G 819 -6.44 23.53 -15.80
CA TRP G 819 -6.13 22.56 -16.85
C TRP G 819 -6.54 21.20 -16.41
N GLY G 820 -6.84 20.36 -17.38
CA GLY G 820 -7.29 19.01 -17.10
C GLY G 820 -7.27 18.11 -18.33
N ASN G 821 -7.54 16.84 -18.09
CA ASN G 821 -7.68 15.86 -19.14
C ASN G 821 -9.15 15.64 -19.45
N ILE G 822 -9.41 15.17 -20.66
CA ILE G 822 -10.77 14.86 -21.08
C ILE G 822 -10.86 13.43 -21.63
N ARG G 823 -11.89 12.70 -21.21
CA ARG G 823 -12.17 11.37 -21.79
C ARG G 823 -13.66 11.09 -21.80
N LYS G 824 -14.07 10.20 -22.68
CA LYS G 824 -15.47 9.97 -22.95
C LYS G 824 -16.12 9.13 -21.86
N ILE G 825 -17.27 9.58 -21.37
CA ILE G 825 -18.10 8.79 -20.45
C ILE G 825 -19.15 8.00 -21.22
N SER G 826 -19.80 8.66 -22.17
CA SER G 826 -20.90 8.06 -22.91
C SER G 826 -21.04 8.64 -24.30
N ASP G 827 -21.51 7.83 -25.24
CA ASP G 827 -22.01 8.33 -26.52
C ASP G 827 -23.11 9.36 -26.23
N ALA G 828 -23.28 10.32 -27.13
CA ALA G 828 -24.31 11.35 -26.98
C ALA G 828 -25.65 10.76 -26.54
N PRO G 829 -26.17 11.19 -25.38
CA PRO G 829 -27.46 10.65 -24.93
C PRO G 829 -28.63 11.08 -25.81
N ARG G 830 -29.70 10.29 -25.80
CA ARG G 830 -30.94 10.59 -26.52
C ARG G 830 -31.50 12.00 -26.20
N ASN G 831 -31.41 12.42 -24.95
CA ASN G 831 -31.99 13.71 -24.54
C ASN G 831 -31.21 14.91 -25.07
N VAL G 832 -30.22 14.63 -25.90
CA VAL G 832 -29.41 15.65 -26.53
C VAL G 832 -29.55 15.65 -28.06
N ALA G 833 -30.33 14.72 -28.61
CA ALA G 833 -30.52 14.59 -30.06
C ALA G 833 -31.19 15.81 -30.72
N HIS G 834 -32.04 16.49 -29.98
CA HIS G 834 -32.80 17.65 -30.48
C HIS G 834 -32.00 18.94 -30.50
N LEU G 835 -30.83 18.97 -29.87
CA LEU G 835 -30.05 20.23 -29.77
C LEU G 835 -29.42 20.65 -31.09
N SER G 836 -29.35 21.95 -31.30
CA SER G 836 -28.48 22.47 -32.35
C SER G 836 -27.07 22.57 -31.81
N PHE G 837 -26.11 22.14 -32.63
CA PHE G 837 -24.68 22.26 -32.34
C PHE G 837 -23.99 23.24 -33.27
N LYS G 838 -24.76 24.11 -33.89
CA LYS G 838 -24.22 25.07 -34.86
C LYS G 838 -23.50 26.20 -34.16
N SER G 839 -22.75 27.00 -34.93
CA SER G 839 -22.00 28.10 -34.36
C SER G 839 -22.93 29.13 -33.74
N LYS G 840 -22.52 29.64 -32.58
CA LYS G 840 -23.25 30.70 -31.90
C LYS G 840 -23.00 32.08 -32.49
N GLU G 841 -22.05 32.20 -33.41
CA GLU G 841 -21.74 33.50 -34.01
C GLU G 841 -22.69 33.89 -35.11
N TYR G 842 -23.33 35.04 -34.93
CA TYR G 842 -24.12 35.70 -35.99
C TYR G 842 -23.34 35.80 -37.30
N GLN G 843 -24.00 35.39 -38.38
CA GLN G 843 -23.49 35.58 -39.74
C GLN G 843 -24.38 36.60 -40.46
N SER G 844 -23.73 37.56 -41.10
CA SER G 844 -24.40 38.64 -41.84
C SER G 844 -24.70 38.12 -43.25
N ALA H 44 -65.75 33.21 -27.01
CA ALA H 44 -65.84 31.73 -26.82
C ALA H 44 -64.60 30.94 -27.32
N ALA H 45 -63.80 30.37 -26.40
CA ALA H 45 -62.80 29.30 -26.72
C ALA H 45 -61.31 29.68 -26.71
N GLY H 46 -60.48 28.81 -27.31
CA GLY H 46 -59.08 29.12 -27.61
C GLY H 46 -58.92 29.71 -29.02
N VAL H 47 -57.69 29.94 -29.51
CA VAL H 47 -57.51 30.69 -30.78
C VAL H 47 -57.89 29.88 -32.02
N GLU H 48 -58.67 30.50 -32.91
CA GLU H 48 -59.13 29.86 -34.14
C GLU H 48 -58.24 30.21 -35.33
N TYR H 49 -57.38 29.28 -35.70
CA TYR H 49 -56.49 29.47 -36.84
C TYR H 49 -57.19 29.17 -38.16
N PRO H 50 -56.99 30.01 -39.18
CA PRO H 50 -57.48 29.69 -40.50
C PRO H 50 -56.57 28.69 -41.21
N ALA H 51 -57.14 27.90 -42.10
CA ALA H 51 -56.37 26.98 -42.94
C ALA H 51 -56.08 27.67 -44.26
N ASN H 52 -54.90 28.26 -44.38
CA ASN H 52 -54.51 29.05 -45.56
C ASN H 52 -53.52 28.33 -46.47
N ARG H 53 -53.81 28.36 -47.76
CA ARG H 53 -52.88 27.88 -48.77
C ARG H 53 -51.74 28.88 -48.85
N LEU H 54 -50.52 28.39 -48.78
CA LEU H 54 -49.34 29.27 -48.85
C LEU H 54 -48.59 29.12 -50.18
N ALA H 55 -48.40 27.87 -50.60
CA ALA H 55 -47.72 27.58 -51.86
C ALA H 55 -47.92 26.12 -52.23
N ASN H 56 -47.40 25.74 -53.40
CA ASN H 56 -47.37 24.35 -53.82
C ASN H 56 -45.96 23.84 -53.69
N ILE H 57 -45.83 22.55 -53.38
CA ILE H 57 -44.52 21.93 -53.18
C ILE H 57 -43.54 22.10 -54.36
N SER H 58 -44.09 22.20 -55.57
CA SER H 58 -43.30 22.36 -56.79
C SER H 58 -42.64 23.74 -56.93
N GLU H 59 -43.06 24.70 -56.11
CA GLU H 59 -42.50 26.06 -56.13
C GLU H 59 -41.15 26.16 -55.40
N LEU H 60 -40.88 25.22 -54.51
CA LEU H 60 -39.71 25.31 -53.62
C LEU H 60 -38.49 24.68 -54.24
N THR H 61 -37.36 25.36 -54.10
CA THR H 61 -36.06 24.79 -54.46
C THR H 61 -35.28 24.51 -53.20
N LEU H 62 -34.47 23.45 -53.23
CA LEU H 62 -33.65 23.05 -52.07
C LEU H 62 -32.88 24.24 -51.53
N ASN H 63 -33.12 24.57 -50.27
CA ASN H 63 -32.34 25.57 -49.51
C ASN H 63 -32.54 27.02 -49.97
N GLU H 64 -33.66 27.29 -50.64
CA GLU H 64 -34.00 28.64 -51.08
C GLU H 64 -35.37 29.04 -50.51
N PRO H 65 -35.37 29.87 -49.46
CA PRO H 65 -36.62 30.18 -48.76
C PRO H 65 -37.61 30.94 -49.63
N LEU H 66 -38.87 30.59 -49.51
CA LEU H 66 -39.95 31.23 -50.25
C LEU H 66 -40.73 32.14 -49.32
N ASP H 67 -40.76 33.43 -49.63
CA ASP H 67 -41.48 34.41 -48.81
C ASP H 67 -42.97 34.09 -48.77
N VAL H 68 -43.54 34.20 -47.59
CA VAL H 68 -44.93 33.85 -47.34
C VAL H 68 -45.44 34.65 -46.14
N ALA H 69 -46.73 34.61 -45.87
CA ALA H 69 -47.32 35.29 -44.72
C ALA H 69 -48.45 34.48 -44.05
N TYR H 70 -48.35 34.29 -42.74
CA TYR H 70 -49.33 33.51 -41.98
C TYR H 70 -49.32 33.90 -40.52
N PRO H 71 -50.50 33.99 -39.89
CA PRO H 71 -51.87 33.73 -40.38
C PRO H 71 -52.59 34.89 -41.07
N ASP H 72 -51.86 35.95 -41.40
CA ASP H 72 -52.40 37.00 -42.26
C ASP H 72 -51.32 37.77 -43.02
N GLU H 73 -51.79 38.62 -43.91
CA GLU H 73 -50.96 39.53 -44.73
C GLU H 73 -49.77 40.15 -43.98
N ASP H 74 -49.96 40.50 -42.70
CA ASP H 74 -48.99 41.26 -41.91
C ASP H 74 -47.95 40.46 -41.12
N ALA H 75 -48.00 39.14 -41.24
CA ALA H 75 -47.14 38.25 -40.46
C ALA H 75 -46.12 37.53 -41.33
N ALA H 76 -45.00 38.21 -41.62
CA ALA H 76 -44.02 37.69 -42.56
C ALA H 76 -43.39 36.38 -42.10
N GLY H 77 -43.28 35.44 -43.04
CA GLY H 77 -42.59 34.19 -42.81
C GLY H 77 -42.02 33.60 -44.09
N VAL H 78 -41.47 32.40 -43.98
CA VAL H 78 -40.86 31.70 -45.09
C VAL H 78 -41.21 30.21 -45.09
N LEU H 79 -41.30 29.62 -46.27
CA LEU H 79 -41.24 28.16 -46.42
C LEU H 79 -39.83 27.82 -46.86
N LEU H 80 -39.34 26.67 -46.44
CA LEU H 80 -37.96 26.29 -46.71
C LEU H 80 -37.84 24.78 -46.84
N LYS H 81 -37.29 24.32 -47.96
CA LYS H 81 -36.99 22.89 -48.17
C LYS H 81 -35.54 22.63 -47.79
N LEU H 82 -35.33 21.78 -46.78
CA LEU H 82 -34.01 21.62 -46.17
C LEU H 82 -33.17 20.43 -46.68
N GLY H 83 -33.81 19.46 -47.31
CA GLY H 83 -33.10 18.34 -47.94
C GLY H 83 -32.85 17.16 -47.02
N THR H 84 -33.27 17.28 -45.76
CA THR H 84 -33.14 16.21 -44.78
C THR H 84 -34.36 16.23 -43.84
N ARG H 85 -34.70 15.09 -43.27
CA ARG H 85 -35.90 14.97 -42.42
C ARG H 85 -35.68 15.70 -41.09
N VAL H 86 -36.61 16.58 -40.74
CA VAL H 86 -36.46 17.48 -39.58
C VAL H 86 -37.77 17.74 -38.88
N GLU H 87 -37.71 18.19 -37.63
CA GLU H 87 -38.92 18.30 -36.80
C GLU H 87 -39.88 19.37 -37.33
N GLY H 88 -41.14 18.99 -37.47
CA GLY H 88 -42.19 19.83 -38.06
C GLY H 88 -42.20 19.82 -39.58
N GLY H 89 -41.30 19.06 -40.18
CA GLY H 89 -41.13 19.06 -41.64
C GLY H 89 -42.15 18.18 -42.31
N VAL H 90 -42.59 18.59 -43.50
CA VAL H 90 -43.62 17.87 -44.25
C VAL H 90 -43.18 17.57 -45.67
N GLY H 91 -44.05 16.92 -46.43
CA GLY H 91 -43.73 16.50 -47.78
C GLY H 91 -43.20 15.08 -47.73
N PRO H 92 -42.97 14.48 -48.90
CA PRO H 92 -42.49 13.08 -48.90
C PRO H 92 -41.13 12.88 -48.22
N ASP H 93 -40.24 13.87 -48.32
CA ASP H 93 -38.91 13.79 -47.71
C ASP H 93 -38.90 14.34 -46.28
N GLY H 94 -40.03 14.92 -45.88
CA GLY H 94 -40.23 15.41 -44.52
C GLY H 94 -39.35 16.61 -44.17
N ASP H 95 -39.05 17.41 -45.18
CA ASP H 95 -38.04 18.47 -45.04
C ASP H 95 -38.55 19.87 -45.34
N ILE H 96 -39.84 20.02 -45.56
CA ILE H 96 -40.41 21.33 -45.81
C ILE H 96 -40.88 21.88 -44.48
N VAL H 97 -40.25 22.97 -44.05
CA VAL H 97 -40.62 23.66 -42.83
C VAL H 97 -41.13 25.06 -43.15
N GLY H 98 -41.81 25.66 -42.18
CA GLY H 98 -42.28 27.04 -42.27
C GLY H 98 -42.09 27.78 -40.97
N PHE H 99 -41.54 28.99 -41.04
CA PHE H 99 -41.28 29.81 -39.85
C PHE H 99 -41.69 31.27 -40.03
N SER H 100 -41.97 31.91 -38.90
CA SER H 100 -41.99 33.35 -38.83
C SER H 100 -40.57 33.86 -39.10
N THR H 101 -40.49 34.95 -39.83
CA THR H 101 -39.22 35.49 -40.30
C THR H 101 -38.88 36.76 -39.55
N ILE H 102 -39.70 37.06 -38.55
CA ILE H 102 -39.55 38.26 -37.75
C ILE H 102 -39.02 37.88 -36.36
N CYS H 103 -37.88 38.43 -36.01
CA CYS H 103 -37.24 38.09 -34.75
C CYS H 103 -38.18 38.28 -33.56
N PRO H 104 -38.29 37.25 -32.71
CA PRO H 104 -39.20 37.35 -31.56
C PRO H 104 -38.70 38.20 -30.38
N HIS H 105 -37.47 38.70 -30.47
CA HIS H 105 -36.88 39.57 -29.44
C HIS H 105 -37.42 40.98 -29.62
N LYS H 106 -36.95 41.67 -30.67
CA LYS H 106 -37.41 43.04 -30.95
C LYS H 106 -37.95 43.29 -32.36
N GLY H 107 -38.14 42.24 -33.15
CA GLY H 107 -38.93 42.34 -34.39
C GLY H 107 -38.21 42.76 -35.66
N PHE H 108 -36.88 42.66 -35.66
CA PHE H 108 -36.10 42.89 -36.88
C PHE H 108 -36.36 41.73 -37.84
N PRO H 109 -36.30 41.97 -39.17
CA PRO H 109 -36.43 40.86 -40.09
C PRO H 109 -35.18 39.99 -40.12
N LEU H 110 -35.37 38.68 -40.06
CA LEU H 110 -34.26 37.73 -40.06
C LEU H 110 -33.73 37.52 -41.45
N SER H 111 -32.41 37.36 -41.55
CA SER H 111 -31.77 36.99 -42.80
C SER H 111 -31.40 35.51 -42.72
N TYR H 112 -31.41 34.86 -43.87
CA TYR H 112 -31.09 33.45 -43.96
C TYR H 112 -29.69 33.24 -44.52
N SER H 113 -28.91 32.42 -43.85
CA SER H 113 -27.62 31.99 -44.36
C SER H 113 -27.77 30.60 -44.96
N ALA H 114 -27.43 30.47 -46.24
CA ALA H 114 -27.59 29.22 -46.98
C ALA H 114 -26.52 28.21 -46.63
N ASP H 115 -25.30 28.69 -46.41
CA ASP H 115 -24.15 27.82 -46.09
C ASP H 115 -24.26 27.18 -44.70
N ASN H 116 -24.95 27.87 -43.80
CA ASN H 116 -25.10 27.49 -42.40
C ASN H 116 -26.45 26.84 -42.12
N LYS H 117 -27.43 27.18 -42.95
CA LYS H 117 -28.84 26.88 -42.72
C LYS H 117 -29.28 27.42 -41.38
N THR H 118 -29.17 28.73 -41.22
CA THR H 118 -29.58 29.40 -40.00
C THR H 118 -30.28 30.70 -40.34
N PHE H 119 -31.16 31.14 -39.45
CA PHE H 119 -31.70 32.49 -39.52
C PHE H 119 -30.93 33.36 -38.56
N ASN H 120 -30.57 34.56 -39.03
CA ASN H 120 -29.67 35.42 -38.29
C ASN H 120 -30.28 36.79 -38.09
N CYS H 121 -30.14 37.34 -36.89
CA CYS H 121 -30.73 38.63 -36.60
C CYS H 121 -29.72 39.79 -36.48
N PRO H 122 -29.89 40.83 -37.32
CA PRO H 122 -28.96 41.95 -37.33
C PRO H 122 -29.14 42.92 -36.17
N GLY H 123 -30.20 42.74 -35.38
CA GLY H 123 -30.51 43.65 -34.30
C GLY H 123 -29.57 43.43 -33.13
N HIS H 124 -29.64 42.23 -32.59
CA HIS H 124 -28.82 41.86 -31.44
C HIS H 124 -28.26 40.47 -31.53
N PHE H 125 -28.01 40.05 -32.76
CA PHE H 125 -27.08 38.95 -33.07
C PHE H 125 -27.57 37.54 -32.74
N SER H 126 -28.89 37.39 -32.70
CA SER H 126 -29.51 36.11 -32.45
C SER H 126 -29.37 35.18 -33.66
N VAL H 127 -29.37 33.88 -33.39
CA VAL H 127 -29.20 32.82 -34.40
C VAL H 127 -30.20 31.71 -34.12
N PHE H 128 -30.96 31.33 -35.13
CA PHE H 128 -31.99 30.30 -35.03
C PHE H 128 -31.74 29.18 -36.03
N ASP H 129 -32.02 27.94 -35.61
CA ASP H 129 -31.78 26.75 -36.42
C ASP H 129 -33.08 26.11 -36.94
N PRO H 130 -33.40 26.32 -38.23
CA PRO H 130 -34.62 25.70 -38.76
C PRO H 130 -34.54 24.19 -38.97
N GLU H 131 -33.36 23.59 -38.84
CA GLU H 131 -33.22 22.13 -38.87
C GLU H 131 -33.54 21.50 -37.53
N LYS H 132 -33.71 22.33 -36.50
CA LYS H 132 -34.02 21.87 -35.15
C LYS H 132 -35.17 22.64 -34.52
N GLY H 133 -36.30 22.69 -35.24
CA GLY H 133 -37.54 23.30 -34.75
C GLY H 133 -37.46 24.80 -34.48
N GLY H 134 -36.49 25.46 -35.11
CA GLY H 134 -36.23 26.88 -34.87
C GLY H 134 -35.53 27.20 -33.56
N GLN H 135 -34.76 26.26 -33.03
CA GLN H 135 -34.09 26.48 -31.75
C GLN H 135 -33.16 27.68 -31.82
N GLN H 136 -33.26 28.58 -30.86
CA GLN H 136 -32.30 29.66 -30.72
C GLN H 136 -30.93 29.09 -30.38
N VAL H 137 -30.01 29.10 -31.34
CA VAL H 137 -28.65 28.61 -31.12
C VAL H 137 -27.97 29.54 -30.10
N TRP H 138 -28.22 30.83 -30.26
CA TRP H 138 -27.76 31.86 -29.34
C TRP H 138 -28.58 33.08 -29.63
N GLY H 139 -29.01 33.81 -28.59
CA GLY H 139 -29.76 35.03 -28.83
C GLY H 139 -30.42 35.65 -27.61
N GLN H 140 -31.19 36.70 -27.85
CA GLN H 140 -31.82 37.43 -26.75
C GLN H 140 -33.32 37.17 -26.62
N ALA H 141 -33.88 36.43 -27.57
CA ALA H 141 -35.29 36.05 -27.51
C ALA H 141 -35.50 34.99 -26.41
N THR H 142 -36.62 35.09 -25.71
CA THR H 142 -37.04 34.05 -24.76
C THR H 142 -37.90 32.98 -25.44
N GLN H 143 -37.90 32.99 -26.77
CA GLN H 143 -38.68 32.03 -27.57
C GLN H 143 -37.80 31.47 -28.66
N ASN H 144 -38.04 30.22 -29.00
CA ASN H 144 -37.52 29.65 -30.22
C ASN H 144 -38.38 30.14 -31.38
N LEU H 145 -37.88 30.02 -32.60
CA LEU H 145 -38.53 30.65 -33.74
C LEU H 145 -39.93 30.05 -33.95
N PRO H 146 -40.99 30.88 -34.00
CA PRO H 146 -42.32 30.33 -34.21
C PRO H 146 -42.45 29.59 -35.54
N GLN H 147 -42.95 28.36 -35.47
CA GLN H 147 -42.95 27.45 -36.59
C GLN H 147 -44.39 27.13 -36.97
N TYR H 148 -44.64 27.01 -38.27
CA TYR H 148 -45.98 26.73 -38.76
C TYR H 148 -46.28 25.24 -38.70
N VAL H 149 -47.53 24.93 -38.35
CA VAL H 149 -48.03 23.58 -38.46
C VAL H 149 -48.52 23.44 -39.91
N LEU H 150 -47.78 22.66 -40.69
CA LEU H 150 -48.03 22.53 -42.13
C LEU H 150 -48.71 21.20 -42.48
N ARG H 151 -49.41 21.14 -43.59
CA ARG H 151 -50.13 19.97 -44.10
C ARG H 151 -49.89 19.92 -45.61
N VAL H 152 -49.63 18.89 -46.24
CA VAL H 152 -49.49 18.80 -47.69
C VAL H 152 -50.67 18.05 -48.27
N ALA H 153 -51.43 18.73 -49.11
CA ALA H 153 -52.66 18.18 -49.68
C ALA H 153 -52.35 17.23 -50.84
N ASP H 154 -53.35 16.44 -51.17
CA ASP H 154 -53.23 15.40 -52.18
C ASP H 154 -52.67 15.95 -53.51
N ASN H 155 -53.09 17.16 -53.88
CA ASN H 155 -52.64 17.82 -55.12
C ASN H 155 -51.24 18.43 -55.05
N GLY H 156 -50.77 18.71 -53.84
CA GLY H 156 -49.41 19.18 -53.62
C GLY H 156 -49.34 20.53 -52.94
N ASP H 157 -50.51 21.11 -52.67
CA ASP H 157 -50.60 22.40 -52.00
C ASP H 157 -50.19 22.27 -50.54
N ILE H 158 -49.51 23.29 -50.05
CA ILE H 158 -49.06 23.35 -48.66
C ILE H 158 -49.94 24.31 -47.88
N PHE H 159 -50.56 23.80 -46.82
CA PHE H 159 -51.42 24.60 -45.95
C PHE H 159 -50.78 24.83 -44.59
N ALA H 160 -50.99 26.01 -44.03
CA ALA H 160 -50.59 26.31 -42.66
C ALA H 160 -51.85 26.36 -41.80
N GLU H 161 -51.85 25.61 -40.69
CA GLU H 161 -53.03 25.50 -39.82
C GLU H 161 -52.75 25.88 -38.35
N GLY H 162 -51.62 26.51 -38.10
CA GLY H 162 -51.27 26.90 -36.73
C GLY H 162 -49.84 27.37 -36.57
N VAL H 163 -49.55 27.90 -35.40
CA VAL H 163 -48.22 28.39 -35.06
C VAL H 163 -47.93 28.06 -33.61
N ASP H 164 -46.75 27.52 -33.33
CA ASP H 164 -46.45 26.94 -32.02
C ASP H 164 -45.94 27.92 -30.95
N GLU H 165 -45.86 29.21 -31.26
CA GLU H 165 -45.32 30.19 -30.33
C GLU H 165 -45.84 31.57 -30.71
N LEU H 166 -45.77 32.53 -29.80
CA LEU H 166 -46.36 33.86 -30.06
C LEU H 166 -45.50 34.67 -31.04
N ILE H 167 -46.11 35.08 -32.15
CA ILE H 167 -45.44 35.89 -33.18
C ILE H 167 -45.17 37.30 -32.66
N TYR H 168 -44.01 37.86 -33.01
CA TYR H 168 -43.67 39.22 -32.56
C TYR H 168 -44.71 40.24 -33.00
N GLY H 169 -45.00 41.17 -32.10
CA GLY H 169 -45.78 42.36 -32.42
C GLY H 169 -47.28 42.17 -32.36
N ARG H 170 -47.71 41.01 -31.88
CA ARG H 170 -49.12 40.75 -31.67
C ARG H 170 -49.33 39.96 -30.39
N LEU H 171 -50.36 40.30 -29.64
CA LEU H 171 -50.67 39.64 -28.36
C LEU H 171 -51.64 38.50 -28.58
N SER H 172 -52.00 38.28 -29.84
CA SER H 172 -52.78 37.14 -30.24
C SER H 172 -52.36 36.80 -31.66
N ASN H 173 -52.07 35.53 -31.92
CA ASN H 173 -51.56 35.14 -33.22
C ASN H 173 -52.58 35.43 -34.33
N VAL H 174 -53.86 35.33 -33.99
CA VAL H 174 -54.92 35.76 -34.91
C VAL H 174 -55.48 37.08 -34.40
N LEU H 175 -55.47 38.09 -35.26
CA LEU H 175 -55.97 39.43 -34.95
C LEU H 175 -57.32 39.75 -35.63
#